data_3E2P
#
_entry.id   3E2P
#
_cell.length_a   87.130
_cell.length_b   167.930
_cell.length_c   319.410
_cell.angle_alpha   90.00
_cell.angle_beta   90.00
_cell.angle_gamma   90.00
#
_symmetry.space_group_name_H-M   'P 21 21 21'
#
loop_
_entity.id
_entity.type
_entity.pdbx_description
1 polymer 'Aspartate carbamoyltransferase'
2 non-polymer 'SULFATE ION'
3 water water
#
_entity_poly.entity_id   1
_entity_poly.type   'polypeptide(L)'
_entity_poly.pdbx_seq_one_letter_code
;MKHLISMKDIGKEEILEILDEARKMEELLNTKRPLKLLEGKILATVFYEPSTRTRLSFETAMKRLGGEVITMTDLKSSSV
AKGESLIDTIRVISGYADIIVLRHPSEGAARLASEYSQVPIINAGDGSNQHPTQTLLDLYTIMREIGRIDGIKIAFVGDL
KYGRTVHSLVYALSLFENVEMYFVSPKELRLPKDIIEDLKAKNIKFYEKESLDDLDDDIDVLYVTRIQKERFPDPNEYEK
VKGSYKIKREYVEGKKFIIMHPLPRVDEIDYDVDDLPQAKYFKQSFYGIPVRMAILKKLIEDNEGE
;
_entity_poly.pdbx_strand_id   A,B,C,D,E,F,I,J,K,L,M,N
#
loop_
_chem_comp.id
_chem_comp.type
_chem_comp.name
_chem_comp.formula
SO4 non-polymer 'SULFATE ION' 'O4 S -2'
#
# COMPACT_ATOMS: atom_id res chain seq x y z
N MET A 1 -9.91 53.98 -56.80
CA MET A 1 -8.74 53.46 -56.04
C MET A 1 -8.63 51.96 -56.24
N LYS A 2 -7.50 51.50 -56.76
CA LYS A 2 -7.34 50.06 -56.98
C LYS A 2 -6.45 49.35 -55.94
N HIS A 3 -5.77 50.13 -55.11
CA HIS A 3 -4.91 49.60 -54.06
C HIS A 3 -4.82 50.61 -52.92
N LEU A 4 -4.34 50.16 -51.76
CA LEU A 4 -4.14 51.07 -50.64
C LEU A 4 -2.74 50.76 -50.12
N ILE A 5 -1.74 51.38 -50.74
CA ILE A 5 -0.37 51.15 -50.37
C ILE A 5 0.18 52.16 -49.38
N SER A 6 -0.05 53.44 -49.66
CA SER A 6 0.45 54.51 -48.79
C SER A 6 -0.51 55.66 -48.57
N MET A 7 -0.45 56.27 -47.39
CA MET A 7 -1.30 57.42 -47.10
C MET A 7 -0.96 58.55 -48.03
N LYS A 8 0.27 58.55 -48.53
CA LYS A 8 0.73 59.60 -49.41
C LYS A 8 0.16 59.50 -50.81
N ASP A 9 -0.72 58.52 -51.03
CA ASP A 9 -1.37 58.35 -52.33
C ASP A 9 -2.81 58.82 -52.21
N ILE A 10 -3.19 59.22 -51.00
CA ILE A 10 -4.56 59.67 -50.74
C ILE A 10 -4.60 61.15 -50.35
N GLY A 11 -5.65 61.82 -50.77
CA GLY A 11 -5.81 63.22 -50.45
C GLY A 11 -6.90 63.43 -49.42
N LYS A 12 -6.95 64.61 -48.83
CA LYS A 12 -7.96 64.93 -47.83
C LYS A 12 -9.37 64.57 -48.32
N GLU A 13 -9.65 64.77 -49.60
CA GLU A 13 -10.97 64.44 -50.10
C GLU A 13 -11.29 62.96 -49.96
N GLU A 14 -10.44 62.11 -50.54
CA GLU A 14 -10.66 60.67 -50.47
C GLU A 14 -10.67 60.19 -49.04
N ILE A 15 -9.85 60.81 -48.20
CA ILE A 15 -9.78 60.45 -46.80
C ILE A 15 -11.17 60.61 -46.18
N LEU A 16 -11.76 61.77 -46.39
CA LEU A 16 -13.09 62.02 -45.85
C LEU A 16 -14.12 61.06 -46.42
N GLU A 17 -14.03 60.79 -47.73
CA GLU A 17 -14.94 59.86 -48.37
C GLU A 17 -14.89 58.54 -47.60
N ILE A 18 -13.68 58.09 -47.30
CA ILE A 18 -13.46 56.86 -46.57
C ILE A 18 -14.03 56.96 -45.15
N LEU A 19 -13.74 58.06 -44.48
CA LEU A 19 -14.24 58.23 -43.13
C LEU A 19 -15.77 58.19 -43.12
N ASP A 20 -16.39 58.64 -44.21
CA ASP A 20 -17.85 58.63 -44.30
C ASP A 20 -18.34 57.20 -44.43
N GLU A 21 -17.75 56.48 -45.38
CA GLU A 21 -18.11 55.08 -45.60
C GLU A 21 -17.94 54.33 -44.29
N ALA A 22 -16.88 54.67 -43.56
CA ALA A 22 -16.61 54.06 -42.28
C ALA A 22 -17.78 54.26 -41.33
N ARG A 23 -18.26 55.49 -41.21
CA ARG A 23 -19.38 55.75 -40.33
C ARG A 23 -20.61 54.92 -40.74
N LYS A 24 -20.83 54.75 -42.05
CA LYS A 24 -21.95 53.94 -42.52
C LYS A 24 -21.76 52.51 -42.01
N MET A 25 -20.55 52.00 -42.18
CA MET A 25 -20.25 50.66 -41.72
C MET A 25 -20.49 50.56 -40.22
N GLU A 26 -20.06 51.56 -39.46
CA GLU A 26 -20.25 51.52 -38.02
C GLU A 26 -21.74 51.38 -37.67
N GLU A 27 -22.57 52.16 -38.35
CA GLU A 27 -24.01 52.13 -38.13
C GLU A 27 -24.52 50.74 -38.48
N LEU A 28 -24.07 50.21 -39.60
CA LEU A 28 -24.48 48.89 -40.04
C LEU A 28 -24.19 47.86 -38.97
N LEU A 29 -23.11 48.07 -38.24
CA LEU A 29 -22.78 47.14 -37.22
C LEU A 29 -23.88 47.19 -36.14
N ASN A 30 -24.54 48.33 -35.98
CA ASN A 30 -25.60 48.44 -34.99
C ASN A 30 -26.92 47.81 -35.37
N THR A 31 -27.17 47.68 -36.66
CA THR A 31 -28.40 47.05 -37.12
C THR A 31 -28.33 45.68 -36.45
N LYS A 32 -27.10 45.15 -36.38
CA LYS A 32 -26.83 43.86 -35.79
C LYS A 32 -27.30 42.70 -36.65
N ARG A 33 -28.07 43.00 -37.69
CA ARG A 33 -28.57 41.98 -38.59
C ARG A 33 -27.49 41.69 -39.67
N PRO A 34 -27.19 40.40 -39.89
CA PRO A 34 -26.21 39.85 -40.83
C PRO A 34 -26.03 40.71 -42.06
N LEU A 35 -24.82 41.16 -42.31
CA LEU A 35 -24.54 41.99 -43.48
C LEU A 35 -24.03 41.04 -44.56
N LYS A 36 -24.28 41.35 -45.81
CA LYS A 36 -23.82 40.48 -46.87
C LYS A 36 -23.22 41.26 -48.03
N LEU A 37 -22.82 42.49 -47.74
CA LEU A 37 -22.24 43.36 -48.75
C LEU A 37 -21.11 42.69 -49.54
N LEU A 38 -20.27 41.91 -48.87
CA LEU A 38 -19.18 41.24 -49.54
C LEU A 38 -19.38 39.73 -49.51
N GLU A 39 -20.64 39.31 -49.60
CA GLU A 39 -20.96 37.90 -49.54
C GLU A 39 -20.07 36.91 -50.29
N GLY A 40 -20.09 36.92 -51.62
CA GLY A 40 -19.27 35.94 -52.31
C GLY A 40 -17.77 36.21 -52.37
N LYS A 41 -17.27 37.17 -51.59
CA LYS A 41 -15.86 37.53 -51.63
C LYS A 41 -14.94 36.81 -50.67
N ILE A 42 -13.66 36.74 -51.03
CA ILE A 42 -12.65 36.11 -50.19
C ILE A 42 -11.46 37.03 -50.01
N LEU A 43 -11.09 37.25 -48.76
CA LEU A 43 -9.95 38.09 -48.43
C LEU A 43 -8.78 37.19 -48.12
N ALA A 44 -7.62 37.53 -48.63
CA ALA A 44 -6.42 36.75 -48.35
C ALA A 44 -5.49 37.55 -47.44
N THR A 45 -5.15 36.94 -46.32
CA THR A 45 -4.24 37.55 -45.35
C THR A 45 -2.85 37.00 -45.59
N VAL A 46 -2.01 37.75 -46.29
CA VAL A 46 -0.64 37.29 -46.55
C VAL A 46 0.36 38.04 -45.68
N PHE A 47 0.73 37.41 -44.57
CA PHE A 47 1.67 38.00 -43.64
C PHE A 47 3.01 37.28 -43.60
N TYR A 48 4.09 37.99 -43.89
CA TYR A 48 5.41 37.36 -43.83
C TYR A 48 5.89 37.54 -42.39
N GLU A 49 5.76 38.76 -41.89
CA GLU A 49 6.11 39.07 -40.50
C GLU A 49 4.76 39.06 -39.77
N PRO A 50 4.51 38.03 -38.95
CA PRO A 50 3.26 37.88 -38.20
C PRO A 50 2.78 39.08 -37.40
N SER A 51 1.45 39.18 -37.29
CA SER A 51 0.78 40.23 -36.53
C SER A 51 -0.65 39.78 -36.27
N THR A 52 -0.84 39.02 -35.20
CA THR A 52 -2.16 38.54 -34.84
C THR A 52 -3.18 39.67 -34.72
N ARG A 53 -2.72 40.82 -34.23
CA ARG A 53 -3.60 41.98 -34.08
C ARG A 53 -4.18 42.46 -35.41
N THR A 54 -3.32 42.79 -36.36
CA THR A 54 -3.76 43.27 -37.65
C THR A 54 -4.59 42.23 -38.41
N ARG A 55 -4.18 40.98 -38.35
CA ARG A 55 -4.93 39.92 -39.04
C ARG A 55 -6.35 39.86 -38.49
N LEU A 56 -6.50 39.70 -37.17
CA LEU A 56 -7.80 39.61 -36.55
C LEU A 56 -8.68 40.78 -36.89
N SER A 57 -8.10 41.96 -36.92
CA SER A 57 -8.86 43.15 -37.24
C SER A 57 -9.49 43.02 -38.64
N PHE A 58 -8.64 42.80 -39.65
CA PHE A 58 -9.09 42.66 -41.03
C PHE A 58 -9.99 41.45 -41.23
N GLU A 59 -9.69 40.38 -40.50
CA GLU A 59 -10.46 39.17 -40.60
C GLU A 59 -11.87 39.45 -40.10
N THR A 60 -11.97 40.12 -38.96
CA THR A 60 -13.26 40.45 -38.38
C THR A 60 -14.04 41.33 -39.36
N ALA A 61 -13.41 42.41 -39.79
CA ALA A 61 -14.04 43.31 -40.74
C ALA A 61 -14.60 42.58 -41.96
N MET A 62 -13.79 41.74 -42.60
CA MET A 62 -14.23 41.02 -43.78
C MET A 62 -15.43 40.14 -43.47
N LYS A 63 -15.40 39.46 -42.34
CA LYS A 63 -16.48 38.58 -41.97
C LYS A 63 -17.72 39.34 -41.60
N ARG A 64 -17.56 40.53 -41.05
CA ARG A 64 -18.71 41.35 -40.69
C ARG A 64 -19.48 41.76 -41.93
N LEU A 65 -18.77 41.85 -43.07
CA LEU A 65 -19.40 42.22 -44.31
C LEU A 65 -19.89 40.98 -45.01
N GLY A 66 -19.84 39.87 -44.30
CA GLY A 66 -20.32 38.62 -44.88
C GLY A 66 -19.35 37.93 -45.82
N GLY A 67 -18.08 38.33 -45.79
CA GLY A 67 -17.12 37.73 -46.69
C GLY A 67 -16.37 36.58 -46.04
N GLU A 68 -15.58 35.88 -46.83
CA GLU A 68 -14.78 34.77 -46.33
C GLU A 68 -13.30 35.17 -46.29
N VAL A 69 -12.51 34.44 -45.52
CA VAL A 69 -11.10 34.77 -45.40
C VAL A 69 -10.20 33.53 -45.40
N ILE A 70 -9.11 33.60 -46.17
CA ILE A 70 -8.12 32.52 -46.19
C ILE A 70 -6.85 33.19 -45.65
N THR A 71 -6.19 32.53 -44.71
CA THR A 71 -4.99 33.10 -44.12
C THR A 71 -3.74 32.31 -44.44
N MET A 72 -2.64 33.04 -44.56
CA MET A 72 -1.33 32.50 -44.88
C MET A 72 -0.32 33.40 -44.17
N THR A 73 0.09 33.01 -42.98
CA THR A 73 1.04 33.80 -42.20
C THR A 73 2.37 33.05 -42.03
N ASP A 74 3.28 33.64 -41.25
CA ASP A 74 4.54 33.00 -40.99
C ASP A 74 5.13 32.54 -42.32
N LEU A 75 4.91 33.34 -43.36
CA LEU A 75 5.42 33.03 -44.68
C LEU A 75 6.94 33.11 -44.68
N LYS A 76 7.46 33.75 -43.64
CA LYS A 76 8.89 33.92 -43.48
C LYS A 76 9.65 32.62 -43.30
N SER A 77 9.09 31.69 -42.55
CA SER A 77 9.76 30.40 -42.35
C SER A 77 9.84 29.70 -43.70
N SER A 78 10.89 28.91 -43.88
CA SER A 78 11.09 28.18 -45.12
C SER A 78 10.04 27.10 -45.29
N SER A 79 9.35 26.76 -44.21
CA SER A 79 8.30 25.75 -44.25
C SER A 79 7.03 26.35 -44.86
N VAL A 80 6.79 27.63 -44.61
CA VAL A 80 5.60 28.32 -45.13
C VAL A 80 5.93 29.12 -46.40
N ALA A 81 7.21 29.15 -46.78
CA ALA A 81 7.64 29.87 -47.98
C ALA A 81 8.18 28.92 -49.06
N LYS A 82 9.21 28.16 -48.70
CA LYS A 82 9.82 27.19 -49.61
C LYS A 82 10.62 27.80 -50.77
N GLY A 83 11.26 28.94 -50.51
CA GLY A 83 12.07 29.60 -51.53
C GLY A 83 11.33 30.28 -52.66
N GLU A 84 10.01 30.35 -52.54
CA GLU A 84 9.16 30.97 -53.55
C GLU A 84 9.15 32.47 -53.31
N SER A 85 9.25 33.25 -54.39
CA SER A 85 9.28 34.70 -54.26
C SER A 85 7.93 35.33 -53.98
N LEU A 86 7.96 36.51 -53.38
CA LEU A 86 6.77 37.27 -53.06
C LEU A 86 5.94 37.37 -54.32
N ILE A 87 6.60 37.71 -55.41
CA ILE A 87 5.96 37.86 -56.70
C ILE A 87 5.16 36.62 -57.12
N ASP A 88 5.75 35.44 -56.97
CA ASP A 88 5.03 34.23 -57.33
C ASP A 88 3.84 34.00 -56.41
N THR A 89 4.07 34.18 -55.10
CA THR A 89 3.01 34.00 -54.12
C THR A 89 1.86 34.95 -54.39
N ILE A 90 2.15 36.24 -54.57
CA ILE A 90 1.09 37.22 -54.85
C ILE A 90 0.29 36.81 -56.07
N ARG A 91 0.96 36.30 -57.11
CA ARG A 91 0.26 35.85 -58.31
C ARG A 91 -0.64 34.65 -58.05
N VAL A 92 -0.18 33.70 -57.25
CA VAL A 92 -1.01 32.53 -56.96
C VAL A 92 -2.21 32.91 -56.10
N ILE A 93 -1.96 33.61 -55.00
CA ILE A 93 -3.04 34.03 -54.11
C ILE A 93 -3.98 34.97 -54.86
N SER A 94 -3.41 35.84 -55.69
CA SER A 94 -4.18 36.80 -56.47
C SER A 94 -5.25 36.05 -57.28
N GLY A 95 -4.90 34.85 -57.70
CA GLY A 95 -5.80 34.04 -58.48
C GLY A 95 -6.84 33.34 -57.63
N TYR A 96 -6.54 33.15 -56.35
CA TYR A 96 -7.47 32.49 -55.44
C TYR A 96 -8.52 33.44 -54.87
N ALA A 97 -8.05 34.52 -54.24
CA ALA A 97 -8.92 35.47 -53.59
C ALA A 97 -9.35 36.63 -54.42
N ASP A 98 -10.09 37.53 -53.78
CA ASP A 98 -10.64 38.70 -54.43
C ASP A 98 -9.95 39.95 -53.94
N ILE A 99 -9.31 39.85 -52.79
CA ILE A 99 -8.58 40.98 -52.23
C ILE A 99 -7.50 40.49 -51.25
N ILE A 100 -6.36 41.17 -51.22
CA ILE A 100 -5.25 40.78 -50.38
C ILE A 100 -4.71 41.84 -49.42
N VAL A 101 -4.48 41.44 -48.18
CA VAL A 101 -3.89 42.34 -47.19
C VAL A 101 -2.49 41.78 -47.00
N LEU A 102 -1.50 42.56 -47.45
CA LEU A 102 -0.11 42.14 -47.38
C LEU A 102 0.71 42.78 -46.28
N ARG A 103 1.64 41.99 -45.76
CA ARG A 103 2.52 42.41 -44.69
C ARG A 103 3.89 41.85 -45.02
N HIS A 104 4.78 42.68 -45.55
CA HIS A 104 6.11 42.20 -45.92
C HIS A 104 7.20 43.13 -45.40
N PRO A 105 8.39 42.57 -45.09
CA PRO A 105 9.54 43.32 -44.58
C PRO A 105 10.19 44.27 -45.60
N SER A 106 10.59 43.75 -46.75
CA SER A 106 11.23 44.57 -47.80
C SER A 106 10.47 45.86 -48.10
N GLU A 107 11.19 46.88 -48.53
CA GLU A 107 10.55 48.17 -48.82
C GLU A 107 9.56 48.17 -49.98
N GLY A 108 10.00 47.82 -51.18
CA GLY A 108 9.07 47.82 -52.30
C GLY A 108 7.81 47.03 -51.99
N ALA A 109 8.02 45.82 -51.47
CA ALA A 109 6.98 44.88 -51.07
C ALA A 109 5.60 45.19 -51.57
N ALA A 110 4.82 45.87 -50.74
CA ALA A 110 3.44 46.25 -51.05
C ALA A 110 3.29 46.76 -52.47
N ARG A 111 3.96 47.87 -52.74
CA ARG A 111 3.91 48.48 -54.07
C ARG A 111 4.18 47.44 -55.14
N LEU A 112 5.30 46.74 -55.01
CA LEU A 112 5.66 45.71 -55.97
C LEU A 112 4.55 44.66 -56.11
N ALA A 113 4.08 44.15 -54.98
CA ALA A 113 3.05 43.14 -54.99
C ALA A 113 1.85 43.63 -55.77
N SER A 114 1.46 44.88 -55.55
CA SER A 114 0.30 45.42 -56.25
C SER A 114 0.51 45.35 -57.76
N GLU A 115 1.77 45.49 -58.20
CA GLU A 115 2.09 45.43 -59.60
C GLU A 115 1.83 44.07 -60.19
N TYR A 116 1.98 43.00 -59.40
CA TYR A 116 1.76 41.66 -59.91
C TYR A 116 0.43 41.07 -59.50
N SER A 117 -0.30 41.79 -58.67
CA SER A 117 -1.59 41.30 -58.21
C SER A 117 -2.70 41.69 -59.16
N GLN A 118 -3.56 40.73 -59.49
CA GLN A 118 -4.70 40.97 -60.37
C GLN A 118 -5.84 41.27 -59.40
N VAL A 119 -5.48 41.68 -58.20
CA VAL A 119 -6.44 41.97 -57.16
C VAL A 119 -5.96 43.12 -56.28
N PRO A 120 -6.90 43.85 -55.63
CA PRO A 120 -6.49 44.97 -54.77
C PRO A 120 -5.55 44.53 -53.65
N ILE A 121 -4.57 45.37 -53.35
CA ILE A 121 -3.63 45.07 -52.28
C ILE A 121 -3.74 46.13 -51.18
N ILE A 122 -4.02 45.70 -49.95
CA ILE A 122 -4.10 46.63 -48.82
C ILE A 122 -2.80 46.42 -48.06
N ASN A 123 -2.02 47.47 -47.93
CA ASN A 123 -0.75 47.39 -47.24
C ASN A 123 -0.91 47.49 -45.71
N ALA A 124 -0.52 46.44 -45.02
CA ALA A 124 -0.60 46.41 -43.57
C ALA A 124 0.78 46.83 -43.11
N GLY A 125 1.35 47.75 -43.88
CA GLY A 125 2.67 48.26 -43.58
C GLY A 125 3.76 47.27 -43.92
N ASP A 126 4.93 47.80 -44.27
CA ASP A 126 6.10 47.00 -44.60
C ASP A 126 6.85 46.85 -43.29
N GLY A 127 6.09 46.49 -42.25
CA GLY A 127 6.63 46.36 -40.91
C GLY A 127 6.46 47.76 -40.34
N SER A 128 7.06 48.72 -41.05
CA SER A 128 7.00 50.13 -40.73
C SER A 128 6.81 50.94 -42.02
N ASN A 129 7.41 52.12 -42.07
CA ASN A 129 7.31 53.05 -43.20
C ASN A 129 5.89 53.47 -43.62
N GLN A 130 4.94 52.53 -43.83
CA GLN A 130 3.58 52.93 -44.24
C GLN A 130 2.40 51.98 -43.95
N HIS A 131 1.57 52.33 -42.94
CA HIS A 131 0.38 51.53 -42.57
C HIS A 131 -0.86 52.44 -42.69
N PRO A 132 -1.43 52.57 -43.91
CA PRO A 132 -2.59 53.41 -44.20
C PRO A 132 -3.81 53.15 -43.32
N THR A 133 -4.27 51.91 -43.39
CA THR A 133 -5.42 51.47 -42.63
C THR A 133 -5.34 51.89 -41.15
N GLN A 134 -4.14 51.95 -40.58
CA GLN A 134 -3.99 52.37 -39.19
C GLN A 134 -4.24 53.87 -39.06
N THR A 135 -3.57 54.65 -39.89
CA THR A 135 -3.72 56.10 -39.86
C THR A 135 -5.19 56.48 -40.08
N LEU A 136 -5.82 55.82 -41.05
CA LEU A 136 -7.22 56.09 -41.34
C LEU A 136 -8.10 55.86 -40.12
N LEU A 137 -7.91 54.75 -39.42
CA LEU A 137 -8.71 54.49 -38.25
C LEU A 137 -8.36 55.51 -37.15
N ASP A 138 -7.14 56.02 -37.15
CA ASP A 138 -6.75 57.00 -36.15
C ASP A 138 -7.57 58.24 -36.43
N LEU A 139 -7.55 58.69 -37.68
CA LEU A 139 -8.30 59.86 -38.09
C LEU A 139 -9.78 59.69 -37.73
N TYR A 140 -10.30 58.49 -37.98
CA TYR A 140 -11.69 58.20 -37.69
C TYR A 140 -11.94 58.38 -36.19
N THR A 141 -10.99 57.97 -35.37
CA THR A 141 -11.15 58.08 -33.93
C THR A 141 -11.28 59.54 -33.55
N ILE A 142 -10.38 60.37 -34.06
CA ILE A 142 -10.43 61.79 -33.73
C ILE A 142 -11.76 62.36 -34.22
N MET A 143 -12.07 62.07 -35.48
CA MET A 143 -13.30 62.56 -36.11
C MET A 143 -14.51 62.19 -35.28
N ARG A 144 -14.49 60.95 -34.84
CA ARG A 144 -15.55 60.35 -34.08
C ARG A 144 -15.68 60.87 -32.65
N GLU A 145 -14.57 60.89 -31.93
CA GLU A 145 -14.55 61.33 -30.55
C GLU A 145 -14.47 62.85 -30.33
N ILE A 146 -13.70 63.54 -31.17
CA ILE A 146 -13.58 64.97 -31.01
C ILE A 146 -14.66 65.72 -31.81
N GLY A 147 -15.23 65.05 -32.81
CA GLY A 147 -16.27 65.66 -33.60
C GLY A 147 -15.77 66.36 -34.84
N ARG A 148 -14.46 66.46 -34.99
CA ARG A 148 -13.88 67.14 -36.14
C ARG A 148 -12.39 66.89 -36.15
N ILE A 149 -11.76 67.09 -37.29
CA ILE A 149 -10.32 66.92 -37.39
C ILE A 149 -9.69 68.31 -37.54
N ASP A 150 -10.32 69.13 -38.38
CA ASP A 150 -9.82 70.47 -38.62
C ASP A 150 -9.75 71.26 -37.33
N GLY A 151 -8.72 72.08 -37.22
CA GLY A 151 -8.54 72.92 -36.05
C GLY A 151 -8.64 72.24 -34.71
N ILE A 152 -7.73 71.30 -34.45
CA ILE A 152 -7.71 70.60 -33.17
C ILE A 152 -6.29 70.71 -32.67
N LYS A 153 -6.09 70.50 -31.38
CA LYS A 153 -4.76 70.56 -30.81
C LYS A 153 -4.42 69.16 -30.36
N ILE A 154 -3.47 68.57 -31.04
CA ILE A 154 -3.06 67.22 -30.75
C ILE A 154 -1.62 67.15 -30.23
N ALA A 155 -1.38 66.31 -29.24
CA ALA A 155 -0.05 66.16 -28.68
C ALA A 155 0.41 64.71 -28.73
N PHE A 156 1.59 64.48 -29.33
CA PHE A 156 2.17 63.15 -29.42
C PHE A 156 3.22 62.95 -28.32
N VAL A 157 3.16 61.84 -27.59
CA VAL A 157 4.13 61.58 -26.52
C VAL A 157 4.82 60.25 -26.75
N GLY A 158 6.16 60.25 -26.67
CA GLY A 158 6.93 59.04 -26.85
C GLY A 158 7.99 59.13 -27.94
N ASP A 159 8.46 57.96 -28.40
CA ASP A 159 9.47 57.91 -29.44
C ASP A 159 8.92 58.51 -30.73
N LEU A 160 9.26 59.77 -30.97
CA LEU A 160 8.76 60.47 -32.14
C LEU A 160 9.74 60.44 -33.29
N LYS A 161 10.94 59.96 -33.00
CA LYS A 161 11.98 59.86 -34.02
C LYS A 161 11.78 58.62 -34.87
N TYR A 162 11.31 57.55 -34.23
CA TYR A 162 11.10 56.29 -34.92
C TYR A 162 9.64 55.85 -34.99
N GLY A 163 8.74 56.62 -34.38
CA GLY A 163 7.33 56.28 -34.39
C GLY A 163 6.68 56.41 -35.76
N ARG A 164 6.70 55.32 -36.51
CA ARG A 164 6.16 55.29 -37.86
C ARG A 164 4.69 55.70 -37.92
N THR A 165 3.86 55.10 -37.07
CA THR A 165 2.45 55.42 -37.07
C THR A 165 2.26 56.89 -36.74
N VAL A 166 3.15 57.44 -35.93
CA VAL A 166 3.08 58.84 -35.55
C VAL A 166 3.38 59.71 -36.78
N HIS A 167 4.44 59.35 -37.49
CA HIS A 167 4.85 60.08 -38.68
C HIS A 167 3.72 60.10 -39.68
N SER A 168 3.15 58.92 -39.93
CA SER A 168 2.05 58.75 -40.87
C SER A 168 0.86 59.62 -40.50
N LEU A 169 0.52 59.64 -39.22
CA LEU A 169 -0.62 60.44 -38.73
C LEU A 169 -0.32 61.91 -38.82
N VAL A 170 0.93 62.30 -38.49
CA VAL A 170 1.32 63.70 -38.54
C VAL A 170 1.18 64.21 -39.98
N TYR A 171 1.51 63.35 -40.94
CA TYR A 171 1.40 63.73 -42.34
C TYR A 171 -0.06 63.93 -42.72
N ALA A 172 -0.88 62.93 -42.44
CA ALA A 172 -2.29 63.00 -42.77
C ALA A 172 -2.92 64.25 -42.16
N LEU A 173 -2.64 64.48 -40.88
CA LEU A 173 -3.20 65.64 -40.19
C LEU A 173 -2.76 66.93 -40.83
N SER A 174 -1.57 66.94 -41.41
CA SER A 174 -1.04 68.14 -42.04
C SER A 174 -1.84 68.51 -43.27
N LEU A 175 -2.76 67.65 -43.67
CA LEU A 175 -3.60 67.92 -44.83
C LEU A 175 -4.87 68.66 -44.42
N PHE A 176 -5.11 68.73 -43.11
CA PHE A 176 -6.31 69.41 -42.63
C PHE A 176 -5.99 70.84 -42.20
N GLU A 177 -7.03 71.65 -42.11
CA GLU A 177 -6.89 73.06 -41.75
C GLU A 177 -6.64 73.31 -40.28
N ASN A 178 -5.68 74.18 -40.01
CA ASN A 178 -5.31 74.61 -38.68
C ASN A 178 -5.18 73.56 -37.59
N VAL A 179 -4.38 72.54 -37.81
CA VAL A 179 -4.17 71.53 -36.79
C VAL A 179 -2.92 71.94 -36.01
N GLU A 180 -3.06 72.14 -34.70
CA GLU A 180 -1.94 72.52 -33.85
C GLU A 180 -1.33 71.24 -33.26
N MET A 181 -0.06 71.01 -33.56
CA MET A 181 0.63 69.83 -33.09
C MET A 181 1.68 70.07 -32.00
N TYR A 182 1.74 69.17 -31.03
CA TYR A 182 2.71 69.24 -29.96
C TYR A 182 3.48 67.94 -29.94
N PHE A 183 4.81 68.03 -29.92
CA PHE A 183 5.65 66.85 -29.91
C PHE A 183 6.44 66.68 -28.62
N VAL A 184 5.84 66.02 -27.63
CA VAL A 184 6.46 65.76 -26.34
C VAL A 184 7.35 64.52 -26.44
N SER A 185 8.64 64.68 -26.18
CA SER A 185 9.55 63.54 -26.28
C SER A 185 10.91 63.79 -25.68
N PRO A 186 11.66 62.71 -25.41
CA PRO A 186 13.00 62.82 -24.87
C PRO A 186 13.82 63.54 -25.91
N LYS A 187 14.86 64.23 -25.43
CA LYS A 187 15.78 64.99 -26.27
C LYS A 187 16.27 64.15 -27.45
N GLU A 188 16.51 62.87 -27.21
CA GLU A 188 17.00 61.96 -28.24
C GLU A 188 15.98 61.58 -29.30
N LEU A 189 14.76 61.24 -28.87
CA LEU A 189 13.72 60.80 -29.79
C LEU A 189 12.80 61.87 -30.37
N ARG A 190 13.38 63.00 -30.78
CA ARG A 190 12.62 64.09 -31.34
C ARG A 190 12.13 63.75 -32.73
N LEU A 191 11.08 64.44 -33.16
CA LEU A 191 10.50 64.22 -34.48
C LEU A 191 11.55 64.52 -35.56
N PRO A 192 11.72 63.60 -36.52
CA PRO A 192 12.68 63.74 -37.62
C PRO A 192 12.77 65.14 -38.21
N LYS A 193 13.99 65.58 -38.50
CA LYS A 193 14.23 66.90 -39.04
C LYS A 193 13.45 67.14 -40.33
N ASP A 194 13.55 66.23 -41.28
CA ASP A 194 12.86 66.37 -42.55
C ASP A 194 11.36 66.49 -42.39
N ILE A 195 10.81 65.82 -41.37
CA ILE A 195 9.36 65.89 -41.15
C ILE A 195 8.99 67.29 -40.68
N ILE A 196 9.76 67.84 -39.76
CA ILE A 196 9.49 69.17 -39.26
C ILE A 196 9.53 70.15 -40.44
N GLU A 197 10.44 69.92 -41.38
CA GLU A 197 10.55 70.80 -42.52
C GLU A 197 9.24 70.78 -43.31
N ASP A 198 8.66 69.60 -43.51
CA ASP A 198 7.41 69.48 -44.24
C ASP A 198 6.32 70.25 -43.52
N LEU A 199 6.34 70.18 -42.20
CA LEU A 199 5.34 70.87 -41.39
C LEU A 199 5.50 72.38 -41.61
N LYS A 200 6.75 72.83 -41.60
CA LYS A 200 7.03 74.25 -41.81
C LYS A 200 6.52 74.63 -43.21
N ALA A 201 6.89 73.82 -44.19
CA ALA A 201 6.49 74.05 -45.57
C ALA A 201 4.98 74.18 -45.72
N LYS A 202 4.24 73.54 -44.82
CA LYS A 202 2.78 73.59 -44.86
C LYS A 202 2.22 74.59 -43.86
N ASN A 203 3.10 75.44 -43.33
CA ASN A 203 2.71 76.46 -42.37
C ASN A 203 1.82 75.85 -41.31
N ILE A 204 2.41 74.98 -40.50
CA ILE A 204 1.66 74.32 -39.45
C ILE A 204 2.20 74.69 -38.08
N LYS A 205 1.33 75.23 -37.24
CA LYS A 205 1.68 75.64 -35.88
C LYS A 205 2.04 74.38 -35.09
N PHE A 206 3.30 74.24 -34.69
CA PHE A 206 3.71 73.07 -33.92
C PHE A 206 4.76 73.43 -32.90
N TYR A 207 4.83 72.66 -31.82
CA TYR A 207 5.80 72.92 -30.77
C TYR A 207 6.42 71.61 -30.30
N GLU A 208 7.72 71.65 -30.03
CA GLU A 208 8.42 70.47 -29.56
C GLU A 208 8.58 70.68 -28.09
N LYS A 209 8.00 69.81 -27.27
CA LYS A 209 8.12 69.94 -25.83
C LYS A 209 8.91 68.78 -25.24
N GLU A 210 9.57 69.02 -24.11
CA GLU A 210 10.38 68.00 -23.46
C GLU A 210 9.68 67.33 -22.29
N SER A 211 8.60 67.94 -21.83
CA SER A 211 7.82 67.43 -20.71
C SER A 211 6.30 67.46 -20.97
N LEU A 212 5.60 66.56 -20.30
CA LEU A 212 4.16 66.49 -20.44
C LEU A 212 3.52 67.67 -19.74
N ASP A 213 4.26 68.24 -18.80
CA ASP A 213 3.79 69.38 -18.04
C ASP A 213 3.82 70.63 -18.86
N ASP A 214 4.50 70.58 -19.99
CA ASP A 214 4.57 71.73 -20.88
C ASP A 214 3.22 71.95 -21.56
N LEU A 215 2.47 70.87 -21.73
CA LEU A 215 1.16 70.93 -22.37
C LEU A 215 0.11 71.62 -21.50
N ASP A 216 -0.90 72.20 -22.17
CA ASP A 216 -2.01 72.88 -21.50
C ASP A 216 -3.29 72.09 -21.63
N ASP A 217 -4.30 72.49 -20.87
CA ASP A 217 -5.55 71.76 -20.92
C ASP A 217 -6.33 72.12 -22.17
N ASP A 218 -5.65 72.61 -23.21
CA ASP A 218 -6.37 72.94 -24.43
C ASP A 218 -6.18 71.90 -25.52
N ILE A 219 -5.33 70.92 -25.27
CA ILE A 219 -5.12 69.87 -26.27
C ILE A 219 -6.38 69.00 -26.27
N ASP A 220 -6.83 68.63 -27.48
CA ASP A 220 -8.01 67.80 -27.68
C ASP A 220 -7.64 66.33 -27.68
N VAL A 221 -6.49 66.02 -28.26
CA VAL A 221 -6.05 64.64 -28.37
C VAL A 221 -4.60 64.42 -27.94
N LEU A 222 -4.39 63.41 -27.10
CA LEU A 222 -3.08 63.03 -26.60
C LEU A 222 -2.77 61.65 -27.18
N TYR A 223 -2.00 61.62 -28.26
CA TYR A 223 -1.63 60.37 -28.92
C TYR A 223 -0.34 59.79 -28.32
N VAL A 224 -0.49 58.73 -27.54
CA VAL A 224 0.63 58.09 -26.88
C VAL A 224 1.25 56.95 -27.73
N THR A 225 2.55 57.03 -27.93
CA THR A 225 3.26 56.02 -28.71
C THR A 225 4.25 55.34 -27.78
N ARG A 226 4.63 54.10 -28.10
CA ARG A 226 5.57 53.35 -27.27
C ARG A 226 7.02 53.84 -27.35
N ILE A 227 7.82 53.50 -26.34
CA ILE A 227 9.23 53.86 -26.32
C ILE A 227 9.97 52.58 -25.93
N GLN A 228 10.42 51.83 -26.93
CA GLN A 228 11.10 50.57 -26.68
C GLN A 228 12.48 50.71 -26.07
N LYS A 229 12.90 49.65 -25.40
CA LYS A 229 14.19 49.56 -24.72
C LYS A 229 15.37 49.81 -25.65
N GLU A 230 15.31 49.26 -26.86
CA GLU A 230 16.37 49.37 -27.85
C GLU A 230 16.89 50.78 -28.03
N ARG A 231 16.14 51.77 -27.53
CA ARG A 231 16.55 53.16 -27.65
C ARG A 231 17.43 53.58 -26.48
N PHE A 232 17.28 52.88 -25.36
CA PHE A 232 18.06 53.16 -24.16
C PHE A 232 18.55 51.84 -23.59
N PRO A 233 19.64 51.29 -24.15
CA PRO A 233 20.21 50.03 -23.70
C PRO A 233 20.46 50.04 -22.20
N ASP A 234 20.84 51.19 -21.67
CA ASP A 234 21.08 51.30 -20.24
C ASP A 234 19.76 51.30 -19.48
N PRO A 235 19.53 50.29 -18.64
CA PRO A 235 18.28 50.21 -17.86
C PRO A 235 17.99 51.50 -17.10
N ASN A 236 19.02 51.98 -16.40
CA ASN A 236 18.90 53.21 -15.63
C ASN A 236 18.27 54.30 -16.51
N GLU A 237 18.86 54.53 -17.68
CA GLU A 237 18.39 55.51 -18.64
C GLU A 237 16.92 55.28 -18.99
N TYR A 238 16.65 54.09 -19.52
CA TYR A 238 15.32 53.69 -19.91
C TYR A 238 14.32 53.92 -18.78
N GLU A 239 14.71 53.55 -17.56
CA GLU A 239 13.91 53.73 -16.36
C GLU A 239 13.46 55.21 -16.30
N LYS A 240 14.42 56.14 -16.19
CA LYS A 240 14.11 57.55 -16.13
C LYS A 240 13.17 57.99 -17.25
N VAL A 241 13.43 57.53 -18.46
CA VAL A 241 12.56 57.91 -19.56
C VAL A 241 11.12 57.39 -19.41
N LYS A 242 10.97 56.12 -19.04
CA LYS A 242 9.64 55.56 -18.87
C LYS A 242 8.87 56.41 -17.88
N GLY A 243 9.45 56.65 -16.72
CA GLY A 243 8.77 57.43 -15.70
C GLY A 243 8.42 58.84 -16.16
N SER A 244 9.32 59.45 -16.90
CA SER A 244 9.13 60.81 -17.39
C SER A 244 7.97 61.01 -18.36
N TYR A 245 7.64 60.00 -19.16
CA TYR A 245 6.56 60.16 -20.13
C TYR A 245 5.38 59.24 -19.90
N LYS A 246 5.40 58.50 -18.79
CA LYS A 246 4.28 57.61 -18.51
C LYS A 246 3.05 58.46 -18.21
N ILE A 247 1.92 58.11 -18.83
CA ILE A 247 0.68 58.83 -18.59
C ILE A 247 0.04 58.27 -17.33
N LYS A 248 0.04 59.03 -16.24
CA LYS A 248 -0.53 58.57 -14.99
C LYS A 248 -1.93 59.15 -14.76
N ARG A 249 -2.71 58.53 -13.88
CA ARG A 249 -4.09 58.94 -13.55
C ARG A 249 -4.23 60.40 -13.11
N GLU A 250 -3.43 60.78 -12.12
CA GLU A 250 -3.41 62.12 -11.56
C GLU A 250 -3.11 63.18 -12.60
N TYR A 251 -2.53 62.79 -13.72
CA TYR A 251 -2.23 63.74 -14.79
C TYR A 251 -3.40 63.86 -15.73
N VAL A 252 -4.10 62.75 -15.89
CA VAL A 252 -5.26 62.69 -16.79
C VAL A 252 -6.53 63.34 -16.26
N GLU A 253 -6.85 63.08 -14.99
CA GLU A 253 -8.06 63.61 -14.38
C GLU A 253 -8.45 65.05 -14.66
N GLY A 254 -9.63 65.25 -15.24
CA GLY A 254 -10.09 66.59 -15.52
C GLY A 254 -9.61 67.19 -16.82
N LYS A 255 -8.61 66.56 -17.42
CA LYS A 255 -8.11 67.06 -18.68
C LYS A 255 -9.16 66.91 -19.78
N LYS A 256 -9.17 67.90 -20.66
CA LYS A 256 -10.09 67.97 -21.80
C LYS A 256 -9.85 66.87 -22.82
N PHE A 257 -8.57 66.63 -23.10
CA PHE A 257 -8.15 65.66 -24.09
C PHE A 257 -8.67 64.23 -23.94
N ILE A 258 -8.55 63.48 -25.04
CA ILE A 258 -8.91 62.07 -25.08
C ILE A 258 -7.55 61.43 -25.28
N ILE A 259 -7.34 60.23 -24.75
CA ILE A 259 -6.06 59.56 -24.89
C ILE A 259 -6.12 58.47 -25.96
N MET A 260 -5.25 58.56 -26.95
CA MET A 260 -5.23 57.55 -28.01
C MET A 260 -3.93 56.77 -27.91
N HIS A 261 -3.93 55.54 -28.37
CA HIS A 261 -2.73 54.72 -28.34
C HIS A 261 -3.00 53.57 -29.31
N PRO A 262 -2.18 53.45 -30.36
CA PRO A 262 -2.33 52.41 -31.37
C PRO A 262 -2.23 50.98 -30.85
N LEU A 263 -1.75 50.82 -29.63
CA LEU A 263 -1.63 49.50 -29.02
C LEU A 263 -0.61 48.61 -29.72
N PRO A 264 -0.06 47.63 -29.01
CA PRO A 264 -0.35 47.33 -27.60
C PRO A 264 0.33 48.28 -26.65
N ARG A 265 -0.32 48.57 -25.52
CA ARG A 265 0.34 49.43 -24.58
C ARG A 265 0.96 48.51 -23.53
N VAL A 266 2.11 48.92 -23.01
CA VAL A 266 2.83 48.17 -22.02
C VAL A 266 3.17 49.07 -20.83
N ASP A 267 3.95 50.11 -21.08
CA ASP A 267 4.34 51.02 -20.01
C ASP A 267 3.81 52.44 -20.19
N GLU A 268 3.61 52.82 -21.44
CA GLU A 268 3.12 54.15 -21.81
C GLU A 268 1.94 54.74 -21.02
N ILE A 269 1.00 53.90 -20.58
CA ILE A 269 -0.17 54.37 -19.85
C ILE A 269 -0.53 53.47 -18.67
N ASP A 270 -0.65 54.04 -17.48
CA ASP A 270 -1.02 53.26 -16.31
C ASP A 270 -2.38 52.60 -16.45
N TYR A 271 -2.58 51.48 -15.77
CA TYR A 271 -3.85 50.79 -15.88
C TYR A 271 -4.99 51.52 -15.17
N ASP A 272 -4.67 52.33 -14.16
CA ASP A 272 -5.71 53.07 -13.45
C ASP A 272 -6.25 54.21 -14.30
N VAL A 273 -5.64 54.42 -15.47
CA VAL A 273 -6.09 55.47 -16.40
C VAL A 273 -7.20 54.93 -17.27
N ASP A 274 -7.22 53.61 -17.44
CA ASP A 274 -8.20 52.94 -18.29
C ASP A 274 -9.65 53.33 -18.08
N ASP A 275 -10.11 53.28 -16.83
CA ASP A 275 -11.50 53.62 -16.51
C ASP A 275 -11.81 55.12 -16.48
N LEU A 276 -10.85 55.97 -16.84
CA LEU A 276 -11.11 57.40 -16.86
C LEU A 276 -11.81 57.75 -18.15
N PRO A 277 -12.70 58.75 -18.14
CA PRO A 277 -13.44 59.18 -19.32
C PRO A 277 -12.58 59.45 -20.55
N GLN A 278 -11.44 60.11 -20.37
CA GLN A 278 -10.62 60.46 -21.51
C GLN A 278 -9.84 59.33 -22.16
N ALA A 279 -9.87 58.14 -21.54
CA ALA A 279 -9.17 56.99 -22.12
C ALA A 279 -10.02 56.51 -23.28
N LYS A 280 -9.45 56.54 -24.48
CA LYS A 280 -10.19 56.17 -25.69
C LYS A 280 -9.45 55.17 -26.59
N TYR A 281 -8.30 54.68 -26.14
CA TYR A 281 -7.56 53.76 -26.99
C TYR A 281 -8.25 52.45 -27.35
N PHE A 282 -9.11 51.96 -26.49
CA PHE A 282 -9.82 50.72 -26.80
C PHE A 282 -10.98 50.98 -27.76
N LYS A 283 -11.51 52.20 -27.74
CA LYS A 283 -12.59 52.58 -28.63
C LYS A 283 -11.94 52.71 -29.99
N GLN A 284 -10.74 53.29 -29.97
CA GLN A 284 -9.95 53.49 -31.16
C GLN A 284 -9.70 52.11 -31.79
N SER A 285 -9.45 51.14 -30.93
CA SER A 285 -9.20 49.76 -31.35
C SER A 285 -10.38 49.24 -32.15
N PHE A 286 -11.57 49.47 -31.61
CA PHE A 286 -12.81 49.04 -32.23
C PHE A 286 -13.01 49.70 -33.59
N TYR A 287 -12.78 51.02 -33.65
CA TYR A 287 -12.95 51.78 -34.89
C TYR A 287 -12.19 51.19 -36.06
N GLY A 288 -11.17 50.38 -35.78
CA GLY A 288 -10.42 49.74 -36.84
C GLY A 288 -11.32 48.84 -37.66
N ILE A 289 -12.30 48.20 -37.02
CA ILE A 289 -13.22 47.32 -37.73
C ILE A 289 -14.07 48.03 -38.78
N PRO A 290 -14.76 49.10 -38.40
CA PRO A 290 -15.61 49.84 -39.35
C PRO A 290 -14.83 50.45 -40.50
N VAL A 291 -13.67 51.04 -40.23
CA VAL A 291 -12.90 51.66 -41.29
C VAL A 291 -12.28 50.59 -42.19
N ARG A 292 -11.96 49.43 -41.62
CA ARG A 292 -11.40 48.37 -42.44
C ARG A 292 -12.51 47.78 -43.27
N MET A 293 -13.72 47.74 -42.73
CA MET A 293 -14.89 47.27 -43.49
C MET A 293 -15.07 48.26 -44.64
N ALA A 294 -14.94 49.53 -44.31
CA ALA A 294 -15.08 50.59 -45.28
C ALA A 294 -14.07 50.41 -46.42
N ILE A 295 -12.81 50.18 -46.06
CA ILE A 295 -11.75 50.02 -47.04
C ILE A 295 -11.93 48.78 -47.92
N LEU A 296 -12.22 47.64 -47.29
CA LEU A 296 -12.42 46.41 -48.03
C LEU A 296 -13.55 46.57 -49.03
N LYS A 297 -14.65 47.13 -48.55
CA LYS A 297 -15.82 47.34 -49.39
C LYS A 297 -15.44 48.22 -50.57
N LYS A 298 -14.94 49.42 -50.28
CA LYS A 298 -14.56 50.35 -51.33
C LYS A 298 -13.64 49.71 -52.35
N LEU A 299 -12.49 49.22 -51.91
CA LEU A 299 -11.54 48.59 -52.83
C LEU A 299 -12.16 47.56 -53.76
N ILE A 300 -13.08 46.75 -53.26
CA ILE A 300 -13.71 45.73 -54.06
C ILE A 300 -14.70 46.34 -55.06
N GLU A 301 -15.49 47.30 -54.59
CA GLU A 301 -16.46 47.94 -55.46
C GLU A 301 -15.73 48.74 -56.52
N ASP A 302 -14.82 49.59 -56.09
CA ASP A 302 -14.04 50.42 -57.01
C ASP A 302 -13.44 49.65 -58.19
N ASN A 303 -13.14 48.37 -57.99
CA ASN A 303 -12.56 47.56 -59.05
C ASN A 303 -13.46 46.38 -59.31
N GLU A 304 -14.68 46.65 -59.77
CA GLU A 304 -15.66 45.59 -60.02
C GLU A 304 -15.28 44.62 -61.13
N GLY A 305 -14.34 43.74 -60.83
CA GLY A 305 -13.91 42.76 -61.81
C GLY A 305 -14.88 41.59 -61.89
N GLU A 306 -16.17 41.90 -62.02
CA GLU A 306 -17.20 40.88 -62.12
C GLU A 306 -17.25 40.34 -63.55
N MET B 1 -27.93 33.76 -17.82
CA MET B 1 -26.47 33.43 -17.74
C MET B 1 -25.70 34.32 -18.71
N LYS B 2 -24.75 35.08 -18.19
CA LYS B 2 -23.95 35.96 -19.05
C LYS B 2 -22.56 35.44 -19.35
N HIS B 3 -22.14 34.39 -18.64
CA HIS B 3 -20.81 33.80 -18.82
C HIS B 3 -20.87 32.35 -18.39
N LEU B 4 -19.86 31.57 -18.73
CA LEU B 4 -19.80 30.19 -18.29
C LEU B 4 -18.40 30.01 -17.79
N ILE B 5 -18.17 30.34 -16.54
CA ILE B 5 -16.82 30.23 -15.99
C ILE B 5 -16.54 28.95 -15.24
N SER B 6 -17.45 28.56 -14.36
CA SER B 6 -17.28 27.35 -13.57
C SER B 6 -18.57 26.56 -13.38
N MET B 7 -18.43 25.24 -13.26
CA MET B 7 -19.59 24.38 -13.05
C MET B 7 -20.23 24.74 -11.70
N LYS B 8 -19.44 25.31 -10.81
CA LYS B 8 -19.93 25.67 -9.49
C LYS B 8 -20.82 26.89 -9.48
N ASP B 9 -21.08 27.44 -10.66
CA ASP B 9 -21.95 28.60 -10.78
C ASP B 9 -23.28 28.16 -11.36
N ILE B 10 -23.36 26.88 -11.69
CA ILE B 10 -24.57 26.32 -12.28
C ILE B 10 -25.24 25.31 -11.36
N GLY B 11 -26.57 25.29 -11.40
CA GLY B 11 -27.30 24.36 -10.58
C GLY B 11 -27.91 23.23 -11.41
N LYS B 12 -28.37 22.17 -10.77
CA LYS B 12 -28.95 21.04 -11.47
C LYS B 12 -30.00 21.52 -12.46
N GLU B 13 -30.76 22.52 -12.07
CA GLU B 13 -31.81 23.12 -12.90
C GLU B 13 -31.25 23.54 -14.25
N GLU B 14 -30.37 24.54 -14.20
CA GLU B 14 -29.74 25.08 -15.40
C GLU B 14 -29.01 24.03 -16.20
N ILE B 15 -28.41 23.07 -15.50
CA ILE B 15 -27.71 21.99 -16.17
C ILE B 15 -28.65 21.26 -17.09
N LEU B 16 -29.79 20.87 -16.55
CA LEU B 16 -30.78 20.16 -17.32
C LEU B 16 -31.30 21.01 -18.47
N GLU B 17 -31.52 22.29 -18.21
CA GLU B 17 -31.96 23.19 -19.27
C GLU B 17 -30.99 23.11 -20.43
N ILE B 18 -29.70 23.15 -20.10
CA ILE B 18 -28.64 23.09 -21.10
C ILE B 18 -28.64 21.75 -21.81
N LEU B 19 -28.76 20.67 -21.05
CA LEU B 19 -28.76 19.36 -21.65
C LEU B 19 -29.94 19.24 -22.61
N ASP B 20 -31.05 19.92 -22.33
CA ASP B 20 -32.20 19.87 -23.21
C ASP B 20 -31.88 20.58 -24.50
N GLU B 21 -31.41 21.81 -24.39
CA GLU B 21 -31.04 22.61 -25.55
C GLU B 21 -30.08 21.80 -26.40
N ALA B 22 -29.21 21.07 -25.72
CA ALA B 22 -28.22 20.26 -26.40
C ALA B 22 -28.91 19.24 -27.27
N ARG B 23 -29.90 18.56 -26.71
CA ARG B 23 -30.63 17.56 -27.45
C ARG B 23 -31.23 18.18 -28.70
N LYS B 24 -31.79 19.38 -28.55
CA LYS B 24 -32.39 20.05 -29.69
C LYS B 24 -31.34 20.24 -30.75
N MET B 25 -30.20 20.76 -30.33
CA MET B 25 -29.11 21.00 -31.26
C MET B 25 -28.71 19.69 -31.94
N GLU B 26 -28.59 18.61 -31.18
CA GLU B 26 -28.23 17.34 -31.79
C GLU B 26 -29.20 16.98 -32.90
N GLU B 27 -30.49 17.13 -32.62
CA GLU B 27 -31.49 16.78 -33.61
C GLU B 27 -31.36 17.69 -34.81
N LEU B 28 -31.15 18.99 -34.59
CA LEU B 28 -30.98 19.92 -35.69
C LEU B 28 -29.83 19.47 -36.59
N LEU B 29 -28.82 18.86 -35.98
CA LEU B 29 -27.70 18.40 -36.77
C LEU B 29 -28.11 17.24 -37.63
N ASN B 30 -28.70 16.23 -37.00
CA ASN B 30 -29.12 15.04 -37.71
C ASN B 30 -29.96 15.31 -38.95
N THR B 31 -30.85 16.30 -38.88
CA THR B 31 -31.70 16.63 -40.00
C THR B 31 -30.80 17.03 -41.16
N LYS B 32 -29.60 17.51 -40.83
CA LYS B 32 -28.59 17.93 -41.83
C LYS B 32 -28.96 19.14 -42.68
N ARG B 33 -29.55 20.15 -42.07
CA ARG B 33 -29.96 21.34 -42.83
C ARG B 33 -29.15 22.62 -42.50
N PRO B 34 -28.67 23.37 -43.50
CA PRO B 34 -27.93 24.56 -43.05
C PRO B 34 -28.62 25.29 -41.91
N LEU B 35 -27.97 25.41 -40.76
CA LEU B 35 -28.59 26.12 -39.67
C LEU B 35 -28.07 27.57 -39.71
N LYS B 36 -28.88 28.53 -39.27
CA LYS B 36 -28.44 29.92 -39.28
C LYS B 36 -28.80 30.62 -37.97
N LEU B 37 -28.96 29.85 -36.90
CA LEU B 37 -29.31 30.37 -35.59
C LEU B 37 -28.38 31.47 -35.12
N LEU B 38 -27.09 31.33 -35.39
CA LEU B 38 -26.14 32.35 -34.99
C LEU B 38 -25.52 33.01 -36.21
N GLU B 39 -26.29 33.14 -37.28
CA GLU B 39 -25.82 33.71 -38.52
C GLU B 39 -24.86 34.91 -38.46
N GLY B 40 -25.35 36.06 -38.02
CA GLY B 40 -24.44 37.20 -38.01
C GLY B 40 -23.43 37.26 -36.89
N LYS B 41 -23.27 36.18 -36.13
CA LYS B 41 -22.36 36.17 -34.99
C LYS B 41 -20.94 35.71 -35.24
N ILE B 42 -20.02 36.24 -34.43
CA ILE B 42 -18.60 35.88 -34.49
C ILE B 42 -18.10 35.39 -33.13
N LEU B 43 -17.50 34.20 -33.14
CA LEU B 43 -16.92 33.60 -31.95
C LEU B 43 -15.42 33.83 -31.98
N ALA B 44 -14.85 34.26 -30.86
CA ALA B 44 -13.41 34.47 -30.80
C ALA B 44 -12.77 33.38 -29.92
N THR B 45 -11.81 32.69 -30.49
CA THR B 45 -11.07 31.64 -29.79
C THR B 45 -9.77 32.25 -29.27
N VAL B 46 -9.72 32.59 -27.99
CA VAL B 46 -8.51 33.18 -27.39
C VAL B 46 -7.79 32.19 -26.50
N PHE B 47 -6.82 31.50 -27.08
CA PHE B 47 -6.05 30.48 -26.38
C PHE B 47 -4.62 30.91 -26.08
N TYR B 48 -4.25 30.93 -24.81
CA TYR B 48 -2.88 31.28 -24.48
C TYR B 48 -2.08 30.00 -24.49
N GLU B 49 -2.63 28.96 -23.87
CA GLU B 49 -2.03 27.62 -23.86
C GLU B 49 -2.84 26.87 -24.91
N PRO B 50 -2.23 26.58 -26.07
CA PRO B 50 -2.89 25.88 -27.18
C PRO B 50 -3.62 24.59 -26.87
N SER B 51 -4.68 24.33 -27.63
CA SER B 51 -5.46 23.10 -27.52
C SER B 51 -6.25 22.96 -28.81
N THR B 52 -5.65 22.30 -29.79
CA THR B 52 -6.30 22.11 -31.08
C THR B 52 -7.65 21.44 -30.91
N ARG B 53 -7.74 20.48 -29.97
CA ARG B 53 -9.00 19.76 -29.73
C ARG B 53 -10.14 20.68 -29.33
N THR B 54 -9.94 21.43 -28.25
CA THR B 54 -10.96 22.32 -27.77
C THR B 54 -11.33 23.38 -28.80
N ARG B 55 -10.34 23.92 -29.48
CA ARG B 55 -10.60 24.94 -30.50
C ARG B 55 -11.48 24.39 -31.60
N LEU B 56 -11.07 23.27 -32.20
CA LEU B 56 -11.85 22.63 -33.27
C LEU B 56 -13.28 22.32 -32.84
N SER B 57 -13.46 21.82 -31.63
CA SER B 57 -14.78 21.49 -31.12
C SER B 57 -15.69 22.72 -31.18
N PHE B 58 -15.25 23.78 -30.50
CA PHE B 58 -16.01 25.03 -30.46
C PHE B 58 -16.15 25.68 -31.82
N GLU B 59 -15.11 25.52 -32.64
CA GLU B 59 -15.13 26.11 -33.97
C GLU B 59 -16.20 25.44 -34.81
N THR B 60 -16.25 24.11 -34.73
CA THR B 60 -17.25 23.33 -35.46
C THR B 60 -18.65 23.73 -34.99
N ALA B 61 -18.85 23.68 -33.68
CA ALA B 61 -20.13 24.04 -33.10
C ALA B 61 -20.63 25.40 -33.59
N MET B 62 -19.77 26.42 -33.49
CA MET B 62 -20.14 27.76 -33.93
C MET B 62 -20.52 27.79 -35.40
N LYS B 63 -19.74 27.11 -36.23
CA LYS B 63 -20.02 27.08 -37.65
C LYS B 63 -21.27 26.30 -38.00
N ARG B 64 -21.58 25.28 -37.21
CA ARG B 64 -22.78 24.49 -37.45
C ARG B 64 -24.03 25.35 -37.21
N LEU B 65 -23.90 26.36 -36.36
CA LEU B 65 -25.02 27.24 -36.07
C LEU B 65 -25.00 28.38 -37.05
N GLY B 66 -24.15 28.28 -38.05
CA GLY B 66 -24.06 29.33 -39.05
C GLY B 66 -23.27 30.56 -38.64
N GLY B 67 -22.48 30.45 -37.58
CA GLY B 67 -21.71 31.59 -37.13
C GLY B 67 -20.31 31.62 -37.71
N GLU B 68 -19.61 32.73 -37.50
CA GLU B 68 -18.24 32.87 -37.99
C GLU B 68 -17.28 32.76 -36.82
N VAL B 69 -16.01 32.50 -37.10
CA VAL B 69 -15.03 32.37 -36.03
C VAL B 69 -13.71 33.04 -36.35
N ILE B 70 -13.13 33.74 -35.38
CA ILE B 70 -11.80 34.32 -35.57
C ILE B 70 -10.98 33.66 -34.49
N THR B 71 -9.79 33.18 -34.85
CA THR B 71 -8.95 32.52 -33.87
C THR B 71 -7.68 33.28 -33.57
N MET B 72 -7.24 33.16 -32.33
CA MET B 72 -6.02 33.81 -31.84
C MET B 72 -5.46 32.87 -30.77
N THR B 73 -4.51 32.03 -31.18
CA THR B 73 -3.93 31.09 -30.24
C THR B 73 -2.48 31.43 -29.94
N ASP B 74 -1.91 30.71 -28.98
CA ASP B 74 -0.52 30.93 -28.59
C ASP B 74 -0.25 32.41 -28.36
N LEU B 75 -0.87 32.97 -27.33
CA LEU B 75 -0.64 34.36 -27.02
C LEU B 75 0.58 34.47 -26.11
N LYS B 76 0.85 33.38 -25.38
CA LYS B 76 1.97 33.29 -24.45
C LYS B 76 3.31 33.30 -25.19
N SER B 77 3.59 34.41 -25.87
CA SER B 77 4.83 34.57 -26.62
C SER B 77 4.93 35.98 -27.22
N SER B 78 6.14 36.35 -27.63
CA SER B 78 6.39 37.66 -28.23
C SER B 78 6.11 37.56 -29.73
N SER B 79 5.28 36.59 -30.09
CA SER B 79 4.91 36.36 -31.47
C SER B 79 3.45 36.75 -31.69
N VAL B 80 2.78 37.19 -30.62
CA VAL B 80 1.37 37.59 -30.71
C VAL B 80 0.99 38.69 -29.70
N ALA B 81 1.51 38.60 -28.48
CA ALA B 81 1.20 39.59 -27.43
C ALA B 81 2.15 40.77 -27.48
N LYS B 82 3.43 40.48 -27.27
CA LYS B 82 4.50 41.49 -27.24
C LYS B 82 4.49 42.21 -25.89
N GLY B 83 3.75 41.65 -24.94
CA GLY B 83 3.68 42.23 -23.60
C GLY B 83 2.34 42.84 -23.21
N GLU B 84 1.33 42.59 -24.03
CA GLU B 84 -0.01 43.12 -23.79
C GLU B 84 -0.71 42.23 -22.76
N SER B 85 -1.40 42.84 -21.80
CA SER B 85 -2.06 42.04 -20.78
C SER B 85 -3.37 41.40 -21.24
N LEU B 86 -3.72 40.32 -20.56
CA LEU B 86 -4.95 39.61 -20.86
C LEU B 86 -6.07 40.62 -20.91
N ILE B 87 -6.13 41.46 -19.89
CA ILE B 87 -7.16 42.48 -19.79
C ILE B 87 -7.29 43.38 -21.03
N ASP B 88 -6.16 43.78 -21.61
CA ASP B 88 -6.20 44.62 -22.79
C ASP B 88 -6.70 43.81 -23.94
N THR B 89 -6.19 42.58 -24.07
CA THR B 89 -6.60 41.69 -25.16
C THR B 89 -8.10 41.41 -25.10
N ILE B 90 -8.58 41.01 -23.94
CA ILE B 90 -10.01 40.73 -23.82
C ILE B 90 -10.83 41.93 -24.27
N ARG B 91 -10.41 43.13 -23.87
CA ARG B 91 -11.13 44.32 -24.25
C ARG B 91 -11.13 44.55 -25.74
N VAL B 92 -10.00 44.32 -26.39
CA VAL B 92 -9.95 44.51 -27.83
C VAL B 92 -10.79 43.47 -28.58
N ILE B 93 -10.61 42.20 -28.23
CA ILE B 93 -11.36 41.11 -28.87
C ILE B 93 -12.85 41.26 -28.53
N SER B 94 -13.12 41.66 -27.29
CA SER B 94 -14.49 41.86 -26.84
C SER B 94 -15.22 42.83 -27.76
N GLY B 95 -14.47 43.76 -28.32
CA GLY B 95 -15.04 44.74 -29.20
C GLY B 95 -15.20 44.22 -30.63
N TYR B 96 -14.41 43.20 -30.97
CA TYR B 96 -14.48 42.62 -32.31
C TYR B 96 -15.59 41.60 -32.45
N ALA B 97 -15.56 40.59 -31.58
CA ALA B 97 -16.50 39.49 -31.62
C ALA B 97 -17.76 39.66 -30.80
N ASP B 98 -18.58 38.61 -30.81
CA ASP B 98 -19.84 38.59 -30.09
C ASP B 98 -19.77 37.65 -28.90
N ILE B 99 -18.80 36.75 -28.91
CA ILE B 99 -18.64 35.81 -27.81
C ILE B 99 -17.21 35.25 -27.82
N ILE B 100 -16.66 35.04 -26.63
CA ILE B 100 -15.27 34.57 -26.50
C ILE B 100 -15.06 33.28 -25.70
N VAL B 101 -14.25 32.36 -26.23
CA VAL B 101 -13.90 31.14 -25.53
C VAL B 101 -12.44 31.35 -25.12
N LEU B 102 -12.22 31.52 -23.81
CA LEU B 102 -10.88 31.77 -23.32
C LEU B 102 -10.19 30.57 -22.72
N ARG B 103 -8.87 30.54 -22.89
CA ARG B 103 -8.03 29.49 -22.37
C ARG B 103 -6.77 30.17 -21.83
N HIS B 104 -6.67 30.32 -20.52
CA HIS B 104 -5.52 30.99 -19.91
C HIS B 104 -4.98 30.23 -18.72
N PRO B 105 -3.67 30.31 -18.48
CA PRO B 105 -2.96 29.64 -17.37
C PRO B 105 -3.29 30.15 -15.99
N SER B 106 -3.11 31.44 -15.76
CA SER B 106 -3.40 32.07 -14.46
C SER B 106 -4.76 31.70 -13.89
N GLU B 107 -4.87 31.63 -12.58
CA GLU B 107 -6.12 31.25 -11.95
C GLU B 107 -7.31 32.16 -12.18
N GLY B 108 -7.20 33.42 -11.80
CA GLY B 108 -8.34 34.31 -12.01
C GLY B 108 -8.81 34.30 -13.45
N ALA B 109 -7.84 34.37 -14.37
CA ALA B 109 -8.03 34.38 -15.82
C ALA B 109 -9.47 34.59 -16.31
N ALA B 110 -10.14 33.48 -16.58
CA ALA B 110 -11.52 33.45 -17.07
C ALA B 110 -12.40 34.46 -16.33
N ARG B 111 -12.56 34.25 -15.03
CA ARG B 111 -13.37 35.12 -14.19
C ARG B 111 -12.97 36.56 -14.44
N LEU B 112 -11.68 36.86 -14.28
CA LEU B 112 -11.21 38.23 -14.48
C LEU B 112 -11.60 38.73 -15.86
N ALA B 113 -11.29 37.94 -16.89
CA ALA B 113 -11.60 38.30 -18.27
C ALA B 113 -13.07 38.69 -18.39
N SER B 114 -13.94 37.87 -17.83
CA SER B 114 -15.37 38.11 -17.89
C SER B 114 -15.71 39.50 -17.33
N GLU B 115 -14.93 39.95 -16.35
CA GLU B 115 -15.16 41.26 -15.76
C GLU B 115 -14.87 42.42 -16.74
N TYR B 116 -13.91 42.23 -17.64
CA TYR B 116 -13.57 43.27 -18.58
C TYR B 116 -14.16 43.05 -19.94
N SER B 117 -14.82 41.91 -20.13
CA SER B 117 -15.41 41.60 -21.43
C SER B 117 -16.82 42.17 -21.52
N GLN B 118 -17.12 42.79 -22.66
CA GLN B 118 -18.44 43.36 -22.91
C GLN B 118 -19.19 42.27 -23.67
N VAL B 119 -18.68 41.04 -23.56
CA VAL B 119 -19.20 39.90 -24.29
C VAL B 119 -19.10 38.63 -23.42
N PRO B 120 -19.97 37.64 -23.65
CA PRO B 120 -19.94 36.40 -22.86
C PRO B 120 -18.58 35.71 -22.96
N ILE B 121 -18.13 35.13 -21.86
CA ILE B 121 -16.87 34.41 -21.85
C ILE B 121 -17.09 32.95 -21.48
N ILE B 122 -16.67 32.04 -22.35
CA ILE B 122 -16.79 30.61 -22.07
C ILE B 122 -15.40 30.16 -21.63
N ASN B 123 -15.32 29.62 -20.43
CA ASN B 123 -14.05 29.16 -19.91
C ASN B 123 -13.69 27.77 -20.43
N ALA B 124 -12.58 27.69 -21.17
CA ALA B 124 -12.13 26.41 -21.69
C ALA B 124 -11.09 25.94 -20.71
N GLY B 125 -11.40 26.16 -19.43
CA GLY B 125 -10.50 25.76 -18.37
C GLY B 125 -9.37 26.75 -18.23
N ASP B 126 -9.14 27.18 -17.00
CA ASP B 126 -8.05 28.10 -16.70
C ASP B 126 -6.85 27.18 -16.58
N GLY B 127 -6.66 26.37 -17.61
CA GLY B 127 -5.58 25.42 -17.62
C GLY B 127 -6.14 24.11 -17.11
N SER B 128 -6.42 24.08 -15.81
CA SER B 128 -6.97 22.90 -15.14
C SER B 128 -7.67 23.27 -13.84
N ASN B 129 -8.45 24.34 -13.85
CA ASN B 129 -9.20 24.75 -12.67
C ASN B 129 -10.63 24.26 -12.88
N GLN B 130 -11.26 24.77 -13.93
CA GLN B 130 -12.63 24.41 -14.26
C GLN B 130 -12.87 24.42 -15.77
N HIS B 131 -13.32 23.29 -16.30
CA HIS B 131 -13.64 23.23 -17.73
C HIS B 131 -15.12 22.85 -17.81
N PRO B 132 -16.01 23.87 -17.77
CA PRO B 132 -17.47 23.70 -17.82
C PRO B 132 -17.96 22.93 -19.03
N THR B 133 -17.70 23.49 -20.20
CA THR B 133 -18.11 22.91 -21.45
C THR B 133 -17.79 21.40 -21.52
N GLN B 134 -16.69 20.96 -20.94
CA GLN B 134 -16.34 19.54 -20.98
C GLN B 134 -17.22 18.74 -20.05
N THR B 135 -17.40 19.22 -18.83
CA THR B 135 -18.23 18.54 -17.85
C THR B 135 -19.66 18.45 -18.35
N LEU B 136 -20.14 19.53 -18.95
CA LEU B 136 -21.49 19.57 -19.49
C LEU B 136 -21.69 18.50 -20.56
N LEU B 137 -20.72 18.37 -21.46
CA LEU B 137 -20.85 17.36 -22.49
C LEU B 137 -20.73 15.97 -21.88
N ASP B 138 -20.00 15.84 -20.78
CA ASP B 138 -19.88 14.54 -20.13
C ASP B 138 -21.26 14.18 -19.58
N LEU B 139 -21.88 15.13 -18.90
CA LEU B 139 -23.21 14.94 -18.35
C LEU B 139 -24.16 14.55 -19.47
N TYR B 140 -24.05 15.26 -20.59
CA TYR B 140 -24.91 14.98 -21.72
C TYR B 140 -24.72 13.56 -22.21
N THR B 141 -23.48 13.08 -22.19
CA THR B 141 -23.22 11.74 -22.65
C THR B 141 -23.93 10.73 -21.74
N ILE B 142 -23.82 10.92 -20.44
CA ILE B 142 -24.47 10.00 -19.52
C ILE B 142 -25.99 10.05 -19.70
N MET B 143 -26.51 11.28 -19.75
CA MET B 143 -27.93 11.51 -19.92
C MET B 143 -28.44 10.86 -21.19
N ARG B 144 -27.64 10.98 -22.23
CA ARG B 144 -27.96 10.45 -23.52
C ARG B 144 -27.83 8.93 -23.62
N GLU B 145 -26.71 8.40 -23.19
CA GLU B 145 -26.47 6.96 -23.27
C GLU B 145 -27.08 6.14 -22.15
N ILE B 146 -27.14 6.68 -20.94
CA ILE B 146 -27.72 5.94 -19.83
C ILE B 146 -29.21 6.27 -19.69
N GLY B 147 -29.63 7.37 -20.31
CA GLY B 147 -31.03 7.75 -20.23
C GLY B 147 -31.40 8.59 -19.02
N ARG B 148 -30.45 8.78 -18.12
CA ARG B 148 -30.70 9.57 -16.92
C ARG B 148 -29.39 9.81 -16.21
N ILE B 149 -29.36 10.80 -15.34
CA ILE B 149 -28.14 11.09 -14.59
C ILE B 149 -28.41 10.69 -13.16
N ASP B 150 -29.59 11.03 -12.65
CA ASP B 150 -29.96 10.69 -11.29
C ASP B 150 -29.89 9.20 -11.06
N GLY B 151 -29.45 8.82 -9.87
CA GLY B 151 -29.35 7.42 -9.53
C GLY B 151 -28.64 6.51 -10.50
N ILE B 152 -27.35 6.73 -10.72
CA ILE B 152 -26.58 5.89 -11.62
C ILE B 152 -25.35 5.51 -10.84
N LYS B 153 -24.66 4.47 -11.28
CA LYS B 153 -23.42 4.06 -10.61
C LYS B 153 -22.32 4.30 -11.60
N ILE B 154 -21.45 5.24 -11.26
CA ILE B 154 -20.34 5.62 -12.11
C ILE B 154 -18.99 5.32 -11.46
N ALA B 155 -18.06 4.79 -12.24
CA ALA B 155 -16.74 4.47 -11.72
C ALA B 155 -15.66 5.20 -12.49
N PHE B 156 -14.77 5.89 -11.77
CA PHE B 156 -13.67 6.63 -12.39
C PHE B 156 -12.38 5.82 -12.22
N VAL B 157 -11.62 5.68 -13.31
CA VAL B 157 -10.38 4.92 -13.30
C VAL B 157 -9.24 5.80 -13.78
N GLY B 158 -8.14 5.79 -13.04
CA GLY B 158 -7.00 6.60 -13.45
C GLY B 158 -6.53 7.60 -12.41
N ASP B 159 -5.70 8.54 -12.84
CA ASP B 159 -5.17 9.58 -11.94
C ASP B 159 -6.36 10.40 -11.43
N LEU B 160 -6.79 10.10 -10.21
CA LEU B 160 -7.93 10.80 -9.64
C LEU B 160 -7.50 11.93 -8.74
N LYS B 161 -6.20 11.98 -8.44
CA LYS B 161 -5.66 13.03 -7.58
C LYS B 161 -5.46 14.31 -8.36
N TYR B 162 -5.09 14.18 -9.62
CA TYR B 162 -4.85 15.33 -10.48
C TYR B 162 -5.81 15.46 -11.66
N GLY B 163 -6.70 14.47 -11.82
CA GLY B 163 -7.65 14.52 -12.91
C GLY B 163 -8.68 15.64 -12.76
N ARG B 164 -8.36 16.79 -13.33
CA ARG B 164 -9.24 17.97 -13.27
C ARG B 164 -10.63 17.72 -13.84
N THR B 165 -10.70 17.15 -15.03
CA THR B 165 -11.99 16.89 -15.64
C THR B 165 -12.79 15.94 -14.76
N VAL B 166 -12.09 15.04 -14.08
CA VAL B 166 -12.73 14.09 -13.19
C VAL B 166 -13.32 14.82 -11.98
N HIS B 167 -12.53 15.70 -11.38
CA HIS B 167 -12.98 16.49 -10.24
C HIS B 167 -14.21 17.29 -10.62
N SER B 168 -14.14 17.96 -11.76
CA SER B 168 -15.23 18.80 -12.25
C SER B 168 -16.51 17.99 -12.42
N LEU B 169 -16.37 16.81 -13.02
CA LEU B 169 -17.52 15.94 -13.23
C LEU B 169 -18.06 15.39 -11.92
N VAL B 170 -17.17 15.04 -11.00
CA VAL B 170 -17.58 14.52 -9.71
C VAL B 170 -18.40 15.56 -8.97
N TYR B 171 -18.02 16.82 -9.11
CA TYR B 171 -18.75 17.89 -8.46
C TYR B 171 -20.14 18.04 -9.08
N ALA B 172 -20.18 18.14 -10.40
CA ALA B 172 -21.46 18.31 -11.08
C ALA B 172 -22.39 17.17 -10.71
N LEU B 173 -21.88 15.93 -10.77
CA LEU B 173 -22.69 14.78 -10.46
C LEU B 173 -23.22 14.80 -9.04
N SER B 174 -22.45 15.41 -8.14
CA SER B 174 -22.85 15.47 -6.75
C SER B 174 -24.06 16.36 -6.58
N LEU B 175 -24.50 17.00 -7.66
CA LEU B 175 -25.66 17.86 -7.60
C LEU B 175 -26.90 17.08 -7.94
N PHE B 176 -26.71 15.87 -8.43
CA PHE B 176 -27.85 15.04 -8.76
C PHE B 176 -28.19 14.06 -7.64
N GLU B 177 -29.42 13.53 -7.68
CA GLU B 177 -29.87 12.62 -6.65
C GLU B 177 -29.35 11.21 -6.77
N ASN B 178 -28.93 10.68 -5.63
CA ASN B 178 -28.42 9.31 -5.49
C ASN B 178 -27.45 8.81 -6.57
N VAL B 179 -26.34 9.52 -6.75
CA VAL B 179 -25.36 9.05 -7.72
C VAL B 179 -24.34 8.27 -6.91
N GLU B 180 -24.11 7.00 -7.28
CA GLU B 180 -23.14 6.16 -6.57
C GLU B 180 -21.81 6.21 -7.32
N MET B 181 -20.77 6.69 -6.65
CA MET B 181 -19.45 6.86 -7.25
C MET B 181 -18.37 5.89 -6.79
N TYR B 182 -17.57 5.41 -7.74
CA TYR B 182 -16.48 4.49 -7.44
C TYR B 182 -15.22 5.11 -7.96
N PHE B 183 -14.20 5.16 -7.11
CA PHE B 183 -12.91 5.77 -7.48
C PHE B 183 -11.79 4.75 -7.54
N VAL B 184 -11.63 4.15 -8.70
CA VAL B 184 -10.60 3.14 -8.93
C VAL B 184 -9.30 3.82 -9.28
N SER B 185 -8.25 3.62 -8.48
CA SER B 185 -6.98 4.27 -8.76
C SER B 185 -5.83 3.74 -7.94
N PRO B 186 -4.60 4.07 -8.34
CA PRO B 186 -3.40 3.64 -7.63
C PRO B 186 -3.41 4.29 -6.25
N LYS B 187 -2.75 3.66 -5.29
CA LYS B 187 -2.72 4.19 -3.94
C LYS B 187 -2.11 5.56 -3.90
N GLU B 188 -1.42 5.94 -4.99
CA GLU B 188 -0.76 7.25 -5.07
C GLU B 188 -1.63 8.37 -5.63
N LEU B 189 -2.54 8.02 -6.52
CA LEU B 189 -3.37 9.00 -7.16
C LEU B 189 -4.83 8.95 -6.74
N ARG B 190 -5.08 8.84 -5.43
CA ARG B 190 -6.46 8.78 -4.96
C ARG B 190 -7.13 10.15 -5.02
N LEU B 191 -8.45 10.16 -5.05
CA LEU B 191 -9.20 11.41 -5.12
C LEU B 191 -8.84 12.31 -3.94
N PRO B 192 -8.56 13.61 -4.21
CA PRO B 192 -8.21 14.61 -3.20
C PRO B 192 -9.05 14.54 -1.93
N LYS B 193 -8.39 14.71 -0.78
CA LYS B 193 -9.06 14.64 0.51
C LYS B 193 -10.22 15.61 0.61
N ASP B 194 -9.97 16.87 0.29
CA ASP B 194 -11.01 17.89 0.36
C ASP B 194 -12.21 17.60 -0.51
N ILE B 195 -12.00 16.91 -1.64
CA ILE B 195 -13.13 16.55 -2.51
C ILE B 195 -13.99 15.49 -1.83
N ILE B 196 -13.32 14.52 -1.22
CA ILE B 196 -14.01 13.46 -0.51
C ILE B 196 -14.87 14.08 0.57
N GLU B 197 -14.33 15.12 1.22
CA GLU B 197 -15.07 15.81 2.27
C GLU B 197 -16.37 16.39 1.73
N ASP B 198 -16.30 17.01 0.55
CA ASP B 198 -17.48 17.59 -0.08
C ASP B 198 -18.50 16.52 -0.37
N LEU B 199 -18.01 15.36 -0.81
CA LEU B 199 -18.91 14.27 -1.13
C LEU B 199 -19.61 13.82 0.15
N LYS B 200 -18.86 13.71 1.24
CA LYS B 200 -19.41 13.32 2.52
C LYS B 200 -20.45 14.33 2.94
N ALA B 201 -20.07 15.60 2.85
CA ALA B 201 -20.97 16.68 3.23
C ALA B 201 -22.28 16.61 2.45
N LYS B 202 -22.25 16.05 1.25
CA LYS B 202 -23.46 15.95 0.45
C LYS B 202 -24.11 14.57 0.57
N ASN B 203 -23.66 13.80 1.55
CA ASN B 203 -24.16 12.44 1.78
C ASN B 203 -24.23 11.70 0.46
N ILE B 204 -23.06 11.39 -0.09
CA ILE B 204 -22.98 10.68 -1.36
C ILE B 204 -22.30 9.34 -1.18
N LYS B 205 -23.02 8.27 -1.52
CA LYS B 205 -22.45 6.93 -1.39
C LYS B 205 -21.32 6.80 -2.39
N PHE B 206 -20.09 6.65 -1.87
CA PHE B 206 -18.92 6.50 -2.73
C PHE B 206 -17.93 5.50 -2.15
N TYR B 207 -17.14 4.87 -3.02
CA TYR B 207 -16.18 3.90 -2.57
C TYR B 207 -14.90 4.07 -3.34
N GLU B 208 -13.77 3.94 -2.63
CA GLU B 208 -12.46 4.05 -3.26
C GLU B 208 -12.02 2.65 -3.47
N LYS B 209 -11.71 2.28 -4.69
CA LYS B 209 -11.23 0.94 -4.97
C LYS B 209 -9.83 0.97 -5.54
N GLU B 210 -9.08 -0.11 -5.31
CA GLU B 210 -7.70 -0.21 -5.75
C GLU B 210 -7.55 -1.01 -7.03
N SER B 211 -8.59 -1.75 -7.38
CA SER B 211 -8.54 -2.58 -8.57
C SER B 211 -9.85 -2.52 -9.38
N LEU B 212 -9.72 -2.76 -10.68
CA LEU B 212 -10.87 -2.74 -11.56
C LEU B 212 -11.80 -3.92 -11.30
N ASP B 213 -11.27 -4.98 -10.71
CA ASP B 213 -12.07 -6.15 -10.41
C ASP B 213 -12.85 -6.02 -9.13
N ASP B 214 -12.65 -4.92 -8.43
CA ASP B 214 -13.36 -4.68 -7.18
C ASP B 214 -14.74 -4.11 -7.46
N LEU B 215 -15.03 -3.94 -8.74
CA LEU B 215 -16.30 -3.41 -9.19
C LEU B 215 -17.18 -4.60 -9.48
N ASP B 216 -18.49 -4.35 -9.54
CA ASP B 216 -19.44 -5.39 -9.88
C ASP B 216 -20.10 -4.98 -11.19
N ASP B 217 -20.84 -5.88 -11.81
CA ASP B 217 -21.46 -5.54 -13.07
C ASP B 217 -22.65 -4.60 -12.89
N ASP B 218 -22.70 -3.85 -11.79
CA ASP B 218 -23.81 -2.95 -11.56
C ASP B 218 -23.48 -1.50 -11.90
N ILE B 219 -22.36 -1.29 -12.59
CA ILE B 219 -21.93 0.04 -12.96
C ILE B 219 -22.45 0.49 -14.31
N ASP B 220 -23.06 1.66 -14.35
CA ASP B 220 -23.62 2.19 -15.57
C ASP B 220 -22.56 2.86 -16.45
N VAL B 221 -21.69 3.63 -15.81
CA VAL B 221 -20.66 4.37 -16.53
C VAL B 221 -19.26 4.19 -15.98
N LEU B 222 -18.32 3.90 -16.88
CA LEU B 222 -16.90 3.75 -16.53
C LEU B 222 -16.16 4.91 -17.19
N TYR B 223 -15.86 5.94 -16.42
CA TYR B 223 -15.15 7.12 -16.92
C TYR B 223 -13.64 6.92 -16.78
N VAL B 224 -12.97 6.71 -17.90
CA VAL B 224 -11.52 6.48 -17.92
C VAL B 224 -10.73 7.78 -18.15
N THR B 225 -9.78 8.04 -17.26
CA THR B 225 -8.96 9.22 -17.33
C THR B 225 -7.52 8.74 -17.52
N ARG B 226 -6.68 9.58 -18.11
CA ARG B 226 -5.27 9.26 -18.37
C ARG B 226 -4.40 9.22 -17.10
N ILE B 227 -3.25 8.56 -17.18
CA ILE B 227 -2.31 8.51 -16.05
C ILE B 227 -0.92 8.77 -16.60
N GLN B 228 -0.43 9.98 -16.47
CA GLN B 228 0.87 10.39 -17.03
C GLN B 228 2.18 9.90 -16.39
N LYS B 229 3.20 9.67 -17.23
CA LYS B 229 4.52 9.23 -16.76
C LYS B 229 5.05 10.13 -15.62
N GLU B 230 4.69 11.43 -15.64
CA GLU B 230 5.14 12.38 -14.62
C GLU B 230 4.75 11.98 -13.22
N ARG B 231 3.83 11.04 -13.10
CA ARG B 231 3.41 10.56 -11.79
C ARG B 231 4.25 9.37 -11.32
N PHE B 232 4.89 8.68 -12.26
CA PHE B 232 5.74 7.55 -11.92
C PHE B 232 7.01 7.65 -12.77
N PRO B 233 7.95 8.49 -12.34
CA PRO B 233 9.21 8.70 -13.06
C PRO B 233 9.88 7.38 -13.41
N ASP B 234 9.78 6.44 -12.46
CA ASP B 234 10.36 5.11 -12.65
C ASP B 234 9.55 4.32 -13.68
N PRO B 235 10.14 4.00 -14.85
CA PRO B 235 9.45 3.25 -15.91
C PRO B 235 8.83 1.96 -15.38
N ASN B 236 9.61 1.21 -14.61
CA ASN B 236 9.14 -0.03 -14.01
C ASN B 236 7.81 0.25 -13.34
N GLU B 237 7.81 1.21 -12.41
CA GLU B 237 6.61 1.59 -11.69
C GLU B 237 5.46 1.89 -12.65
N TYR B 238 5.66 2.89 -13.50
CA TYR B 238 4.67 3.31 -14.46
C TYR B 238 4.14 2.12 -15.23
N GLU B 239 5.08 1.26 -15.64
CA GLU B 239 4.74 0.08 -16.42
C GLU B 239 3.68 -0.74 -15.72
N LYS B 240 3.97 -1.14 -14.48
CA LYS B 240 3.00 -1.91 -13.76
C LYS B 240 1.68 -1.15 -13.57
N VAL B 241 1.71 0.17 -13.31
CA VAL B 241 0.45 0.89 -13.14
C VAL B 241 -0.38 0.89 -14.40
N LYS B 242 0.26 1.09 -15.55
CA LYS B 242 -0.46 1.10 -16.81
C LYS B 242 -1.20 -0.20 -16.95
N GLY B 243 -0.48 -1.31 -16.82
CA GLY B 243 -1.11 -2.60 -16.95
C GLY B 243 -2.27 -2.82 -15.99
N SER B 244 -2.09 -2.37 -14.76
CA SER B 244 -3.09 -2.55 -13.72
C SER B 244 -4.42 -1.86 -13.97
N TYR B 245 -4.41 -0.75 -14.68
CA TYR B 245 -5.66 -0.03 -14.91
C TYR B 245 -6.08 0.07 -16.35
N LYS B 246 -5.34 -0.58 -17.22
CA LYS B 246 -5.68 -0.55 -18.63
C LYS B 246 -6.99 -1.28 -18.84
N ILE B 247 -7.90 -0.67 -19.57
CA ILE B 247 -9.19 -1.30 -19.85
C ILE B 247 -8.98 -2.23 -21.02
N LYS B 248 -9.07 -3.53 -20.78
CA LYS B 248 -8.87 -4.51 -21.85
C LYS B 248 -10.19 -5.08 -22.33
N ARG B 249 -10.18 -5.66 -23.52
CA ARG B 249 -11.40 -6.25 -24.07
C ARG B 249 -12.02 -7.31 -23.18
N GLU B 250 -11.27 -8.36 -22.83
CA GLU B 250 -11.82 -9.43 -21.99
C GLU B 250 -12.39 -8.97 -20.67
N TYR B 251 -12.24 -7.69 -20.35
CA TYR B 251 -12.78 -7.13 -19.11
C TYR B 251 -14.10 -6.44 -19.44
N VAL B 252 -14.14 -5.84 -20.62
CA VAL B 252 -15.31 -5.11 -21.11
C VAL B 252 -16.48 -6.00 -21.56
N GLU B 253 -16.18 -6.96 -22.45
CA GLU B 253 -17.17 -7.88 -23.00
C GLU B 253 -18.21 -8.35 -22.01
N GLY B 254 -19.47 -8.03 -22.29
CA GLY B 254 -20.55 -8.46 -21.42
C GLY B 254 -20.93 -7.52 -20.29
N LYS B 255 -20.13 -6.48 -20.07
CA LYS B 255 -20.41 -5.52 -19.02
C LYS B 255 -21.55 -4.56 -19.37
N LYS B 256 -22.30 -4.21 -18.34
CA LYS B 256 -23.45 -3.33 -18.43
C LYS B 256 -23.06 -1.91 -18.79
N PHE B 257 -21.96 -1.45 -18.20
CA PHE B 257 -21.49 -0.08 -18.38
C PHE B 257 -21.16 0.39 -19.79
N ILE B 258 -21.01 1.71 -19.91
CA ILE B 258 -20.59 2.31 -21.18
C ILE B 258 -19.24 2.89 -20.78
N ILE B 259 -18.30 2.94 -21.72
CA ILE B 259 -16.98 3.46 -21.42
C ILE B 259 -16.80 4.88 -21.92
N MET B 260 -16.48 5.80 -21.02
CA MET B 260 -16.27 7.19 -21.41
C MET B 260 -14.80 7.56 -21.21
N HIS B 261 -14.33 8.48 -22.03
CA HIS B 261 -12.95 8.94 -21.95
C HIS B 261 -12.89 10.27 -22.66
N PRO B 262 -12.54 11.34 -21.94
CA PRO B 262 -12.46 12.69 -22.50
C PRO B 262 -11.48 12.84 -23.67
N LEU B 263 -10.61 11.86 -23.86
CA LEU B 263 -9.64 11.89 -24.94
C LEU B 263 -8.61 13.01 -24.78
N PRO B 264 -7.45 12.85 -25.41
CA PRO B 264 -7.06 11.70 -26.23
C PRO B 264 -6.71 10.47 -25.39
N ARG B 265 -7.00 9.29 -25.91
CA ARG B 265 -6.62 8.12 -25.14
C ARG B 265 -5.32 7.62 -25.78
N VAL B 266 -4.44 7.12 -24.94
CA VAL B 266 -3.15 6.62 -25.39
C VAL B 266 -2.95 5.20 -24.91
N ASP B 267 -2.95 5.00 -23.59
CA ASP B 267 -2.75 3.67 -23.02
C ASP B 267 -3.97 3.18 -22.26
N GLU B 268 -4.71 4.11 -21.71
CA GLU B 268 -5.90 3.80 -20.90
C GLU B 268 -6.89 2.74 -21.42
N ILE B 269 -7.07 2.67 -22.73
CA ILE B 269 -8.02 1.73 -23.30
C ILE B 269 -7.47 1.03 -24.54
N ASP B 270 -7.48 -0.30 -24.54
CA ASP B 270 -6.99 -1.05 -25.69
C ASP B 270 -7.79 -0.75 -26.94
N TYR B 271 -7.16 -0.86 -28.11
CA TYR B 271 -7.85 -0.58 -29.35
C TYR B 271 -8.90 -1.63 -29.71
N ASP B 272 -8.74 -2.85 -29.20
CA ASP B 272 -9.70 -3.91 -29.49
C ASP B 272 -10.98 -3.69 -28.71
N VAL B 273 -11.00 -2.69 -27.85
CA VAL B 273 -12.18 -2.37 -27.06
C VAL B 273 -13.07 -1.44 -27.87
N ASP B 274 -12.45 -0.72 -28.81
CA ASP B 274 -13.18 0.25 -29.62
C ASP B 274 -14.48 -0.23 -30.24
N ASP B 275 -14.45 -1.36 -30.95
CA ASP B 275 -15.66 -1.83 -31.60
C ASP B 275 -16.66 -2.56 -30.70
N LEU B 276 -16.40 -2.58 -29.40
CA LEU B 276 -17.33 -3.23 -28.49
C LEU B 276 -18.46 -2.26 -28.24
N PRO B 277 -19.67 -2.77 -28.03
CA PRO B 277 -20.87 -1.97 -27.78
C PRO B 277 -20.78 -0.92 -26.69
N GLN B 278 -20.12 -1.25 -25.58
CA GLN B 278 -20.02 -0.32 -24.47
C GLN B 278 -19.03 0.84 -24.67
N ALA B 279 -18.23 0.76 -25.72
CA ALA B 279 -17.29 1.84 -26.03
C ALA B 279 -18.12 3.01 -26.50
N LYS B 280 -18.05 4.12 -25.79
CA LYS B 280 -18.82 5.29 -26.16
C LYS B 280 -18.01 6.56 -26.18
N TYR B 281 -16.69 6.44 -26.05
CA TYR B 281 -15.87 7.64 -26.01
C TYR B 281 -15.83 8.49 -27.28
N PHE B 282 -16.00 7.86 -28.43
CA PHE B 282 -16.00 8.63 -29.66
C PHE B 282 -17.37 9.27 -29.86
N LYS B 283 -18.41 8.63 -29.33
CA LYS B 283 -19.75 9.17 -29.44
C LYS B 283 -19.77 10.38 -28.52
N GLN B 284 -19.12 10.20 -27.36
CA GLN B 284 -19.01 11.25 -26.36
C GLN B 284 -18.31 12.44 -27.01
N SER B 285 -17.32 12.14 -27.85
CA SER B 285 -16.56 13.16 -28.55
C SER B 285 -17.49 14.00 -29.38
N PHE B 286 -18.36 13.30 -30.12
CA PHE B 286 -19.33 13.95 -30.98
C PHE B 286 -20.28 14.85 -30.20
N TYR B 287 -20.80 14.32 -29.10
CA TYR B 287 -21.73 15.08 -28.25
C TYR B 287 -21.22 16.46 -27.86
N GLY B 288 -19.91 16.64 -27.92
CA GLY B 288 -19.33 17.93 -27.60
C GLY B 288 -19.88 19.01 -28.52
N ILE B 289 -20.09 18.65 -29.79
CA ILE B 289 -20.59 19.61 -30.77
C ILE B 289 -21.98 20.16 -30.46
N PRO B 290 -22.96 19.28 -30.20
CA PRO B 290 -24.32 19.72 -29.90
C PRO B 290 -24.40 20.53 -28.61
N VAL B 291 -23.69 20.09 -27.57
CA VAL B 291 -23.75 20.79 -26.32
C VAL B 291 -23.06 22.13 -26.43
N ARG B 292 -22.01 22.18 -27.25
CA ARG B 292 -21.31 23.43 -27.39
C ARG B 292 -22.15 24.35 -28.24
N MET B 293 -22.93 23.80 -29.16
CA MET B 293 -23.83 24.60 -29.99
C MET B 293 -24.87 25.14 -29.04
N ALA B 294 -25.31 24.27 -28.14
CA ALA B 294 -26.30 24.64 -27.14
C ALA B 294 -25.80 25.81 -26.29
N ILE B 295 -24.57 25.70 -25.79
CA ILE B 295 -23.98 26.74 -24.97
C ILE B 295 -23.77 28.08 -25.68
N LEU B 296 -23.23 28.01 -26.90
CA LEU B 296 -22.99 29.20 -27.70
C LEU B 296 -24.31 29.90 -27.95
N LYS B 297 -25.29 29.14 -28.38
CA LYS B 297 -26.61 29.69 -28.67
C LYS B 297 -27.18 30.38 -27.44
N LYS B 298 -27.30 29.63 -26.34
CA LYS B 298 -27.83 30.17 -25.10
C LYS B 298 -27.12 31.46 -24.67
N LEU B 299 -25.82 31.39 -24.46
CA LEU B 299 -25.05 32.56 -24.05
C LEU B 299 -25.29 33.81 -24.90
N ILE B 300 -25.45 33.62 -26.21
CA ILE B 300 -25.70 34.76 -27.08
C ILE B 300 -27.11 35.27 -26.94
N GLU B 301 -28.09 34.37 -26.86
CA GLU B 301 -29.47 34.78 -26.72
C GLU B 301 -29.68 35.40 -25.34
N ASP B 302 -29.25 34.69 -24.30
CA ASP B 302 -29.40 35.19 -22.94
C ASP B 302 -28.92 36.61 -22.79
N ASN B 303 -27.95 36.99 -23.61
CA ASN B 303 -27.38 38.32 -23.53
C ASN B 303 -27.80 39.20 -24.69
N GLU B 304 -29.10 39.27 -24.94
CA GLU B 304 -29.59 40.10 -26.03
C GLU B 304 -29.29 41.57 -25.76
N MET C 1 -18.14 7.13 -55.96
CA MET C 1 -16.81 7.33 -55.34
C MET C 1 -16.98 7.83 -53.92
N LYS C 2 -16.45 7.09 -52.95
CA LYS C 2 -16.59 7.51 -51.57
C LYS C 2 -15.33 8.09 -50.97
N HIS C 3 -14.21 7.98 -51.69
CA HIS C 3 -12.92 8.53 -51.24
C HIS C 3 -12.07 8.84 -52.47
N LEU C 4 -11.00 9.61 -52.27
CA LEU C 4 -10.08 9.90 -53.36
C LEU C 4 -8.70 9.67 -52.78
N ILE C 5 -8.27 8.42 -52.79
CA ILE C 5 -6.97 8.07 -52.25
C ILE C 5 -5.85 8.05 -53.28
N SER C 6 -6.07 7.36 -54.39
CA SER C 6 -5.06 7.22 -55.43
C SER C 6 -5.58 7.33 -56.86
N MET C 7 -4.75 7.86 -57.76
CA MET C 7 -5.16 8.00 -59.14
C MET C 7 -5.38 6.61 -59.74
N LYS C 8 -4.71 5.63 -59.13
CA LYS C 8 -4.82 4.25 -59.60
C LYS C 8 -6.14 3.59 -59.25
N ASP C 9 -7.04 4.35 -58.64
CA ASP C 9 -8.35 3.82 -58.29
C ASP C 9 -9.38 4.44 -59.24
N ILE C 10 -8.91 5.32 -60.11
CA ILE C 10 -9.76 6.00 -61.06
C ILE C 10 -9.45 5.61 -62.50
N GLY C 11 -10.49 5.54 -63.32
CA GLY C 11 -10.31 5.19 -64.72
C GLY C 11 -10.50 6.39 -65.61
N LYS C 12 -10.09 6.27 -66.87
CA LYS C 12 -10.22 7.38 -67.81
C LYS C 12 -11.65 7.94 -67.81
N GLU C 13 -12.64 7.07 -67.67
CA GLU C 13 -14.01 7.54 -67.68
C GLU C 13 -14.28 8.50 -66.54
N GLU C 14 -14.07 8.03 -65.31
CA GLU C 14 -14.28 8.87 -64.12
C GLU C 14 -13.46 10.16 -64.19
N ILE C 15 -12.24 10.04 -64.71
CA ILE C 15 -11.36 11.19 -64.84
C ILE C 15 -12.05 12.25 -65.66
N LEU C 16 -12.55 11.85 -66.82
CA LEU C 16 -13.23 12.79 -67.69
C LEU C 16 -14.47 13.38 -67.02
N GLU C 17 -15.22 12.53 -66.30
CA GLU C 17 -16.41 12.99 -65.58
C GLU C 17 -16.02 14.15 -64.67
N ILE C 18 -14.93 13.94 -63.94
CA ILE C 18 -14.41 14.94 -63.01
C ILE C 18 -13.95 16.19 -63.77
N LEU C 19 -13.24 16.01 -64.87
CA LEU C 19 -12.78 17.14 -65.64
C LEU C 19 -13.96 17.95 -66.13
N ASP C 20 -15.08 17.28 -66.40
CA ASP C 20 -16.27 17.98 -66.86
C ASP C 20 -16.84 18.81 -65.74
N GLU C 21 -17.06 18.17 -64.60
CA GLU C 21 -17.60 18.84 -63.42
C GLU C 21 -16.72 20.05 -63.14
N ALA C 22 -15.41 19.86 -63.32
CA ALA C 22 -14.46 20.92 -63.08
C ALA C 22 -14.78 22.13 -63.97
N ARG C 23 -15.01 21.88 -65.25
CA ARG C 23 -15.32 22.97 -66.16
C ARG C 23 -16.57 23.73 -65.67
N LYS C 24 -17.56 22.98 -65.22
CA LYS C 24 -18.79 23.59 -64.73
C LYS C 24 -18.42 24.53 -63.60
N MET C 25 -17.64 24.01 -62.67
CA MET C 25 -17.21 24.79 -61.53
C MET C 25 -16.47 26.04 -62.00
N GLU C 26 -15.57 25.88 -62.96
CA GLU C 26 -14.84 27.03 -63.46
C GLU C 26 -15.79 28.10 -63.98
N GLU C 27 -16.79 27.68 -64.75
CA GLU C 27 -17.70 28.68 -65.26
C GLU C 27 -18.52 29.30 -64.15
N LEU C 28 -18.89 28.51 -63.15
CA LEU C 28 -19.64 29.03 -62.01
C LEU C 28 -18.86 30.14 -61.33
N LEU C 29 -17.54 30.02 -61.33
CA LEU C 29 -16.71 31.04 -60.73
C LEU C 29 -16.80 32.32 -61.53
N ASN C 30 -16.82 32.21 -62.85
CA ASN C 30 -16.90 33.40 -63.70
C ASN C 30 -18.23 34.12 -63.50
N THR C 31 -19.21 33.38 -63.01
CA THR C 31 -20.54 33.94 -62.80
C THR C 31 -20.68 34.83 -61.59
N LYS C 32 -19.60 35.52 -61.23
CA LYS C 32 -19.64 36.41 -60.08
C LYS C 32 -21.04 36.51 -59.45
N ARG C 33 -21.25 35.66 -58.46
CA ARG C 33 -22.50 35.56 -57.71
C ARG C 33 -22.32 34.33 -56.83
N PRO C 34 -22.41 34.52 -55.50
CA PRO C 34 -22.29 33.58 -54.39
C PRO C 34 -22.80 32.21 -54.70
N LEU C 35 -21.95 31.20 -54.60
CA LEU C 35 -22.38 29.84 -54.84
C LEU C 35 -22.72 29.24 -53.48
N LYS C 36 -23.70 28.34 -53.43
CA LYS C 36 -24.09 27.72 -52.17
C LYS C 36 -24.25 26.22 -52.28
N LEU C 37 -23.63 25.66 -53.31
CA LEU C 37 -23.71 24.23 -53.54
C LEU C 37 -23.41 23.39 -52.33
N LEU C 38 -22.41 23.81 -51.55
CA LEU C 38 -22.04 23.05 -50.36
C LEU C 38 -22.32 23.85 -49.11
N GLU C 39 -23.34 24.70 -49.17
CA GLU C 39 -23.70 25.55 -48.05
C GLU C 39 -23.53 25.00 -46.63
N GLY C 40 -24.35 24.04 -46.22
CA GLY C 40 -24.23 23.55 -44.86
C GLY C 40 -23.05 22.63 -44.54
N LYS C 41 -22.12 22.48 -45.48
CA LYS C 41 -20.99 21.59 -45.30
C LYS C 41 -19.72 22.16 -44.67
N ILE C 42 -18.97 21.29 -44.00
CA ILE C 42 -17.72 21.64 -43.35
C ILE C 42 -16.59 20.72 -43.81
N LEU C 43 -15.52 21.33 -44.30
CA LEU C 43 -14.34 20.59 -44.74
C LEU C 43 -13.30 20.63 -43.63
N ALA C 44 -12.68 19.49 -43.36
CA ALA C 44 -11.64 19.46 -42.34
C ALA C 44 -10.31 19.24 -43.04
N THR C 45 -9.37 20.13 -42.74
CA THR C 45 -8.02 20.08 -43.26
C THR C 45 -7.13 19.44 -42.21
N VAL C 46 -6.84 18.15 -42.37
CA VAL C 46 -6.00 17.48 -41.41
C VAL C 46 -4.59 17.23 -41.98
N PHE C 47 -3.66 18.12 -41.67
CA PHE C 47 -2.29 18.02 -42.15
C PHE C 47 -1.30 17.70 -41.06
N TYR C 48 -0.56 16.60 -41.21
CA TYR C 48 0.44 16.26 -40.21
C TYR C 48 1.73 16.95 -40.67
N GLU C 49 2.02 16.82 -41.95
CA GLU C 49 3.18 17.49 -42.53
C GLU C 49 2.57 18.72 -43.22
N PRO C 50 2.79 19.92 -42.68
CA PRO C 50 2.26 21.16 -43.23
C PRO C 50 2.48 21.43 -44.72
N SER C 51 1.54 22.17 -45.31
CA SER C 51 1.59 22.57 -46.71
C SER C 51 0.59 23.70 -46.90
N THR C 52 1.04 24.92 -46.63
CA THR C 52 0.18 26.08 -46.77
C THR C 52 -0.47 26.15 -48.16
N ARG C 53 0.28 25.75 -49.20
CA ARG C 53 -0.27 25.78 -50.56
C ARG C 53 -1.49 24.88 -50.74
N THR C 54 -1.34 23.60 -50.45
CA THR C 54 -2.44 22.66 -50.60
C THR C 54 -3.62 23.05 -49.73
N ARG C 55 -3.35 23.46 -48.49
CA ARG C 55 -4.43 23.86 -47.61
C ARG C 55 -5.22 25.02 -48.19
N LEU C 56 -4.53 26.10 -48.55
CA LEU C 56 -5.20 27.25 -49.12
C LEU C 56 -6.01 26.92 -50.36
N SER C 57 -5.48 26.03 -51.21
CA SER C 57 -6.16 25.65 -52.43
C SER C 57 -7.52 25.03 -52.08
N PHE C 58 -7.50 23.98 -51.28
CA PHE C 58 -8.71 23.30 -50.85
C PHE C 58 -9.61 24.19 -50.03
N GLU C 59 -9.02 25.08 -49.23
CA GLU C 59 -9.81 25.98 -48.40
C GLU C 59 -10.59 26.92 -49.29
N THR C 60 -9.90 27.47 -50.29
CA THR C 60 -10.54 28.40 -51.22
C THR C 60 -11.67 27.69 -51.94
N ALA C 61 -11.37 26.54 -52.51
CA ALA C 61 -12.36 25.75 -53.22
C ALA C 61 -13.62 25.50 -52.39
N MET C 62 -13.44 25.04 -51.15
CA MET C 62 -14.56 24.75 -50.27
C MET C 62 -15.40 26.00 -50.00
N LYS C 63 -14.73 27.12 -49.76
CA LYS C 63 -15.43 28.36 -49.49
C LYS C 63 -16.12 28.92 -50.71
N ARG C 64 -15.57 28.65 -51.89
CA ARG C 64 -16.18 29.11 -53.14
C ARG C 64 -17.52 28.41 -53.36
N LEU C 65 -17.64 27.19 -52.84
CA LEU C 65 -18.88 26.45 -52.98
C LEU C 65 -19.80 26.78 -51.83
N GLY C 66 -19.43 27.80 -51.05
CA GLY C 66 -20.25 28.20 -49.93
C GLY C 66 -20.12 27.33 -48.69
N GLY C 67 -19.05 26.54 -48.61
CA GLY C 67 -18.86 25.67 -47.47
C GLY C 67 -17.98 26.29 -46.40
N GLU C 68 -17.91 25.61 -45.26
CA GLU C 68 -17.08 26.07 -44.16
C GLU C 68 -15.89 25.15 -44.01
N VAL C 69 -14.85 25.65 -43.35
CA VAL C 69 -13.65 24.86 -43.19
C VAL C 69 -13.08 24.96 -41.80
N ILE C 70 -12.65 23.83 -41.24
CA ILE C 70 -11.99 23.82 -39.94
C ILE C 70 -10.61 23.23 -40.26
N THR C 71 -9.56 23.89 -39.78
CA THR C 71 -8.22 23.42 -40.03
C THR C 71 -7.53 22.92 -38.79
N MET C 72 -6.69 21.91 -39.00
CA MET C 72 -5.92 21.29 -37.96
C MET C 72 -4.62 20.85 -38.62
N THR C 73 -3.59 21.70 -38.53
CA THR C 73 -2.32 21.38 -39.14
C THR C 73 -1.25 20.99 -38.12
N ASP C 74 -0.26 20.29 -38.67
CA ASP C 74 0.89 19.74 -37.98
C ASP C 74 0.63 19.08 -36.64
N LEU C 75 -0.05 17.95 -36.68
CA LEU C 75 -0.29 17.20 -35.46
C LEU C 75 1.03 16.47 -35.24
N LYS C 76 1.97 16.65 -36.17
CA LYS C 76 3.28 16.01 -36.07
C LYS C 76 3.94 16.40 -34.76
N SER C 77 3.91 17.69 -34.45
CA SER C 77 4.50 18.18 -33.21
C SER C 77 3.67 17.63 -32.05
N SER C 78 4.36 17.12 -31.04
CA SER C 78 3.69 16.56 -29.86
C SER C 78 2.83 17.61 -29.19
N SER C 79 2.71 18.76 -29.85
CA SER C 79 1.92 19.86 -29.32
C SER C 79 0.47 19.76 -29.79
N VAL C 80 0.28 19.54 -31.09
CA VAL C 80 -1.05 19.46 -31.67
C VAL C 80 -1.62 18.03 -31.70
N ALA C 81 -0.81 17.03 -31.36
CA ALA C 81 -1.29 15.63 -31.36
C ALA C 81 -1.49 15.03 -29.97
N LYS C 82 -0.45 15.11 -29.13
CA LYS C 82 -0.48 14.61 -27.76
C LYS C 82 -0.37 13.09 -27.60
N GLY C 83 0.14 12.40 -28.63
CA GLY C 83 0.27 10.95 -28.58
C GLY C 83 -0.94 10.19 -29.08
N GLU C 84 -1.91 10.91 -29.64
CA GLU C 84 -3.14 10.35 -30.16
C GLU C 84 -2.91 9.80 -31.56
N SER C 85 -3.41 8.60 -31.85
CA SER C 85 -3.18 8.02 -33.16
C SER C 85 -4.02 8.61 -34.26
N LEU C 86 -3.52 8.51 -35.49
CA LEU C 86 -4.21 9.02 -36.67
C LEU C 86 -5.64 8.49 -36.69
N ILE C 87 -5.76 7.21 -36.39
CA ILE C 87 -7.05 6.54 -36.34
C ILE C 87 -8.03 7.22 -35.38
N ASP C 88 -7.58 7.58 -34.18
CA ASP C 88 -8.44 8.24 -33.22
C ASP C 88 -8.82 9.65 -33.72
N THR C 89 -7.84 10.38 -34.24
CA THR C 89 -8.09 11.72 -34.77
C THR C 89 -9.09 11.67 -35.92
N ILE C 90 -8.87 10.78 -36.88
CA ILE C 90 -9.78 10.67 -38.02
C ILE C 90 -11.19 10.40 -37.54
N ARG C 91 -11.34 9.54 -36.54
CA ARG C 91 -12.66 9.26 -36.01
C ARG C 91 -13.30 10.49 -35.37
N VAL C 92 -12.52 11.24 -34.60
CA VAL C 92 -13.08 12.43 -33.97
C VAL C 92 -13.45 13.50 -34.99
N ILE C 93 -12.55 13.79 -35.93
CA ILE C 93 -12.78 14.80 -36.96
C ILE C 93 -13.88 14.30 -37.89
N SER C 94 -13.88 13.01 -38.14
CA SER C 94 -14.88 12.39 -39.00
C SER C 94 -16.29 12.68 -38.47
N GLY C 95 -16.40 12.81 -37.15
CA GLY C 95 -17.66 13.10 -36.50
C GLY C 95 -18.01 14.57 -36.51
N TYR C 96 -17.01 15.44 -36.62
CA TYR C 96 -17.22 16.87 -36.65
C TYR C 96 -17.60 17.36 -38.05
N ALA C 97 -16.75 17.05 -39.02
CA ALA C 97 -16.94 17.54 -40.38
C ALA C 97 -17.70 16.61 -41.31
N ASP C 98 -17.84 17.05 -42.55
CA ASP C 98 -18.55 16.32 -43.59
C ASP C 98 -17.59 15.71 -44.62
N ILE C 99 -16.38 16.23 -44.66
CA ILE C 99 -15.39 15.72 -45.58
C ILE C 99 -14.01 16.11 -45.09
N ILE C 100 -13.03 15.23 -45.29
CA ILE C 100 -11.66 15.45 -44.82
C ILE C 100 -10.55 15.37 -45.87
N VAL C 101 -9.64 16.34 -45.86
CA VAL C 101 -8.48 16.33 -46.75
C VAL C 101 -7.29 16.00 -45.85
N LEU C 102 -6.77 14.78 -45.98
CA LEU C 102 -5.67 14.34 -45.16
C LEU C 102 -4.30 14.42 -45.81
N ARG C 103 -3.30 14.65 -44.98
CA ARG C 103 -1.91 14.78 -45.39
C ARG C 103 -1.07 14.10 -44.29
N HIS C 104 -0.65 12.86 -44.54
CA HIS C 104 0.11 12.13 -43.54
C HIS C 104 1.34 11.48 -44.13
N PRO C 105 2.42 11.37 -43.34
CA PRO C 105 3.70 10.77 -43.74
C PRO C 105 3.67 9.28 -44.03
N SER C 106 3.20 8.49 -43.07
CA SER C 106 3.12 7.04 -43.22
C SER C 106 2.46 6.61 -44.52
N GLU C 107 2.82 5.44 -45.02
CA GLU C 107 2.27 4.97 -46.27
C GLU C 107 0.78 4.66 -46.27
N GLY C 108 0.37 3.73 -45.43
CA GLY C 108 -1.06 3.40 -45.40
C GLY C 108 -1.90 4.65 -45.26
N ALA C 109 -1.51 5.48 -44.29
CA ALA C 109 -2.16 6.74 -43.95
C ALA C 109 -3.56 6.96 -44.54
N ALA C 110 -3.60 7.67 -45.65
CA ALA C 110 -4.84 7.99 -46.34
C ALA C 110 -5.78 6.78 -46.39
N ARG C 111 -5.35 5.74 -47.09
CA ARG C 111 -6.14 4.53 -47.23
C ARG C 111 -6.66 4.11 -45.86
N LEU C 112 -5.76 3.94 -44.90
CA LEU C 112 -6.15 3.53 -43.56
C LEU C 112 -7.19 4.49 -42.99
N ALA C 113 -6.89 5.78 -43.05
CA ALA C 113 -7.81 6.79 -42.55
C ALA C 113 -9.20 6.59 -43.13
N SER C 114 -9.28 6.39 -44.43
CA SER C 114 -10.57 6.21 -45.09
C SER C 114 -11.34 5.05 -44.48
N GLU C 115 -10.62 4.05 -43.98
CA GLU C 115 -11.25 2.90 -43.39
C GLU C 115 -11.95 3.26 -42.08
N TYR C 116 -11.41 4.22 -41.34
CA TYR C 116 -12.00 4.60 -40.07
C TYR C 116 -12.85 5.86 -40.13
N SER C 117 -12.84 6.51 -41.29
CA SER C 117 -13.60 7.74 -41.45
C SER C 117 -15.02 7.44 -41.86
N GLN C 118 -15.98 8.08 -41.22
CA GLN C 118 -17.38 7.94 -41.56
C GLN C 118 -17.67 9.06 -42.56
N VAL C 119 -16.62 9.57 -43.19
CA VAL C 119 -16.70 10.70 -44.10
C VAL C 119 -15.67 10.53 -45.23
N PRO C 120 -15.95 11.08 -46.41
CA PRO C 120 -15.00 10.97 -47.54
C PRO C 120 -13.62 11.52 -47.18
N ILE C 121 -12.57 10.88 -47.69
CA ILE C 121 -11.19 11.30 -47.41
C ILE C 121 -10.50 11.66 -48.72
N ILE C 122 -10.00 12.87 -48.83
CA ILE C 122 -9.29 13.26 -50.05
C ILE C 122 -7.83 13.21 -49.67
N ASN C 123 -7.07 12.42 -50.39
CA ASN C 123 -5.66 12.30 -50.10
C ASN C 123 -4.81 13.43 -50.71
N ALA C 124 -4.19 14.23 -49.85
CA ALA C 124 -3.34 15.32 -50.32
C ALA C 124 -1.94 14.76 -50.35
N GLY C 125 -1.86 13.48 -50.66
CA GLY C 125 -0.59 12.83 -50.78
C GLY C 125 0.17 12.54 -49.51
N ASP C 126 0.68 11.31 -49.47
CA ASP C 126 1.48 10.81 -48.37
C ASP C 126 2.83 11.46 -48.67
N GLY C 127 2.80 12.40 -49.60
CA GLY C 127 3.98 13.13 -50.01
C GLY C 127 5.02 12.27 -50.69
N SER C 128 4.68 11.01 -50.99
CA SER C 128 5.66 10.12 -51.63
C SER C 128 5.04 8.89 -52.31
N ASN C 129 3.78 9.00 -52.74
CA ASN C 129 3.14 7.87 -53.38
C ASN C 129 1.88 8.20 -54.19
N GLN C 130 1.25 9.34 -53.89
CA GLN C 130 0.06 9.69 -54.64
C GLN C 130 -0.68 10.95 -54.18
N HIS C 131 -0.76 11.93 -55.09
CA HIS C 131 -1.49 13.17 -54.86
C HIS C 131 -2.46 13.28 -56.03
N PRO C 132 -3.62 12.62 -55.91
CA PRO C 132 -4.66 12.61 -56.95
C PRO C 132 -5.07 13.99 -57.41
N THR C 133 -5.60 14.76 -56.48
CA THR C 133 -6.08 16.09 -56.75
C THR C 133 -5.10 16.90 -57.63
N GLN C 134 -3.79 16.70 -57.46
CA GLN C 134 -2.80 17.45 -58.25
C GLN C 134 -2.77 16.95 -59.70
N THR C 135 -2.70 15.62 -59.85
CA THR C 135 -2.70 15.00 -61.17
C THR C 135 -3.95 15.40 -61.93
N LEU C 136 -5.10 15.34 -61.25
CA LEU C 136 -6.38 15.71 -61.86
C LEU C 136 -6.38 17.14 -62.36
N LEU C 137 -5.83 18.06 -61.58
CA LEU C 137 -5.79 19.45 -62.04
C LEU C 137 -4.78 19.60 -63.18
N ASP C 138 -3.76 18.73 -63.20
CA ASP C 138 -2.79 18.79 -64.28
C ASP C 138 -3.51 18.38 -65.56
N LEU C 139 -4.23 17.26 -65.50
CA LEU C 139 -5.00 16.76 -66.65
C LEU C 139 -5.96 17.83 -67.14
N TYR C 140 -6.61 18.50 -66.19
CA TYR C 140 -7.56 19.55 -66.52
C TYR C 140 -6.85 20.67 -67.27
N THR C 141 -5.64 20.99 -66.86
CA THR C 141 -4.90 22.06 -67.51
C THR C 141 -4.62 21.70 -68.96
N ILE C 142 -4.19 20.46 -69.21
CA ILE C 142 -3.91 20.02 -70.57
C ILE C 142 -5.21 20.03 -71.37
N MET C 143 -6.24 19.42 -70.78
CA MET C 143 -7.54 19.35 -71.42
C MET C 143 -8.08 20.75 -71.79
N ARG C 144 -7.92 21.67 -70.87
CA ARG C 144 -8.40 23.02 -71.05
C ARG C 144 -7.53 23.85 -71.99
N GLU C 145 -6.21 23.80 -71.84
CA GLU C 145 -5.30 24.57 -72.69
C GLU C 145 -4.99 23.95 -74.05
N ILE C 146 -4.81 22.64 -74.10
CA ILE C 146 -4.49 21.97 -75.35
C ILE C 146 -5.75 21.57 -76.10
N GLY C 147 -6.86 21.49 -75.38
CA GLY C 147 -8.11 21.14 -76.02
C GLY C 147 -8.38 19.65 -76.06
N ARG C 148 -7.42 18.86 -75.63
CA ARG C 148 -7.61 17.42 -75.61
C ARG C 148 -6.46 16.78 -74.85
N ILE C 149 -6.67 15.55 -74.40
CA ILE C 149 -5.62 14.84 -73.69
C ILE C 149 -5.09 13.76 -74.61
N ASP C 150 -6.01 13.07 -75.28
CA ASP C 150 -5.64 12.01 -76.21
C ASP C 150 -4.73 12.52 -77.31
N GLY C 151 -3.79 11.66 -77.70
CA GLY C 151 -2.84 12.01 -78.76
C GLY C 151 -2.17 13.37 -78.63
N ILE C 152 -1.35 13.53 -77.60
CA ILE C 152 -0.63 14.76 -77.41
C ILE C 152 0.80 14.35 -77.15
N LYS C 153 1.72 15.29 -77.31
CA LYS C 153 3.12 15.02 -77.07
C LYS C 153 3.53 15.86 -75.89
N ILE C 154 3.82 15.18 -74.78
CA ILE C 154 4.19 15.84 -73.54
C ILE C 154 5.62 15.49 -73.17
N ALA C 155 6.36 16.49 -72.67
CA ALA C 155 7.74 16.28 -72.26
C ALA C 155 7.96 16.71 -70.81
N PHE C 156 8.49 15.80 -70.01
CA PHE C 156 8.77 16.08 -68.61
C PHE C 156 10.25 16.43 -68.41
N VAL C 157 10.53 17.52 -67.71
CA VAL C 157 11.91 17.93 -67.48
C VAL C 157 12.18 18.04 -66.00
N GLY C 158 13.29 17.45 -65.56
CA GLY C 158 13.65 17.52 -64.15
C GLY C 158 13.83 16.17 -63.48
N ASP C 159 13.86 16.16 -62.14
CA ASP C 159 14.02 14.93 -61.37
C ASP C 159 12.83 14.03 -61.68
N LEU C 160 13.06 13.07 -62.56
CA LEU C 160 12.01 12.14 -62.96
C LEU C 160 12.07 10.84 -62.17
N LYS C 161 13.15 10.67 -61.43
CA LYS C 161 13.33 9.47 -60.63
C LYS C 161 12.54 9.56 -59.33
N TYR C 162 12.46 10.77 -58.80
CA TYR C 162 11.75 11.00 -57.54
C TYR C 162 10.52 11.90 -57.66
N GLY C 163 10.29 12.43 -58.85
CA GLY C 163 9.14 13.31 -59.07
C GLY C 163 7.81 12.58 -58.96
N ARG C 164 7.26 12.55 -57.75
CA ARG C 164 5.99 11.87 -57.48
C ARG C 164 4.84 12.37 -58.34
N THR C 165 4.66 13.68 -58.40
CA THR C 165 3.58 14.24 -59.19
C THR C 165 3.77 13.85 -60.65
N VAL C 166 5.02 13.73 -61.07
CA VAL C 166 5.32 13.35 -62.45
C VAL C 166 4.89 11.90 -62.67
N HIS C 167 5.26 11.03 -61.75
CA HIS C 167 4.90 9.61 -61.85
C HIS C 167 3.38 9.47 -61.92
N SER C 168 2.68 10.15 -61.02
CA SER C 168 1.22 10.09 -60.96
C SER C 168 0.61 10.54 -62.27
N LEU C 169 1.13 11.63 -62.84
CA LEU C 169 0.62 12.15 -64.10
C LEU C 169 0.94 11.22 -65.24
N VAL C 170 2.14 10.66 -65.24
CA VAL C 170 2.54 9.74 -66.30
C VAL C 170 1.60 8.53 -66.31
N TYR C 171 1.20 8.07 -65.14
CA TYR C 171 0.29 6.94 -65.04
C TYR C 171 -1.08 7.33 -65.59
N ALA C 172 -1.62 8.45 -65.12
CA ALA C 172 -2.93 8.89 -65.58
C ALA C 172 -2.94 9.02 -67.10
N LEU C 173 -1.92 9.68 -67.63
CA LEU C 173 -1.84 9.89 -69.05
C LEU C 173 -1.77 8.57 -69.81
N SER C 174 -1.15 7.57 -69.20
CA SER C 174 -1.03 6.29 -69.86
C SER C 174 -2.39 5.62 -70.05
N LEU C 175 -3.45 6.22 -69.51
CA LEU C 175 -4.78 5.65 -69.66
C LEU C 175 -5.44 6.23 -70.89
N PHE C 176 -4.83 7.27 -71.46
CA PHE C 176 -5.40 7.89 -72.64
C PHE C 176 -4.76 7.35 -73.91
N GLU C 177 -5.46 7.54 -75.02
CA GLU C 177 -5.03 7.07 -76.33
C GLU C 177 -3.90 7.87 -76.95
N ASN C 178 -2.92 7.13 -77.46
CA ASN C 178 -1.76 7.69 -78.14
C ASN C 178 -1.09 8.93 -77.56
N VAL C 179 -0.67 8.85 -76.31
CA VAL C 179 0.01 9.97 -75.69
C VAL C 179 1.50 9.71 -75.84
N GLU C 180 2.20 10.63 -76.52
CA GLU C 180 3.64 10.49 -76.73
C GLU C 180 4.39 11.22 -75.60
N MET C 181 5.18 10.47 -74.84
CA MET C 181 5.90 11.03 -73.72
C MET C 181 7.41 11.16 -73.90
N TYR C 182 7.96 12.27 -73.43
CA TYR C 182 9.39 12.52 -73.50
C TYR C 182 9.89 12.78 -72.09
N PHE C 183 10.95 12.07 -71.70
CA PHE C 183 11.52 12.20 -70.36
C PHE C 183 12.92 12.82 -70.33
N VAL C 184 12.96 14.15 -70.35
CA VAL C 184 14.22 14.88 -70.33
C VAL C 184 14.74 14.99 -68.89
N SER C 185 15.94 14.45 -68.65
CA SER C 185 16.49 14.49 -67.30
C SER C 185 17.95 14.10 -67.22
N PRO C 186 18.60 14.40 -66.09
CA PRO C 186 20.00 14.06 -65.90
C PRO C 186 20.06 12.53 -65.89
N LYS C 187 21.20 11.98 -66.31
CA LYS C 187 21.37 10.53 -66.38
C LYS C 187 21.04 9.85 -65.04
N GLU C 188 21.22 10.58 -63.95
CA GLU C 188 20.97 10.05 -62.62
C GLU C 188 19.49 10.04 -62.21
N LEU C 189 18.76 11.07 -62.57
CA LEU C 189 17.35 11.17 -62.21
C LEU C 189 16.39 10.71 -63.30
N ARG C 190 16.70 9.58 -63.92
CA ARG C 190 15.84 9.04 -64.97
C ARG C 190 14.57 8.44 -64.39
N LEU C 191 13.54 8.33 -65.22
CA LEU C 191 12.27 7.76 -64.82
C LEU C 191 12.46 6.32 -64.32
N PRO C 192 11.92 5.99 -63.14
CA PRO C 192 12.02 4.66 -62.54
C PRO C 192 11.85 3.53 -63.53
N LYS C 193 12.66 2.49 -63.37
CA LYS C 193 12.63 1.34 -64.26
C LYS C 193 11.25 0.69 -64.33
N ASP C 194 10.69 0.36 -63.17
CA ASP C 194 9.37 -0.26 -63.12
C ASP C 194 8.29 0.59 -63.79
N ILE C 195 8.44 1.91 -63.78
CA ILE C 195 7.45 2.76 -64.43
C ILE C 195 7.57 2.60 -65.94
N ILE C 196 8.79 2.61 -66.43
CA ILE C 196 9.02 2.45 -67.86
C ILE C 196 8.42 1.11 -68.31
N GLU C 197 8.51 0.11 -67.45
CA GLU C 197 7.97 -1.21 -67.75
C GLU C 197 6.47 -1.09 -67.98
N ASP C 198 5.78 -0.38 -67.08
CA ASP C 198 4.34 -0.21 -67.20
C ASP C 198 3.99 0.51 -68.50
N LEU C 199 4.84 1.46 -68.88
CA LEU C 199 4.61 2.20 -70.12
C LEU C 199 4.73 1.24 -71.29
N LYS C 200 5.74 0.37 -71.24
CA LYS C 200 5.97 -0.61 -72.31
C LYS C 200 4.76 -1.54 -72.38
N ALA C 201 4.37 -2.04 -71.21
CA ALA C 201 3.24 -2.94 -71.11
C ALA C 201 1.96 -2.33 -71.69
N LYS C 202 1.87 -1.00 -71.71
CA LYS C 202 0.69 -0.33 -72.26
C LYS C 202 0.96 0.19 -73.67
N ASN C 203 2.04 -0.30 -74.27
CA ASN C 203 2.42 0.11 -75.62
C ASN C 203 2.30 1.62 -75.76
N ILE C 204 3.19 2.32 -75.08
CA ILE C 204 3.19 3.77 -75.11
C ILE C 204 4.49 4.31 -75.68
N LYS C 205 4.38 5.04 -76.78
CA LYS C 205 5.56 5.61 -77.41
C LYS C 205 6.18 6.65 -76.48
N PHE C 206 7.39 6.36 -76.01
CA PHE C 206 8.07 7.27 -75.12
C PHE C 206 9.57 7.30 -75.39
N TYR C 207 10.21 8.42 -75.10
CA TYR C 207 11.64 8.56 -75.32
C TYR C 207 12.29 9.21 -74.11
N GLU C 208 13.48 8.73 -73.76
CA GLU C 208 14.20 9.29 -72.64
C GLU C 208 15.29 10.17 -73.26
N LYS C 209 15.26 11.47 -72.99
CA LYS C 209 16.25 12.39 -73.54
C LYS C 209 17.11 12.99 -72.43
N GLU C 210 18.33 13.35 -72.77
CA GLU C 210 19.26 13.91 -71.80
C GLU C 210 19.39 15.41 -71.93
N SER C 211 18.84 15.97 -73.00
CA SER C 211 18.91 17.41 -73.20
C SER C 211 17.58 17.99 -73.68
N LEU C 212 17.35 19.26 -73.37
CA LEU C 212 16.13 19.93 -73.78
C LEU C 212 16.15 20.17 -75.27
N ASP C 213 17.35 20.20 -75.85
CA ASP C 213 17.45 20.44 -77.28
C ASP C 213 17.08 19.20 -78.06
N ASP C 214 16.92 18.08 -77.35
CA ASP C 214 16.53 16.81 -77.95
C ASP C 214 15.05 16.83 -78.31
N LEU C 215 14.41 17.95 -78.04
CA LEU C 215 12.98 18.06 -78.32
C LEU C 215 12.75 18.89 -79.56
N ASP C 216 11.87 18.41 -80.42
CA ASP C 216 11.52 19.14 -81.63
C ASP C 216 10.22 19.88 -81.29
N ASP C 217 9.92 20.94 -82.03
CA ASP C 217 8.73 21.75 -81.79
C ASP C 217 7.35 21.09 -82.04
N ASP C 218 7.30 19.77 -82.07
CA ASP C 218 6.03 19.06 -82.28
C ASP C 218 5.46 18.64 -80.93
N ILE C 219 5.82 19.39 -79.90
CA ILE C 219 5.40 19.13 -78.52
C ILE C 219 4.26 20.04 -78.10
N ASP C 220 3.32 19.47 -77.36
CA ASP C 220 2.18 20.25 -76.90
C ASP C 220 2.34 20.76 -75.48
N VAL C 221 2.89 19.91 -74.61
CA VAL C 221 3.06 20.27 -73.21
C VAL C 221 4.45 19.96 -72.65
N LEU C 222 5.02 20.95 -71.95
CA LEU C 222 6.32 20.83 -71.30
C LEU C 222 6.08 20.92 -69.79
N TYR C 223 6.04 19.78 -69.12
CA TYR C 223 5.81 19.72 -67.69
C TYR C 223 7.13 19.81 -66.94
N VAL C 224 7.37 20.95 -66.30
CA VAL C 224 8.62 21.17 -65.56
C VAL C 224 8.50 20.83 -64.09
N THR C 225 9.39 19.96 -63.61
CA THR C 225 9.40 19.53 -62.22
C THR C 225 10.70 20.01 -61.59
N ARG C 226 10.69 20.21 -60.28
CA ARG C 226 11.86 20.70 -59.55
C ARG C 226 12.97 19.67 -59.45
N ILE C 227 14.19 20.14 -59.16
CA ILE C 227 15.35 19.25 -58.96
C ILE C 227 16.03 19.79 -57.73
N GLN C 228 15.68 19.27 -56.56
CA GLN C 228 16.24 19.75 -55.30
C GLN C 228 17.71 19.40 -55.05
N LYS C 229 18.37 20.22 -54.25
CA LYS C 229 19.80 20.06 -53.91
C LYS C 229 20.20 18.66 -53.42
N GLU C 230 19.34 18.07 -52.59
CA GLU C 230 19.58 16.78 -51.97
C GLU C 230 19.98 15.69 -52.95
N ARG C 231 19.82 15.96 -54.24
CA ARG C 231 20.19 15.00 -55.26
C ARG C 231 21.63 15.18 -55.71
N PHE C 232 22.14 16.40 -55.52
CA PHE C 232 23.52 16.73 -55.89
C PHE C 232 24.14 17.52 -54.76
N PRO C 233 24.59 16.84 -53.70
CA PRO C 233 25.20 17.51 -52.55
C PRO C 233 26.32 18.45 -52.97
N ASP C 234 27.07 18.06 -54.00
CA ASP C 234 28.15 18.89 -54.50
C ASP C 234 27.59 20.10 -55.24
N PRO C 235 27.80 21.31 -54.70
CA PRO C 235 27.29 22.53 -55.35
C PRO C 235 27.66 22.58 -56.84
N ASN C 236 28.93 22.34 -57.13
CA ASN C 236 29.42 22.34 -58.50
C ASN C 236 28.48 21.52 -59.38
N GLU C 237 28.26 20.27 -58.97
CA GLU C 237 27.38 19.34 -59.69
C GLU C 237 26.01 19.96 -59.90
N TYR C 238 25.38 20.32 -58.78
CA TYR C 238 24.06 20.91 -58.78
C TYR C 238 23.96 22.12 -59.71
N GLU C 239 24.90 23.05 -59.57
CA GLU C 239 24.90 24.24 -60.41
C GLU C 239 24.84 23.73 -61.83
N LYS C 240 25.74 22.81 -62.15
CA LYS C 240 25.83 22.19 -63.47
C LYS C 240 24.46 21.77 -64.01
N VAL C 241 23.78 20.96 -63.21
CA VAL C 241 22.46 20.45 -63.55
C VAL C 241 21.39 21.54 -63.69
N LYS C 242 21.38 22.51 -62.78
CA LYS C 242 20.40 23.58 -62.84
C LYS C 242 20.46 24.28 -64.17
N GLY C 243 21.65 24.69 -64.58
CA GLY C 243 21.80 25.37 -65.85
C GLY C 243 21.38 24.54 -67.03
N SER C 244 21.71 23.25 -66.99
CA SER C 244 21.39 22.33 -68.07
C SER C 244 19.90 22.13 -68.36
N TYR C 245 19.07 22.19 -67.33
CA TYR C 245 17.64 21.99 -67.53
C TYR C 245 16.76 23.20 -67.26
N LYS C 246 17.39 24.33 -66.97
CA LYS C 246 16.61 25.52 -66.70
C LYS C 246 15.90 25.96 -67.97
N ILE C 247 14.61 26.23 -67.85
CA ILE C 247 13.84 26.67 -69.00
C ILE C 247 14.09 28.17 -69.17
N LYS C 248 14.79 28.57 -70.23
CA LYS C 248 15.09 29.97 -70.44
C LYS C 248 14.22 30.57 -71.53
N ARG C 249 14.30 31.90 -71.69
CA ARG C 249 13.54 32.64 -72.69
C ARG C 249 13.86 32.14 -74.10
N GLU C 250 15.10 32.39 -74.51
CA GLU C 250 15.64 32.01 -75.81
C GLU C 250 15.17 30.64 -76.28
N TYR C 251 14.78 29.80 -75.34
CA TYR C 251 14.34 28.45 -75.64
C TYR C 251 12.84 28.34 -75.85
N VAL C 252 12.10 29.13 -75.06
CA VAL C 252 10.65 29.11 -75.11
C VAL C 252 10.04 29.83 -76.30
N GLU C 253 10.41 31.09 -76.51
CA GLU C 253 9.86 31.89 -77.61
C GLU C 253 9.49 31.08 -78.85
N GLY C 254 8.31 31.35 -79.40
CA GLY C 254 7.88 30.66 -80.60
C GLY C 254 7.57 29.16 -80.53
N LYS C 255 7.91 28.49 -79.43
CA LYS C 255 7.60 27.06 -79.29
C LYS C 255 6.08 26.84 -79.19
N LYS C 256 5.63 25.70 -79.72
CA LYS C 256 4.22 25.30 -79.77
C LYS C 256 3.66 24.85 -78.43
N PHE C 257 4.53 24.36 -77.58
CA PHE C 257 4.12 23.86 -76.29
C PHE C 257 3.65 24.93 -75.29
N ILE C 258 3.04 24.45 -74.20
CA ILE C 258 2.61 25.31 -73.11
C ILE C 258 3.51 24.80 -71.99
N ILE C 259 3.87 25.66 -71.06
CA ILE C 259 4.73 25.25 -69.96
C ILE C 259 3.94 25.03 -68.68
N MET C 260 4.04 23.84 -68.10
CA MET C 260 3.35 23.56 -66.86
C MET C 260 4.36 23.32 -65.76
N HIS C 261 3.97 23.62 -64.53
CA HIS C 261 4.84 23.46 -63.36
C HIS C 261 3.93 23.47 -62.15
N PRO C 262 3.90 22.37 -61.40
CA PRO C 262 3.06 22.25 -60.20
C PRO C 262 3.33 23.29 -59.11
N LEU C 263 4.45 23.99 -59.22
CA LEU C 263 4.80 25.00 -58.24
C LEU C 263 5.10 24.39 -56.88
N PRO C 264 5.90 25.08 -56.05
CA PRO C 264 6.47 26.38 -56.36
C PRO C 264 7.68 26.25 -57.26
N ARG C 265 7.90 27.22 -58.14
CA ARG C 265 9.08 27.16 -58.98
C ARG C 265 10.12 28.05 -58.34
N VAL C 266 11.37 27.60 -58.41
CA VAL C 266 12.46 28.33 -57.82
C VAL C 266 13.54 28.59 -58.86
N ASP C 267 14.11 27.53 -59.42
CA ASP C 267 15.15 27.67 -60.43
C ASP C 267 14.72 27.14 -61.79
N GLU C 268 13.85 26.14 -61.77
CA GLU C 268 13.35 25.48 -62.97
C GLU C 268 12.97 26.35 -64.17
N ILE C 269 12.43 27.54 -63.92
CA ILE C 269 11.99 28.41 -64.99
C ILE C 269 12.36 29.86 -64.75
N ASP C 270 13.01 30.49 -65.73
CA ASP C 270 13.39 31.89 -65.58
C ASP C 270 12.19 32.80 -65.45
N TYR C 271 12.36 33.93 -64.76
CA TYR C 271 11.24 34.84 -64.58
C TYR C 271 10.84 35.55 -65.86
N ASP C 272 11.77 35.68 -66.80
CA ASP C 272 11.48 36.35 -68.06
C ASP C 272 10.62 35.47 -68.97
N VAL C 273 10.40 34.23 -68.55
CA VAL C 273 9.58 33.30 -69.31
C VAL C 273 8.11 33.51 -68.92
N ASP C 274 7.90 34.05 -67.73
CA ASP C 274 6.56 34.29 -67.22
C ASP C 274 5.59 34.96 -68.17
N ASP C 275 5.96 36.13 -68.73
CA ASP C 275 5.02 36.80 -69.63
C ASP C 275 4.96 36.28 -71.05
N LEU C 276 5.60 35.15 -71.31
CA LEU C 276 5.53 34.56 -72.65
C LEU C 276 4.21 33.80 -72.75
N PRO C 277 3.62 33.78 -73.95
CA PRO C 277 2.35 33.09 -74.20
C PRO C 277 2.27 31.64 -73.74
N GLN C 278 3.33 30.88 -73.95
CA GLN C 278 3.29 29.47 -73.56
C GLN C 278 3.38 29.20 -72.07
N ALA C 279 3.68 30.23 -71.27
CA ALA C 279 3.75 30.07 -69.83
C ALA C 279 2.33 29.88 -69.33
N LYS C 280 2.05 28.73 -68.74
CA LYS C 280 0.72 28.43 -68.25
C LYS C 280 0.70 27.94 -66.82
N TYR C 281 1.84 27.99 -66.13
CA TYR C 281 1.89 27.48 -64.76
C TYR C 281 1.04 28.20 -63.73
N PHE C 282 0.83 29.50 -63.90
CA PHE C 282 0.00 30.23 -62.96
C PHE C 282 -1.47 29.98 -63.26
N LYS C 283 -1.79 29.72 -64.52
CA LYS C 283 -3.16 29.43 -64.92
C LYS C 283 -3.45 28.05 -64.35
N GLN C 284 -2.45 27.19 -64.44
CA GLN C 284 -2.55 25.84 -63.94
C GLN C 284 -2.84 25.93 -62.44
N SER C 285 -2.19 26.89 -61.79
CA SER C 285 -2.36 27.12 -60.35
C SER C 285 -3.83 27.37 -60.02
N PHE C 286 -4.42 28.25 -60.82
CA PHE C 286 -5.81 28.63 -60.69
C PHE C 286 -6.74 27.44 -60.89
N TYR C 287 -6.47 26.65 -61.93
CA TYR C 287 -7.29 25.49 -62.23
C TYR C 287 -7.47 24.54 -61.04
N GLY C 288 -6.54 24.61 -60.09
CA GLY C 288 -6.67 23.78 -58.92
C GLY C 288 -7.95 24.06 -58.16
N ILE C 289 -8.39 25.33 -58.17
CA ILE C 289 -9.60 25.71 -57.46
C ILE C 289 -10.85 25.04 -58.03
N PRO C 290 -11.08 25.17 -59.35
CA PRO C 290 -12.25 24.55 -59.96
C PRO C 290 -12.29 23.04 -59.82
N VAL C 291 -11.15 22.38 -60.02
CA VAL C 291 -11.13 20.92 -59.92
C VAL C 291 -11.29 20.47 -58.49
N ARG C 292 -10.80 21.27 -57.55
CA ARG C 292 -10.93 20.89 -56.16
C ARG C 292 -12.39 21.12 -55.74
N MET C 293 -13.02 22.15 -56.32
CA MET C 293 -14.42 22.42 -56.03
C MET C 293 -15.17 21.22 -56.56
N ALA C 294 -14.77 20.77 -57.75
CA ALA C 294 -15.38 19.63 -58.40
C ALA C 294 -15.29 18.39 -57.52
N ILE C 295 -14.09 18.14 -57.01
CA ILE C 295 -13.86 16.98 -56.17
C ILE C 295 -14.62 17.02 -54.86
N LEU C 296 -14.60 18.18 -54.19
CA LEU C 296 -15.29 18.34 -52.92
C LEU C 296 -16.78 18.10 -53.13
N LYS C 297 -17.32 18.74 -54.16
CA LYS C 297 -18.74 18.63 -54.48
C LYS C 297 -19.10 17.18 -54.71
N LYS C 298 -18.42 16.56 -55.67
CA LYS C 298 -18.66 15.16 -56.00
C LYS C 298 -18.61 14.28 -54.75
N LEU C 299 -17.48 14.25 -54.07
CA LEU C 299 -17.35 13.41 -52.89
C LEU C 299 -18.47 13.57 -51.87
N ILE C 300 -18.95 14.79 -51.69
CA ILE C 300 -20.02 15.01 -50.73
C ILE C 300 -21.35 14.50 -51.27
N GLU C 301 -21.65 14.78 -52.53
CA GLU C 301 -22.88 14.32 -53.14
C GLU C 301 -22.88 12.79 -53.24
N ASP C 302 -21.82 12.23 -53.80
CA ASP C 302 -21.71 10.79 -53.93
C ASP C 302 -22.02 10.06 -52.63
N ASN C 303 -21.82 10.75 -51.50
CA ASN C 303 -22.03 10.16 -50.16
C ASN C 303 -23.09 10.89 -49.30
N GLU C 304 -24.14 11.40 -49.95
CA GLU C 304 -25.24 12.14 -49.30
C GLU C 304 -26.17 11.24 -48.50
N GLY C 305 -25.83 10.99 -47.24
CA GLY C 305 -26.67 10.14 -46.41
C GLY C 305 -26.99 8.82 -47.09
N GLU C 306 -25.99 8.24 -47.73
CA GLU C 306 -26.13 6.98 -48.44
C GLU C 306 -27.03 5.97 -47.74
N MET D 1 28.71 11.28 1.94
CA MET D 1 27.58 11.76 1.10
C MET D 1 27.74 11.27 -0.33
N LYS D 2 26.78 10.50 -0.83
CA LYS D 2 26.89 9.99 -2.19
C LYS D 2 26.00 10.71 -3.21
N HIS D 3 25.11 11.56 -2.72
CA HIS D 3 24.21 12.33 -3.57
C HIS D 3 23.80 13.60 -2.84
N LEU D 4 23.28 14.57 -3.57
CA LEU D 4 22.81 15.80 -2.95
C LEU D 4 21.42 16.01 -3.55
N ILE D 5 20.43 15.41 -2.91
CA ILE D 5 19.07 15.48 -3.42
C ILE D 5 18.23 16.52 -2.74
N SER D 6 18.30 16.55 -1.41
CA SER D 6 17.50 17.50 -0.64
C SER D 6 18.20 18.07 0.58
N MET D 7 17.90 19.32 0.92
CA MET D 7 18.50 19.96 2.08
C MET D 7 18.08 19.20 3.32
N LYS D 8 16.93 18.55 3.24
CA LYS D 8 16.43 17.80 4.37
C LYS D 8 17.20 16.52 4.65
N ASP D 9 18.25 16.28 3.88
CA ASP D 9 19.07 15.09 4.06
C ASP D 9 20.38 15.50 4.70
N ILE D 10 20.54 16.81 4.89
CA ILE D 10 21.76 17.36 5.46
C ILE D 10 21.51 18.01 6.81
N GLY D 11 22.48 17.87 7.71
CA GLY D 11 22.36 18.47 9.02
C GLY D 11 23.27 19.69 9.16
N LYS D 12 23.05 20.48 10.21
CA LYS D 12 23.85 21.67 10.44
C LYS D 12 25.34 21.36 10.36
N GLU D 13 25.74 20.20 10.87
CA GLU D 13 27.16 19.85 10.85
C GLU D 13 27.69 19.77 9.43
N GLU D 14 27.09 18.91 8.61
CA GLU D 14 27.51 18.74 7.22
C GLU D 14 27.43 20.05 6.45
N ILE D 15 26.42 20.85 6.77
CA ILE D 15 26.26 22.14 6.12
C ILE D 15 27.51 22.99 6.35
N LEU D 16 27.93 23.09 7.60
CA LEU D 16 29.10 23.86 7.93
C LEU D 16 30.33 23.29 7.27
N GLU D 17 30.45 21.97 7.25
CA GLU D 17 31.58 21.32 6.58
C GLU D 17 31.66 21.81 5.15
N ILE D 18 30.51 21.83 4.49
CA ILE D 18 30.41 22.27 3.10
C ILE D 18 30.78 23.74 2.98
N LEU D 19 30.23 24.56 3.87
CA LEU D 19 30.53 25.98 3.84
C LEU D 19 32.03 26.21 4.01
N ASP D 20 32.70 25.35 4.79
CA ASP D 20 34.14 25.48 5.00
C ASP D 20 34.86 25.18 3.70
N GLU D 21 34.57 24.01 3.12
CA GLU D 21 35.15 23.60 1.86
C GLU D 21 34.94 24.73 0.82
N ALA D 22 33.76 25.33 0.85
CA ALA D 22 33.43 26.40 -0.06
C ALA D 22 34.42 27.53 0.10
N ARG D 23 34.68 27.92 1.35
CA ARG D 23 35.62 28.98 1.63
C ARG D 23 37.00 28.66 1.04
N LYS D 24 37.44 27.41 1.19
CA LYS D 24 38.72 26.99 0.64
C LYS D 24 38.71 27.20 -0.87
N MET D 25 37.63 26.76 -1.50
CA MET D 25 37.50 26.87 -2.94
C MET D 25 37.57 28.35 -3.32
N GLU D 26 36.85 29.20 -2.57
CA GLU D 26 36.87 30.62 -2.88
C GLU D 26 38.29 31.17 -2.90
N GLU D 27 39.06 30.77 -1.89
CA GLU D 27 40.43 31.22 -1.76
C GLU D 27 41.23 30.73 -2.92
N LEU D 28 41.04 29.46 -3.27
CA LEU D 28 41.75 28.86 -4.39
C LEU D 28 41.51 29.65 -5.67
N LEU D 29 40.31 30.20 -5.80
CA LEU D 29 39.99 30.99 -6.97
C LEU D 29 40.86 32.25 -6.97
N ASN D 30 41.02 32.87 -5.81
CA ASN D 30 41.84 34.07 -5.69
C ASN D 30 43.31 33.77 -6.00
N THR D 31 43.72 32.52 -5.87
CA THR D 31 45.09 32.18 -6.20
C THR D 31 45.19 32.27 -7.71
N LYS D 32 44.07 32.58 -8.36
CA LYS D 32 43.98 32.66 -9.82
C LYS D 32 44.80 31.57 -10.54
N ARG D 33 45.13 30.50 -9.80
CA ARG D 33 45.94 29.43 -10.35
C ARG D 33 45.20 28.30 -11.03
N PRO D 34 45.70 27.81 -12.20
CA PRO D 34 44.94 26.70 -12.78
C PRO D 34 44.80 25.63 -11.72
N LEU D 35 43.57 25.27 -11.37
CA LEU D 35 43.37 24.24 -10.36
C LEU D 35 43.15 22.96 -11.15
N LYS D 36 43.53 21.83 -10.56
CA LYS D 36 43.36 20.54 -11.24
C LYS D 36 42.78 19.47 -10.33
N LEU D 37 42.15 19.92 -9.24
CA LEU D 37 41.55 19.03 -8.28
C LEU D 37 40.68 17.95 -8.91
N LEU D 38 39.89 18.31 -9.92
CA LEU D 38 39.02 17.34 -10.59
C LEU D 38 39.46 17.11 -12.02
N GLU D 39 40.76 17.20 -12.26
CA GLU D 39 41.34 17.05 -13.58
C GLU D 39 40.73 15.99 -14.51
N GLY D 40 40.88 14.72 -14.19
CA GLY D 40 40.32 13.74 -15.08
C GLY D 40 38.81 13.48 -15.04
N LYS D 41 38.07 14.32 -14.33
CA LYS D 41 36.63 14.12 -14.18
C LYS D 41 35.74 14.79 -15.21
N ILE D 42 34.55 14.23 -15.40
CA ILE D 42 33.57 14.74 -16.35
C ILE D 42 32.22 14.93 -15.67
N LEU D 43 31.68 16.13 -15.74
CA LEU D 43 30.39 16.43 -15.14
C LEU D 43 29.35 16.41 -16.24
N ALA D 44 28.22 15.77 -15.98
CA ALA D 44 27.16 15.72 -16.97
C ALA D 44 26.01 16.59 -16.50
N THR D 45 25.59 17.51 -17.38
CA THR D 45 24.50 18.43 -17.10
C THR D 45 23.27 17.88 -17.79
N VAL D 46 22.40 17.22 -17.05
CA VAL D 46 21.19 16.65 -17.64
C VAL D 46 19.97 17.47 -17.24
N PHE D 47 19.56 18.37 -18.13
CA PHE D 47 18.42 19.25 -17.87
C PHE D 47 17.25 18.95 -18.77
N TYR D 48 16.12 18.62 -18.18
CA TYR D 48 14.93 18.37 -18.97
C TYR D 48 14.26 19.70 -19.18
N GLU D 49 14.11 20.44 -18.09
CA GLU D 49 13.54 21.78 -18.13
C GLU D 49 14.77 22.70 -18.10
N PRO D 50 15.10 23.33 -19.23
CA PRO D 50 16.25 24.22 -19.34
C PRO D 50 16.42 25.29 -18.27
N SER D 51 17.68 25.64 -18.02
CA SER D 51 18.05 26.69 -17.07
C SER D 51 19.48 27.08 -17.36
N THR D 52 19.66 28.01 -18.31
CA THR D 52 20.99 28.45 -18.67
C THR D 52 21.77 28.94 -17.45
N ARG D 53 21.09 29.58 -16.49
CA ARG D 53 21.76 30.06 -15.29
C ARG D 53 22.40 28.95 -14.48
N THR D 54 21.60 27.96 -14.07
CA THR D 54 22.12 26.85 -13.27
C THR D 54 23.19 26.09 -14.01
N ARG D 55 22.99 25.83 -15.29
CA ARG D 55 23.99 25.10 -16.07
C ARG D 55 25.33 25.83 -16.08
N LEU D 56 25.35 27.09 -16.48
CA LEU D 56 26.59 27.86 -16.51
C LEU D 56 27.27 27.88 -15.14
N SER D 57 26.50 28.05 -14.08
CA SER D 57 27.08 28.09 -12.76
C SER D 57 27.91 26.81 -12.52
N PHE D 58 27.24 25.66 -12.61
CA PHE D 58 27.87 24.37 -12.43
C PHE D 58 28.97 24.09 -13.44
N GLU D 59 28.78 24.57 -14.65
CA GLU D 59 29.76 24.36 -15.71
C GLU D 59 31.03 25.10 -15.34
N THR D 60 30.89 26.36 -14.93
CA THR D 60 32.04 27.16 -14.54
C THR D 60 32.75 26.48 -13.39
N ALA D 61 32.01 26.17 -12.34
CA ALA D 61 32.56 25.51 -11.16
C ALA D 61 33.38 24.27 -11.52
N MET D 62 32.80 23.39 -12.33
CA MET D 62 33.48 22.17 -12.73
C MET D 62 34.78 22.47 -13.48
N LYS D 63 34.72 23.44 -14.38
CA LYS D 63 35.89 23.78 -15.15
C LYS D 63 36.95 24.49 -14.30
N ARG D 64 36.52 25.23 -13.28
CA ARG D 64 37.45 25.90 -12.38
C ARG D 64 38.28 24.87 -11.61
N LEU D 65 37.71 23.70 -11.40
CA LEU D 65 38.42 22.63 -10.70
C LEU D 65 39.18 21.80 -11.70
N GLY D 66 39.26 22.27 -12.94
CA GLY D 66 40.00 21.56 -13.95
C GLY D 66 39.28 20.37 -14.55
N GLY D 67 37.97 20.28 -14.34
CA GLY D 67 37.21 19.16 -14.88
C GLY D 67 36.61 19.47 -16.23
N GLU D 68 36.03 18.45 -16.84
CA GLU D 68 35.40 18.61 -18.15
C GLU D 68 33.91 18.51 -17.96
N VAL D 69 33.16 18.97 -18.96
CA VAL D 69 31.70 18.94 -18.85
C VAL D 69 31.01 18.56 -20.15
N ILE D 70 30.02 17.68 -20.08
CA ILE D 70 29.24 17.30 -21.26
C ILE D 70 27.83 17.72 -20.92
N THR D 71 27.18 18.45 -21.83
CA THR D 71 25.83 18.93 -21.56
C THR D 71 24.79 18.27 -22.42
N MET D 72 23.61 18.12 -21.85
CA MET D 72 22.47 17.51 -22.52
C MET D 72 21.23 18.19 -21.92
N THR D 73 20.73 19.22 -22.61
CA THR D 73 19.57 19.97 -22.13
C THR D 73 18.39 19.80 -23.08
N ASP D 74 17.29 20.48 -22.79
CA ASP D 74 16.13 20.41 -23.66
C ASP D 74 15.59 18.98 -23.72
N LEU D 75 16.07 18.12 -22.83
CA LEU D 75 15.63 16.74 -22.82
C LEU D 75 14.12 16.64 -22.89
N LYS D 76 13.43 17.44 -22.08
CA LYS D 76 11.97 17.46 -22.05
C LYS D 76 11.54 18.01 -23.40
N SER D 77 11.47 17.12 -24.40
CA SER D 77 11.08 17.49 -25.75
C SER D 77 10.78 16.25 -26.58
N SER D 78 10.08 16.44 -27.69
CA SER D 78 9.73 15.33 -28.59
C SER D 78 11.03 14.77 -29.16
N SER D 79 11.89 15.69 -29.58
CA SER D 79 13.17 15.35 -30.18
C SER D 79 14.20 14.70 -29.24
N VAL D 80 14.80 15.51 -28.37
CA VAL D 80 15.84 15.03 -27.44
C VAL D 80 15.51 13.75 -26.67
N ALA D 81 14.32 13.69 -26.07
CA ALA D 81 13.92 12.51 -25.29
C ALA D 81 13.84 11.23 -26.12
N LYS D 82 13.23 11.32 -27.31
CA LYS D 82 13.10 10.17 -28.18
C LYS D 82 12.28 9.04 -27.55
N GLY D 83 11.49 9.38 -26.54
CA GLY D 83 10.65 8.40 -25.84
C GLY D 83 11.39 7.57 -24.81
N GLU D 84 12.67 7.89 -24.60
CA GLU D 84 13.52 7.17 -23.65
C GLU D 84 13.24 7.68 -22.24
N SER D 85 13.15 6.76 -21.29
CA SER D 85 12.87 7.17 -19.91
C SER D 85 14.08 7.73 -19.17
N LEU D 86 13.78 8.58 -18.19
CA LEU D 86 14.79 9.20 -17.37
C LEU D 86 15.73 8.10 -16.88
N ILE D 87 15.14 7.02 -16.39
CA ILE D 87 15.92 5.91 -15.88
C ILE D 87 16.94 5.39 -16.88
N ASP D 88 16.57 5.26 -18.16
CA ASP D 88 17.50 4.77 -19.16
C ASP D 88 18.57 5.80 -19.42
N THR D 89 18.15 7.06 -19.53
CA THR D 89 19.10 8.13 -19.75
C THR D 89 20.11 8.21 -18.60
N ILE D 90 19.63 8.21 -17.36
CA ILE D 90 20.53 8.28 -16.22
C ILE D 90 21.57 7.16 -16.27
N ARG D 91 21.13 5.96 -16.64
CA ARG D 91 22.05 4.82 -16.72
C ARG D 91 23.09 5.00 -17.80
N VAL D 92 22.69 5.53 -18.95
CA VAL D 92 23.64 5.73 -20.01
C VAL D 92 24.65 6.82 -19.65
N ILE D 93 24.15 7.98 -19.22
CA ILE D 93 25.03 9.10 -18.85
C ILE D 93 25.88 8.70 -17.66
N SER D 94 25.27 7.94 -16.74
CA SER D 94 25.97 7.50 -15.53
C SER D 94 27.21 6.75 -15.94
N GLY D 95 27.12 6.05 -17.07
CA GLY D 95 28.24 5.29 -17.57
C GLY D 95 29.28 6.14 -18.26
N TYR D 96 28.87 7.28 -18.80
CA TYR D 96 29.79 8.19 -19.49
C TYR D 96 30.58 9.10 -18.54
N ALA D 97 29.87 9.82 -17.69
CA ALA D 97 30.48 10.76 -16.79
C ALA D 97 30.80 10.23 -15.40
N ASP D 98 31.33 11.12 -14.56
CA ASP D 98 31.73 10.81 -13.20
C ASP D 98 30.77 11.41 -12.20
N ILE D 99 30.01 12.42 -12.62
CA ILE D 99 29.03 13.05 -11.76
C ILE D 99 27.94 13.73 -12.60
N ILE D 100 26.71 13.71 -12.10
CA ILE D 100 25.57 14.28 -12.82
C ILE D 100 24.74 15.35 -12.08
N VAL D 101 24.43 16.46 -12.75
CA VAL D 101 23.58 17.48 -12.16
C VAL D 101 22.28 17.33 -12.93
N LEU D 102 21.24 16.88 -12.25
CA LEU D 102 19.95 16.65 -12.88
C LEU D 102 18.92 17.72 -12.60
N ARG D 103 18.06 17.93 -13.58
CA ARG D 103 17.00 18.92 -13.51
C ARG D 103 15.78 18.29 -14.18
N HIS D 104 14.85 17.77 -13.39
CA HIS D 104 13.67 17.11 -13.95
C HIS D 104 12.37 17.58 -13.30
N PRO D 105 11.28 17.63 -14.09
CA PRO D 105 9.95 18.06 -13.64
C PRO D 105 9.27 17.18 -12.61
N SER D 106 9.15 15.88 -12.91
CA SER D 106 8.51 14.93 -12.00
C SER D 106 9.07 14.98 -10.58
N GLU D 107 8.24 14.65 -9.60
CA GLU D 107 8.66 14.70 -8.22
C GLU D 107 9.79 13.75 -7.82
N GLY D 108 9.57 12.46 -7.98
CA GLY D 108 10.64 11.54 -7.60
C GLY D 108 11.96 11.87 -8.27
N ALA D 109 11.89 12.13 -9.57
CA ALA D 109 13.02 12.47 -10.42
C ALA D 109 14.40 12.25 -9.80
N ALA D 110 14.97 13.33 -9.25
CA ALA D 110 16.28 13.31 -8.60
C ALA D 110 16.51 12.05 -7.80
N ARG D 111 15.75 11.92 -6.72
CA ARG D 111 15.84 10.75 -5.86
C ARG D 111 15.86 9.46 -6.69
N LEU D 112 14.85 9.29 -7.54
CA LEU D 112 14.79 8.10 -8.39
C LEU D 112 16.06 7.94 -9.20
N ALA D 113 16.46 8.99 -9.90
CA ALA D 113 17.68 8.96 -10.70
C ALA D 113 18.89 8.47 -9.90
N SER D 114 19.02 8.97 -8.69
CA SER D 114 20.13 8.58 -7.84
C SER D 114 20.14 7.06 -7.63
N GLU D 115 18.94 6.47 -7.59
CA GLU D 115 18.82 5.04 -7.38
C GLU D 115 19.40 4.24 -8.55
N TYR D 116 19.28 4.78 -9.75
CA TYR D 116 19.78 4.08 -10.92
C TYR D 116 21.14 4.58 -11.39
N SER D 117 21.62 5.65 -10.77
CA SER D 117 22.90 6.21 -11.19
C SER D 117 24.05 5.54 -10.46
N GLN D 118 25.10 5.20 -11.21
CA GLN D 118 26.29 4.58 -10.64
C GLN D 118 27.26 5.75 -10.38
N VAL D 119 26.69 6.94 -10.28
CA VAL D 119 27.44 8.16 -10.09
C VAL D 119 26.63 9.14 -9.23
N PRO D 120 27.33 10.04 -8.52
CA PRO D 120 26.63 11.01 -7.67
C PRO D 120 25.68 11.89 -8.45
N ILE D 121 24.53 12.19 -7.85
CA ILE D 121 23.53 13.03 -8.50
C ILE D 121 23.31 14.32 -7.72
N ILE D 122 23.51 15.45 -8.36
CA ILE D 122 23.27 16.72 -7.68
C ILE D 122 21.92 17.21 -8.21
N ASN D 123 20.99 17.42 -7.29
CA ASN D 123 19.68 17.87 -7.69
C ASN D 123 19.61 19.38 -7.90
N ALA D 124 19.34 19.80 -9.14
CA ALA D 124 19.22 21.20 -9.47
C ALA D 124 17.75 21.49 -9.37
N GLY D 125 17.11 20.80 -8.44
CA GLY D 125 15.69 20.99 -8.23
C GLY D 125 14.83 20.18 -9.18
N ASP D 126 13.94 19.38 -8.59
CA ASP D 126 13.00 18.55 -9.33
C ASP D 126 12.02 19.54 -9.94
N GLY D 127 12.55 20.53 -10.67
CA GLY D 127 11.73 21.56 -11.25
C GLY D 127 11.57 22.62 -10.17
N SER D 128 11.21 22.13 -8.98
CA SER D 128 11.00 22.96 -7.80
C SER D 128 11.29 22.11 -6.55
N ASN D 129 10.38 22.20 -5.57
CA ASN D 129 10.44 21.50 -4.28
C ASN D 129 11.77 21.52 -3.50
N GLN D 130 12.89 21.25 -4.18
CA GLN D 130 14.19 21.22 -3.49
C GLN D 130 15.40 21.53 -4.36
N HIS D 131 16.07 22.66 -4.10
CA HIS D 131 17.27 23.03 -4.84
C HIS D 131 18.33 23.28 -3.78
N PRO D 132 19.04 22.23 -3.39
CA PRO D 132 20.08 22.26 -2.36
C PRO D 132 21.20 23.25 -2.61
N THR D 133 21.89 23.04 -3.71
CA THR D 133 23.00 23.88 -4.12
C THR D 133 22.68 25.39 -3.98
N GLN D 134 21.45 25.79 -4.28
CA GLN D 134 21.09 27.21 -4.15
C GLN D 134 21.00 27.63 -2.69
N THR D 135 20.31 26.84 -1.88
CA THR D 135 20.15 27.12 -0.46
C THR D 135 21.53 27.16 0.20
N LEU D 136 22.38 26.21 -0.15
CA LEU D 136 23.71 26.16 0.41
C LEU D 136 24.48 27.45 0.12
N LEU D 137 24.45 27.90 -1.13
CA LEU D 137 25.15 29.12 -1.47
C LEU D 137 24.51 30.33 -0.76
N ASP D 138 23.22 30.26 -0.47
CA ASP D 138 22.53 31.34 0.22
C ASP D 138 23.09 31.40 1.65
N LEU D 139 23.15 30.23 2.29
CA LEU D 139 23.70 30.12 3.64
C LEU D 139 25.14 30.64 3.68
N TYR D 140 25.90 30.29 2.65
CA TYR D 140 27.29 30.72 2.54
C TYR D 140 27.36 32.23 2.46
N THR D 141 26.43 32.84 1.74
CA THR D 141 26.42 34.28 1.61
C THR D 141 26.18 34.92 2.96
N ILE D 142 25.20 34.42 3.71
CA ILE D 142 24.93 34.97 5.02
C ILE D 142 26.15 34.78 5.93
N MET D 143 26.67 33.56 5.93
CA MET D 143 27.84 33.20 6.74
C MET D 143 29.00 34.09 6.42
N ARG D 144 29.21 34.35 5.14
CA ARG D 144 30.31 35.18 4.75
C ARG D 144 30.11 36.68 4.93
N GLU D 145 28.94 37.19 4.59
CA GLU D 145 28.69 38.61 4.72
C GLU D 145 28.26 39.06 6.11
N ILE D 146 27.50 38.25 6.82
CA ILE D 146 27.04 38.62 8.15
C ILE D 146 28.02 38.12 9.20
N GLY D 147 28.79 37.10 8.85
CA GLY D 147 29.77 36.57 9.76
C GLY D 147 29.27 35.43 10.61
N ARG D 148 27.98 35.12 10.49
CA ARG D 148 27.40 34.05 11.27
C ARG D 148 26.00 33.78 10.77
N ILE D 149 25.48 32.59 11.06
CA ILE D 149 24.14 32.27 10.63
C ILE D 149 23.27 32.24 11.87
N ASP D 150 23.79 31.64 12.93
CA ASP D 150 23.06 31.57 14.19
C ASP D 150 22.66 32.95 14.69
N GLY D 151 21.47 33.02 15.29
CA GLY D 151 20.99 34.27 15.83
C GLY D 151 21.08 35.47 14.93
N ILE D 152 20.37 35.43 13.82
CA ILE D 152 20.35 36.57 12.90
C ILE D 152 18.88 36.84 12.62
N LYS D 153 18.57 38.06 12.19
CA LYS D 153 17.22 38.44 11.86
C LYS D 153 17.15 38.57 10.35
N ILE D 154 16.40 37.67 9.73
CA ILE D 154 16.25 37.66 8.27
C ILE D 154 14.80 37.91 7.85
N ALA D 155 14.61 38.72 6.83
CA ALA D 155 13.28 39.03 6.34
C ALA D 155 13.16 38.64 4.89
N PHE D 156 12.12 37.88 4.56
CA PHE D 156 11.85 37.46 3.18
C PHE D 156 10.75 38.32 2.58
N VAL D 157 10.98 38.86 1.37
CA VAL D 157 9.97 39.71 0.72
C VAL D 157 9.60 39.11 -0.61
N GLY D 158 8.30 39.05 -0.89
CA GLY D 158 7.85 38.52 -2.17
C GLY D 158 6.90 37.33 -2.06
N ASP D 159 6.71 36.63 -3.17
CA ASP D 159 5.85 35.45 -3.20
C ASP D 159 6.43 34.41 -2.26
N LEU D 160 5.87 34.34 -1.06
CA LEU D 160 6.34 33.39 -0.07
C LEU D 160 5.53 32.11 -0.08
N LYS D 161 4.40 32.13 -0.78
CA LYS D 161 3.53 30.96 -0.86
C LYS D 161 4.06 29.96 -1.87
N TYR D 162 4.67 30.45 -2.93
CA TYR D 162 5.22 29.58 -3.97
C TYR D 162 6.73 29.69 -4.12
N GLY D 163 7.38 30.56 -3.35
CA GLY D 163 8.82 30.71 -3.43
C GLY D 163 9.57 29.49 -2.91
N ARG D 164 9.86 28.54 -3.80
CA ARG D 164 10.56 27.31 -3.45
C ARG D 164 11.92 27.53 -2.80
N THR D 165 12.75 28.39 -3.41
CA THR D 165 14.05 28.64 -2.84
C THR D 165 13.89 29.25 -1.44
N VAL D 166 12.82 30.02 -1.25
CA VAL D 166 12.55 30.63 0.04
C VAL D 166 12.24 29.54 1.05
N HIS D 167 11.35 28.64 0.68
CA HIS D 167 10.95 27.54 1.55
C HIS D 167 12.17 26.73 1.96
N SER D 168 12.98 26.36 0.97
CA SER D 168 14.18 25.56 1.21
C SER D 168 15.12 26.28 2.19
N LEU D 169 15.30 27.59 2.00
CA LEU D 169 16.19 28.37 2.87
C LEU D 169 15.59 28.49 4.25
N VAL D 170 14.29 28.71 4.33
CA VAL D 170 13.63 28.82 5.63
C VAL D 170 13.81 27.53 6.45
N TYR D 171 13.77 26.39 5.75
CA TYR D 171 13.95 25.12 6.42
C TYR D 171 15.39 24.99 6.94
N ALA D 172 16.35 25.22 6.05
CA ALA D 172 17.75 25.12 6.43
C ALA D 172 18.02 26.03 7.64
N LEU D 173 17.56 27.27 7.56
CA LEU D 173 17.78 28.22 8.65
C LEU D 173 17.14 27.76 9.95
N SER D 174 16.06 27.00 9.85
CA SER D 174 15.38 26.53 11.05
C SER D 174 16.24 25.51 11.77
N LEU D 175 17.37 25.14 11.19
CA LEU D 175 18.26 24.18 11.81
C LEU D 175 19.28 24.89 12.67
N PHE D 176 19.36 26.20 12.52
CA PHE D 176 20.31 26.97 13.30
C PHE D 176 19.66 27.57 14.54
N GLU D 177 20.51 27.96 15.49
CA GLU D 177 20.09 28.52 16.76
C GLU D 177 19.60 29.96 16.71
N ASN D 178 18.43 30.20 17.29
CA ASN D 178 17.83 31.53 17.38
C ASN D 178 17.80 32.40 16.12
N VAL D 179 17.23 31.88 15.03
CA VAL D 179 17.14 32.71 13.84
C VAL D 179 15.75 33.33 13.84
N GLU D 180 15.70 34.65 13.82
CA GLU D 180 14.43 35.40 13.81
C GLU D 180 14.02 35.67 12.35
N MET D 181 12.85 35.17 11.97
CA MET D 181 12.38 35.31 10.59
C MET D 181 11.20 36.25 10.42
N TYR D 182 11.24 37.02 9.35
CA TYR D 182 10.15 37.95 9.02
C TYR D 182 9.67 37.62 7.62
N PHE D 183 8.35 37.46 7.47
CA PHE D 183 7.76 37.12 6.19
C PHE D 183 6.89 38.24 5.64
N VAL D 184 7.50 39.16 4.92
CA VAL D 184 6.80 40.28 4.29
C VAL D 184 6.21 39.83 2.97
N SER D 185 4.89 39.92 2.82
CA SER D 185 4.27 39.50 1.56
C SER D 185 2.83 39.91 1.43
N PRO D 186 2.27 39.81 0.21
CA PRO D 186 0.87 40.18 -0.04
C PRO D 186 0.04 39.15 0.71
N LYS D 187 -1.21 39.47 1.02
CA LYS D 187 -2.05 38.50 1.74
C LYS D 187 -2.13 37.18 0.94
N GLU D 188 -2.30 37.34 -0.37
CA GLU D 188 -2.43 36.22 -1.29
C GLU D 188 -1.21 35.29 -1.41
N LEU D 189 -0.04 35.75 -1.00
CA LEU D 189 1.15 34.93 -1.12
C LEU D 189 1.90 34.69 0.20
N ARG D 190 1.15 34.43 1.26
CA ARG D 190 1.72 34.20 2.57
C ARG D 190 2.45 32.88 2.61
N LEU D 191 3.36 32.72 3.55
CA LEU D 191 4.12 31.49 3.69
C LEU D 191 3.16 30.32 3.99
N PRO D 192 3.30 29.19 3.28
CA PRO D 192 2.47 28.00 3.45
C PRO D 192 2.17 27.68 4.91
N LYS D 193 0.93 27.26 5.17
CA LYS D 193 0.49 26.94 6.52
C LYS D 193 1.33 25.82 7.14
N ASP D 194 1.52 24.73 6.41
CA ASP D 194 2.31 23.62 6.94
C ASP D 194 3.74 24.03 7.27
N ILE D 195 4.27 25.01 6.54
CA ILE D 195 5.64 25.47 6.81
C ILE D 195 5.65 26.20 8.14
N ILE D 196 4.68 27.09 8.33
CA ILE D 196 4.61 27.83 9.57
C ILE D 196 4.52 26.86 10.75
N GLU D 197 3.80 25.76 10.54
CA GLU D 197 3.65 24.74 11.57
C GLU D 197 5.01 24.18 11.96
N ASP D 198 5.82 23.88 10.96
CA ASP D 198 7.15 23.33 11.22
C ASP D 198 7.99 24.34 12.00
N LEU D 199 7.82 25.62 11.68
CA LEU D 199 8.56 26.67 12.37
C LEU D 199 8.13 26.69 13.83
N LYS D 200 6.83 26.59 14.06
CA LYS D 200 6.28 26.58 15.42
C LYS D 200 6.83 25.37 16.15
N ALA D 201 6.75 24.21 15.49
CA ALA D 201 7.24 22.99 16.08
C ALA D 201 8.70 23.10 16.49
N LYS D 202 9.45 23.97 15.82
CA LYS D 202 10.87 24.15 16.15
C LYS D 202 11.08 25.36 17.04
N ASN D 203 10.00 25.89 17.59
CA ASN D 203 10.06 27.07 18.45
C ASN D 203 10.93 28.12 17.80
N ILE D 204 10.45 28.67 16.70
CA ILE D 204 11.18 29.70 15.97
C ILE D 204 10.43 31.01 15.97
N LYS D 205 11.08 32.06 16.48
CA LYS D 205 10.48 33.38 16.54
C LYS D 205 10.35 33.92 15.12
N PHE D 206 9.12 34.05 14.65
CA PHE D 206 8.88 34.56 13.30
C PHE D 206 7.65 35.45 13.29
N TYR D 207 7.61 36.37 12.33
CA TYR D 207 6.51 37.31 12.19
C TYR D 207 6.11 37.42 10.73
N GLU D 208 4.80 37.47 10.47
CA GLU D 208 4.32 37.62 9.11
C GLU D 208 3.90 39.09 9.00
N LYS D 209 4.55 39.83 8.11
CA LYS D 209 4.24 41.25 7.93
C LYS D 209 3.67 41.48 6.55
N GLU D 210 2.86 42.53 6.41
CA GLU D 210 2.27 42.81 5.13
C GLU D 210 2.93 44.00 4.44
N SER D 211 3.81 44.69 5.15
CA SER D 211 4.51 45.83 4.57
C SER D 211 5.99 45.82 4.92
N LEU D 212 6.79 46.43 4.05
CA LEU D 212 8.21 46.50 4.28
C LEU D 212 8.50 47.47 5.46
N ASP D 213 7.46 48.18 5.91
CA ASP D 213 7.51 49.16 7.01
C ASP D 213 7.54 48.58 8.41
N ASP D 214 6.54 47.76 8.72
CA ASP D 214 6.50 47.09 10.01
C ASP D 214 7.63 46.09 9.81
N LEU D 215 8.81 46.62 9.52
CA LEU D 215 9.98 45.80 9.24
C LEU D 215 11.26 46.66 9.30
N ASP D 216 11.21 47.72 10.10
CA ASP D 216 12.33 48.65 10.28
C ASP D 216 13.73 48.04 10.26
N ASP D 217 14.74 48.90 10.28
CA ASP D 217 16.14 48.46 10.26
C ASP D 217 16.59 47.69 11.51
N ASP D 218 16.94 46.43 11.32
CA ASP D 218 17.43 45.59 12.40
C ASP D 218 17.66 44.20 11.85
N ILE D 219 16.80 43.78 10.92
CA ILE D 219 17.01 42.50 10.26
C ILE D 219 18.43 42.64 9.63
N ASP D 220 19.23 41.57 9.71
CA ASP D 220 20.58 41.52 9.16
C ASP D 220 20.56 41.21 7.67
N VAL D 221 19.56 40.42 7.27
CA VAL D 221 19.42 40.01 5.89
C VAL D 221 18.00 40.20 5.33
N LEU D 222 17.94 40.78 4.14
CA LEU D 222 16.68 41.00 3.42
C LEU D 222 16.75 40.14 2.17
N TYR D 223 16.09 38.98 2.21
CA TYR D 223 16.08 38.06 1.07
C TYR D 223 14.90 38.38 0.17
N VAL D 224 15.18 38.96 -1.00
CA VAL D 224 14.14 39.32 -1.95
C VAL D 224 13.86 38.24 -3.00
N THR D 225 12.59 37.83 -3.08
CA THR D 225 12.18 36.81 -4.03
C THR D 225 11.23 37.47 -5.03
N ARG D 226 11.19 36.93 -6.26
CA ARG D 226 10.33 37.45 -7.34
C ARG D 226 8.83 37.23 -7.07
N ILE D 227 7.99 37.97 -7.78
CA ILE D 227 6.52 37.81 -7.70
C ILE D 227 6.01 37.92 -9.14
N GLN D 228 5.71 36.78 -9.77
CA GLN D 228 5.27 36.76 -11.16
C GLN D 228 3.83 37.20 -11.44
N LYS D 229 3.56 37.63 -12.68
CA LYS D 229 2.22 38.07 -13.11
C LYS D 229 1.19 36.96 -12.90
N GLU D 230 1.61 35.71 -13.09
CA GLU D 230 0.71 34.57 -12.97
C GLU D 230 -0.04 34.54 -11.65
N ARG D 231 0.41 35.33 -10.69
CA ARG D 231 -0.25 35.39 -9.39
C ARG D 231 -1.33 36.46 -9.35
N PHE D 232 -1.17 37.46 -10.23
CA PHE D 232 -2.12 38.57 -10.34
C PHE D 232 -2.39 38.86 -11.81
N PRO D 233 -3.27 38.06 -12.44
CA PRO D 233 -3.65 38.20 -13.85
C PRO D 233 -4.05 39.62 -14.20
N ASP D 234 -4.73 40.26 -13.25
CA ASP D 234 -5.15 41.65 -13.42
C ASP D 234 -3.96 42.58 -13.33
N PRO D 235 -3.60 43.26 -14.44
CA PRO D 235 -2.46 44.17 -14.43
C PRO D 235 -2.53 45.17 -13.29
N ASN D 236 -3.70 45.79 -13.13
CA ASN D 236 -3.93 46.77 -12.07
C ASN D 236 -3.45 46.20 -10.74
N GLU D 237 -3.96 45.03 -10.37
CA GLU D 237 -3.56 44.33 -9.16
C GLU D 237 -2.03 44.16 -9.07
N TYR D 238 -1.48 43.48 -10.06
CA TYR D 238 -0.04 43.24 -10.14
C TYR D 238 0.78 44.53 -9.96
N GLU D 239 0.40 45.59 -10.66
CA GLU D 239 1.12 46.86 -10.58
C GLU D 239 1.06 47.38 -9.16
N LYS D 240 -0.09 47.20 -8.52
CA LYS D 240 -0.28 47.63 -7.16
C LYS D 240 0.63 46.81 -6.22
N VAL D 241 0.86 45.53 -6.52
CA VAL D 241 1.70 44.70 -5.69
C VAL D 241 3.18 44.98 -5.92
N LYS D 242 3.56 45.13 -7.19
CA LYS D 242 4.95 45.40 -7.51
C LYS D 242 5.44 46.61 -6.75
N GLY D 243 4.69 47.70 -6.87
CA GLY D 243 5.08 48.91 -6.18
C GLY D 243 5.20 48.75 -4.68
N SER D 244 4.27 48.02 -4.11
CA SER D 244 4.22 47.79 -2.67
C SER D 244 5.43 47.06 -2.09
N TYR D 245 6.04 46.16 -2.85
CA TYR D 245 7.17 45.41 -2.32
C TYR D 245 8.47 45.66 -3.01
N LYS D 246 8.47 46.58 -3.97
CA LYS D 246 9.71 46.87 -4.66
C LYS D 246 10.70 47.47 -3.68
N ILE D 247 11.94 46.98 -3.70
CA ILE D 247 12.97 47.53 -2.82
C ILE D 247 13.56 48.77 -3.51
N LYS D 248 13.30 49.95 -2.96
CA LYS D 248 13.79 51.17 -3.57
C LYS D 248 15.03 51.66 -2.84
N ARG D 249 15.76 52.56 -3.48
CA ARG D 249 16.98 53.08 -2.88
C ARG D 249 16.83 53.87 -1.58
N GLU D 250 15.82 54.75 -1.49
CA GLU D 250 15.67 55.52 -0.27
C GLU D 250 15.42 54.59 0.90
N TYR D 251 14.65 53.53 0.70
CA TYR D 251 14.33 52.57 1.76
C TYR D 251 15.58 51.87 2.27
N VAL D 252 16.49 51.55 1.34
CA VAL D 252 17.73 50.86 1.66
C VAL D 252 18.70 51.75 2.43
N GLU D 253 18.78 53.01 2.02
CA GLU D 253 19.68 53.99 2.65
C GLU D 253 19.51 54.18 4.15
N GLY D 254 20.53 53.79 4.89
CA GLY D 254 20.48 53.91 6.33
C GLY D 254 20.08 52.60 6.96
N LYS D 255 20.23 51.49 6.24
CA LYS D 255 19.84 50.18 6.81
C LYS D 255 21.03 49.24 7.00
N LYS D 256 21.08 48.55 8.12
CA LYS D 256 22.21 47.67 8.32
C LYS D 256 22.15 46.36 7.55
N PHE D 257 20.95 45.93 7.17
CA PHE D 257 20.81 44.67 6.45
C PHE D 257 21.57 44.61 5.13
N ILE D 258 21.74 43.40 4.61
CA ILE D 258 22.37 43.19 3.33
C ILE D 258 21.21 42.69 2.49
N ILE D 259 21.22 42.99 1.19
CA ILE D 259 20.14 42.55 0.31
C ILE D 259 20.53 41.35 -0.53
N MET D 260 19.76 40.27 -0.40
CA MET D 260 20.03 39.06 -1.17
C MET D 260 18.90 38.83 -2.15
N HIS D 261 19.24 38.18 -3.27
CA HIS D 261 18.27 37.87 -4.30
C HIS D 261 18.87 36.79 -5.17
N PRO D 262 18.21 35.63 -5.24
CA PRO D 262 18.68 34.49 -6.02
C PRO D 262 18.83 34.75 -7.50
N LEU D 263 18.26 35.84 -7.97
CA LEU D 263 18.32 36.21 -9.38
C LEU D 263 17.61 35.22 -10.27
N PRO D 264 17.21 35.67 -11.46
CA PRO D 264 17.42 37.03 -11.96
C PRO D 264 16.41 37.99 -11.33
N ARG D 265 16.81 39.24 -11.17
CA ARG D 265 15.88 40.21 -10.62
C ARG D 265 15.36 40.99 -11.81
N VAL D 266 14.11 41.38 -11.73
CA VAL D 266 13.48 42.11 -12.80
C VAL D 266 12.84 43.36 -12.24
N ASP D 267 11.87 43.21 -11.34
CA ASP D 267 11.21 44.36 -10.75
C ASP D 267 11.47 44.49 -9.26
N GLU D 268 11.69 43.36 -8.59
CA GLU D 268 11.93 43.31 -7.15
C GLU D 268 12.88 44.34 -6.53
N ILE D 269 13.92 44.75 -7.26
CA ILE D 269 14.90 45.70 -6.73
C ILE D 269 15.30 46.76 -7.75
N ASP D 270 15.18 48.03 -7.37
CA ASP D 270 15.54 49.10 -8.29
C ASP D 270 17.01 49.04 -8.65
N TYR D 271 17.36 49.54 -9.83
CA TYR D 271 18.76 49.52 -10.25
C TYR D 271 19.61 50.50 -9.47
N ASP D 272 19.01 51.55 -8.94
CA ASP D 272 19.76 52.53 -8.17
C ASP D 272 20.15 51.99 -6.80
N VAL D 273 19.68 50.79 -6.48
CA VAL D 273 20.02 50.14 -5.22
C VAL D 273 21.31 49.34 -5.41
N ASP D 274 21.62 49.00 -6.65
CA ASP D 274 22.80 48.21 -6.97
C ASP D 274 24.09 48.70 -6.34
N ASP D 275 24.42 49.98 -6.53
CA ASP D 275 25.67 50.46 -5.97
C ASP D 275 25.68 50.83 -4.50
N LEU D 276 24.59 50.53 -3.79
CA LEU D 276 24.56 50.80 -2.35
C LEU D 276 25.32 49.68 -1.65
N PRO D 277 25.94 49.99 -0.52
CA PRO D 277 26.71 49.01 0.25
C PRO D 277 25.98 47.73 0.61
N GLN D 278 24.71 47.84 1.00
CA GLN D 278 23.99 46.65 1.41
C GLN D 278 23.57 45.71 0.29
N ALA D 279 23.73 46.14 -0.96
CA ALA D 279 23.39 45.31 -2.09
C ALA D 279 24.43 44.20 -2.16
N LYS D 280 23.99 42.95 -2.03
CA LYS D 280 24.91 41.81 -2.04
C LYS D 280 24.50 40.70 -3.00
N TYR D 281 23.49 40.92 -3.83
CA TYR D 281 23.03 39.86 -4.70
C TYR D 281 23.96 39.38 -5.79
N PHE D 282 24.82 40.27 -6.30
CA PHE D 282 25.76 39.85 -7.36
C PHE D 282 26.95 39.12 -6.75
N LYS D 283 27.24 39.43 -5.49
CA LYS D 283 28.33 38.78 -4.77
C LYS D 283 27.81 37.36 -4.48
N GLN D 284 26.54 37.32 -4.10
CA GLN D 284 25.87 36.08 -3.78
C GLN D 284 25.93 35.20 -5.01
N SER D 285 25.77 35.84 -6.18
CA SER D 285 25.83 35.15 -7.48
C SER D 285 27.15 34.44 -7.64
N PHE D 286 28.22 35.17 -7.34
CA PHE D 286 29.57 34.67 -7.42
C PHE D 286 29.78 33.49 -6.47
N TYR D 287 29.36 33.67 -5.21
CA TYR D 287 29.52 32.62 -4.22
C TYR D 287 29.03 31.25 -4.69
N GLY D 288 28.14 31.25 -5.69
CA GLY D 288 27.63 29.99 -6.21
C GLY D 288 28.76 29.14 -6.78
N ILE D 289 29.76 29.78 -7.37
CA ILE D 289 30.88 29.06 -7.96
C ILE D 289 31.70 28.28 -6.92
N PRO D 290 32.15 28.96 -5.85
CA PRO D 290 32.93 28.29 -4.81
C PRO D 290 32.19 27.15 -4.11
N VAL D 291 30.92 27.37 -3.78
CA VAL D 291 30.17 26.33 -3.08
C VAL D 291 29.87 25.18 -4.03
N ARG D 292 29.72 25.49 -5.32
CA ARG D 292 29.45 24.42 -6.25
C ARG D 292 30.73 23.66 -6.48
N MET D 293 31.85 24.36 -6.42
CA MET D 293 33.14 23.70 -6.56
C MET D 293 33.29 22.79 -5.36
N ALA D 294 32.88 23.31 -4.20
CA ALA D 294 32.93 22.57 -2.95
C ALA D 294 32.11 21.29 -3.02
N ILE D 295 30.88 21.41 -3.53
CA ILE D 295 29.98 20.27 -3.67
C ILE D 295 30.47 19.22 -4.68
N LEU D 296 30.89 19.69 -5.85
CA LEU D 296 31.40 18.78 -6.86
C LEU D 296 32.58 18.00 -6.31
N LYS D 297 33.53 18.72 -5.71
CA LYS D 297 34.72 18.11 -5.14
C LYS D 297 34.35 17.07 -4.11
N LYS D 298 33.60 17.49 -3.09
CA LYS D 298 33.16 16.58 -2.04
C LYS D 298 32.49 15.33 -2.61
N LEU D 299 31.41 15.50 -3.36
CA LEU D 299 30.70 14.36 -3.93
C LEU D 299 31.59 13.36 -4.67
N ILE D 300 32.58 13.87 -5.39
CA ILE D 300 33.48 12.98 -6.11
C ILE D 300 34.44 12.28 -5.18
N GLU D 301 35.00 12.99 -4.21
CA GLU D 301 35.92 12.40 -3.26
C GLU D 301 35.19 11.40 -2.37
N ASP D 302 34.09 11.85 -1.77
CA ASP D 302 33.31 10.99 -0.91
C ASP D 302 33.03 9.62 -1.52
N ASN D 303 33.16 9.50 -2.84
CA ASN D 303 32.84 8.23 -3.46
C ASN D 303 33.86 7.59 -4.42
N GLU D 304 34.69 8.36 -5.09
CA GLU D 304 35.67 7.78 -6.02
C GLU D 304 36.67 6.94 -5.25
N GLY D 305 36.76 7.18 -3.95
CA GLY D 305 37.68 6.42 -3.13
C GLY D 305 37.41 4.94 -3.28
N GLU D 306 38.29 4.25 -4.01
CA GLU D 306 38.19 2.82 -4.28
C GLU D 306 37.52 2.57 -5.63
N MET E 1 45.29 48.06 -23.35
CA MET E 1 43.91 47.86 -23.88
C MET E 1 43.09 46.98 -22.93
N LYS E 2 41.96 47.49 -22.46
CA LYS E 2 41.13 46.73 -21.54
C LYS E 2 39.87 46.14 -22.17
N HIS E 3 39.55 46.57 -23.38
CA HIS E 3 38.37 46.09 -24.10
C HIS E 3 38.62 46.23 -25.60
N LEU E 4 37.82 45.56 -26.40
CA LEU E 4 37.94 45.70 -27.84
C LEU E 4 36.53 45.95 -28.34
N ILE E 5 36.11 47.22 -28.31
CA ILE E 5 34.76 47.55 -28.71
C ILE E 5 34.63 48.01 -30.15
N SER E 6 35.54 48.90 -30.58
CA SER E 6 35.47 49.42 -31.93
C SER E 6 36.83 49.64 -32.56
N MET E 7 36.90 49.47 -33.88
CA MET E 7 38.16 49.69 -34.57
C MET E 7 38.59 51.14 -34.42
N LYS E 8 37.60 52.01 -34.25
CA LYS E 8 37.87 53.44 -34.12
C LYS E 8 38.52 53.81 -32.79
N ASP E 9 38.82 52.81 -31.98
CA ASP E 9 39.48 53.06 -30.69
C ASP E 9 40.92 52.60 -30.81
N ILE E 10 41.26 52.04 -31.97
CA ILE E 10 42.60 51.52 -32.21
C ILE E 10 43.32 52.31 -33.29
N GLY E 11 44.62 52.50 -33.12
CA GLY E 11 45.44 53.21 -34.08
C GLY E 11 46.30 52.26 -34.90
N LYS E 12 46.86 52.75 -36.00
CA LYS E 12 47.71 51.92 -36.85
C LYS E 12 48.80 51.20 -36.03
N GLU E 13 49.33 51.88 -35.01
CA GLU E 13 50.36 51.26 -34.19
C GLU E 13 49.87 50.01 -33.51
N GLU E 14 48.83 50.14 -32.69
CA GLU E 14 48.25 49.00 -31.99
C GLU E 14 47.81 47.90 -32.95
N ILE E 15 47.29 48.31 -34.10
CA ILE E 15 46.84 47.36 -35.09
C ILE E 15 48.01 46.47 -35.48
N LEU E 16 49.13 47.09 -35.80
CA LEU E 16 50.31 46.32 -36.20
C LEU E 16 50.78 45.44 -35.05
N GLU E 17 50.76 45.97 -33.83
CA GLU E 17 51.15 45.20 -32.66
C GLU E 17 50.35 43.90 -32.63
N ILE E 18 49.05 44.05 -32.87
CA ILE E 18 48.13 42.93 -32.86
C ILE E 18 48.43 41.97 -33.99
N LEU E 19 48.66 42.52 -35.17
CA LEU E 19 48.96 41.70 -36.32
C LEU E 19 50.22 40.89 -36.07
N ASP E 20 51.16 41.47 -35.32
CA ASP E 20 52.41 40.76 -35.00
C ASP E 20 52.11 39.59 -34.07
N GLU E 21 51.41 39.89 -32.98
CA GLU E 21 51.06 38.87 -32.01
C GLU E 21 50.33 37.74 -32.76
N ALA E 22 49.53 38.14 -33.74
CA ALA E 22 48.76 37.17 -34.55
C ALA E 22 49.72 36.21 -35.26
N ARG E 23 50.74 36.75 -35.89
CA ARG E 23 51.69 35.93 -36.58
C ARG E 23 52.37 34.96 -35.60
N LYS E 24 52.65 35.42 -34.38
CA LYS E 24 53.28 34.55 -33.39
C LYS E 24 52.33 33.40 -33.12
N MET E 25 51.07 33.74 -32.91
CA MET E 25 50.07 32.73 -32.63
C MET E 25 49.98 31.76 -33.81
N GLU E 26 49.99 32.28 -35.03
CA GLU E 26 49.92 31.40 -36.20
C GLU E 26 51.05 30.38 -36.17
N GLU E 27 52.25 30.86 -35.91
CA GLU E 27 53.42 30.00 -35.82
C GLU E 27 53.24 28.94 -34.73
N LEU E 28 52.76 29.39 -33.58
CA LEU E 28 52.53 28.51 -32.45
C LEU E 28 51.58 27.39 -32.83
N LEU E 29 50.66 27.69 -33.73
CA LEU E 29 49.73 26.67 -34.17
C LEU E 29 50.47 25.71 -35.06
N ASN E 30 51.24 26.30 -35.99
CA ASN E 30 52.03 25.57 -36.95
C ASN E 30 52.84 24.48 -36.27
N THR E 31 53.15 24.67 -34.99
CA THR E 31 53.92 23.67 -34.27
C THR E 31 53.05 22.50 -33.85
N LYS E 32 51.74 22.72 -33.76
CA LYS E 32 50.85 21.64 -33.41
C LYS E 32 51.19 20.99 -32.09
N ARG E 33 51.60 21.79 -31.12
CA ARG E 33 51.96 21.29 -29.79
C ARG E 33 50.96 21.94 -28.81
N PRO E 34 50.51 21.22 -27.77
CA PRO E 34 49.56 21.81 -26.81
C PRO E 34 50.04 23.14 -26.29
N LEU E 35 49.28 24.19 -26.51
CA LEU E 35 49.67 25.49 -25.99
C LEU E 35 48.93 25.65 -24.66
N LYS E 36 49.50 26.38 -23.71
CA LYS E 36 48.81 26.57 -22.44
C LYS E 36 48.89 28.02 -21.98
N LEU E 37 49.10 28.93 -22.92
CA LEU E 37 49.20 30.35 -22.61
C LEU E 37 48.04 30.90 -21.78
N LEU E 38 46.83 30.41 -22.04
CA LEU E 38 45.65 30.86 -21.28
C LEU E 38 45.07 29.70 -20.49
N GLU E 39 45.93 28.81 -20.04
CA GLU E 39 45.50 27.64 -19.30
C GLU E 39 44.37 27.83 -18.31
N GLY E 40 44.63 28.54 -17.22
CA GLY E 40 43.57 28.71 -16.23
C GLY E 40 42.43 29.68 -16.53
N LYS E 41 42.34 30.16 -17.77
CA LYS E 41 41.30 31.11 -18.15
C LYS E 41 40.01 30.54 -18.75
N ILE E 42 38.92 31.28 -18.53
CA ILE E 42 37.60 30.93 -19.06
C ILE E 42 37.02 32.05 -19.91
N LEU E 43 36.66 31.71 -21.15
CA LEU E 43 36.05 32.69 -22.04
C LEU E 43 34.54 32.49 -22.05
N ALA E 44 33.79 33.58 -21.94
CA ALA E 44 32.35 33.49 -21.96
C ALA E 44 31.79 34.04 -23.26
N THR E 45 31.06 33.21 -23.98
CA THR E 45 30.44 33.59 -25.23
C THR E 45 29.01 34.04 -24.94
N VAL E 46 28.78 35.34 -24.90
CA VAL E 46 27.44 35.84 -24.62
C VAL E 46 26.78 36.41 -25.90
N PHE E 47 26.00 35.58 -26.57
CA PHE E 47 25.35 35.97 -27.82
C PHE E 47 23.86 36.12 -27.67
N TYR E 48 23.34 37.31 -27.96
CA TYR E 48 21.90 37.51 -27.89
C TYR E 48 21.36 37.13 -29.26
N GLU E 49 22.02 37.60 -30.30
CA GLU E 49 21.65 37.28 -31.67
C GLU E 49 22.67 36.21 -32.06
N PRO E 50 22.23 34.95 -32.17
CA PRO E 50 23.13 33.85 -32.52
C PRO E 50 24.01 34.02 -33.75
N SER E 51 25.16 33.34 -33.72
CA SER E 51 26.13 33.34 -34.81
C SER E 51 27.08 32.18 -34.57
N THR E 52 26.70 31.00 -35.05
CA THR E 52 27.52 29.83 -34.87
C THR E 52 28.95 30.02 -35.40
N ARG E 53 29.09 30.78 -36.48
CA ARG E 53 30.41 31.01 -37.05
C ARG E 53 31.34 31.80 -36.13
N THR E 54 30.88 32.94 -35.62
CA THR E 54 31.70 33.75 -34.72
C THR E 54 31.99 33.00 -33.42
N ARG E 55 30.99 32.34 -32.87
CA ARG E 55 31.22 31.60 -31.65
C ARG E 55 32.30 30.54 -31.84
N LEU E 56 32.15 29.68 -32.85
CA LEU E 56 33.13 28.63 -33.10
C LEU E 56 34.54 29.16 -33.30
N SER E 57 34.64 30.29 -33.99
CA SER E 57 35.94 30.91 -34.23
C SER E 57 36.61 31.21 -32.88
N PHE E 58 35.95 32.04 -32.07
CA PHE E 58 36.46 32.41 -30.76
C PHE E 58 36.63 31.23 -29.83
N GLU E 59 35.72 30.27 -29.92
CA GLU E 59 35.80 29.09 -29.08
C GLU E 59 37.06 28.32 -29.42
N THR E 60 37.32 28.15 -30.73
CA THR E 60 38.50 27.43 -31.16
C THR E 60 39.74 28.15 -30.68
N ALA E 61 39.81 29.44 -30.96
CA ALA E 61 40.94 30.24 -30.56
C ALA E 61 41.26 30.08 -29.07
N MET E 62 40.24 30.27 -28.23
CA MET E 62 40.43 30.16 -26.79
C MET E 62 40.95 28.79 -26.39
N LYS E 63 40.41 27.73 -26.99
CA LYS E 63 40.84 26.38 -26.66
C LYS E 63 42.23 26.09 -27.19
N ARG E 64 42.61 26.71 -28.30
CA ARG E 64 43.94 26.52 -28.84
C ARG E 64 45.00 27.07 -27.89
N LEU E 65 44.61 28.07 -27.10
CA LEU E 65 45.53 28.67 -26.14
C LEU E 65 45.41 27.94 -24.82
N GLY E 66 44.71 26.82 -24.85
CA GLY E 66 44.56 26.02 -23.65
C GLY E 66 43.54 26.54 -22.66
N GLY E 67 42.67 27.44 -23.10
CA GLY E 67 41.66 27.97 -22.20
C GLY E 67 40.35 27.22 -22.24
N GLU E 68 39.45 27.57 -21.33
CA GLU E 68 38.15 26.93 -21.26
C GLU E 68 37.11 27.91 -21.72
N VAL E 69 35.95 27.41 -22.15
CA VAL E 69 34.88 28.26 -22.66
C VAL E 69 33.52 27.88 -22.14
N ILE E 70 32.73 28.87 -21.74
CA ILE E 70 31.37 28.62 -21.29
C ILE E 70 30.52 29.41 -22.28
N THR E 71 29.50 28.77 -22.85
CA THR E 71 28.68 29.47 -23.82
C THR E 71 27.29 29.74 -23.31
N MET E 72 26.72 30.84 -23.77
CA MET E 72 25.38 31.28 -23.42
C MET E 72 24.86 32.03 -24.64
N THR E 73 24.13 31.34 -25.51
CA THR E 73 23.60 31.96 -26.71
C THR E 73 22.09 32.14 -26.66
N ASP E 74 21.58 32.94 -27.58
CA ASP E 74 20.16 33.24 -27.65
C ASP E 74 19.67 33.74 -26.30
N LEU E 75 19.75 35.05 -26.11
CA LEU E 75 19.27 35.67 -24.90
C LEU E 75 18.17 36.60 -25.35
N LYS E 76 18.08 36.80 -26.67
CA LYS E 76 17.05 37.64 -27.23
C LYS E 76 15.79 36.78 -27.35
N SER E 77 15.68 35.84 -26.42
CA SER E 77 14.54 34.95 -26.33
C SER E 77 14.26 34.95 -24.84
N SER E 78 13.05 35.35 -24.46
CA SER E 78 12.64 35.45 -23.06
C SER E 78 12.94 34.22 -22.19
N SER E 79 13.45 33.15 -22.80
CA SER E 79 13.79 31.97 -22.03
C SER E 79 15.16 32.15 -21.40
N VAL E 80 16.19 32.05 -22.24
CA VAL E 80 17.58 32.16 -21.82
C VAL E 80 17.91 33.50 -21.16
N ALA E 81 16.97 34.44 -21.20
CA ALA E 81 17.19 35.76 -20.59
C ALA E 81 15.98 36.27 -19.81
N LYS E 82 15.30 35.36 -19.12
CA LYS E 82 14.09 35.66 -18.33
C LYS E 82 13.88 37.11 -17.82
N GLY E 83 13.75 38.06 -18.75
CA GLY E 83 13.53 39.47 -18.41
C GLY E 83 14.68 40.17 -17.72
N GLU E 84 15.83 39.49 -17.65
CA GLU E 84 17.02 40.02 -17.01
C GLU E 84 17.75 40.93 -17.99
N SER E 85 18.20 42.08 -17.51
CA SER E 85 18.89 43.03 -18.39
C SER E 85 20.30 42.65 -18.74
N LEU E 86 20.75 43.14 -19.89
CA LEU E 86 22.12 42.91 -20.34
C LEU E 86 23.07 43.23 -19.19
N ILE E 87 22.87 44.41 -18.59
CA ILE E 87 23.68 44.84 -17.48
C ILE E 87 23.79 43.81 -16.35
N ASP E 88 22.66 43.19 -15.97
CA ASP E 88 22.70 42.20 -14.90
C ASP E 88 23.44 40.97 -15.36
N THR E 89 23.17 40.54 -16.59
CA THR E 89 23.84 39.36 -17.15
C THR E 89 25.36 39.56 -17.22
N ILE E 90 25.80 40.70 -17.77
CA ILE E 90 27.23 40.99 -17.88
C ILE E 90 27.89 40.95 -16.51
N ARG E 91 27.21 41.46 -15.50
CA ARG E 91 27.75 41.43 -14.16
C ARG E 91 27.85 40.02 -13.60
N VAL E 92 26.88 39.19 -13.87
CA VAL E 92 26.98 37.83 -13.37
C VAL E 92 28.04 37.03 -14.11
N ILE E 93 28.03 37.08 -15.45
CA ILE E 93 29.02 36.36 -16.24
C ILE E 93 30.42 36.91 -15.96
N SER E 94 30.49 38.23 -15.82
CA SER E 94 31.75 38.92 -15.54
C SER E 94 32.40 38.29 -14.31
N GLY E 95 31.57 37.84 -13.38
CA GLY E 95 32.06 37.26 -12.16
C GLY E 95 32.44 35.82 -12.34
N TYR E 96 31.89 35.16 -13.36
CA TYR E 96 32.21 33.76 -13.60
C TYR E 96 33.50 33.59 -14.39
N ALA E 97 33.55 34.22 -15.56
CA ALA E 97 34.67 34.11 -16.48
C ALA E 97 35.75 35.14 -16.33
N ASP E 98 36.73 35.06 -17.23
CA ASP E 98 37.88 35.95 -17.21
C ASP E 98 37.85 36.90 -18.40
N ILE E 99 37.06 36.54 -19.40
CA ILE E 99 36.94 37.41 -20.56
C ILE E 99 35.63 37.06 -21.29
N ILE E 100 35.00 38.08 -21.87
CA ILE E 100 33.70 37.92 -22.53
C ILE E 100 33.64 38.43 -23.96
N VAL E 101 33.06 37.64 -24.86
CA VAL E 101 32.85 38.06 -26.24
C VAL E 101 31.36 38.29 -26.34
N LEU E 102 30.96 39.54 -26.49
CA LEU E 102 29.54 39.90 -26.55
C LEU E 102 28.97 40.15 -27.93
N ARG E 103 27.71 39.79 -28.09
CA ARG E 103 27.00 39.97 -29.36
C ARG E 103 25.59 40.44 -29.02
N HIS E 104 25.35 41.73 -29.13
CA HIS E 104 24.05 42.27 -28.79
C HIS E 104 23.50 43.20 -29.87
N PRO E 105 22.16 43.25 -30.03
CA PRO E 105 21.46 44.08 -31.01
C PRO E 105 21.54 45.59 -30.78
N SER E 106 21.16 46.03 -29.58
CA SER E 106 21.17 47.45 -29.24
C SER E 106 22.49 48.12 -29.55
N GLU E 107 22.46 49.42 -29.82
CA GLU E 107 23.68 50.13 -30.15
C GLU E 107 24.72 50.24 -29.05
N GLY E 108 24.37 50.86 -27.92
CA GLY E 108 25.34 50.98 -26.84
C GLY E 108 25.95 49.63 -26.46
N ALA E 109 25.09 48.63 -26.35
CA ALA E 109 25.45 47.27 -26.02
C ALA E 109 26.87 47.04 -25.53
N ALA E 110 27.74 46.65 -26.46
CA ALA E 110 29.14 46.38 -26.16
C ALA E 110 29.73 47.40 -25.23
N ARG E 111 29.78 48.65 -25.68
CA ARG E 111 30.34 49.74 -24.88
C ARG E 111 29.75 49.76 -23.49
N LEU E 112 28.41 49.73 -23.41
CA LEU E 112 27.74 49.73 -22.12
C LEU E 112 28.19 48.53 -21.27
N ALA E 113 28.11 47.35 -21.87
CA ALA E 113 28.51 46.13 -21.19
C ALA E 113 29.91 46.27 -20.59
N SER E 114 30.86 46.79 -21.37
CA SER E 114 32.22 46.98 -20.89
C SER E 114 32.23 47.83 -19.63
N GLU E 115 31.30 48.79 -19.55
CA GLU E 115 31.22 49.65 -18.37
C GLU E 115 30.82 48.87 -17.11
N TYR E 116 30.02 47.82 -17.27
CA TYR E 116 29.61 47.04 -16.10
C TYR E 116 30.40 45.75 -15.93
N SER E 117 31.26 45.45 -16.88
CA SER E 117 32.05 44.23 -16.80
C SER E 117 33.34 44.45 -16.01
N GLN E 118 33.65 43.50 -15.14
CA GLN E 118 34.87 43.57 -14.35
C GLN E 118 35.86 42.73 -15.14
N VAL E 119 35.57 42.56 -16.43
CA VAL E 119 36.37 41.72 -17.30
C VAL E 119 36.40 42.29 -18.72
N PRO E 120 37.45 41.98 -19.50
CA PRO E 120 37.55 42.50 -20.87
C PRO E 120 36.36 42.08 -21.71
N ILE E 121 35.90 42.97 -22.55
CA ILE E 121 34.77 42.67 -23.43
C ILE E 121 35.20 42.77 -24.89
N ILE E 122 35.04 41.69 -25.63
CA ILE E 122 35.37 41.71 -27.04
C ILE E 122 34.04 41.84 -27.78
N ASN E 123 33.89 42.90 -28.57
CA ASN E 123 32.69 43.12 -29.32
C ASN E 123 32.64 42.33 -30.64
N ALA E 124 31.67 41.42 -30.73
CA ALA E 124 31.50 40.61 -31.92
C ALA E 124 30.45 41.37 -32.73
N GLY E 125 30.59 42.68 -32.72
CA GLY E 125 29.68 43.54 -33.43
C GLY E 125 28.41 43.74 -32.66
N ASP E 126 27.93 44.98 -32.60
CA ASP E 126 26.68 45.32 -31.92
C ASP E 126 25.61 44.84 -32.90
N GLY E 127 25.94 43.78 -33.63
CA GLY E 127 25.06 43.22 -34.63
C GLY E 127 25.63 43.72 -35.96
N SER E 128 25.87 45.03 -35.99
CA SER E 128 26.43 45.73 -37.15
C SER E 128 27.26 46.91 -36.63
N ASN E 129 27.54 47.86 -37.52
CA ASN E 129 28.31 49.07 -37.22
C ASN E 129 29.72 48.92 -36.62
N GLN E 130 30.07 47.74 -36.12
CA GLN E 130 31.41 47.57 -35.53
C GLN E 130 31.82 46.16 -35.06
N HIS E 131 32.55 45.42 -35.90
CA HIS E 131 33.05 44.08 -35.59
C HIS E 131 34.57 44.12 -35.78
N PRO E 132 35.29 44.51 -34.72
CA PRO E 132 36.75 44.64 -34.70
C PRO E 132 37.50 43.40 -35.14
N THR E 133 37.31 42.34 -34.37
CA THR E 133 37.95 41.06 -34.61
C THR E 133 37.91 40.66 -36.10
N GLN E 134 36.83 40.98 -36.80
CA GLN E 134 36.74 40.63 -38.23
C GLN E 134 37.67 41.50 -39.08
N THR E 135 37.63 42.81 -38.83
CA THR E 135 38.47 43.76 -39.57
C THR E 135 39.94 43.42 -39.36
N LEU E 136 40.30 43.13 -38.11
CA LEU E 136 41.66 42.78 -37.76
C LEU E 136 42.11 41.57 -38.55
N LEU E 137 41.30 40.52 -38.60
CA LEU E 137 41.69 39.33 -39.34
C LEU E 137 41.76 39.65 -40.84
N ASP E 138 40.95 40.61 -41.28
CA ASP E 138 40.99 41.00 -42.68
C ASP E 138 42.36 41.62 -42.95
N LEU E 139 42.75 42.58 -42.11
CA LEU E 139 44.04 43.26 -42.23
C LEU E 139 45.17 42.25 -42.20
N TYR E 140 45.03 41.25 -41.33
CA TYR E 140 46.03 40.20 -41.20
C TYR E 140 46.15 39.41 -42.49
N THR E 141 45.02 39.18 -43.14
CA THR E 141 45.03 38.43 -44.40
C THR E 141 45.79 39.21 -45.47
N ILE E 142 45.51 40.51 -45.58
CA ILE E 142 46.21 41.33 -46.56
C ILE E 142 47.71 41.36 -46.22
N MET E 143 48.01 41.64 -44.95
CA MET E 143 49.38 41.70 -44.44
C MET E 143 50.14 40.41 -44.75
N ARG E 144 49.47 39.30 -44.52
CA ARG E 144 50.05 38.00 -44.72
C ARG E 144 50.16 37.60 -46.19
N GLU E 145 49.08 37.75 -46.96
CA GLU E 145 49.09 37.36 -48.38
C GLU E 145 49.75 38.35 -49.33
N ILE E 146 49.51 39.63 -49.12
CA ILE E 146 50.09 40.67 -49.96
C ILE E 146 51.49 41.04 -49.50
N GLY E 147 51.82 40.69 -48.26
CA GLY E 147 53.14 41.01 -47.73
C GLY E 147 53.24 42.42 -47.15
N ARG E 148 52.17 43.18 -47.27
CA ARG E 148 52.16 44.53 -46.75
C ARG E 148 50.74 45.10 -46.83
N ILE E 149 50.48 46.16 -46.10
CA ILE E 149 49.16 46.77 -46.14
C ILE E 149 49.31 48.11 -46.82
N ASP E 150 50.37 48.82 -46.47
CA ASP E 150 50.64 50.13 -47.05
C ASP E 150 50.78 50.04 -48.57
N GLY E 151 50.27 51.06 -49.25
CA GLY E 151 50.37 51.13 -50.69
C GLY E 151 49.95 49.89 -51.45
N ILE E 152 48.68 49.55 -51.36
CA ILE E 152 48.14 48.41 -52.07
C ILE E 152 46.91 48.93 -52.79
N LYS E 153 46.44 48.18 -53.79
CA LYS E 153 45.23 48.58 -54.49
C LYS E 153 44.18 47.51 -54.17
N ILE E 154 43.15 47.92 -53.44
CA ILE E 154 42.10 47.02 -53.03
C ILE E 154 40.77 47.42 -53.64
N ALA E 155 40.01 46.42 -54.08
CA ALA E 155 38.71 46.67 -54.69
C ALA E 155 37.60 45.94 -53.95
N PHE E 156 36.54 46.67 -53.58
CA PHE E 156 35.40 46.08 -52.88
C PHE E 156 34.26 45.89 -53.85
N VAL E 157 33.66 44.70 -53.86
CA VAL E 157 32.55 44.41 -54.76
C VAL E 157 31.35 43.96 -53.97
N GLY E 158 30.18 44.54 -54.27
CA GLY E 158 28.95 44.17 -53.58
C GLY E 158 28.23 45.31 -52.90
N ASP E 159 27.31 44.98 -52.01
CA ASP E 159 26.56 45.98 -51.26
C ASP E 159 27.54 46.78 -50.42
N LEU E 160 27.90 47.95 -50.92
CA LEU E 160 28.85 48.81 -50.23
C LEU E 160 28.16 49.87 -49.37
N LYS E 161 26.85 49.97 -49.56
CA LYS E 161 26.05 50.94 -48.83
C LYS E 161 25.72 50.43 -47.42
N TYR E 162 25.53 49.12 -47.33
CA TYR E 162 25.18 48.49 -46.06
C TYR E 162 26.23 47.49 -45.55
N GLY E 163 27.28 47.27 -46.34
CA GLY E 163 28.33 46.34 -45.94
C GLY E 163 29.13 46.84 -44.76
N ARG E 164 28.70 46.50 -43.55
CA ARG E 164 29.35 46.92 -42.32
C ARG E 164 30.83 46.53 -42.24
N THR E 165 31.12 45.26 -42.51
CA THR E 165 32.50 44.79 -42.45
C THR E 165 33.33 45.55 -43.47
N VAL E 166 32.71 45.93 -44.58
CA VAL E 166 33.41 46.70 -45.62
C VAL E 166 33.75 48.10 -45.09
N HIS E 167 32.76 48.74 -44.48
CA HIS E 167 32.96 50.07 -43.91
C HIS E 167 34.09 50.03 -42.89
N SER E 168 34.03 49.06 -41.98
CA SER E 168 35.03 48.91 -40.93
C SER E 168 36.42 48.75 -41.51
N LEU E 169 36.53 47.91 -42.53
CA LEU E 169 37.80 47.67 -43.18
C LEU E 169 38.29 48.89 -43.93
N VAL E 170 37.37 49.59 -44.60
CA VAL E 170 37.76 50.79 -45.34
C VAL E 170 38.33 51.84 -44.39
N TYR E 171 37.76 51.91 -43.19
CA TYR E 171 38.23 52.87 -42.19
C TYR E 171 39.65 52.48 -41.73
N ALA E 172 39.81 51.23 -41.32
CA ALA E 172 41.10 50.75 -40.86
C ALA E 172 42.14 51.01 -41.92
N LEU E 173 41.85 50.60 -43.16
CA LEU E 173 42.81 50.79 -44.24
C LEU E 173 43.14 52.25 -44.47
N SER E 174 42.20 53.13 -44.18
CA SER E 174 42.43 54.56 -44.37
C SER E 174 43.48 55.09 -43.41
N LEU E 175 43.94 54.23 -42.48
CA LEU E 175 44.95 54.64 -41.51
C LEU E 175 46.33 54.30 -42.01
N PHE E 176 46.39 53.57 -43.12
CA PHE E 176 47.67 53.21 -43.68
C PHE E 176 48.04 54.13 -44.83
N GLU E 177 49.33 54.11 -45.18
CA GLU E 177 49.90 54.92 -46.24
C GLU E 177 49.55 54.48 -47.66
N ASN E 178 49.12 55.44 -48.46
CA ASN E 178 48.81 55.24 -49.86
C ASN E 178 48.05 53.98 -50.24
N VAL E 179 46.86 53.80 -49.68
CA VAL E 179 46.05 52.65 -50.05
C VAL E 179 45.07 53.13 -51.12
N GLU E 180 45.09 52.48 -52.28
CA GLU E 180 44.20 52.86 -53.37
C GLU E 180 42.96 52.00 -53.30
N MET E 181 41.80 52.62 -53.15
CA MET E 181 40.56 51.90 -53.02
C MET E 181 39.63 52.01 -54.24
N TYR E 182 38.98 50.90 -54.57
CA TYR E 182 38.03 50.84 -55.68
C TYR E 182 36.73 50.29 -55.13
N PHE E 183 35.63 50.99 -55.40
CA PHE E 183 34.32 50.58 -54.90
C PHE E 183 33.35 50.16 -56.01
N VAL E 184 33.45 48.89 -56.42
CA VAL E 184 32.59 48.35 -57.47
C VAL E 184 31.24 47.97 -56.88
N SER E 185 30.16 48.57 -57.38
CA SER E 185 28.83 48.27 -56.86
C SER E 185 27.69 48.80 -57.70
N PRO E 186 26.47 48.30 -57.45
CA PRO E 186 25.29 48.77 -58.19
C PRO E 186 25.10 50.23 -57.76
N LYS E 187 24.45 51.04 -58.59
CA LYS E 187 24.28 52.45 -58.24
C LYS E 187 23.49 52.64 -56.95
N GLU E 188 22.62 51.69 -56.64
CA GLU E 188 21.80 51.78 -55.43
C GLU E 188 22.57 51.43 -54.16
N LEU E 189 23.63 50.65 -54.31
CA LEU E 189 24.41 50.24 -53.15
C LEU E 189 25.81 50.85 -53.09
N ARG E 190 25.91 52.13 -53.41
CA ARG E 190 27.20 52.81 -53.39
C ARG E 190 27.66 53.07 -51.96
N LEU E 191 28.97 53.25 -51.78
CA LEU E 191 29.52 53.50 -50.47
C LEU E 191 28.93 54.79 -49.90
N PRO E 192 28.46 54.76 -48.64
CA PRO E 192 27.87 55.89 -47.93
C PRO E 192 28.58 57.22 -48.17
N LYS E 193 27.79 58.28 -48.34
CA LYS E 193 28.32 59.61 -48.60
C LYS E 193 29.29 60.07 -47.53
N ASP E 194 28.87 60.00 -46.26
CA ASP E 194 29.72 60.41 -45.17
C ASP E 194 31.05 59.65 -45.12
N ILE E 195 31.04 58.39 -45.55
CA ILE E 195 32.27 57.60 -45.55
C ILE E 195 33.22 58.17 -46.60
N ILE E 196 32.68 58.47 -47.78
CA ILE E 196 33.49 59.02 -48.86
C ILE E 196 34.12 60.32 -48.40
N GLU E 197 33.37 61.10 -47.61
CA GLU E 197 33.87 62.35 -47.07
C GLU E 197 35.12 62.11 -46.25
N ASP E 198 35.06 61.14 -45.33
CA ASP E 198 36.20 60.85 -44.50
C ASP E 198 37.39 60.43 -45.35
N LEU E 199 37.14 59.71 -46.44
CA LEU E 199 38.21 59.27 -47.30
C LEU E 199 38.85 60.48 -47.91
N LYS E 200 38.02 61.43 -48.35
CA LYS E 200 38.50 62.67 -48.95
C LYS E 200 39.32 63.42 -47.93
N ALA E 201 38.77 63.55 -46.73
CA ALA E 201 39.43 64.25 -45.64
C ALA E 201 40.80 63.67 -45.35
N LYS E 202 40.97 62.38 -45.66
CA LYS E 202 42.24 61.73 -45.42
C LYS E 202 43.06 61.64 -46.70
N ASN E 203 42.66 62.40 -47.72
CA ASN E 203 43.37 62.40 -49.00
C ASN E 203 43.68 60.98 -49.44
N ILE E 204 42.65 60.22 -49.75
CA ILE E 204 42.80 58.85 -50.16
C ILE E 204 42.31 58.65 -51.57
N LYS E 205 43.21 58.18 -52.43
CA LYS E 205 42.89 57.94 -53.83
C LYS E 205 41.88 56.80 -53.90
N PHE E 206 40.66 57.10 -54.33
CA PHE E 206 39.62 56.08 -54.44
C PHE E 206 38.74 56.32 -55.65
N TYR E 207 38.18 55.25 -56.19
CA TYR E 207 37.32 55.35 -57.36
C TYR E 207 36.08 54.51 -57.18
N GLU E 208 34.95 55.04 -57.62
CA GLU E 208 33.70 54.31 -57.53
C GLU E 208 33.42 53.78 -58.93
N LYS E 209 33.39 52.46 -59.08
CA LYS E 209 33.14 51.84 -60.36
C LYS E 209 31.80 51.12 -60.36
N GLU E 210 31.22 50.99 -61.54
CA GLU E 210 29.91 50.35 -61.68
C GLU E 210 30.04 48.94 -62.25
N SER E 211 31.22 48.60 -62.73
CA SER E 211 31.45 47.27 -63.28
C SER E 211 32.77 46.66 -62.83
N LEU E 212 32.84 45.33 -62.83
CA LEU E 212 34.06 44.65 -62.44
C LEU E 212 35.10 44.84 -63.53
N ASP E 213 34.65 45.25 -64.70
CA ASP E 213 35.54 45.42 -65.82
C ASP E 213 36.37 46.69 -65.76
N ASP E 214 35.85 47.71 -65.11
CA ASP E 214 36.58 48.97 -64.98
C ASP E 214 37.79 48.81 -64.04
N LEU E 215 38.31 47.60 -63.96
CA LEU E 215 39.46 47.33 -63.10
C LEU E 215 40.59 46.71 -63.89
N ASP E 216 41.79 47.24 -63.69
CA ASP E 216 42.98 46.73 -64.37
C ASP E 216 43.65 45.71 -63.45
N ASP E 217 44.54 44.89 -64.01
CA ASP E 217 45.22 43.87 -63.21
C ASP E 217 46.29 44.44 -62.29
N ASP E 218 46.06 45.64 -61.79
CA ASP E 218 47.01 46.29 -60.89
C ASP E 218 46.46 46.20 -59.45
N ILE E 219 45.35 45.48 -59.31
CA ILE E 219 44.70 45.29 -58.03
C ILE E 219 45.34 44.15 -57.25
N ASP E 220 45.61 44.40 -55.98
CA ASP E 220 46.24 43.40 -55.13
C ASP E 220 45.18 42.55 -54.43
N VAL E 221 44.14 43.22 -53.96
CA VAL E 221 43.08 42.54 -53.23
C VAL E 221 41.65 42.87 -53.72
N LEU E 222 40.87 41.80 -53.91
CA LEU E 222 39.46 41.90 -54.33
C LEU E 222 38.60 41.39 -53.16
N TYR E 223 38.05 42.33 -52.39
CA TYR E 223 37.23 41.98 -51.23
C TYR E 223 35.77 41.89 -51.66
N VAL E 224 35.25 40.67 -51.70
CA VAL E 224 33.88 40.44 -52.12
C VAL E 224 32.93 40.38 -50.93
N THR E 225 31.88 41.19 -51.00
CA THR E 225 30.87 41.24 -49.94
C THR E 225 29.54 40.76 -50.51
N ARG E 226 28.67 40.22 -49.66
CA ARG E 226 27.37 39.73 -50.10
C ARG E 226 26.39 40.82 -50.53
N ILE E 227 25.38 40.45 -51.31
CA ILE E 227 24.34 41.39 -51.73
C ILE E 227 23.01 40.69 -51.51
N GLN E 228 22.36 41.05 -50.40
CA GLN E 228 21.09 40.48 -49.98
C GLN E 228 19.87 40.74 -50.86
N LYS E 229 18.91 39.82 -50.77
CA LYS E 229 17.67 39.88 -51.53
C LYS E 229 16.82 41.08 -51.11
N GLU E 230 16.94 41.42 -49.84
CA GLU E 230 16.21 42.52 -49.23
C GLU E 230 16.49 43.88 -49.89
N ARG E 231 17.54 43.94 -50.71
CA ARG E 231 17.91 45.17 -51.39
C ARG E 231 17.21 45.27 -52.74
N PHE E 232 16.81 44.12 -53.28
CA PHE E 232 16.12 44.06 -54.54
C PHE E 232 14.96 43.09 -54.42
N PRO E 233 13.85 43.53 -53.82
CA PRO E 233 12.66 42.68 -53.64
C PRO E 233 12.24 42.03 -54.95
N ASP E 234 12.39 42.74 -56.06
CA ASP E 234 12.02 42.21 -57.35
C ASP E 234 13.05 41.18 -57.80
N PRO E 235 12.64 39.90 -57.91
CA PRO E 235 13.56 38.85 -58.33
C PRO E 235 14.31 39.22 -59.61
N ASN E 236 13.57 39.71 -60.61
CA ASN E 236 14.16 40.11 -61.88
C ASN E 236 15.37 41.01 -61.61
N GLU E 237 15.13 42.07 -60.86
CA GLU E 237 16.17 43.02 -60.47
C GLU E 237 17.37 42.29 -59.85
N TYR E 238 17.10 41.62 -58.73
CA TYR E 238 18.10 40.88 -57.99
C TYR E 238 18.90 39.95 -58.89
N GLU E 239 18.20 39.16 -59.69
CA GLU E 239 18.84 38.23 -60.61
C GLU E 239 19.84 39.03 -61.41
N LYS E 240 19.37 40.15 -61.96
CA LYS E 240 20.17 41.05 -62.76
C LYS E 240 21.47 41.43 -62.05
N VAL E 241 21.33 41.90 -60.82
CA VAL E 241 22.48 42.33 -60.02
C VAL E 241 23.45 41.18 -59.67
N LYS E 242 22.90 40.03 -59.30
CA LYS E 242 23.75 38.89 -58.96
C LYS E 242 24.69 38.59 -60.10
N GLY E 243 24.14 38.44 -61.29
CA GLY E 243 24.95 38.12 -62.45
C GLY E 243 26.00 39.17 -62.75
N SER E 244 25.64 40.43 -62.58
CA SER E 244 26.54 41.54 -62.86
C SER E 244 27.81 41.59 -61.98
N TYR E 245 27.70 41.20 -60.72
CA TYR E 245 28.84 41.26 -59.83
C TYR E 245 29.40 39.93 -59.39
N LYS E 246 28.83 38.85 -59.90
CA LYS E 246 29.32 37.54 -59.50
C LYS E 246 30.74 37.38 -60.00
N ILE E 247 31.62 36.90 -59.13
CA ILE E 247 33.01 36.66 -59.49
C ILE E 247 33.07 35.29 -60.15
N LYS E 248 33.32 35.28 -61.45
CA LYS E 248 33.40 34.03 -62.20
C LYS E 248 34.85 33.61 -62.44
N ARG E 249 35.06 32.31 -62.65
CA ARG E 249 36.40 31.78 -62.88
C ARG E 249 37.11 32.47 -64.02
N GLU E 250 36.40 32.61 -65.13
CA GLU E 250 36.94 33.24 -66.33
C GLU E 250 37.57 34.59 -66.04
N TYR E 251 36.92 35.37 -65.19
CA TYR E 251 37.37 36.70 -64.81
C TYR E 251 38.59 36.68 -63.92
N VAL E 252 38.66 35.67 -63.07
CA VAL E 252 39.74 35.50 -62.11
C VAL E 252 41.06 35.05 -62.72
N GLU E 253 41.01 33.97 -63.50
CA GLU E 253 42.18 33.40 -64.15
C GLU E 253 43.18 34.46 -64.60
N GLY E 254 44.43 34.32 -64.18
CA GLY E 254 45.46 35.28 -64.58
C GLY E 254 45.51 36.63 -63.89
N LYS E 255 44.58 36.89 -62.99
CA LYS E 255 44.60 38.17 -62.30
C LYS E 255 45.60 38.14 -61.14
N LYS E 256 46.24 39.28 -60.92
CA LYS E 256 47.23 39.45 -59.87
C LYS E 256 46.65 39.39 -58.48
N PHE E 257 45.44 39.93 -58.34
CA PHE E 257 44.77 39.99 -57.04
C PHE E 257 44.50 38.66 -56.32
N ILE E 258 44.16 38.77 -55.03
CA ILE E 258 43.77 37.63 -54.21
C ILE E 258 42.31 37.95 -53.92
N ILE E 259 41.49 36.92 -53.78
CA ILE E 259 40.07 37.13 -53.52
C ILE E 259 39.74 36.89 -52.05
N MET E 260 39.19 37.90 -51.39
CA MET E 260 38.80 37.77 -50.00
C MET E 260 37.28 37.84 -49.89
N HIS E 261 36.76 37.18 -48.87
CA HIS E 261 35.32 37.16 -48.63
C HIS E 261 35.12 36.74 -47.18
N PRO E 262 34.51 37.60 -46.36
CA PRO E 262 34.26 37.33 -44.95
C PRO E 262 33.40 36.10 -44.68
N LEU E 263 32.73 35.60 -45.71
CA LEU E 263 31.88 34.42 -45.58
C LEU E 263 30.68 34.70 -44.69
N PRO E 264 29.61 33.89 -44.85
CA PRO E 264 29.54 32.78 -45.81
C PRO E 264 29.28 33.29 -47.20
N ARG E 265 29.82 32.60 -48.19
CA ARG E 265 29.54 33.04 -49.55
C ARG E 265 28.41 32.17 -50.06
N VAL E 266 27.54 32.76 -50.86
CA VAL E 266 26.42 32.06 -51.42
C VAL E 266 26.41 32.22 -52.93
N ASP E 267 26.28 33.45 -53.41
CA ASP E 267 26.24 33.70 -54.85
C ASP E 267 27.44 34.51 -55.33
N GLU E 268 27.97 35.34 -54.44
CA GLU E 268 29.09 36.22 -54.74
C GLU E 268 30.28 35.64 -55.51
N ILE E 269 30.59 34.38 -55.29
CA ILE E 269 31.73 33.76 -55.97
C ILE E 269 31.45 32.33 -56.43
N ASP E 270 31.65 32.07 -57.73
CA ASP E 270 31.40 30.74 -58.27
C ASP E 270 32.27 29.70 -57.59
N TYR E 271 31.80 28.45 -57.57
CA TYR E 271 32.55 27.39 -56.93
C TYR E 271 33.80 26.99 -57.71
N ASP E 272 33.78 27.20 -59.02
CA ASP E 272 34.92 26.84 -59.84
C ASP E 272 36.09 27.81 -59.62
N VAL E 273 35.84 28.87 -58.85
CA VAL E 273 36.86 29.87 -58.54
C VAL E 273 37.68 29.40 -57.34
N ASP E 274 37.07 28.55 -56.51
CA ASP E 274 37.70 28.03 -55.30
C ASP E 274 39.10 27.49 -55.47
N ASP E 275 39.30 26.59 -56.43
CA ASP E 275 40.61 25.99 -56.65
C ASP E 275 41.62 26.88 -57.38
N LEU E 276 41.23 28.11 -57.72
CA LEU E 276 42.17 29.00 -58.39
C LEU E 276 43.13 29.59 -57.36
N PRO E 277 44.39 29.85 -57.77
CA PRO E 277 45.42 30.41 -56.88
C PRO E 277 45.04 31.67 -56.12
N GLN E 278 44.33 32.59 -56.77
CA GLN E 278 43.96 33.83 -56.11
C GLN E 278 42.83 33.72 -55.09
N ALA E 279 42.18 32.57 -55.03
CA ALA E 279 41.12 32.36 -54.05
C ALA E 279 41.77 32.24 -52.67
N LYS E 280 41.47 33.18 -51.79
CA LYS E 280 42.04 33.18 -50.46
C LYS E 280 41.02 33.30 -49.32
N TYR E 281 39.72 33.24 -49.61
CA TYR E 281 38.71 33.40 -48.56
C TYR E 281 38.68 32.34 -47.47
N PHE E 282 39.06 31.12 -47.81
CA PHE E 282 39.09 30.06 -46.79
C PHE E 282 40.33 30.19 -45.93
N LYS E 283 41.40 30.73 -46.52
CA LYS E 283 42.63 30.94 -45.79
C LYS E 283 42.34 32.07 -44.82
N GLN E 284 41.62 33.06 -45.33
CA GLN E 284 41.22 34.21 -44.55
C GLN E 284 40.41 33.71 -43.36
N SER E 285 39.59 32.69 -43.60
CA SER E 285 38.76 32.10 -42.56
C SER E 285 39.63 31.59 -41.42
N PHE E 286 40.66 30.86 -41.81
CA PHE E 286 41.60 30.30 -40.87
C PHE E 286 42.30 31.39 -40.06
N TYR E 287 42.75 32.44 -40.75
CA TYR E 287 43.45 33.54 -40.09
C TYR E 287 42.71 34.11 -38.91
N GLY E 288 41.41 33.90 -38.88
CA GLY E 288 40.62 34.40 -37.76
C GLY E 288 41.06 33.75 -36.46
N ILE E 289 41.48 32.51 -36.51
CA ILE E 289 41.92 31.81 -35.31
C ILE E 289 43.15 32.44 -34.67
N PRO E 290 44.23 32.62 -35.45
CA PRO E 290 45.45 33.22 -34.91
C PRO E 290 45.25 34.64 -34.39
N VAL E 291 44.51 35.47 -35.14
CA VAL E 291 44.31 36.84 -34.70
C VAL E 291 43.40 36.89 -33.48
N ARG E 292 42.48 35.94 -33.39
CA ARG E 292 41.60 35.93 -32.23
C ARG E 292 42.38 35.43 -31.03
N MET E 293 43.34 34.54 -31.27
CA MET E 293 44.18 34.03 -30.20
C MET E 293 44.98 35.21 -29.74
N ALA E 294 45.46 35.99 -30.70
CA ALA E 294 46.27 37.17 -30.43
C ALA E 294 45.49 38.12 -29.54
N ILE E 295 44.25 38.39 -29.94
CA ILE E 295 43.40 39.32 -29.18
C ILE E 295 43.07 38.85 -27.78
N LEU E 296 42.69 37.60 -27.66
CA LEU E 296 42.35 37.04 -26.37
C LEU E 296 43.55 37.13 -25.44
N LYS E 297 44.70 36.70 -25.96
CA LYS E 297 45.93 36.72 -25.20
C LYS E 297 46.22 38.14 -24.73
N LYS E 298 46.33 39.05 -25.68
CA LYS E 298 46.61 40.44 -25.36
C LYS E 298 45.66 41.00 -24.31
N LEU E 299 44.37 40.99 -24.58
CA LEU E 299 43.40 41.51 -23.63
C LEU E 299 43.54 40.97 -22.22
N ILE E 300 43.87 39.69 -22.11
CA ILE E 300 44.03 39.10 -20.78
C ILE E 300 45.31 39.56 -20.10
N GLU E 301 46.41 39.61 -20.86
CA GLU E 301 47.71 40.05 -20.34
C GLU E 301 47.65 41.53 -19.99
N ASP E 302 47.21 42.34 -20.94
CA ASP E 302 47.12 43.77 -20.73
C ASP E 302 46.42 44.11 -19.43
N ASN E 303 45.64 43.16 -18.92
CA ASN E 303 44.91 43.41 -17.69
C ASN E 303 45.26 42.35 -16.69
N GLU E 304 46.48 41.83 -16.75
CA GLU E 304 46.93 40.76 -15.86
C GLU E 304 47.09 41.18 -14.40
N GLY E 305 47.07 42.48 -14.15
CA GLY E 305 47.19 42.94 -12.78
C GLY E 305 45.84 42.92 -12.10
N GLU E 306 45.23 44.10 -11.99
CA GLU E 306 43.93 44.28 -11.38
C GLU E 306 42.88 43.32 -11.94
N MET F 1 44.36 4.58 -42.49
CA MET F 1 42.94 5.03 -42.61
C MET F 1 42.86 6.52 -42.40
N LYS F 2 42.34 7.24 -43.39
CA LYS F 2 42.22 8.69 -43.26
C LYS F 2 40.82 9.22 -42.98
N HIS F 3 39.83 8.33 -43.10
CA HIS F 3 38.43 8.68 -42.83
C HIS F 3 37.69 7.43 -42.42
N LEU F 4 36.51 7.59 -41.83
CA LEU F 4 35.70 6.45 -41.45
C LEU F 4 34.30 6.75 -41.98
N ILE F 5 34.09 6.45 -43.26
CA ILE F 5 32.81 6.74 -43.88
C ILE F 5 31.84 5.59 -43.87
N SER F 6 32.31 4.41 -44.24
CA SER F 6 31.44 3.23 -44.29
C SER F 6 32.10 1.94 -43.84
N MET F 7 31.32 1.05 -43.24
CA MET F 7 31.85 -0.23 -42.78
C MET F 7 32.37 -1.02 -43.97
N LYS F 8 31.80 -0.73 -45.13
CA LYS F 8 32.18 -1.43 -46.35
C LYS F 8 33.53 -1.01 -46.87
N ASP F 9 34.22 -0.16 -46.13
CA ASP F 9 35.55 0.28 -46.54
C ASP F 9 36.55 -0.37 -45.60
N ILE F 10 36.04 -1.13 -44.65
CA ILE F 10 36.90 -1.79 -43.67
C ILE F 10 36.82 -3.31 -43.79
N GLY F 11 37.95 -3.97 -43.55
CA GLY F 11 37.99 -5.42 -43.62
C GLY F 11 38.09 -6.03 -42.24
N LYS F 12 37.85 -7.33 -42.13
CA LYS F 12 37.90 -8.03 -40.86
C LYS F 12 39.20 -7.74 -40.11
N GLU F 13 40.29 -7.59 -40.86
CA GLU F 13 41.58 -7.31 -40.25
C GLU F 13 41.56 -6.00 -39.48
N GLU F 14 41.28 -4.92 -40.21
CA GLU F 14 41.23 -3.58 -39.61
C GLU F 14 40.20 -3.52 -38.49
N ILE F 15 39.09 -4.23 -38.65
CA ILE F 15 38.05 -4.26 -37.64
C ILE F 15 38.65 -4.75 -36.33
N LEU F 16 39.34 -5.88 -36.40
CA LEU F 16 39.94 -6.45 -35.22
C LEU F 16 40.98 -5.50 -34.64
N GLU F 17 41.77 -4.87 -35.49
CA GLU F 17 42.77 -3.92 -35.03
C GLU F 17 42.09 -2.87 -34.16
N ILE F 18 40.97 -2.37 -34.67
CA ILE F 18 40.20 -1.35 -33.97
C ILE F 18 39.65 -1.90 -32.66
N LEU F 19 39.09 -3.10 -32.72
CA LEU F 19 38.54 -3.70 -31.51
C LEU F 19 39.63 -3.84 -30.46
N ASP F 20 40.86 -4.07 -30.90
CA ASP F 20 41.98 -4.21 -29.97
C ASP F 20 42.26 -2.89 -29.31
N GLU F 21 42.43 -1.86 -30.13
CA GLU F 21 42.69 -0.49 -29.67
C GLU F 21 41.59 -0.10 -28.67
N ALA F 22 40.37 -0.52 -28.98
CA ALA F 22 39.24 -0.23 -28.13
C ALA F 22 39.47 -0.84 -26.76
N ARG F 23 39.90 -2.10 -26.71
CA ARG F 23 40.14 -2.75 -25.42
C ARG F 23 41.19 -1.99 -24.62
N LYS F 24 42.22 -1.51 -25.30
CA LYS F 24 43.26 -0.75 -24.62
C LYS F 24 42.63 0.48 -23.99
N MET F 25 41.85 1.20 -24.79
CA MET F 25 41.16 2.40 -24.34
C MET F 25 40.28 2.08 -23.14
N GLU F 26 39.53 0.98 -23.19
CA GLU F 26 38.67 0.61 -22.07
C GLU F 26 39.50 0.44 -20.81
N GLU F 27 40.66 -0.20 -20.94
CA GLU F 27 41.54 -0.44 -19.81
C GLU F 27 42.03 0.87 -19.28
N LEU F 28 42.40 1.76 -20.20
CA LEU F 28 42.88 3.07 -19.83
C LEU F 28 41.84 3.83 -19.01
N LEU F 29 40.58 3.62 -19.32
CA LEU F 29 39.53 4.28 -18.59
C LEU F 29 39.56 3.73 -17.20
N ASN F 30 39.82 2.44 -17.08
CA ASN F 30 39.88 1.82 -15.76
C ASN F 30 41.04 2.44 -15.01
N THR F 31 42.08 2.84 -15.73
CA THR F 31 43.25 3.48 -15.15
C THR F 31 42.77 4.59 -14.21
N LYS F 32 41.60 5.16 -14.52
CA LYS F 32 41.02 6.24 -13.74
C LYS F 32 42.04 7.34 -13.48
N ARG F 33 42.82 7.61 -14.52
CA ARG F 33 43.85 8.63 -14.50
C ARG F 33 43.63 9.51 -15.70
N PRO F 34 43.87 10.81 -15.54
CA PRO F 34 43.69 11.74 -16.65
C PRO F 34 44.50 11.26 -17.84
N LEU F 35 43.84 11.03 -18.97
CA LEU F 35 44.57 10.60 -20.15
C LEU F 35 44.85 11.85 -20.96
N LYS F 36 45.95 11.88 -21.71
CA LYS F 36 46.26 13.04 -22.51
C LYS F 36 46.70 12.67 -23.92
N LEU F 37 46.30 11.48 -24.36
CA LEU F 37 46.66 10.99 -25.69
C LEU F 37 46.34 11.96 -26.80
N LEU F 38 45.20 12.66 -26.69
CA LEU F 38 44.84 13.63 -27.72
C LEU F 38 44.82 15.04 -27.17
N GLU F 39 45.70 15.30 -26.21
CA GLU F 39 45.80 16.57 -25.54
C GLU F 39 45.57 17.81 -26.39
N GLY F 40 46.48 18.13 -27.28
CA GLY F 40 46.28 19.35 -28.05
C GLY F 40 45.24 19.34 -29.18
N LYS F 41 44.47 18.27 -29.28
CA LYS F 41 43.51 18.13 -30.36
C LYS F 41 42.10 18.65 -30.11
N ILE F 42 41.44 19.04 -31.20
CA ILE F 42 40.08 19.54 -31.15
C ILE F 42 39.16 18.75 -32.09
N LEU F 43 38.06 18.24 -31.55
CA LEU F 43 37.10 17.49 -32.34
C LEU F 43 35.95 18.41 -32.68
N ALA F 44 35.48 18.36 -33.93
CA ALA F 44 34.35 19.19 -34.33
C ALA F 44 33.14 18.30 -34.59
N THR F 45 32.07 18.59 -33.89
CA THR F 45 30.82 17.86 -34.02
C THR F 45 29.94 18.66 -34.97
N VAL F 46 29.86 18.23 -36.22
CA VAL F 46 29.01 18.94 -37.20
C VAL F 46 27.75 18.13 -37.53
N PHE F 47 26.67 18.45 -36.84
CA PHE F 47 25.41 17.75 -37.01
C PHE F 47 24.35 18.60 -37.69
N TYR F 48 23.86 18.15 -38.84
CA TYR F 48 22.80 18.89 -39.51
C TYR F 48 21.48 18.39 -38.93
N GLU F 49 21.34 17.08 -38.83
CA GLU F 49 20.17 16.48 -38.22
C GLU F 49 20.64 16.11 -36.80
N PRO F 50 20.17 16.84 -35.79
CA PRO F 50 20.55 16.62 -34.39
C PRO F 50 20.46 15.20 -33.86
N SER F 51 21.35 14.89 -32.91
CA SER F 51 21.41 13.60 -32.23
C SER F 51 22.21 13.77 -30.95
N THR F 52 21.53 14.20 -29.89
CA THR F 52 22.19 14.41 -28.61
C THR F 52 22.97 13.17 -28.18
N ARG F 53 22.43 11.99 -28.48
CA ARG F 53 23.08 10.73 -28.12
C ARG F 53 24.46 10.56 -28.74
N THR F 54 24.51 10.61 -30.07
CA THR F 54 25.76 10.45 -30.76
C THR F 54 26.77 11.52 -30.36
N ARG F 55 26.32 12.77 -30.31
CA ARG F 55 27.21 13.87 -29.94
C ARG F 55 27.85 13.63 -28.58
N LEU F 56 27.03 13.38 -27.57
CA LEU F 56 27.55 13.14 -26.23
C LEU F 56 28.53 11.98 -26.16
N SER F 57 28.26 10.94 -26.94
CA SER F 57 29.13 9.78 -26.94
C SER F 57 30.52 10.20 -27.42
N PHE F 58 30.59 10.75 -28.64
CA PHE F 58 31.86 11.22 -29.20
C PHE F 58 32.51 12.32 -28.38
N GLU F 59 31.68 13.18 -27.78
CA GLU F 59 32.20 14.26 -26.98
C GLU F 59 32.91 13.69 -25.77
N THR F 60 32.27 12.72 -25.14
CA THR F 60 32.84 12.10 -23.96
C THR F 60 34.15 11.44 -24.34
N ALA F 61 34.11 10.63 -25.39
CA ALA F 61 35.28 9.92 -25.84
C ALA F 61 36.47 10.87 -26.07
N MET F 62 36.23 11.95 -26.80
CA MET F 62 37.29 12.92 -27.10
C MET F 62 37.86 13.53 -25.84
N LYS F 63 36.99 13.89 -24.91
CA LYS F 63 37.44 14.48 -23.67
C LYS F 63 38.17 13.49 -22.77
N ARG F 64 37.80 12.21 -22.85
CA ARG F 64 38.46 11.17 -22.05
C ARG F 64 39.91 11.01 -22.51
N LEU F 65 40.17 11.31 -23.77
CA LEU F 65 41.51 11.23 -24.30
C LEU F 65 42.24 12.56 -24.08
N GLY F 66 41.63 13.44 -23.30
CA GLY F 66 42.23 14.73 -23.03
C GLY F 66 42.10 15.76 -24.14
N GLY F 67 41.20 15.52 -25.09
CA GLY F 67 41.02 16.45 -26.19
C GLY F 67 39.93 17.48 -25.93
N GLU F 68 39.83 18.43 -26.84
CA GLU F 68 38.83 19.46 -26.71
C GLU F 68 37.78 19.25 -27.79
N VAL F 69 36.61 19.86 -27.61
CA VAL F 69 35.53 19.71 -28.58
C VAL F 69 34.80 21.02 -28.87
N ILE F 70 34.50 21.28 -30.14
CA ILE F 70 33.70 22.44 -30.51
C ILE F 70 32.49 21.84 -31.22
N THR F 71 31.29 22.26 -30.82
CA THR F 71 30.08 21.72 -31.42
C THR F 71 29.34 22.72 -32.27
N MET F 72 28.69 22.20 -33.31
CA MET F 72 27.92 22.99 -34.23
C MET F 72 26.79 22.07 -34.71
N THR F 73 25.64 22.15 -34.05
CA THR F 73 24.52 21.30 -34.41
C THR F 73 23.41 22.09 -35.10
N ASP F 74 22.52 21.36 -35.77
CA ASP F 74 21.40 21.91 -36.51
C ASP F 74 21.80 23.02 -37.48
N LEU F 75 21.90 22.65 -38.74
CA LEU F 75 22.24 23.58 -39.81
C LEU F 75 21.18 23.35 -40.89
N LYS F 76 20.27 22.44 -40.58
CA LYS F 76 19.16 22.13 -41.44
C LYS F 76 18.09 23.14 -41.05
N SER F 77 18.53 24.21 -40.39
CA SER F 77 17.64 25.28 -39.92
C SER F 77 18.04 26.66 -40.44
N SER F 78 17.12 27.62 -40.30
CA SER F 78 17.29 29.00 -40.74
C SER F 78 18.63 29.66 -40.40
N SER F 79 18.83 30.00 -39.14
CA SER F 79 20.05 30.67 -38.69
C SER F 79 21.36 29.88 -38.83
N VAL F 80 21.53 28.86 -37.99
CA VAL F 80 22.75 28.05 -37.97
C VAL F 80 23.02 27.32 -39.31
N ALA F 81 23.57 28.05 -40.28
CA ALA F 81 23.92 27.51 -41.61
C ALA F 81 23.89 28.54 -42.74
N LYS F 82 23.08 29.58 -42.56
CA LYS F 82 22.92 30.68 -43.52
C LYS F 82 23.21 30.42 -45.02
N GLY F 83 22.41 29.55 -45.63
CA GLY F 83 22.55 29.24 -47.05
C GLY F 83 23.92 28.79 -47.52
N GLU F 84 24.80 28.52 -46.56
CA GLU F 84 26.16 28.09 -46.82
C GLU F 84 26.15 26.60 -47.08
N SER F 85 26.88 26.15 -48.10
CA SER F 85 26.91 24.73 -48.45
C SER F 85 27.77 23.88 -47.54
N LEU F 86 27.42 22.60 -47.46
CA LEU F 86 28.14 21.64 -46.64
C LEU F 86 29.61 21.77 -46.95
N ILE F 87 29.91 21.82 -48.24
CA ILE F 87 31.27 21.94 -48.71
C ILE F 87 32.03 23.14 -48.11
N ASP F 88 31.39 24.30 -48.06
CA ASP F 88 32.03 25.48 -47.50
C ASP F 88 32.22 25.30 -46.01
N THR F 89 31.19 24.80 -45.33
CA THR F 89 31.28 24.57 -43.90
C THR F 89 32.41 23.61 -43.56
N ILE F 90 32.45 22.48 -44.25
CA ILE F 90 33.48 21.48 -44.00
C ILE F 90 34.86 22.09 -44.15
N ARG F 91 35.00 22.96 -45.15
CA ARG F 91 36.28 23.59 -45.36
C ARG F 91 36.65 24.54 -44.23
N VAL F 92 35.69 25.31 -43.75
CA VAL F 92 35.98 26.23 -42.66
C VAL F 92 36.29 25.48 -41.38
N ILE F 93 35.42 24.53 -41.01
CA ILE F 93 35.62 23.73 -39.80
C ILE F 93 36.90 22.91 -39.90
N SER F 94 37.15 22.39 -41.09
CA SER F 94 38.34 21.60 -41.37
C SER F 94 39.58 22.39 -41.00
N GLY F 95 39.50 23.70 -41.17
CA GLY F 95 40.61 24.58 -40.85
C GLY F 95 40.70 24.90 -39.38
N TYR F 96 39.59 24.79 -38.66
CA TYR F 96 39.57 25.06 -37.24
C TYR F 96 40.04 23.88 -36.42
N ALA F 97 39.35 22.75 -36.58
CA ALA F 97 39.64 21.54 -35.81
C ALA F 97 40.65 20.57 -36.41
N ASP F 98 40.84 19.46 -35.71
CA ASP F 98 41.78 18.44 -36.11
C ASP F 98 41.05 17.18 -36.61
N ILE F 99 39.78 17.07 -36.29
CA ILE F 99 39.00 15.92 -36.73
C ILE F 99 37.52 16.26 -36.63
N ILE F 100 36.74 15.77 -37.59
CA ILE F 100 35.31 16.06 -37.65
C ILE F 100 34.37 14.86 -37.65
N VAL F 101 33.31 14.92 -36.85
CA VAL F 101 32.30 13.87 -36.84
C VAL F 101 31.11 14.52 -37.53
N LEU F 102 30.79 14.06 -38.74
CA LEU F 102 29.69 14.62 -39.51
C LEU F 102 28.40 13.84 -39.48
N ARG F 103 27.29 14.56 -39.55
CA ARG F 103 25.96 13.97 -39.54
C ARG F 103 25.12 14.76 -40.54
N HIS F 104 24.94 14.22 -41.74
CA HIS F 104 24.19 14.95 -42.75
C HIS F 104 23.15 14.07 -43.40
N PRO F 105 22.04 14.68 -43.87
CA PRO F 105 20.92 13.99 -44.54
C PRO F 105 21.21 13.40 -45.94
N SER F 106 21.69 14.26 -46.84
CA SER F 106 22.02 13.83 -48.20
C SER F 106 22.89 12.56 -48.24
N GLU F 107 22.80 11.80 -49.32
CA GLU F 107 23.56 10.57 -49.40
C GLU F 107 25.06 10.73 -49.51
N GLY F 108 25.54 11.48 -50.51
CA GLY F 108 26.97 11.65 -50.66
C GLY F 108 27.61 12.18 -49.38
N ALA F 109 26.97 13.22 -48.84
CA ALA F 109 27.38 13.89 -47.60
C ALA F 109 28.77 13.54 -47.07
N ALA F 110 28.81 12.59 -46.15
CA ALA F 110 30.04 12.14 -45.51
C ALA F 110 31.18 12.02 -46.53
N ARG F 111 31.01 11.09 -47.47
CA ARG F 111 32.00 10.85 -48.50
C ARG F 111 32.43 12.17 -49.14
N LEU F 112 31.46 12.93 -49.59
CA LEU F 112 31.75 14.21 -50.24
C LEU F 112 32.56 15.10 -49.30
N ALA F 113 32.07 15.23 -48.07
CA ALA F 113 32.72 16.06 -47.06
C ALA F 113 34.19 15.69 -46.92
N SER F 114 34.45 14.39 -46.83
CA SER F 114 35.81 13.89 -46.69
C SER F 114 36.68 14.38 -47.85
N GLU F 115 36.09 14.53 -49.02
CA GLU F 115 36.83 15.01 -50.17
C GLU F 115 37.29 16.46 -50.02
N TYR F 116 36.54 17.28 -49.30
CA TYR F 116 36.89 18.68 -49.11
C TYR F 116 37.50 18.96 -47.74
N SER F 117 37.52 17.96 -46.89
CA SER F 117 38.09 18.12 -45.56
C SER F 117 39.59 17.88 -45.54
N GLN F 118 40.33 18.78 -44.92
CA GLN F 118 41.77 18.64 -44.80
C GLN F 118 41.97 17.96 -43.46
N VAL F 119 40.95 17.24 -43.02
CA VAL F 119 40.95 16.58 -41.72
C VAL F 119 40.10 15.29 -41.78
N PRO F 120 40.39 14.30 -40.92
CA PRO F 120 39.62 13.06 -40.92
C PRO F 120 38.13 13.30 -40.68
N ILE F 121 37.28 12.56 -41.38
CA ILE F 121 35.86 12.72 -41.18
C ILE F 121 35.29 11.41 -40.66
N ILE F 122 34.61 11.44 -39.53
CA ILE F 122 33.98 10.24 -39.00
C ILE F 122 32.51 10.38 -39.33
N ASN F 123 31.96 9.41 -40.05
CA ASN F 123 30.55 9.45 -40.41
C ASN F 123 29.62 8.93 -39.30
N ALA F 124 28.76 9.81 -38.81
CA ALA F 124 27.80 9.45 -37.80
C ALA F 124 26.52 9.17 -38.57
N GLY F 125 26.70 8.86 -39.86
CA GLY F 125 25.56 8.57 -40.71
C GLY F 125 25.11 9.67 -41.65
N ASP F 126 24.87 9.30 -42.90
CA ASP F 126 24.38 10.21 -43.94
C ASP F 126 22.87 10.19 -43.68
N GLY F 127 22.47 10.67 -42.51
CA GLY F 127 21.08 10.63 -42.11
C GLY F 127 21.02 9.27 -41.43
N SER F 128 21.63 8.30 -42.13
CA SER F 128 21.77 6.91 -41.70
C SER F 128 22.57 6.20 -42.79
N ASN F 129 21.95 5.20 -43.42
CA ASN F 129 22.56 4.41 -44.49
C ASN F 129 24.01 3.95 -44.27
N GLN F 130 24.62 4.34 -43.14
CA GLN F 130 25.99 3.95 -42.83
C GLN F 130 26.56 4.60 -41.57
N HIS F 131 26.43 3.90 -40.44
CA HIS F 131 26.93 4.41 -39.17
C HIS F 131 27.96 3.39 -38.67
N PRO F 132 29.20 3.47 -39.15
CA PRO F 132 30.35 2.60 -38.82
C PRO F 132 30.60 2.47 -37.33
N THR F 133 30.87 3.61 -36.71
CA THR F 133 31.16 3.70 -35.29
C THR F 133 30.18 2.90 -34.43
N GLN F 134 28.90 2.83 -34.85
CA GLN F 134 27.91 2.06 -34.09
C GLN F 134 28.14 0.55 -34.24
N THR F 135 28.29 0.11 -35.49
CA THR F 135 28.51 -1.30 -35.78
C THR F 135 29.78 -1.78 -35.09
N LEU F 136 30.82 -0.95 -35.13
CA LEU F 136 32.08 -1.30 -34.51
C LEU F 136 31.91 -1.53 -33.03
N LEU F 137 31.19 -0.64 -32.36
CA LEU F 137 31.00 -0.82 -30.93
C LEU F 137 30.12 -2.05 -30.67
N ASP F 138 29.23 -2.37 -31.62
CA ASP F 138 28.38 -3.54 -31.46
C ASP F 138 29.28 -4.76 -31.47
N LEU F 139 30.16 -4.82 -32.48
CA LEU F 139 31.10 -5.94 -32.63
C LEU F 139 31.95 -6.04 -31.37
N TYR F 140 32.38 -4.89 -30.86
CA TYR F 140 33.18 -4.88 -29.66
C TYR F 140 32.42 -5.48 -28.50
N THR F 141 31.12 -5.20 -28.42
CA THR F 141 30.31 -5.72 -27.32
C THR F 141 30.27 -7.24 -27.39
N ILE F 142 30.04 -7.79 -28.59
CA ILE F 142 29.98 -9.24 -28.77
C ILE F 142 31.34 -9.84 -28.40
N MET F 143 32.38 -9.26 -28.98
CA MET F 143 33.75 -9.68 -28.75
C MET F 143 34.11 -9.67 -27.28
N ARG F 144 33.67 -8.62 -26.60
CA ARG F 144 33.94 -8.42 -25.19
C ARG F 144 33.10 -9.32 -24.30
N GLU F 145 31.79 -9.38 -24.55
CA GLU F 145 30.89 -10.18 -23.72
C GLU F 145 30.84 -11.66 -24.07
N ILE F 146 30.86 -12.00 -25.35
CA ILE F 146 30.77 -13.39 -25.73
C ILE F 146 32.14 -14.01 -25.77
N GLY F 147 33.16 -13.17 -25.84
CA GLY F 147 34.51 -13.69 -25.87
C GLY F 147 35.02 -13.96 -27.27
N ARG F 148 34.15 -13.85 -28.28
CA ARG F 148 34.56 -14.10 -29.66
C ARG F 148 33.44 -13.68 -30.59
N ILE F 149 33.75 -13.46 -31.86
CA ILE F 149 32.74 -13.07 -32.84
C ILE F 149 32.50 -14.24 -33.78
N ASP F 150 33.60 -14.91 -34.16
CA ASP F 150 33.52 -16.06 -35.03
C ASP F 150 32.68 -17.15 -34.42
N GLY F 151 31.90 -17.81 -35.27
CA GLY F 151 31.06 -18.91 -34.82
C GLY F 151 30.16 -18.67 -33.63
N ILE F 152 29.25 -17.73 -33.78
CA ILE F 152 28.31 -17.42 -32.71
C ILE F 152 26.94 -17.47 -33.36
N LYS F 153 25.91 -17.59 -32.53
CA LYS F 153 24.56 -17.62 -33.03
C LYS F 153 23.87 -16.36 -32.53
N ILE F 154 23.59 -15.47 -33.47
CA ILE F 154 22.96 -14.20 -33.17
C ILE F 154 21.57 -14.11 -33.77
N ALA F 155 20.64 -13.55 -33.00
CA ALA F 155 19.27 -13.39 -33.47
C ALA F 155 18.81 -11.93 -33.40
N PHE F 156 18.31 -11.41 -34.53
CA PHE F 156 17.84 -10.03 -34.60
C PHE F 156 16.31 -10.00 -34.49
N VAL F 157 15.79 -9.14 -33.62
CA VAL F 157 14.35 -9.03 -33.45
C VAL F 157 13.90 -7.61 -33.72
N GLY F 158 12.86 -7.44 -34.53
CA GLY F 158 12.36 -6.11 -34.82
C GLY F 158 12.31 -5.79 -36.30
N ASP F 159 12.12 -4.51 -36.63
CA ASP F 159 12.05 -4.04 -38.00
C ASP F 159 13.38 -4.34 -38.69
N LEU F 160 13.41 -5.44 -39.43
CA LEU F 160 14.62 -5.86 -40.10
C LEU F 160 14.69 -5.39 -41.54
N LYS F 161 13.58 -4.88 -42.03
CA LYS F 161 13.50 -4.38 -43.39
C LYS F 161 14.10 -2.99 -43.49
N TYR F 162 13.93 -2.20 -42.44
CA TYR F 162 14.43 -0.84 -42.41
C TYR F 162 15.49 -0.57 -41.35
N GLY F 163 15.79 -1.58 -40.53
CA GLY F 163 16.79 -1.44 -39.48
C GLY F 163 18.19 -1.27 -40.05
N ARG F 164 18.59 -0.03 -40.27
CA ARG F 164 19.91 0.29 -40.82
C ARG F 164 21.06 -0.26 -40.00
N THR F 165 21.04 -0.02 -38.69
CA THR F 165 22.11 -0.51 -37.85
C THR F 165 22.16 -2.03 -37.90
N VAL F 166 21.00 -2.66 -38.10
CA VAL F 166 20.92 -4.12 -38.19
C VAL F 166 21.61 -4.57 -39.47
N HIS F 167 21.26 -3.92 -40.58
CA HIS F 167 21.86 -4.24 -41.87
C HIS F 167 23.37 -4.12 -41.78
N SER F 168 23.84 -2.99 -41.25
CA SER F 168 25.28 -2.73 -41.14
C SER F 168 25.96 -3.81 -40.33
N LEU F 169 25.34 -4.23 -39.23
CA LEU F 169 25.92 -5.25 -38.37
C LEU F 169 25.89 -6.60 -39.05
N VAL F 170 24.80 -6.89 -39.75
CA VAL F 170 24.69 -8.16 -40.45
C VAL F 170 25.81 -8.28 -41.49
N TYR F 171 26.13 -7.17 -42.13
CA TYR F 171 27.19 -7.16 -43.13
C TYR F 171 28.53 -7.41 -42.45
N ALA F 172 28.83 -6.64 -41.43
CA ALA F 172 30.10 -6.81 -40.74
C ALA F 172 30.27 -8.25 -40.27
N LEU F 173 29.23 -8.79 -39.64
CA LEU F 173 29.30 -10.15 -39.14
C LEU F 173 29.53 -11.16 -40.24
N SER F 174 29.03 -10.85 -41.44
CA SER F 174 29.19 -11.76 -42.56
C SER F 174 30.63 -11.87 -42.99
N LEU F 175 31.50 -11.09 -42.39
CA LEU F 175 32.91 -11.16 -42.75
C LEU F 175 33.63 -12.12 -41.81
N PHE F 176 32.92 -12.58 -40.77
CA PHE F 176 33.52 -13.50 -39.84
C PHE F 176 33.14 -14.95 -40.15
N GLU F 177 33.93 -15.88 -39.63
CA GLU F 177 33.71 -17.30 -39.87
C GLU F 177 32.55 -17.91 -39.11
N ASN F 178 31.76 -18.69 -39.83
CA ASN F 178 30.62 -19.41 -39.29
C ASN F 178 29.71 -18.68 -38.31
N VAL F 179 29.15 -17.55 -38.72
CA VAL F 179 28.23 -16.83 -37.84
C VAL F 179 26.82 -17.27 -38.25
N GLU F 180 26.08 -17.82 -37.30
CA GLU F 180 24.72 -18.27 -37.58
C GLU F 180 23.75 -17.15 -37.21
N MET F 181 22.99 -16.69 -38.20
CA MET F 181 22.05 -15.59 -38.02
C MET F 181 20.58 -15.98 -38.04
N TYR F 182 19.81 -15.38 -37.12
CA TYR F 182 18.37 -15.60 -37.02
C TYR F 182 17.68 -14.25 -37.16
N PHE F 183 16.69 -14.19 -38.04
CA PHE F 183 15.97 -12.97 -38.30
C PHE F 183 14.50 -13.03 -37.90
N VAL F 184 14.25 -12.78 -36.62
CA VAL F 184 12.90 -12.76 -36.03
C VAL F 184 12.17 -11.43 -36.33
N SER F 185 11.08 -11.49 -37.07
CA SER F 185 10.36 -10.26 -37.40
C SER F 185 8.98 -10.48 -38.00
N PRO F 186 8.17 -9.41 -38.05
CA PRO F 186 6.82 -9.49 -38.62
C PRO F 186 6.98 -9.81 -40.10
N LYS F 187 5.96 -10.41 -40.69
CA LYS F 187 6.03 -10.78 -42.10
C LYS F 187 6.25 -9.58 -43.02
N GLU F 188 5.95 -8.40 -42.51
CA GLU F 188 6.09 -7.18 -43.28
C GLU F 188 7.47 -6.56 -43.22
N LEU F 189 8.13 -6.73 -42.08
CA LEU F 189 9.45 -6.15 -41.91
C LEU F 189 10.59 -7.16 -42.01
N ARG F 190 10.52 -8.06 -43.00
CA ARG F 190 11.58 -9.06 -43.13
C ARG F 190 12.84 -8.44 -43.71
N LEU F 191 13.98 -9.10 -43.48
CA LEU F 191 15.26 -8.61 -43.97
C LEU F 191 15.23 -8.43 -45.49
N PRO F 192 15.72 -7.29 -46.00
CA PRO F 192 15.75 -6.99 -47.43
C PRO F 192 16.22 -8.15 -48.29
N LYS F 193 15.56 -8.33 -49.42
CA LYS F 193 15.87 -9.42 -50.34
C LYS F 193 17.33 -9.41 -50.77
N ASP F 194 17.79 -8.26 -51.25
CA ASP F 194 19.17 -8.14 -51.70
C ASP F 194 20.19 -8.46 -50.60
N ILE F 195 19.84 -8.20 -49.35
CA ILE F 195 20.75 -8.52 -48.25
C ILE F 195 20.84 -10.04 -48.10
N ILE F 196 19.69 -10.69 -48.14
CA ILE F 196 19.65 -12.14 -48.02
C ILE F 196 20.52 -12.75 -49.12
N GLU F 197 20.47 -12.16 -50.31
CA GLU F 197 21.26 -12.66 -51.42
C GLU F 197 22.74 -12.59 -51.08
N ASP F 198 23.17 -11.48 -50.47
CA ASP F 198 24.56 -11.29 -50.08
C ASP F 198 24.96 -12.38 -49.09
N LEU F 199 24.03 -12.70 -48.19
CA LEU F 199 24.29 -13.71 -47.17
C LEU F 199 24.46 -15.08 -47.84
N LYS F 200 23.60 -15.35 -48.81
CA LYS F 200 23.67 -16.62 -49.55
C LYS F 200 25.00 -16.68 -50.27
N ALA F 201 25.32 -15.61 -50.99
CA ALA F 201 26.55 -15.52 -51.73
C ALA F 201 27.77 -15.78 -50.84
N LYS F 202 27.66 -15.51 -49.55
CA LYS F 202 28.76 -15.72 -48.61
C LYS F 202 28.60 -17.01 -47.85
N ASN F 203 27.68 -17.84 -48.32
CA ASN F 203 27.39 -19.13 -47.68
C ASN F 203 27.29 -18.94 -46.18
N ILE F 204 26.24 -18.25 -45.76
CA ILE F 204 26.01 -18.00 -44.35
C ILE F 204 24.72 -18.64 -43.89
N LYS F 205 24.84 -19.51 -42.89
CA LYS F 205 23.68 -20.20 -42.37
C LYS F 205 22.81 -19.19 -41.64
N PHE F 206 21.61 -19.00 -42.15
CA PHE F 206 20.66 -18.05 -41.57
C PHE F 206 19.22 -18.53 -41.68
N TYR F 207 18.39 -18.11 -40.74
CA TYR F 207 16.99 -18.52 -40.72
C TYR F 207 16.10 -17.33 -40.43
N GLU F 208 14.97 -17.25 -41.12
CA GLU F 208 14.01 -16.19 -40.94
C GLU F 208 12.94 -16.76 -40.04
N LYS F 209 12.73 -16.20 -38.87
CA LYS F 209 11.69 -16.70 -37.98
C LYS F 209 10.61 -15.66 -37.78
N GLU F 210 9.40 -16.13 -37.51
CA GLU F 210 8.26 -15.25 -37.32
C GLU F 210 7.95 -15.00 -35.86
N SER F 211 8.48 -15.86 -35.01
CA SER F 211 8.24 -15.73 -33.58
C SER F 211 9.50 -15.88 -32.74
N LEU F 212 9.48 -15.30 -31.55
CA LEU F 212 10.63 -15.39 -30.66
C LEU F 212 10.81 -16.77 -30.05
N ASP F 213 9.72 -17.53 -29.88
CA ASP F 213 9.83 -18.86 -29.28
C ASP F 213 10.43 -19.82 -30.25
N ASP F 214 10.43 -19.42 -31.52
CA ASP F 214 10.98 -20.25 -32.55
C ASP F 214 12.49 -20.34 -32.33
N LEU F 215 13.01 -19.56 -31.38
CA LEU F 215 14.44 -19.59 -31.12
C LEU F 215 14.82 -20.63 -30.08
N ASP F 216 15.86 -21.40 -30.37
CA ASP F 216 16.35 -22.43 -29.46
C ASP F 216 17.37 -21.78 -28.52
N ASP F 217 17.57 -22.38 -27.35
CA ASP F 217 18.51 -21.80 -26.38
C ASP F 217 19.99 -21.95 -26.78
N ASP F 218 20.26 -21.99 -28.08
CA ASP F 218 21.64 -22.09 -28.55
C ASP F 218 22.05 -20.78 -29.17
N ILE F 219 21.44 -19.70 -28.68
CA ILE F 219 21.73 -18.36 -29.17
C ILE F 219 22.60 -17.59 -28.20
N ASP F 220 23.67 -17.00 -28.74
CA ASP F 220 24.62 -16.24 -27.92
C ASP F 220 24.22 -14.78 -27.75
N VAL F 221 23.73 -14.18 -28.83
CA VAL F 221 23.35 -12.78 -28.84
C VAL F 221 21.97 -12.50 -29.42
N LEU F 222 21.18 -11.74 -28.67
CA LEU F 222 19.83 -11.33 -29.08
C LEU F 222 19.88 -9.81 -29.29
N TYR F 223 19.99 -9.40 -30.55
CA TYR F 223 20.06 -7.98 -30.91
C TYR F 223 18.67 -7.42 -31.17
N VAL F 224 18.19 -6.62 -30.24
CA VAL F 224 16.85 -6.02 -30.34
C VAL F 224 16.88 -4.65 -31.00
N THR F 225 16.05 -4.50 -32.02
CA THR F 225 15.95 -3.26 -32.77
C THR F 225 14.51 -2.75 -32.60
N ARG F 226 14.33 -1.44 -32.70
CA ARG F 226 13.02 -0.80 -32.56
C ARG F 226 12.06 -1.09 -33.73
N ILE F 227 10.76 -0.93 -33.48
CA ILE F 227 9.74 -1.09 -34.54
C ILE F 227 8.79 0.09 -34.43
N GLN F 228 9.01 1.09 -35.28
CA GLN F 228 8.22 2.32 -35.27
C GLN F 228 6.80 2.27 -35.80
N LYS F 229 5.93 3.07 -35.18
CA LYS F 229 4.52 3.16 -35.55
C LYS F 229 4.30 3.48 -37.02
N GLU F 230 5.26 4.15 -37.64
CA GLU F 230 5.17 4.52 -39.06
C GLU F 230 5.04 3.30 -39.93
N ARG F 231 5.33 2.12 -39.37
CA ARG F 231 5.24 0.87 -40.11
C ARG F 231 3.85 0.26 -39.99
N PHE F 232 3.14 0.61 -38.93
CA PHE F 232 1.78 0.11 -38.73
C PHE F 232 0.90 1.28 -38.29
N PRO F 233 0.46 2.09 -39.25
CA PRO F 233 -0.39 3.24 -38.99
C PRO F 233 -1.58 2.86 -38.12
N ASP F 234 -2.13 1.68 -38.36
CA ASP F 234 -3.25 1.18 -37.58
C ASP F 234 -2.79 0.82 -36.17
N PRO F 235 -3.30 1.51 -35.14
CA PRO F 235 -2.93 1.23 -33.74
C PRO F 235 -3.13 -0.22 -33.38
N ASN F 236 -4.30 -0.75 -33.73
CA ASN F 236 -4.62 -2.14 -33.48
C ASN F 236 -3.45 -3.01 -33.94
N GLU F 237 -3.09 -2.86 -35.21
CA GLU F 237 -1.98 -3.60 -35.83
C GLU F 237 -0.70 -3.48 -35.01
N TYR F 238 -0.24 -2.24 -34.87
CA TYR F 238 0.96 -1.93 -34.13
C TYR F 238 0.93 -2.54 -32.73
N GLU F 239 -0.18 -2.27 -32.05
CA GLU F 239 -0.43 -2.73 -30.70
C GLU F 239 -0.15 -4.22 -30.62
N LYS F 240 -0.56 -4.95 -31.64
CA LYS F 240 -0.35 -6.38 -31.66
C LYS F 240 1.11 -6.72 -31.90
N VAL F 241 1.70 -6.11 -32.93
CA VAL F 241 3.11 -6.36 -33.26
C VAL F 241 4.03 -6.10 -32.07
N LYS F 242 3.76 -5.03 -31.33
CA LYS F 242 4.56 -4.71 -30.17
C LYS F 242 4.56 -5.88 -29.19
N GLY F 243 3.36 -6.36 -28.85
CA GLY F 243 3.24 -7.47 -27.92
C GLY F 243 3.93 -8.73 -28.38
N SER F 244 3.83 -8.99 -29.68
CA SER F 244 4.42 -10.17 -30.29
C SER F 244 5.94 -10.25 -30.23
N TYR F 245 6.62 -9.11 -30.30
CA TYR F 245 8.08 -9.14 -30.28
C TYR F 245 8.74 -8.49 -29.07
N LYS F 246 7.92 -8.08 -28.11
CA LYS F 246 8.46 -7.47 -26.92
C LYS F 246 9.23 -8.51 -26.11
N ILE F 247 10.45 -8.16 -25.71
CA ILE F 247 11.25 -9.08 -24.92
C ILE F 247 10.81 -8.96 -23.47
N LYS F 248 10.17 -10.00 -22.95
CA LYS F 248 9.70 -9.97 -21.57
C LYS F 248 10.63 -10.76 -20.65
N ARG F 249 10.48 -10.59 -19.32
CA ARG F 249 11.32 -11.28 -18.32
C ARG F 249 11.23 -12.80 -18.33
N GLU F 250 10.00 -13.32 -18.31
CA GLU F 250 9.74 -14.75 -18.31
C GLU F 250 10.36 -15.45 -19.52
N TYR F 251 10.67 -14.68 -20.55
CA TYR F 251 11.28 -15.22 -21.77
C TYR F 251 12.80 -15.20 -21.65
N VAL F 252 13.31 -14.16 -21.01
CA VAL F 252 14.73 -14.00 -20.83
C VAL F 252 15.31 -14.96 -19.79
N GLU F 253 14.59 -15.10 -18.68
CA GLU F 253 15.01 -15.99 -17.59
C GLU F 253 15.60 -17.29 -18.10
N GLY F 254 16.77 -17.64 -17.58
CA GLY F 254 17.40 -18.89 -17.98
C GLY F 254 17.90 -19.02 -19.40
N LYS F 255 18.01 -17.92 -20.12
CA LYS F 255 18.52 -18.01 -21.47
C LYS F 255 20.02 -17.73 -21.50
N LYS F 256 20.70 -18.42 -22.41
CA LYS F 256 22.14 -18.31 -22.53
C LYS F 256 22.58 -17.00 -23.17
N PHE F 257 21.74 -16.46 -24.03
CA PHE F 257 22.07 -15.24 -24.73
C PHE F 257 22.25 -13.99 -23.91
N ILE F 258 22.81 -12.95 -24.53
CA ILE F 258 22.96 -11.64 -23.91
C ILE F 258 22.04 -10.79 -24.78
N ILE F 259 21.43 -9.78 -24.19
CA ILE F 259 20.52 -8.93 -24.94
C ILE F 259 21.19 -7.60 -25.30
N MET F 260 21.22 -7.29 -26.60
CA MET F 260 21.81 -6.05 -27.05
C MET F 260 20.71 -5.17 -27.63
N HIS F 261 20.93 -3.86 -27.57
CA HIS F 261 19.97 -2.90 -28.11
C HIS F 261 20.69 -1.57 -28.27
N PRO F 262 20.82 -1.09 -29.51
CA PRO F 262 21.51 0.17 -29.81
C PRO F 262 20.95 1.40 -29.08
N LEU F 263 19.75 1.27 -28.53
CA LEU F 263 19.12 2.38 -27.82
C LEU F 263 18.78 3.53 -28.75
N PRO F 264 17.80 4.35 -28.36
CA PRO F 264 17.04 4.22 -27.13
C PRO F 264 15.97 3.13 -27.20
N ARG F 265 15.70 2.47 -26.08
CA ARG F 265 14.66 1.48 -26.11
C ARG F 265 13.42 2.14 -25.54
N VAL F 266 12.27 1.76 -26.08
CA VAL F 266 11.01 2.31 -25.67
C VAL F 266 10.05 1.18 -25.31
N ASP F 267 9.72 0.34 -26.29
CA ASP F 267 8.80 -0.78 -26.07
C ASP F 267 9.48 -2.11 -26.21
N GLU F 268 10.49 -2.16 -27.09
CA GLU F 268 11.20 -3.39 -27.39
C GLU F 268 11.58 -4.32 -26.21
N ILE F 269 11.89 -3.76 -25.06
CA ILE F 269 12.31 -4.58 -23.92
C ILE F 269 11.70 -4.07 -22.61
N ASP F 270 11.05 -4.97 -21.88
CA ASP F 270 10.46 -4.60 -20.61
C ASP F 270 11.51 -4.13 -19.61
N TYR F 271 11.08 -3.26 -18.70
CA TYR F 271 12.00 -2.73 -17.72
C TYR F 271 12.44 -3.75 -16.69
N ASP F 272 11.61 -4.77 -16.45
CA ASP F 272 11.94 -5.81 -15.48
C ASP F 272 13.01 -6.74 -16.03
N VAL F 273 13.39 -6.53 -17.29
CA VAL F 273 14.43 -7.36 -17.92
C VAL F 273 15.78 -6.72 -17.63
N ASP F 274 15.78 -5.44 -17.31
CA ASP F 274 17.01 -4.69 -17.06
C ASP F 274 17.96 -5.31 -16.06
N ASP F 275 17.45 -5.70 -14.89
CA ASP F 275 18.32 -6.27 -13.86
C ASP F 275 18.68 -7.74 -14.05
N LEU F 276 18.26 -8.33 -15.16
CA LEU F 276 18.59 -9.73 -15.40
C LEU F 276 20.01 -9.77 -15.95
N PRO F 277 20.73 -10.86 -15.66
CA PRO F 277 22.12 -11.07 -16.10
C PRO F 277 22.37 -10.90 -17.59
N GLN F 278 21.47 -11.39 -18.42
CA GLN F 278 21.69 -11.31 -19.84
C GLN F 278 21.49 -9.93 -20.47
N ALA F 279 20.92 -9.00 -19.70
CA ALA F 279 20.71 -7.64 -20.19
C ALA F 279 22.06 -6.98 -20.30
N LYS F 280 22.46 -6.62 -21.51
CA LYS F 280 23.76 -6.00 -21.73
C LYS F 280 23.70 -4.73 -22.53
N TYR F 281 22.50 -4.23 -22.80
CA TYR F 281 22.40 -3.03 -23.62
C TYR F 281 23.00 -1.77 -23.02
N PHE F 282 23.02 -1.65 -21.69
CA PHE F 282 23.60 -0.47 -21.08
C PHE F 282 25.12 -0.59 -21.05
N LYS F 283 25.61 -1.83 -21.00
CA LYS F 283 27.05 -2.08 -21.00
C LYS F 283 27.51 -1.75 -22.41
N GLN F 284 26.69 -2.17 -23.37
CA GLN F 284 26.95 -1.93 -24.78
C GLN F 284 27.04 -0.42 -24.98
N SER F 285 26.17 0.32 -24.28
CA SER F 285 26.14 1.78 -24.33
C SER F 285 27.49 2.35 -23.94
N PHE F 286 28.01 1.85 -22.82
CA PHE F 286 29.29 2.27 -22.31
C PHE F 286 30.42 1.97 -23.31
N TYR F 287 30.43 0.76 -23.86
CA TYR F 287 31.46 0.37 -24.80
C TYR F 287 31.64 1.36 -25.94
N GLY F 288 30.61 2.15 -26.21
CA GLY F 288 30.72 3.15 -27.25
C GLY F 288 31.84 4.13 -26.96
N ILE F 289 32.07 4.42 -25.68
CA ILE F 289 33.12 5.36 -25.31
C ILE F 289 34.53 4.87 -25.68
N PRO F 290 34.89 3.65 -25.23
CA PRO F 290 36.21 3.10 -25.53
C PRO F 290 36.48 2.94 -27.02
N VAL F 291 35.51 2.45 -27.76
CA VAL F 291 35.72 2.25 -29.19
C VAL F 291 35.79 3.58 -29.91
N ARG F 292 35.06 4.57 -29.42
CA ARG F 292 35.09 5.87 -30.07
C ARG F 292 36.40 6.54 -29.72
N MET F 293 36.93 6.24 -28.53
CA MET F 293 38.23 6.77 -28.12
C MET F 293 39.25 6.15 -29.04
N ALA F 294 39.04 4.85 -29.30
CA ALA F 294 39.90 4.08 -30.18
C ALA F 294 39.92 4.69 -31.58
N ILE F 295 38.73 4.95 -32.12
CA ILE F 295 38.60 5.53 -33.45
C ILE F 295 39.20 6.93 -33.58
N LEU F 296 38.89 7.79 -32.61
CA LEU F 296 39.41 9.16 -32.62
C LEU F 296 40.92 9.15 -32.59
N LYS F 297 41.47 8.34 -31.68
CA LYS F 297 42.91 8.21 -31.53
C LYS F 297 43.53 7.74 -32.83
N LYS F 298 43.09 6.58 -33.31
CA LYS F 298 43.60 6.04 -34.56
C LYS F 298 43.56 7.06 -35.70
N LEU F 299 42.37 7.55 -36.03
CA LEU F 299 42.23 8.51 -37.10
C LEU F 299 43.17 9.70 -37.03
N ILE F 300 43.45 10.16 -35.82
CA ILE F 300 44.35 11.28 -35.67
C ILE F 300 45.80 10.86 -35.87
N GLU F 301 46.18 9.74 -35.28
CA GLU F 301 47.54 9.24 -35.43
C GLU F 301 47.80 8.85 -36.87
N ASP F 302 46.93 8.01 -37.43
CA ASP F 302 47.09 7.57 -38.82
C ASP F 302 47.39 8.73 -39.75
N ASN F 303 47.09 9.94 -39.32
CA ASN F 303 47.31 11.11 -40.16
C ASN F 303 48.25 12.15 -39.54
N GLU F 304 49.12 11.71 -38.64
CA GLU F 304 50.07 12.62 -38.00
C GLU F 304 51.08 13.09 -39.04
N GLY F 305 50.88 14.34 -39.46
CA GLY F 305 51.71 14.96 -40.47
C GLY F 305 50.76 15.92 -41.16
N GLU F 306 50.78 17.18 -40.72
CA GLU F 306 49.90 18.22 -41.26
C GLU F 306 48.49 18.09 -40.70
N MET G 1 0.00 -61.82 12.62
CA MET G 1 -0.41 -60.97 13.78
C MET G 1 -1.44 -59.94 13.35
N LYS G 2 -2.63 -59.98 13.94
CA LYS G 2 -3.66 -59.02 13.58
C LYS G 2 -3.88 -57.89 14.60
N HIS G 3 -3.26 -58.01 15.76
CA HIS G 3 -3.35 -56.99 16.82
C HIS G 3 -2.09 -57.07 17.67
N LEU G 4 -1.85 -56.03 18.46
CA LEU G 4 -0.71 -56.04 19.36
C LEU G 4 -1.26 -55.57 20.70
N ILE G 5 -1.83 -56.52 21.45
CA ILE G 5 -2.43 -56.21 22.73
C ILE G 5 -1.49 -56.40 23.91
N SER G 6 -0.82 -57.55 23.96
CA SER G 6 0.07 -57.84 25.08
C SER G 6 1.36 -58.54 24.67
N MET G 7 2.44 -58.26 25.40
CA MET G 7 3.72 -58.90 25.13
C MET G 7 3.59 -60.40 25.34
N LYS G 8 2.64 -60.78 26.20
CA LYS G 8 2.43 -62.18 26.50
C LYS G 8 1.76 -62.95 25.38
N ASP G 9 1.53 -62.27 24.26
CA ASP G 9 0.94 -62.92 23.08
C ASP G 9 2.02 -63.10 22.02
N ILE G 10 3.22 -62.62 22.34
CA ILE G 10 4.34 -62.70 21.42
C ILE G 10 5.45 -63.61 21.96
N GLY G 11 6.10 -64.34 21.06
CA GLY G 11 7.18 -65.22 21.45
C GLY G 11 8.52 -64.66 21.03
N LYS G 12 9.60 -65.20 21.56
CA LYS G 12 10.94 -64.73 21.24
C LYS G 12 11.15 -64.66 19.72
N GLU G 13 10.57 -65.60 19.00
CA GLU G 13 10.70 -65.61 17.54
C GLU G 13 10.15 -64.34 16.92
N GLU G 14 8.85 -64.09 17.12
CA GLU G 14 8.21 -62.90 16.57
C GLU G 14 8.86 -61.61 17.07
N ILE G 15 9.33 -61.63 18.31
CA ILE G 15 9.99 -60.46 18.87
C ILE G 15 11.20 -60.11 18.01
N LEU G 16 12.03 -61.12 17.73
CA LEU G 16 13.21 -60.90 16.92
C LEU G 16 12.82 -60.46 15.52
N GLU G 17 11.78 -61.06 14.96
CA GLU G 17 11.31 -60.67 13.62
C GLU G 17 11.03 -59.17 13.61
N ILE G 18 10.35 -58.72 14.67
CA ILE G 18 10.00 -57.31 14.82
C ILE G 18 11.25 -56.46 14.98
N LEU G 19 12.16 -56.91 15.83
CA LEU G 19 13.39 -56.16 16.04
C LEU G 19 14.16 -56.02 14.72
N ASP G 20 14.06 -57.02 13.86
CA ASP G 20 14.74 -56.98 12.57
C ASP G 20 14.09 -55.91 11.70
N GLU G 21 12.77 -56.00 11.55
CA GLU G 21 12.01 -55.06 10.77
C GLU G 21 12.34 -53.65 11.27
N ALA G 22 12.50 -53.53 12.59
CA ALA G 22 12.82 -52.25 13.21
C ALA G 22 14.14 -51.72 12.66
N ARG G 23 15.15 -52.60 12.64
CA ARG G 23 16.47 -52.23 12.13
C ARG G 23 16.36 -51.69 10.69
N LYS G 24 15.56 -52.37 9.86
CA LYS G 24 15.35 -51.95 8.48
C LYS G 24 14.77 -50.55 8.47
N MET G 25 13.74 -50.34 9.28
CA MET G 25 13.10 -49.05 9.38
C MET G 25 14.12 -48.00 9.79
N GLU G 26 14.94 -48.30 10.80
CA GLU G 26 15.95 -47.34 11.25
C GLU G 26 16.87 -46.93 10.10
N GLU G 27 17.30 -47.90 9.30
CA GLU G 27 18.18 -47.63 8.17
C GLU G 27 17.45 -46.76 7.17
N LEU G 28 16.19 -47.08 6.91
CA LEU G 28 15.37 -46.32 5.97
C LEU G 28 15.30 -44.86 6.38
N LEU G 29 15.32 -44.63 7.68
CA LEU G 29 15.27 -43.26 8.17
C LEU G 29 16.58 -42.58 7.80
N ASN G 30 17.67 -43.34 7.88
CA ASN G 30 19.01 -42.83 7.58
C ASN G 30 19.15 -42.31 6.15
N THR G 31 18.14 -42.59 5.33
CA THR G 31 18.17 -42.15 3.95
C THR G 31 17.56 -40.76 3.78
N LYS G 32 16.90 -40.26 4.82
CA LYS G 32 16.27 -38.93 4.78
C LYS G 32 15.47 -38.75 3.49
N ARG G 33 15.19 -39.86 2.82
CA ARG G 33 14.41 -39.87 1.59
C ARG G 33 12.96 -40.25 1.90
N PRO G 34 12.00 -39.46 1.39
CA PRO G 34 10.59 -39.72 1.62
C PRO G 34 10.23 -41.19 1.48
N LEU G 35 9.70 -41.78 2.55
CA LEU G 35 9.28 -43.17 2.48
C LEU G 35 7.78 -43.13 2.18
N LYS G 36 7.26 -44.15 1.51
CA LYS G 36 5.84 -44.17 1.19
C LYS G 36 5.25 -45.56 1.41
N LEU G 37 5.91 -46.35 2.25
CA LEU G 37 5.48 -47.70 2.56
C LEU G 37 4.01 -47.78 2.97
N LEU G 38 3.56 -46.81 3.75
CA LEU G 38 2.17 -46.78 4.19
C LEU G 38 1.43 -45.58 3.62
N GLU G 39 1.81 -45.20 2.40
CA GLU G 39 1.22 -44.06 1.73
C GLU G 39 -0.28 -43.84 1.89
N GLY G 40 -1.10 -44.71 1.32
CA GLY G 40 -2.54 -44.49 1.42
C GLY G 40 -3.21 -44.82 2.75
N LYS G 41 -2.41 -45.10 3.78
CA LYS G 41 -2.97 -45.47 5.08
C LYS G 41 -3.21 -44.36 6.09
N ILE G 42 -4.18 -44.60 6.97
CA ILE G 42 -4.55 -43.66 8.03
C ILE G 42 -4.50 -44.32 9.41
N LEU G 43 -3.74 -43.73 10.32
CA LEU G 43 -3.64 -44.25 11.68
C LEU G 43 -4.55 -43.42 12.57
N ALA G 44 -5.29 -44.08 13.44
CA ALA G 44 -6.17 -43.37 14.36
C ALA G 44 -5.63 -43.48 15.78
N THR G 45 -5.42 -42.33 16.39
CA THR G 45 -4.93 -42.24 17.76
C THR G 45 -6.12 -42.05 18.68
N VAL G 46 -6.58 -43.13 19.31
CA VAL G 46 -7.73 -43.04 20.21
C VAL G 46 -7.28 -43.13 21.66
N PHE G 47 -7.10 -41.96 22.28
CA PHE G 47 -6.65 -41.90 23.67
C PHE G 47 -7.73 -41.40 24.61
N TYR G 48 -8.06 -42.20 25.61
CA TYR G 48 -9.05 -41.78 26.59
C TYR G 48 -8.28 -41.05 27.66
N GLU G 49 -7.19 -41.66 28.13
CA GLU G 49 -6.35 -41.00 29.11
C GLU G 49 -5.17 -40.49 28.29
N PRO G 50 -5.09 -39.16 28.11
CA PRO G 50 -4.04 -38.50 27.34
C PRO G 50 -2.59 -38.89 27.62
N SER G 51 -1.77 -38.77 26.58
CA SER G 51 -0.34 -39.06 26.64
C SER G 51 0.30 -38.46 25.41
N THR G 52 0.66 -37.19 25.50
CA THR G 52 1.26 -36.50 24.38
C THR G 52 2.50 -37.25 23.86
N ARG G 53 3.24 -37.85 24.78
CA ARG G 53 4.45 -38.58 24.44
C ARG G 53 4.18 -39.76 23.50
N THR G 54 3.31 -40.66 23.93
CA THR G 54 2.98 -41.84 23.12
C THR G 54 2.35 -41.46 21.80
N ARG G 55 1.47 -40.46 21.81
CA ARG G 55 0.82 -40.02 20.59
C ARG G 55 1.84 -39.52 19.57
N LEU G 56 2.68 -38.57 19.99
CA LEU G 56 3.70 -38.03 19.10
C LEU G 56 4.61 -39.09 18.53
N SER G 57 4.99 -40.06 19.37
CA SER G 57 5.85 -41.14 18.93
C SER G 57 5.20 -41.88 17.75
N PHE G 58 4.00 -42.42 17.98
CA PHE G 58 3.27 -43.15 16.94
C PHE G 58 2.93 -42.27 15.74
N GLU G 59 2.63 -41.01 16.01
CA GLU G 59 2.26 -40.08 14.94
C GLU G 59 3.46 -39.89 14.02
N THR G 60 4.63 -39.67 14.62
CA THR G 60 5.85 -39.48 13.86
C THR G 60 6.12 -40.72 13.03
N ALA G 61 6.13 -41.88 13.68
CA ALA G 61 6.38 -43.14 13.02
C ALA G 61 5.47 -43.31 11.80
N MET G 62 4.17 -43.12 11.99
CA MET G 62 3.21 -43.28 10.90
C MET G 62 3.51 -42.33 9.74
N LYS G 63 3.82 -41.09 10.07
CA LYS G 63 4.12 -40.11 9.03
C LYS G 63 5.45 -40.39 8.34
N ARG G 64 6.41 -40.97 9.06
CA ARG G 64 7.70 -41.29 8.47
C ARG G 64 7.51 -42.36 7.40
N LEU G 65 6.49 -43.19 7.55
CA LEU G 65 6.22 -44.23 6.57
C LEU G 65 5.31 -43.69 5.50
N GLY G 66 5.11 -42.37 5.52
CA GLY G 66 4.26 -41.73 4.53
C GLY G 66 2.77 -41.89 4.74
N GLY G 67 2.38 -42.24 5.96
CA GLY G 67 0.97 -42.41 6.23
C GLY G 67 0.34 -41.16 6.83
N GLU G 68 -0.98 -41.18 6.97
CA GLU G 68 -1.71 -40.05 7.53
C GLU G 68 -2.21 -40.43 8.91
N VAL G 69 -2.53 -39.43 9.72
CA VAL G 69 -3.01 -39.68 11.06
C VAL G 69 -4.18 -38.80 11.48
N ILE G 70 -5.18 -39.40 12.11
CA ILE G 70 -6.32 -38.65 12.64
C ILE G 70 -6.25 -38.90 14.14
N THR G 71 -6.35 -37.84 14.93
CA THR G 71 -6.27 -37.99 16.38
C THR G 71 -7.58 -37.67 17.07
N MET G 72 -7.83 -38.38 18.16
CA MET G 72 -9.02 -38.23 18.97
C MET G 72 -8.59 -38.53 20.40
N THR G 73 -8.22 -37.49 21.14
CA THR G 73 -7.77 -37.70 22.52
C THR G 73 -8.79 -37.22 23.54
N ASP G 74 -8.55 -37.64 24.77
CA ASP G 74 -9.39 -37.31 25.90
C ASP G 74 -10.86 -37.54 25.63
N LEU G 75 -11.22 -38.79 25.33
CA LEU G 75 -12.62 -39.14 25.15
C LEU G 75 -13.06 -39.38 26.58
N LYS G 76 -12.17 -39.06 27.52
CA LYS G 76 -12.46 -39.20 28.94
C LYS G 76 -13.23 -37.96 29.40
N SER G 77 -13.70 -37.19 28.42
CA SER G 77 -14.49 -35.99 28.65
C SER G 77 -15.80 -36.23 27.92
N SER G 78 -16.92 -36.10 28.63
CA SER G 78 -18.23 -36.34 28.04
C SER G 78 -18.58 -35.45 26.84
N SER G 79 -17.57 -34.87 26.20
CA SER G 79 -17.75 -34.01 25.04
C SER G 79 -17.01 -34.60 23.83
N VAL G 80 -16.05 -35.47 24.13
CA VAL G 80 -15.24 -36.14 23.10
C VAL G 80 -15.80 -37.57 22.90
N ALA G 81 -16.66 -38.00 23.81
CA ALA G 81 -17.28 -39.32 23.73
C ALA G 81 -18.79 -39.20 23.78
N LYS G 82 -19.29 -38.27 24.60
CA LYS G 82 -20.72 -38.01 24.77
C LYS G 82 -21.53 -39.24 25.17
N GLY G 83 -21.12 -39.91 26.25
CA GLY G 83 -21.82 -41.09 26.73
C GLY G 83 -21.78 -42.29 25.80
N GLU G 84 -21.00 -42.18 24.73
CA GLU G 84 -20.85 -43.25 23.74
C GLU G 84 -19.84 -44.25 24.25
N SER G 85 -20.14 -45.54 24.10
CA SER G 85 -19.24 -46.58 24.60
C SER G 85 -18.01 -46.82 23.73
N LEU G 86 -16.96 -47.31 24.38
CA LEU G 86 -15.71 -47.63 23.70
C LEU G 86 -16.03 -48.46 22.48
N ILE G 87 -16.86 -49.46 22.68
CA ILE G 87 -17.27 -50.34 21.61
C ILE G 87 -17.86 -49.61 20.41
N ASP G 88 -18.70 -48.62 20.64
CA ASP G 88 -19.29 -47.87 19.53
C ASP G 88 -18.22 -47.03 18.84
N THR G 89 -17.38 -46.38 19.64
CA THR G 89 -16.32 -45.54 19.11
C THR G 89 -15.37 -46.38 18.25
N ILE G 90 -14.91 -47.49 18.79
CA ILE G 90 -13.98 -48.36 18.04
C ILE G 90 -14.59 -48.75 16.72
N ARG G 91 -15.88 -49.05 16.71
CA ARG G 91 -16.52 -49.43 15.46
C ARG G 91 -16.58 -48.29 14.45
N VAL G 92 -16.82 -47.07 14.92
CA VAL G 92 -16.89 -45.93 14.00
C VAL G 92 -15.51 -45.58 13.46
N ILE G 93 -14.51 -45.49 14.36
CA ILE G 93 -13.13 -45.19 13.98
C ILE G 93 -12.55 -46.34 13.12
N SER G 94 -12.91 -47.56 13.47
CA SER G 94 -12.47 -48.74 12.75
C SER G 94 -12.88 -48.61 11.27
N GLY G 95 -14.02 -47.98 11.04
CA GLY G 95 -14.49 -47.79 9.69
C GLY G 95 -13.83 -46.63 8.96
N TYR G 96 -13.28 -45.69 9.72
CA TYR G 96 -12.62 -44.52 9.15
C TYR G 96 -11.18 -44.82 8.77
N ALA G 97 -10.41 -45.29 9.76
CA ALA G 97 -8.99 -45.56 9.57
C ALA G 97 -8.62 -46.96 9.16
N ASP G 98 -7.32 -47.19 9.04
CA ASP G 98 -6.78 -48.48 8.64
C ASP G 98 -6.11 -49.17 9.79
N ILE G 99 -5.78 -48.42 10.83
CA ILE G 99 -5.16 -49.00 12.01
C ILE G 99 -5.36 -48.05 13.21
N ILE G 100 -5.54 -48.63 14.40
CA ILE G 100 -5.79 -47.86 15.62
C ILE G 100 -4.86 -48.12 16.78
N VAL G 101 -4.43 -47.05 17.43
CA VAL G 101 -3.58 -47.15 18.61
C VAL G 101 -4.48 -46.68 19.75
N LEU G 102 -4.89 -47.63 20.59
CA LEU G 102 -5.79 -47.35 21.70
C LEU G 102 -5.12 -47.18 23.04
N ARG G 103 -5.72 -46.32 23.86
CA ARG G 103 -5.25 -46.02 25.20
C ARG G 103 -6.49 -45.87 26.06
N HIS G 104 -6.82 -46.93 26.82
CA HIS G 104 -8.01 -46.89 27.67
C HIS G 104 -7.70 -47.36 29.09
N PRO G 105 -8.43 -46.81 30.08
CA PRO G 105 -8.28 -47.14 31.50
C PRO G 105 -8.71 -48.55 31.88
N SER G 106 -9.96 -48.91 31.55
CA SER G 106 -10.49 -50.24 31.87
C SER G 106 -9.56 -51.36 31.46
N GLU G 107 -9.62 -52.48 32.17
CA GLU G 107 -8.74 -53.60 31.87
C GLU G 107 -8.96 -54.28 30.52
N GLY G 108 -10.16 -54.80 30.28
CA GLY G 108 -10.41 -55.44 29.00
C GLY G 108 -10.02 -54.54 27.85
N ALA G 109 -10.50 -53.31 27.92
CA ALA G 109 -10.24 -52.27 26.93
C ALA G 109 -9.65 -52.73 25.60
N ALA G 110 -8.33 -52.67 25.50
CA ALA G 110 -7.62 -53.04 24.29
C ALA G 110 -8.16 -54.33 23.69
N ARG G 111 -8.03 -55.41 24.44
CA ARG G 111 -8.50 -56.72 24.00
C ARG G 111 -9.94 -56.63 23.49
N LEU G 112 -10.81 -56.06 24.29
CA LEU G 112 -12.21 -55.92 23.90
C LEU G 112 -12.32 -55.13 22.59
N ALA G 113 -11.65 -53.98 22.55
CA ALA G 113 -11.68 -53.14 21.36
C ALA G 113 -11.32 -53.93 20.13
N SER G 114 -10.25 -54.73 20.23
CA SER G 114 -9.78 -55.54 19.12
C SER G 114 -10.89 -56.44 18.61
N GLU G 115 -11.73 -56.91 19.52
CA GLU G 115 -12.84 -57.78 19.17
C GLU G 115 -13.88 -57.07 18.30
N TYR G 116 -14.04 -55.76 18.49
CA TYR G 116 -15.03 -55.02 17.71
C TYR G 116 -14.41 -54.21 16.57
N SER G 117 -13.09 -54.19 16.51
CA SER G 117 -12.41 -53.44 15.47
C SER G 117 -12.22 -54.27 14.21
N GLN G 118 -12.54 -53.68 13.06
CA GLN G 118 -12.38 -54.34 11.78
C GLN G 118 -11.01 -53.90 11.30
N VAL G 119 -10.18 -53.49 12.25
CA VAL G 119 -8.85 -52.99 11.96
C VAL G 119 -7.86 -53.35 13.09
N PRO G 120 -6.57 -53.46 12.79
CA PRO G 120 -5.60 -53.81 13.83
C PRO G 120 -5.61 -52.80 14.98
N ILE G 121 -5.43 -53.30 16.20
CA ILE G 121 -5.41 -52.44 17.38
C ILE G 121 -4.06 -52.55 18.08
N ILE G 122 -3.38 -51.42 18.23
CA ILE G 122 -2.10 -51.41 18.95
C ILE G 122 -2.41 -50.87 20.34
N ASN G 123 -2.09 -51.66 21.35
CA ASN G 123 -2.36 -51.26 22.71
C ASN G 123 -1.26 -50.36 23.27
N ALA G 124 -1.64 -49.13 23.60
CA ALA G 124 -0.70 -48.19 24.18
C ALA G 124 -0.83 -48.29 25.70
N GLY G 125 -1.03 -49.51 26.20
CA GLY G 125 -1.16 -49.72 27.63
C GLY G 125 -2.52 -49.37 28.22
N ASP G 126 -3.07 -50.29 28.99
CA ASP G 126 -4.37 -50.11 29.66
C ASP G 126 -4.13 -49.06 30.75
N GLY G 127 -3.44 -47.99 30.35
CA GLY G 127 -3.07 -46.93 31.25
C GLY G 127 -1.62 -47.24 31.56
N SER G 128 -1.39 -48.55 31.75
CA SER G 128 -0.09 -49.14 32.05
C SER G 128 -0.24 -50.66 31.95
N ASN G 129 0.31 -51.37 32.95
CA ASN G 129 0.27 -52.83 33.05
C ASN G 129 0.72 -53.62 31.81
N GLN G 130 0.30 -53.18 30.62
CA GLN G 130 0.67 -53.87 29.39
C GLN G 130 0.84 -52.90 28.22
N HIS G 131 2.10 -52.49 27.99
CA HIS G 131 2.44 -51.56 26.91
C HIS G 131 3.51 -52.25 26.06
N PRO G 132 3.08 -53.07 25.09
CA PRO G 132 3.94 -53.83 24.17
C PRO G 132 4.98 -52.99 23.45
N THR G 133 4.48 -52.05 22.65
CA THR G 133 5.32 -51.16 21.87
C THR G 133 6.50 -50.57 22.66
N GLN G 134 6.33 -50.32 23.96
CA GLN G 134 7.42 -49.80 24.79
C GLN G 134 8.46 -50.88 25.07
N THR G 135 7.99 -52.04 25.51
CA THR G 135 8.89 -53.16 25.80
C THR G 135 9.68 -53.53 24.54
N LEU G 136 8.99 -53.57 23.40
CA LEU G 136 9.63 -53.91 22.14
C LEU G 136 10.78 -52.95 21.83
N LEU G 137 10.53 -51.66 21.99
CA LEU G 137 11.58 -50.69 21.69
C LEU G 137 12.70 -50.81 22.74
N ASP G 138 12.38 -51.27 23.94
CA ASP G 138 13.40 -51.45 24.98
C ASP G 138 14.31 -52.57 24.50
N LEU G 139 13.70 -53.68 24.11
CA LEU G 139 14.44 -54.84 23.61
C LEU G 139 15.32 -54.43 22.44
N TYR G 140 14.76 -53.62 21.55
CA TYR G 140 15.49 -53.14 20.39
C TYR G 140 16.70 -52.34 20.82
N THR G 141 16.55 -51.54 21.87
CA THR G 141 17.66 -50.74 22.35
C THR G 141 18.80 -51.65 22.85
N ILE G 142 18.46 -52.67 23.63
CA ILE G 142 19.47 -53.60 24.14
C ILE G 142 20.13 -54.31 22.97
N MET G 143 19.29 -54.85 22.09
CA MET G 143 19.73 -55.56 20.90
C MET G 143 20.69 -54.71 20.07
N ARG G 144 20.32 -53.44 19.89
CA ARG G 144 21.10 -52.50 19.10
C ARG G 144 22.37 -52.02 19.80
N GLU G 145 22.25 -51.60 21.05
CA GLU G 145 23.40 -51.09 21.79
C GLU G 145 24.32 -52.15 22.37
N ILE G 146 23.75 -53.25 22.85
CA ILE G 146 24.55 -54.32 23.43
C ILE G 146 24.99 -55.35 22.38
N GLY G 147 24.29 -55.40 21.26
CA GLY G 147 24.64 -56.35 20.21
C GLY G 147 23.96 -57.70 20.31
N ARG G 148 23.25 -57.91 21.40
CA ARG G 148 22.56 -59.18 21.60
C ARG G 148 21.67 -59.03 22.83
N ILE G 149 20.68 -59.91 22.94
CA ILE G 149 19.77 -59.89 24.08
C ILE G 149 20.11 -61.09 24.96
N ASP G 150 20.32 -62.23 24.31
CA ASP G 150 20.64 -63.45 25.03
C ASP G 150 21.90 -63.27 25.86
N GLY G 151 21.91 -63.90 27.04
CA GLY G 151 23.05 -63.83 27.92
C GLY G 151 23.61 -62.45 28.20
N ILE G 152 22.81 -61.60 28.82
CA ILE G 152 23.26 -60.26 29.17
C ILE G 152 22.93 -60.09 30.64
N LYS G 153 23.58 -59.13 31.29
CA LYS G 153 23.31 -58.86 32.68
C LYS G 153 22.67 -57.49 32.75
N ILE G 154 21.39 -57.47 33.10
CA ILE G 154 20.62 -56.25 33.18
C ILE G 154 20.18 -55.95 34.61
N ALA G 155 20.26 -54.68 34.99
CA ALA G 155 19.88 -54.27 36.34
C ALA G 155 18.81 -53.19 36.29
N PHE G 156 17.71 -53.42 37.00
CA PHE G 156 16.62 -52.46 37.08
C PHE G 156 16.69 -51.67 38.38
N VAL G 157 16.59 -50.35 38.29
CA VAL G 157 16.65 -49.50 39.49
C VAL G 157 15.39 -48.64 39.58
N GLY G 158 14.79 -48.60 40.77
CA GLY G 158 13.60 -47.80 40.96
C GLY G 158 12.39 -48.58 41.45
N ASP G 159 11.22 -47.97 41.35
CA ASP G 159 9.98 -48.61 41.77
C ASP G 159 9.77 -49.85 40.93
N LEU G 160 10.11 -51.01 41.49
CA LEU G 160 9.97 -52.27 40.75
C LEU G 160 8.68 -52.98 41.10
N LYS G 161 7.99 -52.49 42.12
CA LYS G 161 6.74 -53.07 42.56
C LYS G 161 5.60 -52.61 41.67
N TYR G 162 5.67 -51.38 41.20
CA TYR G 162 4.63 -50.80 40.36
C TYR G 162 5.09 -50.43 38.96
N GLY G 163 6.39 -50.62 38.68
CA GLY G 163 6.93 -50.29 37.37
C GLY G 163 6.41 -51.23 36.28
N ARG G 164 5.30 -50.86 35.66
CA ARG G 164 4.68 -51.66 34.60
C ARG G 164 5.60 -51.95 33.43
N THR G 165 6.26 -50.93 32.91
CA THR G 165 7.16 -51.13 31.78
C THR G 165 8.29 -52.07 32.19
N VAL G 166 8.66 -52.02 33.46
CA VAL G 166 9.72 -52.89 33.99
C VAL G 166 9.23 -54.34 33.98
N HIS G 167 8.03 -54.55 34.50
CA HIS G 167 7.43 -55.87 34.54
C HIS G 167 7.36 -56.46 33.14
N SER G 168 6.83 -55.67 32.20
CA SER G 168 6.68 -56.09 30.81
C SER G 168 8.01 -56.49 30.21
N LEU G 169 9.04 -55.69 30.48
CA LEU G 169 10.36 -55.97 29.95
C LEU G 169 10.97 -57.20 30.60
N VAL G 170 10.78 -57.33 31.90
CA VAL G 170 11.30 -58.48 32.63
C VAL G 170 10.70 -59.77 32.07
N TYR G 171 9.43 -59.72 31.69
CA TYR G 171 8.76 -60.88 31.11
C TYR G 171 9.34 -61.22 29.74
N ALA G 172 9.41 -60.21 28.88
CA ALA G 172 9.95 -60.41 27.54
C ALA G 172 11.36 -61.00 27.63
N LEU G 173 12.20 -60.40 28.46
CA LEU G 173 13.57 -60.86 28.63
C LEU G 173 13.64 -62.30 29.13
N SER G 174 12.64 -62.71 29.91
CA SER G 174 12.61 -64.05 30.44
C SER G 174 12.40 -65.08 29.34
N LEU G 175 12.15 -64.60 28.13
CA LEU G 175 11.95 -65.51 26.99
C LEU G 175 13.27 -65.77 26.26
N PHE G 176 14.30 -65.04 26.65
CA PHE G 176 15.62 -65.20 26.04
C PHE G 176 16.52 -66.06 26.90
N GLU G 177 17.55 -66.62 26.28
CA GLU G 177 18.51 -67.49 26.95
C GLU G 177 19.50 -66.80 27.89
N ASN G 178 19.63 -67.37 29.08
CA ASN G 178 20.55 -66.90 30.09
C ASN G 178 20.65 -65.40 30.33
N VAL G 179 19.53 -64.77 30.67
CA VAL G 179 19.55 -63.35 30.95
C VAL G 179 19.66 -63.22 32.48
N GLU G 180 20.71 -62.55 32.94
CA GLU G 180 20.90 -62.37 34.38
C GLU G 180 20.29 -61.03 34.80
N MET G 181 19.32 -61.08 35.70
CA MET G 181 18.62 -59.88 36.14
C MET G 181 18.94 -59.45 37.57
N TYR G 182 19.05 -58.13 37.75
CA TYR G 182 19.31 -57.54 39.06
C TYR G 182 18.21 -56.54 39.35
N PHE G 183 17.61 -56.66 40.53
CA PHE G 183 16.52 -55.77 40.91
C PHE G 183 16.85 -54.85 42.08
N VAL G 184 17.49 -53.73 41.77
CA VAL G 184 17.88 -52.73 42.78
C VAL G 184 16.69 -51.84 43.13
N SER G 185 16.28 -51.86 44.39
CA SER G 185 15.12 -51.07 44.79
C SER G 185 14.96 -50.93 46.29
N PRO G 186 14.12 -49.97 46.71
CA PRO G 186 13.87 -49.76 48.14
C PRO G 186 13.13 -50.97 48.67
N LYS G 187 13.22 -51.10 49.99
CA LYS G 187 12.59 -52.16 50.73
C LYS G 187 11.16 -52.37 50.24
N GLU G 188 10.38 -51.29 50.28
CA GLU G 188 8.96 -51.32 49.91
C GLU G 188 8.58 -51.44 48.44
N LEU G 189 9.50 -51.14 47.52
CA LEU G 189 9.15 -51.24 46.11
C LEU G 189 9.85 -52.40 45.40
N ARG G 190 9.88 -53.56 46.04
CA ARG G 190 10.53 -54.73 45.46
C ARG G 190 9.67 -55.34 44.36
N LEU G 191 10.31 -56.10 43.47
CA LEU G 191 9.59 -56.73 42.37
C LEU G 191 8.49 -57.66 42.90
N PRO G 192 7.26 -57.54 42.36
CA PRO G 192 6.11 -58.37 42.76
C PRO G 192 6.45 -59.84 43.00
N LYS G 193 5.86 -60.40 44.05
CA LYS G 193 6.10 -61.79 44.42
C LYS G 193 5.78 -62.74 43.28
N ASP G 194 4.58 -62.63 42.72
CA ASP G 194 4.18 -63.50 41.61
C ASP G 194 5.12 -63.42 40.42
N ILE G 195 5.72 -62.25 40.19
CA ILE G 195 6.65 -62.11 39.07
C ILE G 195 7.90 -62.91 39.35
N ILE G 196 8.41 -62.80 40.58
CA ILE G 196 9.60 -63.53 40.96
C ILE G 196 9.37 -65.02 40.78
N GLU G 197 8.14 -65.47 41.07
CA GLU G 197 7.81 -66.88 40.93
C GLU G 197 7.94 -67.30 39.48
N ASP G 198 7.44 -66.48 38.55
CA ASP G 198 7.53 -66.80 37.13
C ASP G 198 9.00 -66.88 36.72
N LEU G 199 9.83 -66.02 37.30
CA LEU G 199 11.26 -66.03 36.98
C LEU G 199 11.87 -67.33 37.47
N LYS G 200 11.48 -67.75 38.68
CA LYS G 200 11.96 -69.01 39.24
C LYS G 200 11.52 -70.14 38.35
N ALA G 201 10.24 -70.14 38.00
CA ALA G 201 9.66 -71.16 37.14
C ALA G 201 10.40 -71.29 35.82
N LYS G 202 11.01 -70.20 35.36
CA LYS G 202 11.75 -70.22 34.11
C LYS G 202 13.25 -70.37 34.36
N ASN G 203 13.61 -70.74 35.58
CA ASN G 203 15.02 -70.93 35.94
C ASN G 203 15.85 -69.76 35.45
N ILE G 204 15.60 -68.60 36.04
CA ILE G 204 16.31 -67.39 35.66
C ILE G 204 17.14 -66.83 36.80
N LYS G 205 18.45 -66.75 36.57
CA LYS G 205 19.38 -66.23 37.57
C LYS G 205 19.05 -64.76 37.82
N PHE G 206 18.58 -64.45 39.02
CA PHE G 206 18.25 -63.07 39.37
C PHE G 206 18.58 -62.77 40.82
N TYR G 207 18.85 -61.50 41.10
CA TYR G 207 19.19 -61.09 42.46
C TYR G 207 18.48 -59.80 42.80
N GLU G 208 18.01 -59.71 44.03
CA GLU G 208 17.34 -58.51 44.46
C GLU G 208 18.34 -57.77 45.34
N LYS G 209 18.70 -56.56 44.93
CA LYS G 209 19.66 -55.76 45.69
C LYS G 209 19.02 -54.52 46.26
N GLU G 210 19.55 -54.03 47.36
CA GLU G 210 19.00 -52.86 48.02
C GLU G 210 19.79 -51.59 47.71
N SER G 211 20.98 -51.76 47.14
CA SER G 211 21.83 -50.62 46.81
C SER G 211 22.45 -50.74 45.42
N LEU G 212 22.77 -49.60 44.83
CA LEU G 212 23.37 -49.59 43.51
C LEU G 212 24.80 -50.10 43.60
N ASP G 213 25.33 -50.11 44.82
CA ASP G 213 26.69 -50.58 45.07
C ASP G 213 26.76 -52.09 44.94
N ASP G 214 25.60 -52.75 44.94
CA ASP G 214 25.56 -54.20 44.82
C ASP G 214 25.54 -54.65 43.36
N LEU G 215 26.45 -54.08 42.57
CA LEU G 215 26.55 -54.40 41.15
C LEU G 215 27.98 -54.16 40.71
N ASP G 216 28.55 -55.11 39.99
CA ASP G 216 29.91 -54.97 39.51
C ASP G 216 29.86 -54.39 38.09
N ASP G 217 31.03 -54.23 37.47
CA ASP G 217 31.09 -53.66 36.12
C ASP G 217 30.78 -54.70 35.04
N ASP G 218 30.16 -55.82 35.42
CA ASP G 218 29.82 -56.88 34.46
C ASP G 218 28.43 -56.65 33.86
N ILE G 219 27.67 -55.74 34.48
CA ILE G 219 26.33 -55.39 34.03
C ILE G 219 26.38 -54.71 32.67
N ASP G 220 25.57 -55.20 31.74
CA ASP G 220 25.52 -54.66 30.38
C ASP G 220 24.52 -53.50 30.26
N VAL G 221 23.39 -53.66 30.92
CA VAL G 221 22.32 -52.67 30.86
C VAL G 221 21.76 -52.27 32.23
N LEU G 222 21.66 -50.96 32.45
CA LEU G 222 21.10 -50.40 33.67
C LEU G 222 19.81 -49.70 33.29
N TYR G 223 18.68 -50.37 33.50
CA TYR G 223 17.37 -49.80 33.16
C TYR G 223 16.81 -49.00 34.35
N VAL G 224 16.81 -47.69 34.23
CA VAL G 224 16.31 -46.83 35.29
C VAL G 224 14.83 -46.49 35.14
N THR G 225 14.06 -46.74 36.19
CA THR G 225 12.64 -46.45 36.19
C THR G 225 12.36 -45.39 37.26
N ARG G 226 11.31 -44.61 37.06
CA ARG G 226 10.96 -43.53 37.99
C ARG G 226 10.44 -44.03 39.34
N ILE G 227 10.50 -43.17 40.36
CA ILE G 227 9.98 -43.49 41.68
C ILE G 227 9.11 -42.31 42.12
N GLN G 228 7.81 -42.47 41.94
CA GLN G 228 6.82 -41.44 42.27
C GLN G 228 6.77 -41.04 43.74
N LYS G 229 6.24 -39.85 43.98
CA LYS G 229 6.11 -39.29 45.33
C LYS G 229 4.94 -39.92 46.08
N GLU G 230 4.03 -40.52 45.31
CA GLU G 230 2.85 -41.18 45.84
C GLU G 230 3.22 -42.44 46.62
N ARG G 231 4.48 -42.86 46.49
CA ARG G 231 4.97 -44.04 47.18
C ARG G 231 5.53 -43.68 48.55
N PHE G 232 5.96 -42.43 48.69
CA PHE G 232 6.51 -41.94 49.95
C PHE G 232 5.92 -40.56 50.23
N PRO G 233 4.68 -40.52 50.74
CA PRO G 233 4.00 -39.27 51.06
C PRO G 233 4.87 -38.34 51.91
N ASP G 234 5.65 -38.93 52.81
CA ASP G 234 6.55 -38.18 53.67
C ASP G 234 7.73 -37.66 52.86
N PRO G 235 7.83 -36.33 52.68
CA PRO G 235 8.94 -35.75 51.92
C PRO G 235 10.28 -36.29 52.40
N ASN G 236 10.49 -36.27 53.71
CA ASN G 236 11.73 -36.76 54.32
C ASN G 236 12.07 -38.12 53.72
N GLU G 237 11.12 -39.05 53.81
CA GLU G 237 11.27 -40.39 53.27
C GLU G 237 11.67 -40.34 51.81
N TYR G 238 10.80 -39.73 51.00
CA TYR G 238 11.02 -39.61 49.57
C TYR G 238 12.40 -39.06 49.25
N GLU G 239 12.75 -37.94 49.89
CA GLU G 239 14.05 -37.33 49.69
C GLU G 239 15.06 -38.45 49.90
N LYS G 240 15.03 -39.06 51.09
CA LYS G 240 15.91 -40.17 51.43
C LYS G 240 16.08 -41.18 50.30
N VAL G 241 14.96 -41.60 49.69
CA VAL G 241 14.96 -42.59 48.61
C VAL G 241 15.53 -42.07 47.29
N LYS G 242 15.16 -40.83 46.93
CA LYS G 242 15.65 -40.24 45.70
C LYS G 242 17.17 -40.26 45.67
N GLY G 243 17.78 -39.74 46.73
CA GLY G 243 19.23 -39.70 46.81
C GLY G 243 19.87 -41.08 46.74
N SER G 244 19.24 -42.05 47.38
CA SER G 244 19.75 -43.42 47.42
C SER G 244 19.82 -44.12 46.07
N TYR G 245 18.89 -43.83 45.16
CA TYR G 245 18.91 -44.50 43.88
C TYR G 245 19.17 -43.60 42.68
N LYS G 246 19.48 -42.35 42.94
CA LYS G 246 19.75 -41.43 41.84
C LYS G 246 21.04 -41.85 41.17
N ILE G 247 21.00 -41.95 39.84
CA ILE G 247 22.19 -42.31 39.08
C ILE G 247 23.03 -41.04 38.93
N LYS G 248 24.19 -41.00 39.57
CA LYS G 248 25.07 -39.84 39.49
C LYS G 248 26.24 -40.08 38.57
N ARG G 249 26.86 -38.99 38.12
CA ARG G 249 28.00 -39.00 37.21
C ARG G 249 29.07 -39.99 37.62
N GLU G 250 29.79 -39.67 38.69
CA GLU G 250 30.87 -40.52 39.19
C GLU G 250 30.52 -41.99 39.16
N TYR G 251 29.33 -42.33 39.64
CA TYR G 251 28.93 -43.73 39.65
C TYR G 251 28.98 -44.35 38.26
N VAL G 252 28.58 -43.55 37.27
CA VAL G 252 28.54 -44.00 35.87
C VAL G 252 29.90 -44.09 35.23
N GLU G 253 30.64 -42.99 35.32
CA GLU G 253 31.96 -42.85 34.75
C GLU G 253 32.70 -44.18 34.63
N GLY G 254 33.00 -44.56 33.39
CA GLY G 254 33.72 -45.80 33.13
C GLY G 254 32.91 -47.07 32.97
N LYS G 255 31.98 -47.31 33.90
CA LYS G 255 31.14 -48.50 33.88
C LYS G 255 30.87 -49.03 32.47
N LYS G 256 30.84 -50.34 32.33
CA LYS G 256 30.63 -50.96 31.03
C LYS G 256 29.18 -50.90 30.54
N PHE G 257 28.24 -50.80 31.47
CA PHE G 257 26.82 -50.76 31.14
C PHE G 257 26.39 -49.54 30.34
N ILE G 258 25.18 -49.62 29.79
CA ILE G 258 24.58 -48.51 29.06
C ILE G 258 23.40 -48.18 29.95
N ILE G 259 23.00 -46.91 29.99
CA ILE G 259 21.89 -46.50 30.83
C ILE G 259 20.62 -46.29 30.02
N MET G 260 19.57 -47.03 30.36
CA MET G 260 18.29 -46.89 29.67
C MET G 260 17.26 -46.29 30.62
N HIS G 261 16.29 -45.58 30.05
CA HIS G 261 15.24 -44.94 30.82
C HIS G 261 14.12 -44.64 29.85
N PRO G 262 12.95 -45.24 30.06
CA PRO G 262 11.78 -45.03 29.19
C PRO G 262 11.31 -43.57 29.07
N LEU G 263 11.78 -42.72 29.98
CA LEU G 263 11.42 -41.31 29.98
C LEU G 263 9.95 -41.11 30.32
N PRO G 264 9.59 -39.91 30.81
CA PRO G 264 10.51 -38.79 31.03
C PRO G 264 11.29 -38.98 32.30
N ARG G 265 12.52 -38.50 32.32
CA ARG G 265 13.30 -38.62 33.53
C ARG G 265 13.19 -37.28 34.22
N VAL G 266 13.14 -37.33 35.55
CA VAL G 266 13.02 -36.13 36.36
C VAL G 266 14.12 -36.10 37.40
N ASP G 267 14.14 -37.10 38.29
CA ASP G 267 15.15 -37.16 39.34
C ASP G 267 16.08 -38.36 39.18
N GLU G 268 15.54 -39.43 38.61
CA GLU G 268 16.28 -40.69 38.42
C GLU G 268 17.71 -40.61 37.91
N ILE G 269 18.01 -39.65 37.04
CA ILE G 269 19.36 -39.52 36.48
C ILE G 269 19.84 -38.07 36.40
N ASP G 270 21.00 -37.79 36.98
CA ASP G 270 21.57 -36.45 36.96
C ASP G 270 21.80 -35.97 35.54
N TYR G 271 21.76 -34.66 35.34
CA TYR G 271 21.97 -34.12 34.00
C TYR G 271 23.40 -34.22 33.53
N ASP G 272 24.34 -34.27 34.47
CA ASP G 272 25.75 -34.37 34.10
C ASP G 272 26.09 -35.78 33.59
N VAL G 273 25.12 -36.68 33.67
CA VAL G 273 25.30 -38.05 33.20
C VAL G 273 24.96 -38.14 31.72
N ASP G 274 24.17 -37.17 31.25
CA ASP G 274 23.75 -37.13 29.86
C ASP G 274 24.85 -37.27 28.83
N ASP G 275 25.89 -36.46 28.95
CA ASP G 275 27.01 -36.48 28.00
C ASP G 275 27.99 -37.64 28.15
N LEU G 276 27.75 -38.54 29.10
CA LEU G 276 28.64 -39.67 29.28
C LEU G 276 28.30 -40.72 28.24
N PRO G 277 29.32 -41.47 27.78
CA PRO G 277 29.17 -42.52 26.77
C PRO G 277 28.07 -43.56 27.02
N GLN G 278 27.95 -44.00 28.27
CA GLN G 278 26.96 -45.01 28.60
C GLN G 278 25.51 -44.54 28.64
N ALA G 279 25.31 -43.22 28.58
CA ALA G 279 23.96 -42.67 28.59
C ALA G 279 23.35 -42.99 27.22
N LYS G 280 22.26 -43.76 27.22
CA LYS G 280 21.61 -44.15 25.98
C LYS G 280 20.10 -43.93 25.96
N TYR G 281 19.56 -43.18 26.92
CA TYR G 281 18.11 -42.99 26.97
C TYR G 281 17.48 -42.16 25.89
N PHE G 282 18.21 -41.19 25.35
CA PHE G 282 17.64 -40.37 24.28
C PHE G 282 17.71 -41.11 22.94
N LYS G 283 18.70 -41.98 22.82
CA LYS G 283 18.86 -42.78 21.61
C LYS G 283 17.71 -43.77 21.65
N GLN G 284 17.46 -44.29 22.84
CA GLN G 284 16.39 -45.24 23.09
C GLN G 284 15.09 -44.58 22.67
N SER G 285 14.97 -43.29 23.00
CA SER G 285 13.79 -42.52 22.66
C SER G 285 13.57 -42.56 21.16
N PHE G 286 14.65 -42.31 20.42
CA PHE G 286 14.60 -42.32 18.98
C PHE G 286 14.16 -43.67 18.43
N TYR G 287 14.76 -44.74 18.95
CA TYR G 287 14.45 -46.08 18.49
C TYR G 287 12.97 -46.39 18.49
N GLY G 288 12.21 -45.63 19.27
CA GLY G 288 10.78 -45.85 19.31
C GLY G 288 10.15 -45.64 17.94
N ILE G 289 10.69 -44.69 17.18
CA ILE G 289 10.16 -44.39 15.86
C ILE G 289 10.30 -45.55 14.87
N PRO G 290 11.52 -46.11 14.73
CA PRO G 290 11.74 -47.23 13.80
C PRO G 290 10.94 -48.47 14.15
N VAL G 291 10.89 -48.81 15.44
CA VAL G 291 10.16 -50.01 15.85
C VAL G 291 8.66 -49.80 15.71
N ARG G 292 8.21 -48.56 15.90
CA ARG G 292 6.79 -48.28 15.77
C ARG G 292 6.44 -48.29 14.30
N MET G 293 7.39 -47.87 13.46
CA MET G 293 7.18 -47.89 12.01
C MET G 293 7.08 -49.35 11.63
N ALA G 294 7.97 -50.14 12.23
CA ALA G 294 8.00 -51.58 12.00
C ALA G 294 6.65 -52.21 12.34
N ILE G 295 6.14 -51.89 13.52
CA ILE G 295 4.86 -52.43 14.00
C ILE G 295 3.67 -52.00 13.15
N LEU G 296 3.61 -50.71 12.83
CA LEU G 296 2.52 -50.21 12.02
C LEU G 296 2.51 -50.90 10.68
N LYS G 297 3.69 -50.96 10.06
CA LYS G 297 3.84 -51.59 8.76
C LYS G 297 3.38 -53.04 8.81
N LYS G 298 3.99 -53.82 9.70
CA LYS G 298 3.65 -55.22 9.84
C LYS G 298 2.15 -55.42 10.04
N LEU G 299 1.60 -54.83 11.10
CA LEU G 299 0.17 -54.97 11.38
C LEU G 299 -0.74 -54.69 10.18
N ILE G 300 -0.38 -53.71 9.37
CA ILE G 300 -1.18 -53.39 8.21
C ILE G 300 -1.02 -54.42 7.10
N GLU G 301 0.23 -54.84 6.85
CA GLU G 301 0.50 -55.83 5.83
C GLU G 301 -0.10 -57.17 6.23
N ASP G 302 0.22 -57.61 7.44
CA ASP G 302 -0.29 -58.88 7.93
C ASP G 302 -1.80 -59.03 7.76
N ASN G 303 -2.54 -57.93 7.64
CA ASN G 303 -3.99 -58.07 7.54
C ASN G 303 -4.69 -57.43 6.35
N GLU G 304 -4.06 -57.43 5.19
CA GLU G 304 -4.70 -56.84 4.01
C GLU G 304 -4.76 -57.86 2.88
N MET H 1 22.68 -20.17 7.99
CA MET H 1 21.82 -19.97 9.18
C MET H 1 21.31 -21.32 9.69
N LYS H 2 21.61 -21.65 10.94
CA LYS H 2 21.14 -22.91 11.51
C LYS H 2 19.97 -22.79 12.48
N HIS H 3 19.62 -21.56 12.85
CA HIS H 3 18.50 -21.28 13.75
C HIS H 3 17.96 -19.89 13.47
N LEU H 4 16.76 -19.61 13.96
CA LEU H 4 16.19 -18.28 13.81
C LEU H 4 15.67 -17.91 15.17
N ILE H 5 16.57 -17.39 16.01
CA ILE H 5 16.20 -17.03 17.37
C ILE H 5 15.81 -15.58 17.55
N SER H 6 16.62 -14.67 17.01
CA SER H 6 16.36 -13.24 17.13
C SER H 6 16.66 -12.43 15.88
N MET H 7 15.89 -11.35 15.67
CA MET H 7 16.10 -10.49 14.52
C MET H 7 17.48 -9.86 14.63
N LYS H 8 17.97 -9.74 15.86
CA LYS H 8 19.26 -9.13 16.10
C LYS H 8 20.42 -10.02 15.68
N ASP H 9 20.13 -11.18 15.11
CA ASP H 9 21.17 -12.08 14.66
C ASP H 9 21.20 -12.04 13.14
N ILE H 10 20.30 -11.26 12.56
CA ILE H 10 20.19 -11.13 11.12
C ILE H 10 20.53 -9.73 10.64
N GLY H 11 21.16 -9.65 9.48
CA GLY H 11 21.52 -8.35 8.92
C GLY H 11 20.64 -8.02 7.73
N LYS H 12 20.67 -6.76 7.30
CA LYS H 12 19.87 -6.32 6.18
C LYS H 12 20.04 -7.23 4.95
N GLU H 13 21.25 -7.73 4.74
CA GLU H 13 21.50 -8.61 3.60
C GLU H 13 20.66 -9.88 3.69
N GLU H 14 20.84 -10.64 4.77
CA GLU H 14 20.10 -11.88 4.96
C GLU H 14 18.60 -11.63 4.95
N ILE H 15 18.18 -10.50 5.51
CA ILE H 15 16.77 -10.15 5.54
C ILE H 15 16.24 -10.12 4.13
N LEU H 16 16.93 -9.39 3.26
CA LEU H 16 16.51 -9.29 1.88
C LEU H 16 16.53 -10.64 1.20
N GLU H 17 17.55 -11.45 1.48
CA GLU H 17 17.64 -12.79 0.91
C GLU H 17 16.35 -13.55 1.23
N ILE H 18 15.94 -13.46 2.49
CA ILE H 18 14.73 -14.12 2.98
C ILE H 18 13.50 -13.55 2.29
N LEU H 19 13.43 -12.22 2.20
CA LEU H 19 12.29 -11.59 1.57
C LEU H 19 12.19 -12.05 0.13
N ASP H 20 13.33 -12.32 -0.51
CA ASP H 20 13.33 -12.78 -1.90
C ASP H 20 12.75 -14.18 -1.97
N GLU H 21 13.29 -15.06 -1.12
CA GLU H 21 12.83 -16.44 -1.07
C GLU H 21 11.33 -16.44 -0.83
N ALA H 22 10.89 -15.52 0.01
CA ALA H 22 9.48 -15.37 0.34
C ALA H 22 8.66 -15.13 -0.93
N ARG H 23 9.10 -14.17 -1.73
CA ARG H 23 8.39 -13.86 -2.95
C ARG H 23 8.30 -15.09 -3.86
N LYS H 24 9.37 -15.87 -3.92
CA LYS H 24 9.38 -17.07 -4.75
C LYS H 24 8.29 -17.99 -4.23
N MET H 25 8.26 -18.17 -2.92
CA MET H 25 7.26 -19.02 -2.29
C MET H 25 5.87 -18.48 -2.60
N GLU H 26 5.68 -17.17 -2.51
CA GLU H 26 4.37 -16.60 -2.81
C GLU H 26 3.92 -16.96 -4.22
N GLU H 27 4.84 -16.86 -5.17
CA GLU H 27 4.54 -17.18 -6.55
C GLU H 27 4.21 -18.66 -6.69
N LEU H 28 4.98 -19.49 -6.02
CA LEU H 28 4.74 -20.93 -6.05
C LEU H 28 3.33 -21.25 -5.57
N LEU H 29 2.82 -20.46 -4.64
CA LEU H 29 1.48 -20.68 -4.14
C LEU H 29 0.50 -20.36 -5.26
N ASN H 30 0.75 -19.27 -5.98
CA ASN H 30 -0.12 -18.86 -7.10
C ASN H 30 -0.18 -20.05 -8.05
N THR H 31 0.92 -20.80 -8.09
CA THR H 31 1.08 -21.97 -8.94
C THR H 31 -0.14 -22.86 -8.85
N LYS H 32 -0.63 -23.05 -7.63
CA LYS H 32 -1.78 -23.88 -7.36
C LYS H 32 -1.50 -25.29 -7.82
N ARG H 33 -0.24 -25.68 -7.63
CA ARG H 33 0.20 -27.01 -7.96
C ARG H 33 0.92 -27.54 -6.73
N PRO H 34 0.58 -28.78 -6.33
CA PRO H 34 1.19 -29.42 -5.15
C PRO H 34 2.69 -29.17 -5.10
N LEU H 35 3.17 -28.55 -4.05
CA LEU H 35 4.60 -28.33 -3.93
C LEU H 35 5.14 -29.47 -3.07
N LYS H 36 6.38 -29.88 -3.30
CA LYS H 36 6.96 -30.97 -2.54
C LYS H 36 8.36 -30.65 -2.07
N LEU H 37 8.69 -29.36 -2.03
CA LEU H 37 10.01 -28.93 -1.64
C LEU H 37 10.48 -29.55 -0.32
N LEU H 38 9.59 -29.68 0.64
CA LEU H 38 9.95 -30.26 1.92
C LEU H 38 9.25 -31.60 2.14
N GLU H 39 9.00 -32.31 1.05
CA GLU H 39 8.29 -33.59 1.09
C GLU H 39 8.55 -34.50 2.29
N GLY H 40 9.72 -35.09 2.38
CA GLY H 40 9.97 -36.00 3.49
C GLY H 40 10.22 -35.37 4.85
N LYS H 41 9.99 -34.07 4.98
CA LYS H 41 10.26 -33.41 6.24
C LYS H 41 9.10 -33.32 7.24
N ILE H 42 9.46 -33.21 8.52
CA ILE H 42 8.50 -33.10 9.61
C ILE H 42 8.82 -31.89 10.48
N LEU H 43 7.81 -31.05 10.67
CA LEU H 43 7.97 -29.87 11.52
C LEU H 43 7.33 -30.17 12.88
N ALA H 44 8.02 -29.78 13.94
CA ALA H 44 7.48 -29.99 15.29
C ALA H 44 7.08 -28.66 15.90
N THR H 45 5.81 -28.55 16.27
CA THR H 45 5.28 -27.35 16.90
C THR H 45 5.31 -27.54 18.40
N VAL H 46 6.32 -26.99 19.06
CA VAL H 46 6.42 -27.13 20.50
C VAL H 46 6.04 -25.83 21.22
N PHE H 47 4.79 -25.74 21.64
CA PHE H 47 4.28 -24.56 22.31
C PHE H 47 3.98 -24.79 23.79
N TYR H 48 4.62 -24.02 24.67
CA TYR H 48 4.35 -24.16 26.08
C TYR H 48 3.20 -23.21 26.37
N GLU H 49 3.29 -21.99 25.84
CA GLU H 49 2.26 -20.98 25.95
C GLU H 49 1.51 -21.08 24.63
N PRO H 50 0.29 -21.64 24.64
CA PRO H 50 -0.49 -21.78 23.41
C PRO H 50 -0.69 -20.54 22.55
N SER H 51 -0.82 -20.76 21.25
CA SER H 51 -1.07 -19.71 20.27
C SER H 51 -1.57 -20.37 19.00
N THR H 52 -2.88 -20.55 18.92
CA THR H 52 -3.48 -21.18 17.75
C THR H 52 -3.12 -20.44 16.47
N ARG H 53 -2.99 -19.11 16.54
CA ARG H 53 -2.63 -18.31 15.37
C ARG H 53 -1.28 -18.70 14.79
N THR H 54 -0.24 -18.60 15.60
CA THR H 54 1.11 -18.92 15.18
C THR H 54 1.26 -20.35 14.73
N ARG H 55 0.65 -21.27 15.46
CA ARG H 55 0.73 -22.68 15.09
C ARG H 55 0.13 -22.91 13.71
N LEU H 56 -1.11 -22.45 13.49
CA LEU H 56 -1.76 -22.62 12.20
C LEU H 56 -0.97 -22.01 11.04
N SER H 57 -0.38 -20.85 11.29
CA SER H 57 0.41 -20.18 10.27
C SER H 57 1.54 -21.11 9.84
N PHE H 58 2.39 -21.49 10.78
CA PHE H 58 3.50 -22.38 10.51
C PHE H 58 3.06 -23.74 9.99
N GLU H 59 1.94 -24.23 10.49
CA GLU H 59 1.44 -25.52 10.07
C GLU H 59 1.06 -25.46 8.60
N THR H 60 0.37 -24.39 8.22
CA THR H 60 -0.04 -24.22 6.83
C THR H 60 1.19 -24.14 5.94
N ALA H 61 2.11 -23.26 6.30
CA ALA H 61 3.33 -23.07 5.54
C ALA H 61 4.04 -24.40 5.30
N MET H 62 4.27 -25.16 6.37
CA MET H 62 4.96 -26.45 6.26
C MET H 62 4.24 -27.41 5.32
N LYS H 63 2.92 -27.46 5.42
CA LYS H 63 2.14 -28.34 4.57
C LYS H 63 2.10 -27.87 3.13
N ARG H 64 2.18 -26.56 2.93
CA ARG H 64 2.19 -26.02 1.57
C ARG H 64 3.45 -26.45 0.84
N LEU H 65 4.51 -26.68 1.61
CA LEU H 65 5.77 -27.11 1.02
C LEU H 65 5.80 -28.62 0.94
N GLY H 66 4.66 -29.23 1.19
CA GLY H 66 4.57 -30.68 1.14
C GLY H 66 5.14 -31.41 2.35
N GLY H 67 5.34 -30.70 3.45
CA GLY H 67 5.90 -31.33 4.63
C GLY H 67 4.83 -31.82 5.59
N GLU H 68 5.26 -32.55 6.60
CA GLU H 68 4.34 -33.07 7.61
C GLU H 68 4.55 -32.31 8.90
N VAL H 69 3.56 -32.36 9.78
CA VAL H 69 3.69 -31.65 11.04
C VAL H 69 3.19 -32.44 12.24
N ILE H 70 3.95 -32.38 13.34
CA ILE H 70 3.53 -33.04 14.57
C ILE H 70 3.43 -31.89 15.58
N THR H 71 2.30 -31.81 16.28
CA THR H 71 2.12 -30.74 17.24
C THR H 71 2.11 -31.21 18.69
N MET H 72 2.60 -30.36 19.57
CA MET H 72 2.67 -30.62 20.99
C MET H 72 2.51 -29.27 21.66
N THR H 73 1.29 -28.94 22.05
CA THR H 73 1.04 -27.65 22.68
C THR H 73 0.73 -27.78 24.16
N ASP H 74 0.74 -26.62 24.82
CA ASP H 74 0.50 -26.51 26.25
C ASP H 74 1.21 -27.59 27.05
N LEU H 75 2.51 -27.43 27.20
CA LEU H 75 3.29 -28.38 27.98
C LEU H 75 3.28 -27.80 29.39
N LYS H 76 2.86 -26.54 29.50
CA LYS H 76 2.79 -25.87 30.79
C LYS H 76 1.59 -26.39 31.54
N SER H 77 1.34 -27.68 31.37
CA SER H 77 0.24 -28.38 32.02
C SER H 77 0.83 -29.60 32.70
N SER H 78 -0.03 -30.46 33.24
CA SER H 78 0.41 -31.66 33.94
C SER H 78 0.63 -32.88 33.03
N SER H 79 -0.36 -33.20 32.19
CA SER H 79 -0.27 -34.36 31.29
C SER H 79 0.44 -34.11 29.96
N VAL H 80 1.22 -33.04 29.89
CA VAL H 80 1.97 -32.71 28.67
C VAL H 80 3.42 -32.44 29.04
N ALA H 81 3.68 -32.27 30.33
CA ALA H 81 5.02 -32.00 30.83
C ALA H 81 5.48 -33.00 31.90
N LYS H 82 4.58 -33.30 32.84
CA LYS H 82 4.87 -34.22 33.94
C LYS H 82 6.14 -33.90 34.72
N GLY H 83 6.74 -32.74 34.48
CA GLY H 83 7.95 -32.37 35.19
C GLY H 83 9.25 -32.51 34.38
N GLU H 84 9.10 -32.79 33.09
CA GLU H 84 10.23 -32.94 32.19
C GLU H 84 10.70 -31.57 31.75
N SER H 85 12.02 -31.35 31.74
CA SER H 85 12.58 -30.05 31.38
C SER H 85 12.58 -29.78 29.89
N LEU H 86 12.56 -28.49 29.56
CA LEU H 86 12.57 -28.04 28.17
C LEU H 86 13.69 -28.75 27.44
N ILE H 87 14.84 -28.79 28.08
CA ILE H 87 16.02 -29.43 27.52
C ILE H 87 15.79 -30.88 27.13
N ASP H 88 15.12 -31.65 27.99
CA ASP H 88 14.85 -33.05 27.69
C ASP H 88 13.86 -33.16 26.53
N THR H 89 12.82 -32.33 26.57
CA THR H 89 11.80 -32.33 25.51
C THR H 89 12.44 -31.97 24.18
N ILE H 90 13.21 -30.89 24.14
CA ILE H 90 13.85 -30.49 22.90
C ILE H 90 14.69 -31.62 22.32
N ARG H 91 15.41 -32.33 23.19
CA ARG H 91 16.23 -33.44 22.74
C ARG H 91 15.41 -34.59 22.17
N VAL H 92 14.28 -34.89 22.79
CA VAL H 92 13.45 -35.98 22.29
C VAL H 92 12.79 -35.60 20.96
N ILE H 93 12.20 -34.41 20.90
CA ILE H 93 11.53 -33.93 19.69
C ILE H 93 12.57 -33.73 18.58
N SER H 94 13.73 -33.23 18.98
CA SER H 94 14.83 -32.99 18.06
C SER H 94 15.15 -34.28 17.32
N GLY H 95 14.97 -35.40 18.01
CA GLY H 95 15.25 -36.69 17.42
C GLY H 95 14.13 -37.20 16.54
N TYR H 96 12.91 -36.70 16.77
CA TYR H 96 11.74 -37.11 16.00
C TYR H 96 11.59 -36.35 14.68
N ALA H 97 11.55 -35.02 14.79
CA ALA H 97 11.38 -34.15 13.65
C ALA H 97 12.65 -33.65 12.98
N ASP H 98 12.46 -32.84 11.95
CA ASP H 98 13.55 -32.27 11.17
C ASP H 98 13.74 -30.80 11.48
N ILE H 99 12.71 -30.16 12.04
CA ILE H 99 12.77 -28.75 12.39
C ILE H 99 11.73 -28.42 13.45
N ILE H 100 12.08 -27.54 14.36
CA ILE H 100 11.19 -27.17 15.47
C ILE H 100 10.86 -25.69 15.63
N VAL H 101 9.58 -25.39 15.85
CA VAL H 101 9.16 -24.02 16.09
C VAL H 101 8.82 -24.01 17.57
N LEU H 102 9.62 -23.31 18.36
CA LEU H 102 9.42 -23.25 19.80
C LEU H 102 8.75 -21.99 20.33
N ARG H 103 7.97 -22.17 21.39
CA ARG H 103 7.27 -21.07 22.02
C ARG H 103 7.38 -21.31 23.52
N HIS H 104 8.28 -20.60 24.18
CA HIS H 104 8.45 -20.79 25.62
C HIS H 104 8.48 -19.47 26.38
N PRO H 105 8.00 -19.49 27.63
CA PRO H 105 7.96 -18.31 28.50
C PRO H 105 9.33 -17.77 28.95
N SER H 106 10.14 -18.64 29.56
CA SER H 106 11.47 -18.26 30.05
C SER H 106 12.28 -17.51 29.01
N GLU H 107 13.18 -16.64 29.45
CA GLU H 107 13.98 -15.86 28.52
C GLU H 107 14.96 -16.64 27.66
N GLY H 108 15.89 -17.35 28.27
CA GLY H 108 16.85 -18.12 27.49
C GLY H 108 16.15 -19.01 26.47
N ALA H 109 15.14 -19.73 26.96
CA ALA H 109 14.31 -20.65 26.17
C ALA H 109 14.83 -20.99 24.78
N ALA H 110 14.34 -20.26 23.78
CA ALA H 110 14.70 -20.47 22.38
C ALA H 110 16.19 -20.72 22.23
N ARG H 111 16.98 -19.71 22.57
CA ARG H 111 18.43 -19.80 22.48
C ARG H 111 18.93 -21.10 23.11
N LEU H 112 18.56 -21.31 24.37
CA LEU H 112 18.97 -22.52 25.09
C LEU H 112 18.57 -23.77 24.30
N ALA H 113 17.30 -23.83 23.92
CA ALA H 113 16.78 -24.97 23.17
C ALA H 113 17.64 -25.27 21.96
N SER H 114 18.00 -24.22 21.21
CA SER H 114 18.82 -24.38 20.03
C SER H 114 20.12 -25.08 20.38
N GLU H 115 20.63 -24.82 21.57
CA GLU H 115 21.88 -25.42 22.02
C GLU H 115 21.78 -26.93 22.19
N TYR H 116 20.61 -27.43 22.57
CA TYR H 116 20.43 -28.85 22.77
C TYR H 116 19.73 -29.52 21.60
N SER H 117 19.26 -28.73 20.65
CA SER H 117 18.56 -29.28 19.50
C SER H 117 19.53 -29.69 18.40
N GLN H 118 19.33 -30.89 17.86
CA GLN H 118 20.14 -31.40 16.77
C GLN H 118 19.37 -31.04 15.51
N VAL H 119 18.52 -30.03 15.63
CA VAL H 119 17.65 -29.58 14.55
C VAL H 119 17.43 -28.07 14.64
N PRO H 120 17.16 -27.41 13.50
CA PRO H 120 16.92 -25.96 13.51
C PRO H 120 15.77 -25.55 14.41
N ILE H 121 15.94 -24.44 15.12
CA ILE H 121 14.90 -23.95 16.02
C ILE H 121 14.40 -22.59 15.57
N ILE H 122 13.10 -22.48 15.29
CA ILE H 122 12.52 -21.21 14.91
C ILE H 122 11.81 -20.68 16.15
N ASN H 123 12.23 -19.51 16.60
CA ASN H 123 11.64 -18.91 17.77
C ASN H 123 10.33 -18.19 17.48
N ALA H 124 9.24 -18.69 18.06
CA ALA H 124 7.95 -18.06 17.87
C ALA H 124 7.85 -17.05 19.00
N GLY H 125 8.95 -16.33 19.16
CA GLY H 125 9.07 -15.32 20.19
C GLY H 125 9.24 -15.99 21.53
N ASP H 126 10.13 -15.45 22.37
CA ASP H 126 10.34 -15.98 23.71
C ASP H 126 9.08 -15.54 24.47
N GLY H 127 8.00 -15.41 23.70
CA GLY H 127 6.71 -14.97 24.20
C GLY H 127 6.56 -13.58 23.59
N SER H 128 7.58 -12.76 23.86
CA SER H 128 7.69 -11.39 23.39
C SER H 128 9.19 -11.11 23.18
N ASN H 129 9.59 -9.85 23.35
CA ASN H 129 10.98 -9.42 23.19
C ASN H 129 11.69 -9.88 21.90
N GLN H 130 11.13 -10.87 21.22
CA GLN H 130 11.72 -11.35 19.96
C GLN H 130 10.99 -12.46 19.19
N HIS H 131 10.19 -12.05 18.22
CA HIS H 131 9.43 -12.96 17.34
C HIS H 131 9.86 -12.56 15.93
N PRO H 132 10.93 -13.17 15.42
CA PRO H 132 11.52 -12.94 14.09
C PRO H 132 10.53 -13.10 12.94
N THR H 133 10.00 -14.31 12.82
CA THR H 133 9.06 -14.67 11.78
C THR H 133 7.95 -13.62 11.57
N GLN H 134 7.52 -12.95 12.65
CA GLN H 134 6.49 -11.92 12.52
C GLN H 134 7.06 -10.65 11.87
N THR H 135 8.19 -10.18 12.38
CA THR H 135 8.84 -8.99 11.85
C THR H 135 9.17 -9.20 10.37
N LEU H 136 9.68 -10.37 10.04
CA LEU H 136 10.02 -10.69 8.66
C LEU H 136 8.80 -10.58 7.74
N LEU H 137 7.65 -11.11 8.19
CA LEU H 137 6.46 -11.04 7.36
C LEU H 137 5.95 -9.59 7.30
N ASP H 138 6.26 -8.79 8.33
CA ASP H 138 5.85 -7.38 8.33
C ASP H 138 6.64 -6.69 7.24
N LEU H 139 7.95 -6.91 7.24
CA LEU H 139 8.86 -6.34 6.25
C LEU H 139 8.41 -6.75 4.86
N TYR H 140 8.06 -8.03 4.71
CA TYR H 140 7.60 -8.53 3.43
C TYR H 140 6.34 -7.78 2.97
N THR H 141 5.45 -7.48 3.91
CA THR H 141 4.22 -6.78 3.57
C THR H 141 4.56 -5.39 3.03
N ILE H 142 5.47 -4.68 3.69
CA ILE H 142 5.85 -3.34 3.26
C ILE H 142 6.51 -3.42 1.90
N MET H 143 7.45 -4.35 1.79
CA MET H 143 8.19 -4.60 0.55
C MET H 143 7.25 -4.91 -0.60
N ARG H 144 6.25 -5.74 -0.32
CA ARG H 144 5.27 -6.13 -1.34
C ARG H 144 4.24 -5.06 -1.67
N GLU H 145 3.65 -4.45 -0.65
CA GLU H 145 2.63 -3.44 -0.87
C GLU H 145 3.15 -2.04 -1.21
N ILE H 146 4.26 -1.64 -0.60
CA ILE H 146 4.82 -0.32 -0.86
C ILE H 146 5.81 -0.39 -2.01
N GLY H 147 6.26 -1.62 -2.32
CA GLY H 147 7.20 -1.80 -3.41
C GLY H 147 8.66 -1.60 -3.03
N ARG H 148 8.88 -1.20 -1.78
CA ARG H 148 10.24 -0.97 -1.30
C ARG H 148 10.19 -0.72 0.20
N ILE H 149 11.32 -0.91 0.87
CA ILE H 149 11.38 -0.67 2.30
C ILE H 149 12.15 0.61 2.54
N ASP H 150 13.25 0.76 1.80
CA ASP H 150 14.09 1.93 1.91
C ASP H 150 13.30 3.20 1.64
N GLY H 151 13.63 4.25 2.38
CA GLY H 151 12.97 5.53 2.19
C GLY H 151 11.45 5.52 2.15
N ILE H 152 10.83 5.12 3.26
CA ILE H 152 9.39 5.11 3.34
C ILE H 152 9.04 5.85 4.60
N LYS H 153 7.80 6.28 4.73
CA LYS H 153 7.39 6.98 5.94
C LYS H 153 6.35 6.09 6.60
N ILE H 154 6.74 5.54 7.74
CA ILE H 154 5.88 4.64 8.51
C ILE H 154 5.47 5.23 9.85
N ALA H 155 4.19 5.04 10.19
CA ALA H 155 3.67 5.56 11.45
C ALA H 155 3.09 4.44 12.31
N PHE H 156 3.55 4.37 13.56
CA PHE H 156 3.06 3.36 14.50
C PHE H 156 2.04 4.00 15.44
N VAL H 157 0.89 3.34 15.63
CA VAL H 157 -0.14 3.87 16.51
C VAL H 157 -0.47 2.84 17.58
N GLY H 158 -0.55 3.28 18.83
CA GLY H 158 -0.87 2.37 19.91
C GLY H 158 0.18 2.27 21.01
N ASP H 159 0.07 1.24 21.84
CA ASP H 159 1.01 1.02 22.93
C ASP H 159 2.39 0.80 22.34
N LEU H 160 3.20 1.85 22.34
CA LEU H 160 4.54 1.76 21.78
C LEU H 160 5.59 1.51 22.84
N LYS H 161 5.18 1.60 24.10
CA LYS H 161 6.08 1.38 25.22
C LYS H 161 6.27 -0.11 25.47
N TYR H 162 5.20 -0.89 25.24
CA TYR H 162 5.22 -2.32 25.46
C TYR H 162 5.01 -3.16 24.19
N GLY H 163 4.77 -2.48 23.07
CA GLY H 163 4.56 -3.19 21.81
C GLY H 163 5.81 -3.87 21.30
N ARG H 164 6.01 -5.13 21.70
CA ARG H 164 7.17 -5.91 21.30
C ARG H 164 7.35 -6.03 19.79
N THR H 165 6.29 -6.40 19.09
CA THR H 165 6.38 -6.54 17.65
C THR H 165 6.74 -5.20 17.04
N VAL H 166 6.30 -4.12 17.66
CA VAL H 166 6.60 -2.77 17.16
C VAL H 166 8.09 -2.49 17.33
N HIS H 167 8.61 -2.80 18.51
CA HIS H 167 10.02 -2.61 18.81
C HIS H 167 10.86 -3.39 17.80
N SER H 168 10.53 -4.67 17.64
CA SER H 168 11.26 -5.54 16.72
C SER H 168 11.26 -4.98 15.30
N LEU H 169 10.11 -4.49 14.85
CA LEU H 169 9.99 -3.93 13.51
C LEU H 169 10.76 -2.62 13.40
N VAL H 170 10.69 -1.80 14.43
CA VAL H 170 11.39 -0.52 14.41
C VAL H 170 12.90 -0.76 14.28
N TYR H 171 13.38 -1.83 14.92
CA TYR H 171 14.80 -2.16 14.85
C TYR H 171 15.17 -2.60 13.44
N ALA H 172 14.41 -3.55 12.92
CA ALA H 172 14.69 -4.06 11.58
C ALA H 172 14.69 -2.90 10.59
N LEU H 173 13.66 -2.05 10.66
CA LEU H 173 13.56 -0.92 9.74
C LEU H 173 14.72 0.03 9.87
N SER H 174 15.27 0.12 11.07
CA SER H 174 16.40 1.01 11.28
C SER H 174 17.63 0.55 10.48
N LEU H 175 17.57 -0.65 9.91
CA LEU H 175 18.70 -1.16 9.15
C LEU H 175 18.60 -0.74 7.70
N PHE H 176 17.48 -0.15 7.34
CA PHE H 176 17.30 0.28 5.97
C PHE H 176 17.55 1.78 5.82
N GLU H 177 17.84 2.19 4.58
CA GLU H 177 18.15 3.57 4.25
C GLU H 177 16.97 4.53 4.29
N ASN H 178 17.19 5.66 4.96
CA ASN H 178 16.21 6.73 5.08
C ASN H 178 14.77 6.36 5.37
N VAL H 179 14.53 5.66 6.46
CA VAL H 179 13.17 5.30 6.82
C VAL H 179 12.69 6.35 7.82
N GLU H 180 11.61 7.04 7.49
CA GLU H 180 11.09 8.07 8.38
C GLU H 180 10.01 7.44 9.27
N MET H 181 10.22 7.52 10.58
CA MET H 181 9.30 6.93 11.54
C MET H 181 8.47 7.92 12.35
N TYR H 182 7.20 7.59 12.54
CA TYR H 182 6.30 8.41 13.35
C TYR H 182 5.73 7.52 14.45
N PHE H 183 5.78 8.03 15.68
CA PHE H 183 5.30 7.28 16.83
C PHE H 183 4.11 7.95 17.49
N VAL H 184 2.92 7.62 17.01
CA VAL H 184 1.67 8.16 17.55
C VAL H 184 1.22 7.32 18.75
N SER H 185 1.12 7.94 19.92
CA SER H 185 0.74 7.20 21.10
C SER H 185 0.39 8.07 22.30
N PRO H 186 -0.28 7.49 23.31
CA PRO H 186 -0.66 8.23 24.51
C PRO H 186 0.67 8.57 25.19
N LYS H 187 0.69 9.61 26.01
CA LYS H 187 1.93 9.98 26.68
C LYS H 187 2.48 8.84 27.55
N GLU H 188 1.58 8.06 28.16
CA GLU H 188 2.00 6.95 29.01
C GLU H 188 2.65 5.80 28.24
N LEU H 189 2.28 5.62 26.99
CA LEU H 189 2.81 4.52 26.20
C LEU H 189 3.76 4.93 25.08
N ARG H 190 4.63 5.89 25.35
CA ARG H 190 5.59 6.36 24.36
C ARG H 190 6.69 5.32 24.12
N LEU H 191 7.34 5.38 22.97
CA LEU H 191 8.40 4.43 22.64
C LEU H 191 9.52 4.50 23.67
N PRO H 192 9.98 3.34 24.16
CA PRO H 192 11.06 3.24 25.16
C PRO H 192 12.23 4.19 24.90
N LYS H 193 12.73 4.79 25.98
CA LYS H 193 13.83 5.74 25.90
C LYS H 193 15.06 5.15 25.22
N ASP H 194 15.49 3.98 25.68
CA ASP H 194 16.65 3.33 25.10
C ASP H 194 16.49 3.03 23.61
N ILE H 195 15.25 2.80 23.18
CA ILE H 195 15.02 2.52 21.76
C ILE H 195 15.25 3.81 20.95
N ILE H 196 14.71 4.91 21.45
CA ILE H 196 14.86 6.18 20.80
C ILE H 196 16.35 6.50 20.66
N GLU H 197 17.13 6.15 21.68
CA GLU H 197 18.56 6.39 21.63
C GLU H 197 19.21 5.64 20.47
N ASP H 198 18.80 4.39 20.27
CA ASP H 198 19.35 3.59 19.19
C ASP H 198 19.00 4.25 17.86
N LEU H 199 17.79 4.80 17.76
CA LEU H 199 17.36 5.46 16.55
C LEU H 199 18.22 6.69 16.29
N LYS H 200 18.49 7.45 17.34
CA LYS H 200 19.34 8.63 17.24
C LYS H 200 20.72 8.20 16.79
N ALA H 201 21.25 7.17 17.46
CA ALA H 201 22.56 6.63 17.15
C ALA H 201 22.69 6.22 15.70
N LYS H 202 21.56 5.86 15.08
CA LYS H 202 21.59 5.46 13.67
C LYS H 202 21.14 6.61 12.77
N ASN H 203 21.08 7.81 13.33
CA ASN H 203 20.67 8.99 12.58
C ASN H 203 19.40 8.68 11.78
N ILE H 204 18.31 8.49 12.50
CA ILE H 204 17.03 8.18 11.89
C ILE H 204 15.98 9.24 12.17
N LYS H 205 15.48 9.84 11.10
CA LYS H 205 14.46 10.87 11.21
C LYS H 205 13.20 10.24 11.79
N PHE H 206 12.83 10.67 13.00
CA PHE H 206 11.65 10.14 13.64
C PHE H 206 10.94 11.22 14.45
N TYR H 207 9.64 11.08 14.62
CA TYR H 207 8.88 12.05 15.38
C TYR H 207 7.90 11.33 16.29
N GLU H 208 7.72 11.86 17.49
CA GLU H 208 6.77 11.27 18.42
C GLU H 208 5.55 12.18 18.40
N LYS H 209 4.40 11.64 18.01
CA LYS H 209 3.19 12.44 17.95
C LYS H 209 2.18 11.93 18.95
N GLU H 210 1.29 12.83 19.39
CA GLU H 210 0.30 12.48 20.38
C GLU H 210 -1.08 12.25 19.78
N SER H 211 -1.23 12.65 18.52
CA SER H 211 -2.51 12.49 17.82
C SER H 211 -2.35 11.95 16.40
N LEU H 212 -3.39 11.28 15.92
CA LEU H 212 -3.35 10.74 14.57
C LEU H 212 -3.43 11.88 13.60
N ASP H 213 -3.86 13.03 14.10
CA ASP H 213 -4.01 14.23 13.28
C ASP H 213 -2.66 14.91 13.06
N ASP H 214 -1.63 14.42 13.73
CA ASP H 214 -0.32 15.02 13.57
C ASP H 214 0.41 14.45 12.37
N LEU H 215 -0.33 13.96 11.39
CA LEU H 215 0.30 13.38 10.21
C LEU H 215 -0.52 13.74 8.98
N ASP H 216 0.13 13.87 7.82
CA ASP H 216 -0.62 14.13 6.60
C ASP H 216 -0.28 12.99 5.64
N ASP H 217 -0.94 12.96 4.48
CA ASP H 217 -0.78 11.89 3.52
C ASP H 217 0.60 11.54 2.99
N ASP H 218 1.64 11.83 3.77
CA ASP H 218 3.00 11.50 3.35
C ASP H 218 3.40 10.11 3.83
N ILE H 219 2.67 9.58 4.80
CA ILE H 219 2.98 8.26 5.33
C ILE H 219 2.63 7.23 4.27
N ASP H 220 3.45 6.18 4.20
CA ASP H 220 3.22 5.07 3.26
C ASP H 220 2.57 3.91 4.02
N VAL H 221 2.95 3.75 5.28
CA VAL H 221 2.46 2.67 6.10
C VAL H 221 2.02 3.10 7.50
N LEU H 222 0.83 2.64 7.90
CA LEU H 222 0.26 2.92 9.22
C LEU H 222 0.17 1.60 9.97
N TYR H 223 1.14 1.33 10.83
CA TYR H 223 1.20 0.08 11.58
C TYR H 223 0.45 0.24 12.89
N VAL H 224 -0.73 -0.37 12.97
CA VAL H 224 -1.57 -0.30 14.16
C VAL H 224 -1.32 -1.44 15.13
N THR H 225 -1.04 -1.08 16.39
CA THR H 225 -0.77 -2.05 17.43
C THR H 225 -1.87 -1.92 18.49
N ARG H 226 -2.14 -3.01 19.22
CA ARG H 226 -3.18 -3.01 20.25
C ARG H 226 -2.81 -2.22 21.51
N ILE H 227 -3.83 -1.83 22.27
CA ILE H 227 -3.62 -1.09 23.52
C ILE H 227 -4.51 -1.79 24.54
N GLN H 228 -3.96 -2.75 25.28
CA GLN H 228 -4.77 -3.47 26.26
C GLN H 228 -5.19 -2.68 27.49
N LYS H 229 -6.23 -3.20 28.15
CA LYS H 229 -6.84 -2.60 29.34
C LYS H 229 -5.91 -2.48 30.54
N GLU H 230 -4.97 -3.42 30.63
CA GLU H 230 -4.01 -3.47 31.73
C GLU H 230 -3.17 -2.22 31.84
N ARG H 231 -3.22 -1.37 30.81
CA ARG H 231 -2.46 -0.12 30.80
C ARG H 231 -3.28 1.01 31.40
N PHE H 232 -4.60 0.87 31.37
CA PHE H 232 -5.50 1.86 31.92
C PHE H 232 -6.59 1.15 32.71
N PRO H 233 -6.28 0.74 33.96
CA PRO H 233 -7.24 0.05 34.82
C PRO H 233 -8.56 0.80 34.89
N ASP H 234 -8.49 2.11 34.89
CA ASP H 234 -9.69 2.94 34.95
C ASP H 234 -10.42 2.89 33.61
N PRO H 235 -11.63 2.31 33.58
CA PRO H 235 -12.40 2.23 32.34
C PRO H 235 -12.52 3.59 31.66
N ASN H 236 -12.88 4.61 32.44
CA ASN H 236 -13.01 5.97 31.90
C ASN H 236 -11.78 6.32 31.08
N GLU H 237 -10.61 6.17 31.70
CA GLU H 237 -9.33 6.44 31.06
C GLU H 237 -9.21 5.65 29.77
N TYR H 238 -9.28 4.33 29.88
CA TYR H 238 -9.18 3.41 28.75
C TYR H 238 -10.15 3.78 27.62
N GLU H 239 -11.42 3.92 27.98
CA GLU H 239 -12.48 4.27 27.05
C GLU H 239 -12.17 5.61 26.37
N LYS H 240 -11.26 6.38 26.96
CA LYS H 240 -10.85 7.67 26.40
C LYS H 240 -9.80 7.39 25.35
N VAL H 241 -8.76 6.69 25.77
CA VAL H 241 -7.65 6.34 24.91
C VAL H 241 -8.08 5.55 23.67
N LYS H 242 -9.00 4.60 23.85
CA LYS H 242 -9.47 3.82 22.71
C LYS H 242 -10.00 4.74 21.62
N GLY H 243 -10.92 5.60 21.99
CA GLY H 243 -11.48 6.51 21.00
C GLY H 243 -10.45 7.41 20.33
N SER H 244 -9.46 7.84 21.10
CA SER H 244 -8.42 8.74 20.60
C SER H 244 -7.52 8.15 19.52
N TYR H 245 -7.27 6.85 19.59
CA TYR H 245 -6.39 6.23 18.60
C TYR H 245 -7.05 5.20 17.70
N LYS H 246 -8.36 5.09 17.81
CA LYS H 246 -9.07 4.14 16.97
C LYS H 246 -9.02 4.62 15.54
N ILE H 247 -8.65 3.73 14.64
CA ILE H 247 -8.59 4.08 13.22
C ILE H 247 -10.00 3.96 12.66
N LYS H 248 -10.60 5.10 12.31
CA LYS H 248 -11.96 5.12 11.78
C LYS H 248 -11.95 5.28 10.27
N ARG H 249 -13.06 4.96 9.62
CA ARG H 249 -13.13 5.08 8.18
C ARG H 249 -12.90 6.51 7.70
N GLU H 250 -13.66 7.45 8.24
CA GLU H 250 -13.56 8.85 7.85
C GLU H 250 -12.11 9.32 7.76
N TYR H 251 -11.29 8.76 8.63
CA TYR H 251 -9.89 9.12 8.69
C TYR H 251 -9.07 8.43 7.62
N VAL H 252 -9.43 7.20 7.31
CA VAL H 252 -8.72 6.41 6.30
C VAL H 252 -8.99 6.91 4.89
N GLU H 253 -10.25 7.28 4.60
CA GLU H 253 -10.66 7.74 3.27
C GLU H 253 -9.74 8.77 2.63
N GLY H 254 -9.26 8.43 1.43
CA GLY H 254 -8.36 9.30 0.68
C GLY H 254 -6.88 9.22 1.02
N LYS H 255 -6.53 8.50 2.07
CA LYS H 255 -5.14 8.41 2.50
C LYS H 255 -4.31 7.44 1.63
N LYS H 256 -3.07 7.81 1.39
CA LYS H 256 -2.15 7.03 0.56
C LYS H 256 -1.62 5.80 1.30
N PHE H 257 -1.53 5.91 2.61
CA PHE H 257 -1.00 4.80 3.37
C PHE H 257 -1.77 3.48 3.25
N ILE H 258 -1.13 2.42 3.73
CA ILE H 258 -1.76 1.11 3.78
C ILE H 258 -1.81 0.86 5.29
N ILE H 259 -2.82 0.17 5.75
CA ILE H 259 -2.95 -0.10 7.18
C ILE H 259 -2.52 -1.52 7.51
N MET H 260 -1.55 -1.64 8.43
CA MET H 260 -1.09 -2.95 8.86
C MET H 260 -1.47 -3.15 10.32
N HIS H 261 -1.62 -4.41 10.71
CA HIS H 261 -1.97 -4.75 12.08
C HIS H 261 -1.66 -6.22 12.23
N PRO H 262 -0.72 -6.56 13.11
CA PRO H 262 -0.30 -7.94 13.36
C PRO H 262 -1.43 -8.89 13.79
N LEU H 263 -2.56 -8.33 14.18
CA LEU H 263 -3.71 -9.13 14.61
C LEU H 263 -3.42 -9.87 15.91
N PRO H 264 -4.47 -10.23 16.65
CA PRO H 264 -5.87 -9.97 16.31
C PRO H 264 -6.26 -8.54 16.60
N ARG H 265 -7.16 -7.98 15.81
CA ARG H 265 -7.57 -6.62 16.10
C ARG H 265 -8.89 -6.74 16.82
N VAL H 266 -9.10 -5.85 17.78
CA VAL H 266 -10.31 -5.83 18.57
C VAL H 266 -10.96 -4.45 18.53
N ASP H 267 -10.24 -3.44 18.98
CA ASP H 267 -10.77 -2.07 19.00
C ASP H 267 -9.97 -1.13 18.10
N GLU H 268 -8.69 -1.44 17.94
CA GLU H 268 -7.78 -0.61 17.16
C GLU H 268 -8.28 -0.10 15.81
N ILE H 269 -9.07 -0.91 15.09
CA ILE H 269 -9.55 -0.52 13.77
C ILE H 269 -11.02 -0.87 13.55
N ASP H 270 -11.82 0.13 13.17
CA ASP H 270 -13.24 -0.12 12.92
C ASP H 270 -13.46 -1.16 11.82
N TYR H 271 -14.61 -1.83 11.86
CA TYR H 271 -14.89 -2.84 10.85
C TYR H 271 -15.24 -2.24 9.49
N ASP H 272 -15.74 -1.02 9.48
CA ASP H 272 -16.08 -0.37 8.22
C ASP H 272 -14.81 0.06 7.45
N VAL H 273 -13.64 -0.09 8.07
CA VAL H 273 -12.37 0.24 7.44
C VAL H 273 -11.88 -0.95 6.63
N ASP H 274 -12.33 -2.13 7.00
CA ASP H 274 -11.93 -3.37 6.34
C ASP H 274 -12.00 -3.38 4.82
N ASP H 275 -13.14 -2.97 4.27
CA ASP H 275 -13.34 -2.95 2.81
C ASP H 275 -12.68 -1.78 2.08
N LEU H 276 -11.98 -0.92 2.82
CA LEU H 276 -11.31 0.20 2.19
C LEU H 276 -9.99 -0.30 1.55
N PRO H 277 -9.60 0.29 0.42
CA PRO H 277 -8.38 -0.08 -0.30
C PRO H 277 -7.11 -0.14 0.53
N GLN H 278 -6.95 0.80 1.46
CA GLN H 278 -5.74 0.83 2.23
C GLN H 278 -5.67 -0.20 3.34
N ALA H 279 -6.77 -0.90 3.60
CA ALA H 279 -6.73 -1.92 4.64
C ALA H 279 -5.93 -3.10 4.10
N LYS H 280 -4.81 -3.41 4.76
CA LYS H 280 -3.96 -4.51 4.31
C LYS H 280 -3.58 -5.51 5.37
N TYR H 281 -4.16 -5.40 6.57
CA TYR H 281 -3.82 -6.33 7.64
C TYR H 281 -4.14 -7.81 7.39
N PHE H 282 -5.18 -8.08 6.61
CA PHE H 282 -5.51 -9.46 6.31
C PHE H 282 -4.58 -10.00 5.23
N LYS H 283 -4.12 -9.12 4.36
CA LYS H 283 -3.19 -9.51 3.31
C LYS H 283 -1.90 -9.84 4.04
N GLN H 284 -1.57 -8.99 5.00
CA GLN H 284 -0.37 -9.14 5.81
C GLN H 284 -0.44 -10.51 6.47
N SER H 285 -1.64 -10.87 6.91
CA SER H 285 -1.87 -12.15 7.56
C SER H 285 -1.44 -13.28 6.65
N PHE H 286 -1.88 -13.18 5.40
CA PHE H 286 -1.57 -14.16 4.39
C PHE H 286 -0.09 -14.27 4.14
N TYR H 287 0.56 -13.12 4.03
CA TYR H 287 2.01 -13.09 3.77
C TYR H 287 2.82 -13.93 4.75
N GLY H 288 2.25 -14.18 5.91
CA GLY H 288 2.92 -14.99 6.90
C GLY H 288 3.22 -16.37 6.37
N ILE H 289 2.32 -16.89 5.55
CA ILE H 289 2.50 -18.23 4.98
C ILE H 289 3.72 -18.33 4.06
N PRO H 290 3.83 -17.44 3.07
CA PRO H 290 4.97 -17.48 2.15
C PRO H 290 6.31 -17.27 2.85
N VAL H 291 6.36 -16.31 3.75
CA VAL H 291 7.63 -16.04 4.43
C VAL H 291 7.99 -17.16 5.39
N ARG H 292 6.98 -17.82 5.94
CA ARG H 292 7.26 -18.92 6.84
C ARG H 292 7.69 -20.12 6.01
N MET H 293 7.12 -20.24 4.81
CA MET H 293 7.52 -21.32 3.93
C MET H 293 8.97 -21.05 3.59
N ALA H 294 9.28 -19.79 3.33
CA ALA H 294 10.62 -19.36 2.99
C ALA H 294 11.60 -19.74 4.10
N ILE H 295 11.24 -19.40 5.34
CA ILE H 295 12.08 -19.69 6.50
C ILE H 295 12.28 -21.18 6.76
N LEU H 296 11.20 -21.94 6.70
CA LEU H 296 11.26 -23.38 6.92
C LEU H 296 12.19 -24.00 5.89
N LYS H 297 11.97 -23.64 4.62
CA LYS H 297 12.76 -24.16 3.52
C LYS H 297 14.23 -23.85 3.73
N LYS H 298 14.53 -22.56 3.88
CA LYS H 298 15.90 -22.13 4.08
C LYS H 298 16.58 -22.88 5.23
N LEU H 299 16.02 -22.78 6.43
CA LEU H 299 16.59 -23.44 7.60
C LEU H 299 16.90 -24.92 7.39
N ILE H 300 16.05 -25.62 6.67
CA ILE H 300 16.27 -27.04 6.41
C ILE H 300 17.38 -27.24 5.40
N GLU H 301 17.37 -26.45 4.32
CA GLU H 301 18.40 -26.56 3.29
C GLU H 301 19.75 -26.14 3.87
N ASP H 302 19.80 -24.97 4.48
CA ASP H 302 21.02 -24.46 5.07
C ASP H 302 21.73 -25.47 5.97
N ASN H 303 20.97 -26.35 6.61
CA ASN H 303 21.57 -27.35 7.51
C ASN H 303 21.46 -28.75 6.94
N GLU H 304 21.40 -28.82 5.61
CA GLU H 304 21.29 -30.06 4.81
C GLU H 304 21.79 -31.37 5.45
N MET I 1 -21.92 -24.65 -7.35
CA MET I 1 -22.09 -24.51 -5.88
C MET I 1 -20.81 -23.99 -5.24
N LYS I 2 -20.89 -22.84 -4.58
CA LYS I 2 -19.70 -22.27 -3.96
C LYS I 2 -19.62 -22.45 -2.45
N HIS I 3 -20.73 -22.89 -1.85
CA HIS I 3 -20.81 -23.14 -0.41
C HIS I 3 -21.86 -24.21 -0.13
N LEU I 4 -21.83 -24.79 1.06
CA LEU I 4 -22.82 -25.78 1.47
C LEU I 4 -23.29 -25.34 2.84
N ILE I 5 -24.25 -24.42 2.86
CA ILE I 5 -24.76 -23.89 4.10
C ILE I 5 -26.02 -24.58 4.59
N SER I 6 -26.99 -24.76 3.70
CA SER I 6 -28.25 -25.39 4.08
C SER I 6 -28.83 -26.33 3.03
N MET I 7 -29.53 -27.37 3.48
CA MET I 7 -30.14 -28.30 2.55
C MET I 7 -31.18 -27.58 1.73
N LYS I 8 -31.73 -26.51 2.29
CA LYS I 8 -32.75 -25.75 1.60
C LYS I 8 -32.22 -24.93 0.45
N ASP I 9 -30.93 -25.06 0.17
CA ASP I 9 -30.33 -24.33 -0.95
C ASP I 9 -30.04 -25.33 -2.06
N ILE I 10 -30.34 -26.59 -1.79
CA ILE I 10 -30.10 -27.66 -2.75
C ILE I 10 -31.41 -28.29 -3.24
N GLY I 11 -31.44 -28.67 -4.50
CA GLY I 11 -32.62 -29.30 -5.07
C GLY I 11 -32.39 -30.78 -5.29
N LYS I 12 -33.47 -31.52 -5.53
CA LYS I 12 -33.37 -32.96 -5.75
C LYS I 12 -32.32 -33.30 -6.80
N GLU I 13 -32.22 -32.46 -7.81
CA GLU I 13 -31.25 -32.65 -8.89
C GLU I 13 -29.82 -32.71 -8.33
N GLU I 14 -29.40 -31.60 -7.74
CA GLU I 14 -28.06 -31.48 -7.17
C GLU I 14 -27.80 -32.56 -6.12
N ILE I 15 -28.84 -32.90 -5.36
CA ILE I 15 -28.72 -33.91 -4.33
C ILE I 15 -28.26 -35.21 -4.98
N LEU I 16 -28.96 -35.60 -6.04
CA LEU I 16 -28.63 -36.83 -6.75
C LEU I 16 -27.22 -36.75 -7.33
N GLU I 17 -26.88 -35.60 -7.89
CA GLU I 17 -25.54 -35.41 -8.45
C GLU I 17 -24.50 -35.74 -7.38
N ILE I 18 -24.73 -35.21 -6.18
CA ILE I 18 -23.84 -35.43 -5.06
C ILE I 18 -23.81 -36.90 -4.66
N LEU I 19 -24.99 -37.51 -4.57
CA LEU I 19 -25.09 -38.91 -4.20
C LEU I 19 -24.31 -39.76 -5.21
N ASP I 20 -24.29 -39.34 -6.47
CA ASP I 20 -23.56 -40.08 -7.49
C ASP I 20 -22.07 -39.96 -7.25
N GLU I 21 -21.61 -38.73 -7.09
CA GLU I 21 -20.20 -38.46 -6.83
C GLU I 21 -19.77 -39.26 -5.60
N ALA I 22 -20.68 -39.35 -4.63
CA ALA I 22 -20.40 -40.08 -3.41
C ALA I 22 -20.12 -41.54 -3.76
N ARG I 23 -20.96 -42.12 -4.60
CA ARG I 23 -20.81 -43.51 -5.04
C ARG I 23 -19.41 -43.71 -5.62
N LYS I 24 -19.01 -42.79 -6.48
CA LYS I 24 -17.70 -42.86 -7.13
C LYS I 24 -16.63 -42.89 -6.06
N MET I 25 -16.74 -41.98 -5.11
CA MET I 25 -15.78 -41.88 -4.03
C MET I 25 -15.74 -43.20 -3.25
N GLU I 26 -16.92 -43.77 -2.97
CA GLU I 26 -16.96 -45.01 -2.23
C GLU I 26 -16.17 -46.09 -2.95
N GLU I 27 -16.39 -46.21 -4.26
CA GLU I 27 -15.67 -47.21 -5.04
C GLU I 27 -14.17 -46.92 -5.03
N LEU I 28 -13.79 -45.64 -5.16
CA LEU I 28 -12.39 -45.27 -5.13
C LEU I 28 -11.75 -45.75 -3.83
N LEU I 29 -12.53 -45.78 -2.76
CA LEU I 29 -12.01 -46.23 -1.48
C LEU I 29 -11.70 -47.73 -1.56
N ASN I 30 -12.57 -48.50 -2.24
CA ASN I 30 -12.40 -49.96 -2.40
C ASN I 30 -10.97 -50.34 -2.79
N THR I 31 -10.27 -49.39 -3.40
CA THR I 31 -8.91 -49.56 -3.90
C THR I 31 -7.79 -49.85 -2.89
N LYS I 32 -7.82 -49.22 -1.73
CA LYS I 32 -6.77 -49.40 -0.73
C LYS I 32 -5.52 -48.69 -1.22
N ARG I 33 -5.58 -48.23 -2.47
CA ARG I 33 -4.47 -47.50 -3.07
C ARG I 33 -4.78 -45.99 -3.01
N PRO I 34 -3.74 -45.18 -2.80
CA PRO I 34 -3.62 -43.72 -2.65
C PRO I 34 -4.34 -42.84 -3.65
N LEU I 35 -5.28 -42.05 -3.18
CA LEU I 35 -5.98 -41.13 -4.05
C LEU I 35 -5.28 -39.79 -3.89
N LYS I 36 -5.25 -38.98 -4.94
CA LYS I 36 -4.60 -37.68 -4.86
C LYS I 36 -5.43 -36.58 -5.49
N LEU I 37 -6.73 -36.84 -5.61
CA LEU I 37 -7.65 -35.89 -6.20
C LEU I 37 -7.52 -34.48 -5.63
N LEU I 38 -7.33 -34.38 -4.32
CA LEU I 38 -7.19 -33.06 -3.69
C LEU I 38 -5.79 -32.89 -3.11
N GLU I 39 -4.81 -33.49 -3.79
CA GLU I 39 -3.43 -33.45 -3.33
C GLU I 39 -2.91 -32.14 -2.72
N GLY I 40 -2.82 -31.08 -3.52
CA GLY I 40 -2.29 -29.84 -2.98
C GLY I 40 -3.22 -29.00 -2.11
N LYS I 41 -4.40 -29.53 -1.81
CA LYS I 41 -5.36 -28.80 -1.00
C LYS I 41 -5.30 -28.93 0.54
N ILE I 42 -5.76 -27.89 1.22
CA ILE I 42 -5.78 -27.85 2.68
C ILE I 42 -7.19 -27.56 3.16
N LEU I 43 -7.69 -28.39 4.08
CA LEU I 43 -9.01 -28.19 4.66
C LEU I 43 -8.83 -27.61 6.04
N ALA I 44 -9.64 -26.61 6.38
CA ALA I 44 -9.57 -26.00 7.70
C ALA I 44 -10.80 -26.36 8.50
N THR I 45 -10.57 -26.97 9.66
CA THR I 45 -11.64 -27.36 10.55
C THR I 45 -11.79 -26.26 11.60
N VAL I 46 -12.78 -25.40 11.45
CA VAL I 46 -12.99 -24.31 12.40
C VAL I 46 -14.21 -24.59 13.26
N PHE I 47 -13.98 -25.14 14.44
CA PHE I 47 -15.06 -25.48 15.35
C PHE I 47 -15.07 -24.61 16.59
N TYR I 48 -16.17 -23.91 16.82
CA TYR I 48 -16.29 -23.10 18.03
C TYR I 48 -16.83 -24.01 19.12
N GLU I 49 -17.88 -24.75 18.80
CA GLU I 49 -18.47 -25.72 19.71
C GLU I 49 -17.91 -27.06 19.21
N PRO I 50 -16.97 -27.64 19.97
CA PRO I 50 -16.32 -28.91 19.62
C PRO I 50 -17.23 -30.08 19.23
N SER I 51 -16.70 -30.95 18.36
CA SER I 51 -17.40 -32.14 17.91
C SER I 51 -16.35 -33.06 17.31
N THR I 52 -15.73 -33.88 18.14
CA THR I 52 -14.71 -34.79 17.67
C THR I 52 -15.22 -35.69 16.54
N ARG I 53 -16.49 -36.08 16.60
CA ARG I 53 -17.05 -36.93 15.56
C ARG I 53 -17.06 -36.27 14.17
N THR I 54 -17.66 -35.09 14.07
CA THR I 54 -17.72 -34.39 12.79
C THR I 54 -16.33 -34.05 12.27
N ARG I 55 -15.45 -33.60 13.15
CA ARG I 55 -14.09 -33.27 12.74
C ARG I 55 -13.39 -34.48 12.13
N LEU I 56 -13.34 -35.58 12.86
CA LEU I 56 -12.70 -36.80 12.37
C LEU I 56 -13.28 -37.28 11.05
N SER I 57 -14.59 -37.16 10.90
CA SER I 57 -15.25 -37.56 9.67
C SER I 57 -14.67 -36.76 8.49
N PHE I 58 -14.80 -35.44 8.56
CA PHE I 58 -14.27 -34.56 7.52
C PHE I 58 -12.77 -34.67 7.37
N GLU I 59 -12.05 -34.85 8.46
CA GLU I 59 -10.60 -34.96 8.41
C GLU I 59 -10.21 -36.22 7.63
N THR I 60 -10.90 -37.32 7.92
CA THR I 60 -10.63 -38.58 7.24
C THR I 60 -10.92 -38.41 5.76
N ALA I 61 -12.11 -37.92 5.44
CA ALA I 61 -12.51 -37.71 4.06
C ALA I 61 -11.47 -36.89 3.28
N MET I 62 -11.04 -35.76 3.84
CA MET I 62 -10.05 -34.90 3.19
C MET I 62 -8.74 -35.64 2.94
N LYS I 63 -8.26 -36.36 3.94
CA LYS I 63 -7.03 -37.11 3.80
C LYS I 63 -7.14 -38.29 2.82
N ARG I 64 -8.33 -38.87 2.71
CA ARG I 64 -8.55 -39.97 1.79
C ARG I 64 -8.42 -39.49 0.36
N LEU I 65 -8.73 -38.21 0.13
CA LEU I 65 -8.60 -37.64 -1.20
C LEU I 65 -7.19 -37.09 -1.38
N GLY I 66 -6.31 -37.40 -0.44
CA GLY I 66 -4.94 -36.94 -0.54
C GLY I 66 -4.71 -35.50 -0.13
N GLY I 67 -5.67 -34.91 0.56
CA GLY I 67 -5.51 -33.52 0.98
C GLY I 67 -4.91 -33.39 2.38
N GLU I 68 -4.62 -32.16 2.78
CA GLU I 68 -4.07 -31.89 4.10
C GLU I 68 -5.13 -31.17 4.94
N VAL I 69 -4.95 -31.20 6.25
CA VAL I 69 -5.92 -30.57 7.15
C VAL I 69 -5.27 -29.81 8.29
N ILE I 70 -5.79 -28.61 8.56
CA ILE I 70 -5.31 -27.83 9.70
C ILE I 70 -6.56 -27.67 10.57
N THR I 71 -6.42 -27.96 11.86
CA THR I 71 -7.56 -27.85 12.76
C THR I 71 -7.43 -26.72 13.77
N MET I 72 -8.57 -26.15 14.11
CA MET I 72 -8.68 -25.07 15.06
C MET I 72 -10.03 -25.25 15.76
N THR I 73 -10.03 -25.91 16.91
CA THR I 73 -11.26 -26.15 17.64
C THR I 73 -11.30 -25.36 18.94
N ASP I 74 -12.42 -25.41 19.66
CA ASP I 74 -12.53 -24.71 20.93
C ASP I 74 -12.21 -23.23 20.74
N LEU I 75 -12.99 -22.56 19.90
CA LEU I 75 -12.77 -21.15 19.62
C LEU I 75 -13.48 -20.23 20.61
N LYS I 76 -14.73 -20.53 20.93
CA LYS I 76 -15.45 -19.71 21.91
C LYS I 76 -14.69 -19.83 23.22
N SER I 77 -13.73 -18.93 23.44
CA SER I 77 -12.93 -18.96 24.65
C SER I 77 -12.04 -17.73 24.81
N SER I 78 -10.92 -17.93 25.51
CA SER I 78 -9.95 -16.87 25.78
C SER I 78 -8.55 -17.15 25.24
N SER I 79 -8.41 -18.16 24.39
CA SER I 79 -7.10 -18.50 23.82
C SER I 79 -7.15 -18.70 22.31
N VAL I 80 -8.11 -19.51 21.86
CA VAL I 80 -8.26 -19.80 20.43
C VAL I 80 -8.99 -18.64 19.72
N ALA I 81 -9.61 -17.76 20.50
CA ALA I 81 -10.34 -16.61 19.95
C ALA I 81 -9.70 -15.32 20.47
N LYS I 82 -9.62 -15.21 21.80
CA LYS I 82 -9.00 -14.07 22.46
C LYS I 82 -9.76 -12.73 22.25
N GLY I 83 -10.99 -12.80 21.77
CA GLY I 83 -11.80 -11.60 21.54
C GLY I 83 -11.93 -11.25 20.06
N GLU I 84 -11.37 -12.11 19.20
CA GLU I 84 -11.39 -11.91 17.75
C GLU I 84 -12.73 -12.41 17.20
N SER I 85 -13.34 -11.63 16.31
CA SER I 85 -14.63 -12.01 15.74
C SER I 85 -14.55 -13.13 14.70
N LEU I 86 -15.67 -13.83 14.53
CA LEU I 86 -15.77 -14.92 13.57
C LEU I 86 -15.34 -14.40 12.22
N ILE I 87 -15.83 -13.23 11.88
CA ILE I 87 -15.50 -12.59 10.62
C ILE I 87 -13.99 -12.42 10.41
N ASP I 88 -13.27 -12.00 11.43
CA ASP I 88 -11.82 -11.85 11.31
C ASP I 88 -11.15 -13.20 11.14
N THR I 89 -11.56 -14.17 11.95
CA THR I 89 -10.99 -15.52 11.88
C THR I 89 -11.24 -16.14 10.50
N ILE I 90 -12.47 -16.08 10.02
CA ILE I 90 -12.80 -16.65 8.72
C ILE I 90 -11.90 -16.04 7.65
N ARG I 91 -11.69 -14.73 7.72
CA ARG I 91 -10.83 -14.08 6.74
C ARG I 91 -9.37 -14.54 6.81
N VAL I 92 -8.85 -14.74 8.01
CA VAL I 92 -7.48 -15.20 8.16
C VAL I 92 -7.34 -16.65 7.69
N ILE I 93 -8.23 -17.51 8.16
CA ILE I 93 -8.19 -18.91 7.79
C ILE I 93 -8.46 -19.04 6.31
N SER I 94 -9.38 -18.21 5.83
CA SER I 94 -9.76 -18.22 4.42
C SER I 94 -8.52 -18.02 3.56
N GLY I 95 -7.58 -17.24 4.07
CA GLY I 95 -6.36 -16.98 3.34
C GLY I 95 -5.34 -18.09 3.47
N TYR I 96 -5.45 -18.91 4.51
CA TYR I 96 -4.53 -20.01 4.74
C TYR I 96 -4.91 -21.24 3.94
N ALA I 97 -6.15 -21.69 4.14
CA ALA I 97 -6.65 -22.90 3.49
C ALA I 97 -7.39 -22.70 2.17
N ASP I 98 -7.85 -23.82 1.62
CA ASP I 98 -8.55 -23.85 0.35
C ASP I 98 -10.03 -24.11 0.55
N ILE I 99 -10.38 -24.65 1.71
CA ILE I 99 -11.77 -24.92 2.03
C ILE I 99 -11.96 -25.01 3.55
N ILE I 100 -13.10 -24.52 4.04
CA ILE I 100 -13.39 -24.50 5.48
C ILE I 100 -14.69 -25.18 5.93
N VAL I 101 -14.60 -25.99 6.97
CA VAL I 101 -15.78 -26.63 7.54
C VAL I 101 -15.98 -25.90 8.85
N LEU I 102 -17.04 -25.10 8.91
CA LEU I 102 -17.34 -24.29 10.09
C LEU I 102 -18.40 -24.87 11.03
N ARG I 103 -18.24 -24.60 12.30
CA ARG I 103 -19.15 -25.05 13.34
C ARG I 103 -19.30 -23.91 14.33
N HIS I 104 -20.37 -23.15 14.22
CA HIS I 104 -20.58 -22.01 15.11
C HIS I 104 -21.97 -22.01 15.73
N PRO I 105 -22.09 -21.48 16.96
CA PRO I 105 -23.36 -21.39 17.70
C PRO I 105 -24.37 -20.41 17.12
N SER I 106 -23.96 -19.15 16.93
CA SER I 106 -24.85 -18.11 16.39
C SER I 106 -25.58 -18.57 15.13
N GLU I 107 -26.78 -18.04 14.90
CA GLU I 107 -27.55 -18.43 13.74
C GLU I 107 -26.93 -18.07 12.38
N GLY I 108 -26.74 -16.78 12.12
CA GLY I 108 -26.16 -16.39 10.84
C GLY I 108 -24.90 -17.16 10.54
N ALA I 109 -24.04 -17.25 11.54
CA ALA I 109 -22.76 -17.94 11.49
C ALA I 109 -22.29 -18.39 10.11
N ALA I 110 -22.57 -19.65 9.77
CA ALA I 110 -22.19 -20.24 8.50
C ALA I 110 -22.42 -19.27 7.35
N ARG I 111 -23.68 -18.92 7.11
CA ARG I 111 -24.04 -18.01 6.03
C ARG I 111 -23.14 -16.78 6.07
N LEU I 112 -23.10 -16.11 7.21
CA LEU I 112 -22.28 -14.92 7.34
C LEU I 112 -20.82 -15.22 6.97
N ALA I 113 -20.27 -16.27 7.57
CA ALA I 113 -18.89 -16.65 7.30
C ALA I 113 -18.65 -16.78 5.80
N SER I 114 -19.57 -17.44 5.11
CA SER I 114 -19.43 -17.64 3.68
C SER I 114 -19.31 -16.30 2.97
N GLU I 115 -19.94 -15.27 3.52
CA GLU I 115 -19.88 -13.94 2.91
C GLU I 115 -18.48 -13.32 3.00
N TYR I 116 -17.74 -13.62 4.05
CA TYR I 116 -16.41 -13.07 4.21
C TYR I 116 -15.30 -14.05 3.84
N SER I 117 -15.68 -15.27 3.49
CA SER I 117 -14.69 -16.27 3.11
C SER I 117 -14.39 -16.24 1.61
N GLN I 118 -13.11 -16.24 1.29
CA GLN I 118 -12.67 -16.24 -0.11
C GLN I 118 -12.49 -17.71 -0.45
N VAL I 119 -13.17 -18.56 0.31
CA VAL I 119 -13.06 -19.99 0.14
C VAL I 119 -14.41 -20.65 0.46
N PRO I 120 -14.67 -21.86 -0.09
CA PRO I 120 -15.94 -22.55 0.17
C PRO I 120 -16.11 -22.85 1.66
N ILE I 121 -17.33 -22.71 2.14
CA ILE I 121 -17.65 -22.97 3.54
C ILE I 121 -18.65 -24.12 3.65
N ILE I 122 -18.28 -25.17 4.37
CA ILE I 122 -19.18 -26.30 4.56
C ILE I 122 -19.73 -26.16 5.96
N ASN I 123 -21.04 -26.04 6.08
CA ASN I 123 -21.67 -25.88 7.37
C ASN I 123 -21.86 -27.19 8.12
N ALA I 124 -21.21 -27.30 9.27
CA ALA I 124 -21.31 -28.49 10.10
C ALA I 124 -22.38 -28.15 11.13
N GLY I 125 -23.37 -27.39 10.69
CA GLY I 125 -24.44 -26.99 11.56
C GLY I 125 -24.14 -25.83 12.50
N ASP I 126 -24.85 -24.72 12.33
CA ASP I 126 -24.69 -23.55 13.18
C ASP I 126 -25.28 -24.00 14.52
N GLY I 127 -24.53 -24.85 15.23
CA GLY I 127 -25.02 -25.39 16.48
C GLY I 127 -26.01 -26.46 16.05
N SER I 128 -27.10 -25.98 15.43
CA SER I 128 -28.15 -26.83 14.90
C SER I 128 -28.74 -26.09 13.70
N ASN I 129 -30.07 -26.08 13.60
CA ASN I 129 -30.79 -25.43 12.50
C ASN I 129 -30.55 -26.01 11.11
N GLN I 130 -29.36 -26.57 10.87
CA GLN I 130 -29.05 -27.14 9.56
C GLN I 130 -27.66 -27.78 9.46
N HIS I 131 -27.62 -29.08 9.21
CA HIS I 131 -26.36 -29.82 9.04
C HIS I 131 -26.52 -30.57 7.74
N PRO I 132 -26.20 -29.91 6.63
CA PRO I 132 -26.30 -30.44 5.26
C PRO I 132 -25.58 -31.77 5.09
N THR I 133 -24.28 -31.72 5.31
CA THR I 133 -23.43 -32.89 5.18
C THR I 133 -24.02 -34.13 5.85
N GLN I 134 -24.69 -33.97 6.98
CA GLN I 134 -25.31 -35.13 7.64
C GLN I 134 -26.51 -35.65 6.86
N THR I 135 -27.42 -34.76 6.47
CA THR I 135 -28.61 -35.13 5.72
C THR I 135 -28.22 -35.78 4.41
N LEU I 136 -27.21 -35.23 3.75
CA LEU I 136 -26.74 -35.79 2.49
C LEU I 136 -26.28 -37.23 2.66
N LEU I 137 -25.49 -37.50 3.70
CA LEU I 137 -25.01 -38.86 3.93
C LEU I 137 -26.17 -39.77 4.33
N ASP I 138 -27.23 -39.20 4.91
CA ASP I 138 -28.40 -39.99 5.29
C ASP I 138 -29.06 -40.43 4.00
N LEU I 139 -29.29 -39.48 3.11
CA LEU I 139 -29.91 -39.74 1.80
C LEU I 139 -29.09 -40.80 1.05
N TYR I 140 -27.76 -40.67 1.12
CA TYR I 140 -26.88 -41.60 0.46
C TYR I 140 -27.06 -43.01 1.04
N THR I 141 -27.28 -43.09 2.35
CA THR I 141 -27.47 -44.38 2.99
C THR I 141 -28.74 -45.03 2.45
N ILE I 142 -29.83 -44.27 2.40
CA ILE I 142 -31.08 -44.80 1.90
C ILE I 142 -30.89 -45.22 0.45
N MET I 143 -30.35 -44.31 -0.35
CA MET I 143 -30.09 -44.54 -1.77
C MET I 143 -29.26 -45.80 -1.98
N ARG I 144 -28.22 -45.93 -1.17
CA ARG I 144 -27.29 -47.04 -1.23
C ARG I 144 -27.89 -48.37 -0.74
N GLU I 145 -28.53 -48.36 0.43
CA GLU I 145 -29.11 -49.57 1.03
C GLU I 145 -30.48 -49.98 0.51
N ILE I 146 -31.36 -49.01 0.29
CA ILE I 146 -32.71 -49.31 -0.18
C ILE I 146 -32.74 -49.41 -1.68
N GLY I 147 -31.70 -48.87 -2.30
CA GLY I 147 -31.67 -48.94 -3.75
C GLY I 147 -32.41 -47.80 -4.40
N ARG I 148 -33.10 -46.98 -3.62
CA ARG I 148 -33.84 -45.85 -4.18
C ARG I 148 -34.32 -44.97 -3.06
N ILE I 149 -34.64 -43.72 -3.38
CA ILE I 149 -35.15 -42.80 -2.38
C ILE I 149 -36.62 -42.59 -2.66
N ASP I 150 -36.95 -42.42 -3.93
CA ASP I 150 -38.34 -42.21 -4.35
C ASP I 150 -39.22 -43.35 -3.90
N GLY I 151 -40.44 -43.01 -3.51
CA GLY I 151 -41.40 -44.01 -3.07
C GLY I 151 -40.93 -45.03 -2.06
N ILE I 152 -40.57 -44.56 -0.87
CA ILE I 152 -40.13 -45.45 0.19
C ILE I 152 -40.96 -45.07 1.41
N LYS I 153 -41.02 -45.97 2.38
CA LYS I 153 -41.75 -45.71 3.60
C LYS I 153 -40.73 -45.62 4.72
N ILE I 154 -40.58 -44.42 5.25
CA ILE I 154 -39.62 -44.16 6.31
C ILE I 154 -40.31 -43.75 7.60
N ALA I 155 -39.81 -44.26 8.71
CA ALA I 155 -40.39 -43.95 10.01
C ALA I 155 -39.32 -43.37 10.95
N PHE I 156 -39.63 -42.21 11.53
CA PHE I 156 -38.72 -41.54 12.45
C PHE I 156 -39.17 -41.78 13.89
N VAL I 157 -38.26 -42.20 14.76
CA VAL I 157 -38.59 -42.47 16.15
C VAL I 157 -37.73 -41.63 17.08
N GLY I 158 -38.37 -40.97 18.05
CA GLY I 158 -37.64 -40.14 18.99
C GLY I 158 -38.09 -38.69 19.07
N ASP I 159 -37.23 -37.85 19.63
CA ASP I 159 -37.53 -36.43 19.76
C ASP I 159 -37.63 -35.85 18.37
N LEU I 160 -38.85 -35.66 17.90
CA LEU I 160 -39.08 -35.14 16.55
C LEU I 160 -39.36 -33.65 16.58
N LYS I 161 -39.54 -33.11 17.77
CA LYS I 161 -39.82 -31.68 17.94
C LYS I 161 -38.55 -30.87 17.88
N TYR I 162 -37.46 -31.46 18.37
CA TYR I 162 -36.18 -30.79 18.42
C TYR I 162 -35.10 -31.47 17.58
N GLY I 163 -35.43 -32.63 16.98
CA GLY I 163 -34.46 -33.35 16.17
C GLY I 163 -34.12 -32.63 14.88
N ARG I 164 -33.07 -31.80 14.94
CA ARG I 164 -32.62 -31.03 13.78
C ARG I 164 -32.27 -31.88 12.57
N THR I 165 -31.47 -32.91 12.77
CA THR I 165 -31.09 -33.77 11.66
C THR I 165 -32.33 -34.41 11.06
N VAL I 166 -33.33 -34.66 11.90
CA VAL I 166 -34.57 -35.27 11.45
C VAL I 166 -35.31 -34.29 10.56
N HIS I 167 -35.42 -33.03 11.02
CA HIS I 167 -36.09 -31.99 10.27
C HIS I 167 -35.44 -31.82 8.92
N SER I 168 -34.12 -31.72 8.93
CA SER I 168 -33.34 -31.54 7.70
C SER I 168 -33.59 -32.68 6.71
N LEU I 169 -33.61 -33.91 7.22
CA LEU I 169 -33.84 -35.08 6.39
C LEU I 169 -35.28 -35.11 5.88
N VAL I 170 -36.22 -34.76 6.73
CA VAL I 170 -37.62 -34.76 6.33
C VAL I 170 -37.83 -33.77 5.18
N TYR I 171 -37.12 -32.65 5.24
CA TYR I 171 -37.23 -31.66 4.19
C TYR I 171 -36.66 -32.20 2.87
N ALA I 172 -35.44 -32.71 2.93
CA ALA I 172 -34.79 -33.25 1.76
C ALA I 172 -35.68 -34.32 1.13
N LEU I 173 -36.16 -35.24 1.95
CA LEU I 173 -37.02 -36.32 1.46
C LEU I 173 -38.28 -35.80 0.81
N SER I 174 -38.76 -34.65 1.27
CA SER I 174 -39.98 -34.08 0.73
C SER I 174 -39.77 -33.59 -0.70
N LEU I 175 -38.54 -33.65 -1.19
CA LEU I 175 -38.24 -33.22 -2.56
C LEU I 175 -38.32 -34.41 -3.52
N PHE I 176 -38.45 -35.60 -2.96
CA PHE I 176 -38.53 -36.80 -3.77
C PHE I 176 -39.99 -37.24 -3.94
N GLU I 177 -40.22 -38.05 -4.97
CA GLU I 177 -41.53 -38.57 -5.32
C GLU I 177 -42.09 -39.64 -4.39
N ASN I 178 -43.34 -39.45 -3.98
CA ASN I 178 -44.06 -40.39 -3.13
C ASN I 178 -43.33 -41.01 -1.95
N VAL I 179 -42.81 -40.18 -1.05
CA VAL I 179 -42.12 -40.70 0.12
C VAL I 179 -43.16 -40.72 1.23
N GLU I 180 -43.41 -41.90 1.80
CA GLU I 180 -44.38 -42.03 2.88
C GLU I 180 -43.65 -41.93 4.22
N MET I 181 -44.02 -40.94 5.02
CA MET I 181 -43.37 -40.68 6.30
C MET I 181 -44.19 -41.00 7.53
N TYR I 182 -43.54 -41.59 8.54
CA TYR I 182 -44.19 -41.94 9.79
C TYR I 182 -43.41 -41.27 10.92
N PHE I 183 -44.13 -40.57 11.78
CA PHE I 183 -43.50 -39.85 12.89
C PHE I 183 -43.88 -40.43 14.26
N VAL I 184 -43.15 -41.44 14.69
CA VAL I 184 -43.37 -42.09 15.98
C VAL I 184 -42.68 -41.29 17.09
N SER I 185 -43.45 -40.79 18.05
CA SER I 185 -42.86 -39.99 19.11
C SER I 185 -43.78 -39.74 20.29
N PRO I 186 -43.22 -39.31 21.42
CA PRO I 186 -44.02 -39.03 22.60
C PRO I 186 -44.96 -37.89 22.21
N LYS I 187 -46.15 -37.90 22.76
CA LYS I 187 -47.17 -36.89 22.49
C LYS I 187 -46.54 -35.50 22.57
N GLU I 188 -45.59 -35.36 23.48
CA GLU I 188 -44.90 -34.09 23.69
C GLU I 188 -43.94 -33.70 22.55
N LEU I 189 -43.01 -34.58 22.22
CA LEU I 189 -42.00 -34.32 21.18
C LEU I 189 -42.45 -34.59 19.73
N ARG I 190 -43.64 -34.12 19.39
CA ARG I 190 -44.19 -34.31 18.05
C ARG I 190 -43.49 -33.39 17.04
N LEU I 191 -43.53 -33.77 15.76
CA LEU I 191 -42.91 -32.96 14.70
C LEU I 191 -43.52 -31.56 14.66
N PRO I 192 -42.67 -30.52 14.64
CA PRO I 192 -43.10 -29.12 14.61
C PRO I 192 -44.29 -28.86 13.69
N LYS I 193 -45.21 -28.02 14.16
CA LYS I 193 -46.41 -27.69 13.42
C LYS I 193 -46.09 -27.14 12.03
N ASP I 194 -45.23 -26.12 11.97
CA ASP I 194 -44.86 -25.53 10.69
C ASP I 194 -44.27 -26.53 9.70
N ILE I 195 -43.56 -27.53 10.21
CA ILE I 195 -42.97 -28.55 9.34
C ILE I 195 -44.08 -29.37 8.71
N ILE I 196 -45.04 -29.79 9.54
CA ILE I 196 -46.16 -30.58 9.05
C ILE I 196 -46.89 -29.81 7.97
N GLU I 197 -46.99 -28.50 8.13
CA GLU I 197 -47.65 -27.67 7.13
C GLU I 197 -46.93 -27.76 5.80
N ASP I 198 -45.61 -27.70 5.84
CA ASP I 198 -44.83 -27.79 4.62
C ASP I 198 -45.07 -29.13 3.95
N LEU I 199 -45.19 -30.18 4.76
CA LEU I 199 -45.43 -31.51 4.24
C LEU I 199 -46.79 -31.53 3.55
N LYS I 200 -47.78 -30.92 4.20
CA LYS I 200 -49.12 -30.84 3.62
C LYS I 200 -49.05 -30.09 2.31
N ALA I 201 -48.39 -28.94 2.34
CA ALA I 201 -48.25 -28.09 1.16
C ALA I 201 -47.62 -28.85 -0.01
N LYS I 202 -46.82 -29.87 0.29
CA LYS I 202 -46.18 -30.67 -0.74
C LYS I 202 -46.93 -31.98 -0.99
N ASN I 203 -48.15 -32.06 -0.47
CA ASN I 203 -48.98 -33.25 -0.64
C ASN I 203 -48.16 -34.50 -0.37
N ILE I 204 -47.77 -34.67 0.88
CA ILE I 204 -46.96 -35.80 1.29
C ILE I 204 -47.69 -36.67 2.28
N LYS I 205 -47.88 -37.94 1.92
CA LYS I 205 -48.56 -38.89 2.79
C LYS I 205 -47.73 -39.13 4.04
N PHE I 206 -48.24 -38.69 5.19
CA PHE I 206 -47.52 -38.86 6.44
C PHE I 206 -48.47 -39.16 7.59
N TYR I 207 -47.96 -39.85 8.61
CA TYR I 207 -48.77 -40.19 9.76
C TYR I 207 -47.99 -39.97 11.04
N GLU I 208 -48.64 -39.44 12.06
CA GLU I 208 -47.98 -39.24 13.35
C GLU I 208 -48.45 -40.39 14.23
N LYS I 209 -47.51 -41.21 14.69
CA LYS I 209 -47.86 -42.33 15.55
C LYS I 209 -47.28 -42.15 16.95
N GLU I 210 -47.96 -42.74 17.94
CA GLU I 210 -47.51 -42.61 19.32
C GLU I 210 -46.76 -43.85 19.81
N SER I 211 -46.85 -44.93 19.04
CA SER I 211 -46.18 -46.16 19.42
C SER I 211 -45.46 -46.81 18.25
N LEU I 212 -44.43 -47.59 18.56
CA LEU I 212 -43.69 -48.27 17.52
C LEU I 212 -44.52 -49.36 16.85
N ASP I 213 -45.72 -49.61 17.37
CA ASP I 213 -46.58 -50.65 16.79
C ASP I 213 -47.58 -50.17 15.77
N ASP I 214 -47.98 -48.90 15.86
CA ASP I 214 -48.95 -48.33 14.93
C ASP I 214 -48.33 -48.23 13.53
N LEU I 215 -47.22 -48.95 13.33
CA LEU I 215 -46.49 -49.00 12.06
C LEU I 215 -46.43 -50.43 11.59
N ASP I 216 -46.56 -50.64 10.28
CA ASP I 216 -46.49 -52.00 9.75
C ASP I 216 -45.14 -52.25 9.09
N ASP I 217 -44.77 -53.52 8.98
CA ASP I 217 -43.50 -53.91 8.39
C ASP I 217 -43.26 -53.28 7.02
N ASP I 218 -44.32 -52.70 6.44
CA ASP I 218 -44.25 -52.04 5.13
C ASP I 218 -43.25 -50.89 5.17
N ILE I 219 -42.39 -50.89 6.17
CA ILE I 219 -41.42 -49.82 6.33
C ILE I 219 -40.04 -50.20 5.83
N ASP I 220 -39.49 -49.33 4.98
CA ASP I 220 -38.17 -49.55 4.39
C ASP I 220 -37.06 -49.05 5.32
N VAL I 221 -37.27 -47.88 5.90
CA VAL I 221 -36.28 -47.27 6.78
C VAL I 221 -36.81 -46.77 8.11
N LEU I 222 -36.11 -47.16 9.18
CA LEU I 222 -36.45 -46.74 10.54
C LEU I 222 -35.31 -45.84 11.04
N TYR I 223 -35.53 -44.53 10.99
CA TYR I 223 -34.53 -43.54 11.39
C TYR I 223 -34.71 -43.20 12.86
N VAL I 224 -33.80 -43.71 13.69
CA VAL I 224 -33.84 -43.49 15.13
C VAL I 224 -33.02 -42.28 15.59
N THR I 225 -33.70 -41.38 16.29
CA THR I 225 -33.06 -40.17 16.81
C THR I 225 -33.05 -40.24 18.34
N ARG I 226 -32.08 -39.57 18.96
CA ARG I 226 -31.96 -39.55 20.41
C ARG I 226 -33.06 -38.76 21.11
N ILE I 227 -33.25 -39.04 22.40
CA ILE I 227 -34.23 -38.31 23.21
C ILE I 227 -33.51 -38.00 24.50
N GLN I 228 -32.91 -36.81 24.57
CA GLN I 228 -32.15 -36.42 25.76
C GLN I 228 -33.01 -36.15 26.99
N LYS I 229 -32.39 -36.23 28.17
CA LYS I 229 -33.05 -36.03 29.46
C LYS I 229 -33.60 -34.64 29.73
N GLU I 230 -33.03 -33.64 29.04
CA GLU I 230 -33.46 -32.25 29.19
C GLU I 230 -34.92 -32.05 28.79
N ARG I 231 -35.51 -33.07 28.17
CA ARG I 231 -36.89 -33.00 27.73
C ARG I 231 -37.82 -33.54 28.81
N PHE I 232 -37.27 -34.39 29.68
CA PHE I 232 -38.03 -34.97 30.77
C PHE I 232 -37.18 -34.90 32.04
N PRO I 233 -37.13 -33.73 32.68
CA PRO I 233 -36.34 -33.55 33.91
C PRO I 233 -36.66 -34.63 34.94
N ASP I 234 -37.91 -35.04 35.00
CA ASP I 234 -38.32 -36.07 35.94
C ASP I 234 -37.81 -37.43 35.48
N PRO I 235 -36.89 -38.03 36.23
CA PRO I 235 -36.35 -39.34 35.87
C PRO I 235 -37.46 -40.35 35.55
N ASN I 236 -38.44 -40.43 36.44
CA ASN I 236 -39.58 -41.34 36.27
C ASN I 236 -40.10 -41.20 34.85
N GLU I 237 -40.43 -39.98 34.48
CA GLU I 237 -40.95 -39.65 33.15
C GLU I 237 -40.00 -40.16 32.06
N TYR I 238 -38.78 -39.66 32.11
CA TYR I 238 -37.74 -40.04 31.15
C TYR I 238 -37.64 -41.56 30.99
N GLU I 239 -37.64 -42.29 32.10
CA GLU I 239 -37.62 -43.74 31.99
C GLU I 239 -38.85 -44.07 31.15
N LYS I 240 -40.03 -43.71 31.66
CA LYS I 240 -41.31 -43.96 30.98
C LYS I 240 -41.23 -43.78 29.47
N VAL I 241 -40.35 -42.89 29.02
CA VAL I 241 -40.19 -42.61 27.59
C VAL I 241 -39.10 -43.45 26.92
N LYS I 242 -37.97 -43.63 27.60
CA LYS I 242 -36.89 -44.43 27.05
C LYS I 242 -37.38 -45.83 26.71
N GLY I 243 -37.99 -46.48 27.68
CA GLY I 243 -38.49 -47.82 27.46
C GLY I 243 -39.50 -47.91 26.33
N SER I 244 -40.36 -46.90 26.24
CA SER I 244 -41.41 -46.85 25.22
C SER I 244 -40.93 -46.77 23.77
N TYR I 245 -39.80 -46.12 23.54
CA TYR I 245 -39.31 -45.99 22.17
C TYR I 245 -38.00 -46.69 21.89
N LYS I 246 -37.48 -47.42 22.87
CA LYS I 246 -36.23 -48.11 22.68
C LYS I 246 -36.43 -49.20 21.64
N ILE I 247 -35.53 -49.27 20.67
CA ILE I 247 -35.58 -50.28 19.64
C ILE I 247 -34.93 -51.55 20.22
N LYS I 248 -35.74 -52.57 20.46
CA LYS I 248 -35.24 -53.83 21.02
C LYS I 248 -35.14 -54.90 19.94
N ARG I 249 -34.33 -55.93 20.20
CA ARG I 249 -34.17 -56.99 19.21
C ARG I 249 -35.51 -57.63 18.91
N GLU I 250 -36.26 -57.96 19.97
CA GLU I 250 -37.57 -58.60 19.90
C GLU I 250 -38.61 -57.86 19.07
N TYR I 251 -38.19 -56.75 18.48
CA TYR I 251 -39.05 -55.92 17.65
C TYR I 251 -38.47 -55.86 16.24
N VAL I 252 -37.14 -55.88 16.17
CA VAL I 252 -36.43 -55.81 14.91
C VAL I 252 -36.52 -57.10 14.10
N GLU I 253 -36.35 -58.22 14.80
CA GLU I 253 -36.37 -59.55 14.20
C GLU I 253 -37.25 -59.73 12.97
N GLY I 254 -36.61 -59.97 11.84
CA GLY I 254 -37.34 -60.20 10.60
C GLY I 254 -37.92 -59.01 9.87
N LYS I 255 -38.11 -57.89 10.56
CA LYS I 255 -38.65 -56.69 9.93
C LYS I 255 -37.91 -56.36 8.63
N LYS I 256 -38.64 -55.84 7.65
CA LYS I 256 -38.06 -55.49 6.37
C LYS I 256 -37.10 -54.32 6.45
N PHE I 257 -37.49 -53.30 7.22
CA PHE I 257 -36.71 -52.08 7.34
C PHE I 257 -35.23 -52.22 7.71
N ILE I 258 -34.52 -51.13 7.52
CA ILE I 258 -33.11 -51.04 7.89
C ILE I 258 -33.17 -50.00 9.00
N ILE I 259 -32.28 -50.09 9.97
CA ILE I 259 -32.26 -49.15 11.07
C ILE I 259 -31.14 -48.13 10.92
N MET I 260 -31.50 -46.86 10.87
CA MET I 260 -30.51 -45.80 10.76
C MET I 260 -30.47 -44.99 12.03
N HIS I 261 -29.31 -44.42 12.34
CA HIS I 261 -29.13 -43.61 13.53
C HIS I 261 -27.88 -42.78 13.32
N PRO I 262 -28.03 -41.45 13.29
CA PRO I 262 -26.91 -40.52 13.08
C PRO I 262 -25.78 -40.63 14.10
N LEU I 263 -26.02 -41.34 15.18
CA LEU I 263 -25.03 -41.51 16.24
C LEU I 263 -24.65 -40.20 16.91
N PRO I 264 -24.13 -40.27 18.14
CA PRO I 264 -23.90 -41.52 18.87
C PRO I 264 -25.19 -42.06 19.47
N ARG I 265 -25.30 -43.37 19.55
CA ARG I 265 -26.48 -43.93 20.16
C ARG I 265 -26.09 -44.28 21.59
N VAL I 266 -27.05 -44.10 22.49
CA VAL I 266 -26.83 -44.37 23.89
C VAL I 266 -27.92 -45.31 24.42
N ASP I 267 -29.17 -44.88 24.33
CA ASP I 267 -30.28 -45.69 24.82
C ASP I 267 -31.23 -46.11 23.70
N GLU I 268 -31.32 -45.27 22.68
CA GLU I 268 -32.22 -45.48 21.54
C GLU I 268 -32.27 -46.89 20.93
N ILE I 269 -31.14 -47.59 20.92
CA ILE I 269 -31.08 -48.92 20.33
C ILE I 269 -30.27 -49.91 21.16
N ASP I 270 -30.89 -51.04 21.50
CA ASP I 270 -30.20 -52.07 22.29
C ASP I 270 -28.97 -52.61 21.57
N TYR I 271 -27.99 -53.06 22.33
CA TYR I 271 -26.77 -53.58 21.74
C TYR I 271 -26.96 -54.92 21.04
N ASP I 272 -27.97 -55.68 21.47
CA ASP I 272 -28.24 -56.97 20.85
C ASP I 272 -28.86 -56.79 19.46
N VAL I 273 -29.19 -55.55 19.11
CA VAL I 273 -29.76 -55.27 17.80
C VAL I 273 -28.64 -55.08 16.79
N ASP I 274 -27.46 -54.74 17.28
CA ASP I 274 -26.30 -54.49 16.43
C ASP I 274 -26.01 -55.54 15.37
N ASP I 275 -25.90 -56.80 15.78
CA ASP I 275 -25.59 -57.86 14.81
C ASP I 275 -26.75 -58.35 13.95
N LEU I 276 -27.91 -57.70 14.07
CA LEU I 276 -29.05 -58.09 13.24
C LEU I 276 -28.85 -57.47 11.86
N PRO I 277 -29.32 -58.17 10.81
CA PRO I 277 -29.21 -57.73 9.42
C PRO I 277 -29.69 -56.31 9.14
N GLN I 278 -30.82 -55.92 9.73
CA GLN I 278 -31.36 -54.60 9.46
C GLN I 278 -30.61 -53.43 10.11
N ALA I 279 -29.68 -53.75 11.01
CA ALA I 279 -28.90 -52.73 11.68
C ALA I 279 -27.94 -52.15 10.64
N LYS I 280 -28.09 -50.87 10.33
CA LYS I 280 -27.24 -50.23 9.32
C LYS I 280 -26.64 -48.93 9.79
N TYR I 281 -26.80 -48.61 11.06
CA TYR I 281 -26.26 -47.35 11.56
C TYR I 281 -24.76 -47.21 11.50
N PHE I 282 -24.02 -48.31 11.60
CA PHE I 282 -22.57 -48.22 11.52
C PHE I 282 -22.12 -48.11 10.07
N LYS I 283 -22.92 -48.67 9.17
CA LYS I 283 -22.62 -48.62 7.74
C LYS I 283 -22.88 -47.17 7.35
N GLN I 284 -23.96 -46.64 7.89
CA GLN I 284 -24.37 -45.26 7.66
C GLN I 284 -23.21 -44.35 8.11
N SER I 285 -22.60 -44.72 9.23
CA SER I 285 -21.47 -43.98 9.78
C SER I 285 -20.37 -43.89 8.74
N PHE I 286 -20.07 -45.03 8.14
CA PHE I 286 -19.04 -45.13 7.13
C PHE I 286 -19.36 -44.28 5.93
N TYR I 287 -20.60 -44.36 5.45
CA TYR I 287 -21.00 -43.58 4.29
C TYR I 287 -20.68 -42.09 4.41
N GLY I 288 -20.52 -41.62 5.64
CA GLY I 288 -20.20 -40.21 5.84
C GLY I 288 -18.89 -39.86 5.15
N ILE I 289 -17.95 -40.79 5.15
CA ILE I 289 -16.66 -40.55 4.54
C ILE I 289 -16.74 -40.30 3.02
N PRO I 290 -17.40 -41.21 2.27
CA PRO I 290 -17.52 -41.05 0.82
C PRO I 290 -18.28 -39.80 0.41
N VAL I 291 -19.37 -39.51 1.11
CA VAL I 291 -20.16 -38.33 0.75
C VAL I 291 -19.43 -37.06 1.14
N ARG I 292 -18.63 -37.11 2.20
CA ARG I 292 -17.88 -35.93 2.59
C ARG I 292 -16.72 -35.74 1.62
N MET I 293 -16.17 -36.84 1.11
CA MET I 293 -15.12 -36.78 0.11
C MET I 293 -15.74 -36.15 -1.12
N ALA I 294 -16.96 -36.58 -1.42
CA ALA I 294 -17.72 -36.08 -2.56
C ALA I 294 -17.90 -34.57 -2.44
N ILE I 295 -18.36 -34.12 -1.27
CA ILE I 295 -18.59 -32.70 -1.02
C ILE I 295 -17.33 -31.84 -1.06
N LEU I 296 -16.28 -32.29 -0.38
CA LEU I 296 -15.01 -31.58 -0.38
C LEU I 296 -14.51 -31.43 -1.81
N LYS I 297 -14.50 -32.54 -2.55
CA LYS I 297 -14.04 -32.55 -3.94
C LYS I 297 -14.83 -31.56 -4.77
N LYS I 298 -16.15 -31.74 -4.80
CA LYS I 298 -17.02 -30.86 -5.57
C LYS I 298 -16.78 -29.39 -5.23
N LEU I 299 -16.94 -29.02 -3.96
CA LEU I 299 -16.74 -27.62 -3.54
C LEU I 299 -15.44 -27.01 -4.01
N ILE I 300 -14.36 -27.79 -3.99
CA ILE I 300 -13.07 -27.28 -4.42
C ILE I 300 -13.00 -27.14 -5.94
N GLU I 301 -13.51 -28.13 -6.67
CA GLU I 301 -13.50 -28.08 -8.13
C GLU I 301 -14.43 -26.98 -8.61
N ASP I 302 -15.67 -26.99 -8.13
CA ASP I 302 -16.64 -25.98 -8.53
C ASP I 302 -16.07 -24.57 -8.47
N ASN I 303 -14.95 -24.40 -7.76
CA ASN I 303 -14.35 -23.09 -7.62
C ASN I 303 -12.85 -23.10 -7.90
N GLU I 304 -12.48 -23.01 -9.17
CA GLU I 304 -11.09 -23.02 -9.59
C GLU I 304 -10.75 -21.93 -10.60
N GLY I 305 -11.02 -22.20 -11.87
CA GLY I 305 -10.73 -21.23 -12.92
C GLY I 305 -11.98 -20.64 -13.55
N MET J 1 -6.58 5.57 58.85
CA MET J 1 -6.28 4.77 57.63
C MET J 1 -7.57 4.21 57.03
N LYS J 2 -7.85 4.54 55.77
CA LYS J 2 -9.07 4.03 55.15
C LYS J 2 -8.84 2.92 54.13
N HIS J 3 -7.58 2.66 53.82
CA HIS J 3 -7.22 1.58 52.88
C HIS J 3 -5.81 1.12 53.20
N LEU J 4 -5.46 -0.06 52.70
CA LEU J 4 -4.11 -0.59 52.89
C LEU J 4 -3.64 -1.05 51.51
N ILE J 5 -3.13 -0.09 50.74
CA ILE J 5 -2.67 -0.37 49.39
C ILE J 5 -1.18 -0.66 49.27
N SER J 6 -0.35 0.17 49.89
CA SER J 6 1.08 -0.03 49.83
C SER J 6 1.80 0.27 51.14
N MET J 7 2.90 -0.45 51.37
CA MET J 7 3.69 -0.25 52.58
C MET J 7 4.27 1.15 52.57
N LYS J 8 4.43 1.71 51.37
CA LYS J 8 4.99 3.04 51.20
C LYS J 8 4.02 4.14 51.60
N ASP J 9 2.86 3.77 52.11
CA ASP J 9 1.87 4.75 52.56
C ASP J 9 1.84 4.72 54.09
N ILE J 10 2.63 3.82 54.67
CA ILE J 10 2.69 3.66 56.12
C ILE J 10 4.05 4.05 56.67
N GLY J 11 4.05 4.65 57.86
CA GLY J 11 5.28 5.05 58.50
C GLY J 11 5.61 4.13 59.66
N LYS J 12 6.85 4.19 60.14
CA LYS J 12 7.27 3.36 61.27
C LYS J 12 6.29 3.45 62.43
N GLU J 13 5.73 4.63 62.65
CA GLU J 13 4.77 4.81 63.74
C GLU J 13 3.56 3.90 63.58
N GLU J 14 2.83 4.08 62.48
CA GLU J 14 1.65 3.28 62.25
C GLU J 14 1.97 1.80 62.18
N ILE J 15 3.15 1.46 61.66
CA ILE J 15 3.57 0.07 61.57
C ILE J 15 3.56 -0.53 62.98
N LEU J 16 4.20 0.16 63.91
CA LEU J 16 4.27 -0.30 65.27
C LEU J 16 2.88 -0.38 65.88
N GLU J 17 2.04 0.61 65.61
CA GLU J 17 0.67 0.61 66.11
C GLU J 17 -0.02 -0.70 65.69
N ILE J 18 0.16 -1.06 64.43
CA ILE J 18 -0.41 -2.27 63.87
C ILE J 18 0.19 -3.50 64.53
N LEU J 19 1.50 -3.52 64.68
CA LEU J 19 2.16 -4.64 65.30
C LEU J 19 1.64 -4.83 66.73
N ASP J 20 1.29 -3.74 67.39
CA ASP J 20 0.76 -3.82 68.75
C ASP J 20 -0.62 -4.46 68.72
N GLU J 21 -1.49 -3.91 67.90
CA GLU J 21 -2.84 -4.43 67.75
C GLU J 21 -2.73 -5.91 67.43
N ALA J 22 -1.73 -6.27 66.64
CA ALA J 22 -1.51 -7.67 66.25
C ALA J 22 -1.27 -8.53 67.47
N ARG J 23 -0.39 -8.07 68.37
CA ARG J 23 -0.12 -8.85 69.57
C ARG J 23 -1.39 -9.01 70.40
N LYS J 24 -2.23 -7.98 70.49
CA LYS J 24 -3.47 -8.08 71.24
C LYS J 24 -4.29 -9.20 70.61
N MET J 25 -4.42 -9.17 69.30
CA MET J 25 -5.18 -10.18 68.59
C MET J 25 -4.61 -11.56 68.89
N GLU J 26 -3.28 -11.70 68.84
CA GLU J 26 -2.68 -12.98 69.10
C GLU J 26 -3.07 -13.50 70.47
N GLU J 27 -3.04 -12.62 71.48
CA GLU J 27 -3.41 -13.04 72.82
C GLU J 27 -4.88 -13.42 72.86
N LEU J 28 -5.71 -12.65 72.17
CA LEU J 28 -7.14 -12.94 72.12
C LEU J 28 -7.37 -14.34 71.57
N LEU J 29 -6.50 -14.76 70.66
CA LEU J 29 -6.64 -16.09 70.10
C LEU J 29 -6.39 -17.10 71.22
N ASN J 30 -5.52 -16.74 72.17
CA ASN J 30 -5.22 -17.62 73.30
C ASN J 30 -6.46 -17.79 74.18
N THR J 31 -7.34 -16.80 74.13
CA THR J 31 -8.58 -16.84 74.91
C THR J 31 -9.34 -18.11 74.52
N LYS J 32 -9.11 -18.58 73.30
CA LYS J 32 -9.77 -19.78 72.81
C LYS J 32 -11.28 -19.59 72.81
N ARG J 33 -11.76 -18.54 73.46
CA ARG J 33 -13.20 -18.26 73.52
C ARG J 33 -13.60 -17.34 72.38
N PRO J 34 -14.78 -17.57 71.81
CA PRO J 34 -15.41 -16.85 70.69
C PRO J 34 -15.24 -15.34 70.73
N LEU J 35 -14.59 -14.77 69.72
CA LEU J 35 -14.43 -13.33 69.66
C LEU J 35 -15.56 -12.82 68.77
N LYS J 36 -16.03 -11.60 69.01
CA LYS J 36 -17.12 -11.05 68.22
C LYS J 36 -16.87 -9.59 67.86
N LEU J 37 -15.59 -9.21 67.86
CA LEU J 37 -15.19 -7.85 67.54
C LEU J 37 -15.76 -7.36 66.22
N LEU J 38 -15.80 -8.22 65.21
CA LEU J 38 -16.32 -7.86 63.91
C LEU J 38 -17.59 -8.64 63.60
N GLU J 39 -18.36 -8.93 64.64
CA GLU J 39 -19.58 -9.70 64.50
C GLU J 39 -20.45 -9.44 63.28
N GLY J 40 -21.07 -8.28 63.20
CA GLY J 40 -21.94 -8.02 62.07
C GLY J 40 -21.31 -7.69 60.73
N LYS J 41 -19.99 -7.84 60.64
CA LYS J 41 -19.25 -7.50 59.41
C LYS J 41 -19.05 -8.62 58.38
N ILE J 42 -18.92 -8.21 57.13
CA ILE J 42 -18.71 -9.12 56.01
C ILE J 42 -17.47 -8.71 55.21
N LEU J 43 -16.55 -9.66 55.04
CA LEU J 43 -15.34 -9.41 54.27
C LEU J 43 -15.53 -10.01 52.89
N ALA J 44 -15.13 -9.28 51.86
CA ALA J 44 -15.25 -9.78 50.50
C ALA J 44 -13.88 -10.08 49.94
N THR J 45 -13.69 -11.31 49.51
CA THR J 45 -12.44 -11.75 48.92
C THR J 45 -12.59 -11.67 47.40
N VAL J 46 -12.06 -10.62 46.80
CA VAL J 46 -12.13 -10.46 45.34
C VAL J 46 -10.78 -10.75 44.69
N PHE J 47 -10.60 -11.99 44.24
CA PHE J 47 -9.35 -12.40 43.61
C PHE J 47 -9.49 -12.65 42.12
N TYR J 48 -8.73 -11.93 41.31
CA TYR J 48 -8.76 -12.14 39.87
C TYR J 48 -7.77 -13.23 39.58
N GLU J 49 -6.57 -13.11 40.16
CA GLU J 49 -5.55 -14.15 40.02
C GLU J 49 -5.61 -14.91 41.35
N PRO J 50 -6.13 -16.14 41.32
CA PRO J 50 -6.27 -17.00 42.50
C PRO J 50 -5.06 -17.15 43.39
N SER J 51 -5.33 -17.37 44.68
CA SER J 51 -4.32 -17.60 45.71
C SER J 51 -5.04 -18.17 46.92
N THR J 52 -5.17 -19.49 46.94
CA THR J 52 -5.82 -20.17 48.04
C THR J 52 -5.18 -19.81 49.38
N ARG J 53 -3.86 -19.65 49.38
CA ARG J 53 -3.11 -19.29 50.58
C ARG J 53 -3.61 -17.97 51.22
N THR J 54 -3.48 -16.89 50.46
CA THR J 54 -3.89 -15.58 50.93
C THR J 54 -5.37 -15.54 51.30
N ARG J 55 -6.21 -16.17 50.49
CA ARG J 55 -7.63 -16.17 50.79
C ARG J 55 -7.91 -16.83 52.14
N LEU J 56 -7.39 -18.04 52.32
CA LEU J 56 -7.60 -18.76 53.58
C LEU J 56 -7.10 -17.99 54.79
N SER J 57 -5.95 -17.35 54.64
CA SER J 57 -5.38 -16.56 55.73
C SER J 57 -6.40 -15.49 56.16
N PHE J 58 -6.77 -14.63 55.22
CA PHE J 58 -7.72 -13.56 55.49
C PHE J 58 -9.09 -14.06 55.91
N GLU J 59 -9.50 -15.19 55.34
CA GLU J 59 -10.79 -15.77 55.67
C GLU J 59 -10.79 -16.21 57.12
N THR J 60 -9.72 -16.89 57.52
CA THR J 60 -9.59 -17.36 58.89
C THR J 60 -9.61 -16.16 59.83
N ALA J 61 -8.74 -15.19 59.56
CA ALA J 61 -8.65 -13.98 60.37
C ALA J 61 -10.01 -13.33 60.56
N MET J 62 -10.73 -13.12 59.48
CA MET J 62 -12.05 -12.48 59.55
C MET J 62 -13.02 -13.28 60.41
N LYS J 63 -13.00 -14.59 60.25
CA LYS J 63 -13.90 -15.44 61.02
C LYS J 63 -13.50 -15.53 62.49
N ARG J 64 -12.21 -15.42 62.76
CA ARG J 64 -11.73 -15.45 64.14
C ARG J 64 -12.26 -14.23 64.91
N LEU J 65 -12.50 -13.14 64.19
CA LEU J 65 -13.02 -11.92 64.82
C LEU J 65 -14.52 -11.96 64.81
N GLY J 66 -15.07 -13.12 64.45
CA GLY J 66 -16.50 -13.28 64.42
C GLY J 66 -17.20 -12.67 63.22
N GLY J 67 -16.45 -12.39 62.17
CA GLY J 67 -17.06 -11.81 60.99
C GLY J 67 -17.43 -12.85 59.96
N GLU J 68 -18.15 -12.43 58.93
CA GLU J 68 -18.56 -13.33 57.86
C GLU J 68 -17.73 -13.02 56.62
N VAL J 69 -17.70 -13.96 55.69
CA VAL J 69 -16.92 -13.77 54.47
C VAL J 69 -17.63 -14.27 53.23
N ILE J 70 -17.58 -13.48 52.15
CA ILE J 70 -18.15 -13.87 50.85
C ILE J 70 -16.95 -13.89 49.91
N THR J 71 -16.79 -14.98 49.17
CA THR J 71 -15.65 -15.07 48.26
C THR J 71 -16.07 -15.03 46.80
N MET J 72 -15.19 -14.47 45.99
CA MET J 72 -15.39 -14.33 44.57
C MET J 72 -13.99 -14.39 43.97
N THR J 73 -13.58 -15.58 43.54
CA THR J 73 -12.25 -15.75 42.97
C THR J 73 -12.27 -16.07 41.48
N ASP J 74 -11.06 -16.10 40.92
CA ASP J 74 -10.81 -16.38 39.52
C ASP J 74 -11.82 -15.68 38.60
N LEU J 75 -11.87 -14.36 38.73
CA LEU J 75 -12.77 -13.53 37.94
C LEU J 75 -12.19 -13.33 36.54
N LYS J 76 -10.88 -13.56 36.40
CA LYS J 76 -10.20 -13.42 35.11
C LYS J 76 -10.62 -14.53 34.16
N SER J 77 -11.91 -14.56 33.86
CA SER J 77 -12.46 -15.56 32.96
C SER J 77 -13.93 -15.22 32.70
N SER J 78 -14.42 -15.60 31.52
CA SER J 78 -15.80 -15.34 31.12
C SER J 78 -16.78 -15.50 32.28
N SER J 79 -17.03 -16.75 32.63
CA SER J 79 -17.95 -17.13 33.70
C SER J 79 -17.91 -16.24 34.95
N VAL J 80 -16.77 -16.21 35.63
CA VAL J 80 -16.62 -15.44 36.86
C VAL J 80 -16.58 -13.91 36.69
N ALA J 81 -16.72 -13.40 35.47
CA ALA J 81 -16.67 -11.96 35.27
C ALA J 81 -17.70 -11.40 34.27
N LYS J 82 -17.69 -11.95 33.06
CA LYS J 82 -18.60 -11.53 32.00
C LYS J 82 -18.31 -10.15 31.40
N GLY J 83 -17.03 -9.85 31.13
CA GLY J 83 -16.68 -8.57 30.52
C GLY J 83 -16.95 -7.33 31.35
N GLU J 84 -17.26 -7.52 32.63
CA GLU J 84 -17.54 -6.43 33.55
C GLU J 84 -16.20 -5.89 34.07
N SER J 85 -16.07 -4.57 34.16
CA SER J 85 -14.81 -3.98 34.61
C SER J 85 -14.59 -4.03 36.12
N LEU J 86 -13.32 -4.03 36.51
CA LEU J 86 -12.96 -4.05 37.92
C LEU J 86 -13.75 -2.99 38.66
N ILE J 87 -13.82 -1.81 38.06
CA ILE J 87 -14.54 -0.68 38.64
C ILE J 87 -15.99 -0.99 38.93
N ASP J 88 -16.67 -1.67 38.02
CA ASP J 88 -18.06 -2.00 38.24
C ASP J 88 -18.16 -3.04 39.36
N THR J 89 -17.32 -4.06 39.28
CA THR J 89 -17.32 -5.10 40.29
C THR J 89 -17.09 -4.52 41.68
N ILE J 90 -16.02 -3.72 41.82
CA ILE J 90 -15.70 -3.10 43.12
C ILE J 90 -16.90 -2.33 43.65
N ARG J 91 -17.61 -1.63 42.77
CA ARG J 91 -18.76 -0.87 43.20
C ARG J 91 -19.91 -1.77 43.67
N VAL J 92 -20.11 -2.89 42.99
CA VAL J 92 -21.18 -3.78 43.40
C VAL J 92 -20.84 -4.46 44.72
N ILE J 93 -19.65 -5.04 44.80
CA ILE J 93 -19.19 -5.72 46.01
C ILE J 93 -19.09 -4.73 47.17
N SER J 94 -18.63 -3.52 46.86
CA SER J 94 -18.48 -2.46 47.84
C SER J 94 -19.82 -2.22 48.53
N GLY J 95 -20.91 -2.40 47.78
CA GLY J 95 -22.24 -2.20 48.33
C GLY J 95 -22.75 -3.39 49.13
N TYR J 96 -22.17 -4.56 48.89
CA TYR J 96 -22.55 -5.80 49.58
C TYR J 96 -21.84 -5.96 50.92
N ALA J 97 -20.51 -5.90 50.87
CA ALA J 97 -19.68 -6.10 52.05
C ALA J 97 -19.29 -4.84 52.80
N ASP J 98 -18.48 -5.05 53.84
CA ASP J 98 -18.03 -3.97 54.68
C ASP J 98 -16.54 -3.73 54.48
N ILE J 99 -15.87 -4.69 53.89
CA ILE J 99 -14.44 -4.53 53.64
C ILE J 99 -14.01 -5.52 52.56
N ILE J 100 -13.09 -5.09 51.71
CA ILE J 100 -12.63 -5.90 50.57
C ILE J 100 -11.12 -6.16 50.48
N VAL J 101 -10.76 -7.41 50.23
CA VAL J 101 -9.36 -7.77 50.04
C VAL J 101 -9.25 -8.07 48.54
N LEU J 102 -8.60 -7.17 47.81
CA LEU J 102 -8.45 -7.30 46.37
C LEU J 102 -7.13 -7.91 45.90
N ARG J 103 -7.21 -8.63 44.79
CA ARG J 103 -6.05 -9.26 44.20
C ARG J 103 -6.22 -9.12 42.68
N HIS J 104 -5.53 -8.14 42.09
CA HIS J 104 -5.65 -7.90 40.66
C HIS J 104 -4.29 -7.79 39.98
N PRO J 105 -4.21 -8.19 38.68
CA PRO J 105 -2.98 -8.15 37.90
C PRO J 105 -2.49 -6.75 37.52
N SER J 106 -3.37 -5.95 36.92
CA SER J 106 -3.02 -4.59 36.51
C SER J 106 -2.36 -3.80 37.63
N GLU J 107 -1.51 -2.84 37.27
CA GLU J 107 -0.82 -2.05 38.26
C GLU J 107 -1.70 -1.13 39.11
N GLY J 108 -2.44 -0.22 38.49
CA GLY J 108 -3.30 0.66 39.27
C GLY J 108 -4.20 -0.12 40.20
N ALA J 109 -4.84 -1.14 39.64
CA ALA J 109 -5.75 -2.04 40.34
C ALA J 109 -6.18 -1.59 41.73
N ALA J 110 -5.48 -2.10 42.75
CA ALA J 110 -5.77 -1.80 44.14
C ALA J 110 -6.11 -0.33 44.35
N ARG J 111 -5.13 0.53 44.11
CA ARG J 111 -5.30 1.97 44.26
C ARG J 111 -6.57 2.46 43.56
N LEU J 112 -6.72 2.06 42.30
CA LEU J 112 -7.89 2.45 41.54
C LEU J 112 -9.16 1.97 42.23
N ALA J 113 -9.18 0.68 42.56
CA ALA J 113 -10.34 0.10 43.22
C ALA J 113 -10.72 0.91 44.45
N SER J 114 -9.74 1.25 45.27
CA SER J 114 -10.00 2.04 46.48
C SER J 114 -10.75 3.32 46.15
N GLU J 115 -10.45 3.89 45.00
CA GLU J 115 -11.08 5.13 44.57
C GLU J 115 -12.58 4.97 44.34
N TYR J 116 -12.99 3.80 43.88
CA TYR J 116 -14.40 3.55 43.59
C TYR J 116 -15.12 2.77 44.69
N SER J 117 -14.35 2.29 45.67
CA SER J 117 -14.91 1.52 46.75
C SER J 117 -15.41 2.41 47.87
N GLN J 118 -16.62 2.13 48.33
CA GLN J 118 -17.24 2.88 49.43
C GLN J 118 -16.89 2.09 50.69
N VAL J 119 -15.82 1.29 50.58
CA VAL J 119 -15.38 0.40 51.65
C VAL J 119 -13.87 0.24 51.61
N PRO J 120 -13.24 -0.05 52.77
CA PRO J 120 -11.78 -0.21 52.82
C PRO J 120 -11.29 -1.30 51.88
N ILE J 121 -10.14 -1.08 51.27
CA ILE J 121 -9.57 -2.05 50.34
C ILE J 121 -8.21 -2.50 50.85
N ILE J 122 -8.05 -3.79 51.06
CA ILE J 122 -6.77 -4.31 51.50
C ILE J 122 -6.15 -4.91 50.26
N ASN J 123 -4.97 -4.44 49.92
CA ASN J 123 -4.29 -4.95 48.74
C ASN J 123 -3.54 -6.25 49.03
N ALA J 124 -3.94 -7.33 48.36
CA ALA J 124 -3.26 -8.61 48.51
C ALA J 124 -2.22 -8.65 47.40
N GLY J 125 -1.59 -7.51 47.19
CA GLY J 125 -0.58 -7.38 46.16
C GLY J 125 -1.19 -7.47 44.78
N ASP J 126 -0.93 -6.45 43.96
CA ASP J 126 -1.43 -6.44 42.59
C ASP J 126 -0.60 -7.53 41.91
N GLY J 127 -0.72 -8.74 42.45
CA GLY J 127 0.02 -9.87 41.94
C GLY J 127 1.36 -9.84 42.63
N SER J 128 2.10 -8.77 42.34
CA SER J 128 3.43 -8.53 42.90
C SER J 128 3.81 -7.09 42.59
N ASN J 129 4.45 -6.45 43.58
CA ASN J 129 4.92 -5.06 43.51
C ASN J 129 4.63 -4.38 44.84
N GLN J 130 3.72 -4.96 45.62
CA GLN J 130 3.35 -4.41 46.92
C GLN J 130 2.24 -5.18 47.64
N HIS J 131 2.65 -6.06 48.56
CA HIS J 131 1.73 -6.88 49.39
C HIS J 131 1.98 -6.48 50.85
N PRO J 132 1.24 -5.47 51.38
CA PRO J 132 1.35 -4.94 52.74
C PRO J 132 1.19 -5.97 53.84
N THR J 133 0.01 -6.55 53.89
CA THR J 133 -0.36 -7.54 54.87
C THR J 133 0.75 -8.60 55.08
N GLN J 134 1.48 -8.94 54.04
CA GLN J 134 2.56 -9.93 54.17
C GLN J 134 3.77 -9.32 54.89
N THR J 135 4.17 -8.12 54.46
CA THR J 135 5.29 -7.44 55.07
C THR J 135 5.01 -7.21 56.54
N LEU J 136 3.80 -6.76 56.85
CA LEU J 136 3.39 -6.52 58.23
C LEU J 136 3.55 -7.76 59.09
N LEU J 137 3.07 -8.90 58.60
CA LEU J 137 3.19 -10.12 59.37
C LEU J 137 4.66 -10.53 59.47
N ASP J 138 5.47 -10.15 58.48
CA ASP J 138 6.90 -10.48 58.54
C ASP J 138 7.49 -9.70 59.70
N LEU J 139 7.18 -8.40 59.74
CA LEU J 139 7.66 -7.52 60.79
C LEU J 139 7.23 -8.05 62.14
N TYR J 140 5.98 -8.51 62.20
CA TYR J 140 5.43 -9.04 63.42
C TYR J 140 6.23 -10.26 63.87
N THR J 141 6.65 -11.08 62.91
CA THR J 141 7.42 -12.28 63.25
C THR J 141 8.76 -11.89 63.87
N ILE J 142 9.44 -10.93 63.28
CA ILE J 142 10.72 -10.49 63.81
C ILE J 142 10.52 -9.89 65.20
N MET J 143 9.54 -8.99 65.29
CA MET J 143 9.20 -8.31 66.54
C MET J 143 8.89 -9.33 67.64
N ARG J 144 8.13 -10.35 67.28
CA ARG J 144 7.71 -11.38 68.22
C ARG J 144 8.82 -12.37 68.58
N GLU J 145 9.54 -12.88 67.57
CA GLU J 145 10.60 -13.86 67.81
C GLU J 145 11.94 -13.27 68.25
N ILE J 146 12.32 -12.13 67.70
CA ILE J 146 13.60 -11.51 68.04
C ILE J 146 13.45 -10.54 69.21
N GLY J 147 12.24 -10.06 69.44
CA GLY J 147 12.01 -9.15 70.55
C GLY J 147 12.14 -7.68 70.17
N ARG J 148 12.57 -7.42 68.95
CA ARG J 148 12.73 -6.04 68.49
C ARG J 148 13.02 -6.05 67.02
N ILE J 149 12.79 -4.92 66.36
CA ILE J 149 13.07 -4.80 64.94
C ILE J 149 14.30 -3.93 64.77
N ASP J 150 14.34 -2.84 65.53
CA ASP J 150 15.47 -1.92 65.48
C ASP J 150 16.78 -2.64 65.79
N GLY J 151 17.83 -2.23 65.09
CA GLY J 151 19.14 -2.82 65.29
C GLY J 151 19.21 -4.33 65.30
N ILE J 152 18.90 -4.95 64.17
CA ILE J 152 18.97 -6.39 64.06
C ILE J 152 19.77 -6.66 62.81
N LYS J 153 20.30 -7.86 62.68
CA LYS J 153 21.06 -8.23 61.49
C LYS J 153 20.26 -9.30 60.78
N ILE J 154 19.73 -8.93 59.61
CA ILE J 154 18.91 -9.82 58.81
C ILE J 154 19.56 -10.16 57.48
N ALA J 155 19.46 -11.42 57.09
CA ALA J 155 20.06 -11.86 55.84
C ALA J 155 19.03 -12.50 54.93
N PHE J 156 18.96 -12.04 53.69
CA PHE J 156 18.02 -12.56 52.71
C PHE J 156 18.74 -13.50 51.76
N VAL J 157 18.18 -14.68 51.53
CA VAL J 157 18.79 -15.66 50.63
C VAL J 157 17.81 -16.04 49.54
N GLY J 158 18.28 -16.03 48.31
CA GLY J 158 17.44 -16.41 47.18
C GLY J 158 17.32 -15.34 46.11
N ASP J 159 16.33 -15.50 45.23
CA ASP J 159 16.09 -14.55 44.15
C ASP J 159 15.77 -13.19 44.77
N LEU J 160 16.77 -12.32 44.84
CA LEU J 160 16.59 -11.00 45.42
C LEU J 160 16.27 -9.95 44.36
N LYS J 161 16.43 -10.33 43.10
CA LYS J 161 16.18 -9.43 41.99
C LYS J 161 14.69 -9.33 41.70
N TYR J 162 13.98 -10.45 41.89
CA TYR J 162 12.56 -10.51 41.62
C TYR J 162 11.70 -10.79 42.85
N GLY J 163 12.36 -11.02 44.00
CA GLY J 163 11.62 -11.31 45.22
C GLY J 163 10.84 -10.12 45.73
N ARG J 164 9.59 -10.00 45.29
CA ARG J 164 8.72 -8.88 45.69
C ARG J 164 8.54 -8.74 47.19
N THR J 165 8.22 -9.84 47.87
CA THR J 165 8.02 -9.79 49.30
C THR J 165 9.32 -9.36 49.98
N VAL J 166 10.45 -9.72 49.38
CA VAL J 166 11.76 -9.34 49.92
C VAL J 166 11.94 -7.83 49.80
N HIS J 167 11.64 -7.30 48.61
CA HIS J 167 11.76 -5.87 48.36
C HIS J 167 10.89 -5.11 49.35
N SER J 168 9.63 -5.53 49.47
CA SER J 168 8.68 -4.88 50.37
C SER J 168 9.19 -4.87 51.80
N LEU J 169 9.74 -5.99 52.25
CA LEU J 169 10.26 -6.11 53.61
C LEU J 169 11.51 -5.26 53.78
N VAL J 170 12.38 -5.27 52.78
CA VAL J 170 13.60 -4.48 52.85
C VAL J 170 13.26 -2.99 52.99
N TYR J 171 12.20 -2.57 52.32
CA TYR J 171 11.78 -1.18 52.40
C TYR J 171 11.25 -0.87 53.81
N ALA J 172 10.33 -1.70 54.29
CA ALA J 172 9.77 -1.49 55.62
C ALA J 172 10.89 -1.44 56.67
N LEU J 173 11.80 -2.40 56.62
CA LEU J 173 12.90 -2.46 57.57
C LEU J 173 13.79 -1.22 57.49
N SER J 174 13.88 -0.62 56.31
CA SER J 174 14.71 0.56 56.14
C SER J 174 14.13 1.74 56.90
N LEU J 175 12.94 1.58 57.47
CA LEU J 175 12.31 2.65 58.23
C LEU J 175 12.69 2.56 59.70
N PHE J 176 13.33 1.45 60.06
CA PHE J 176 13.74 1.26 61.45
C PHE J 176 15.20 1.62 61.63
N GLU J 177 15.58 1.90 62.88
CA GLU J 177 16.93 2.30 63.22
C GLU J 177 17.97 1.18 63.21
N ASN J 178 19.10 1.47 62.61
CA ASN J 178 20.23 0.57 62.52
C ASN J 178 19.96 -0.90 62.18
N VAL J 179 19.31 -1.14 61.05
CA VAL J 179 19.05 -2.53 60.64
C VAL J 179 20.17 -2.90 59.68
N GLU J 180 20.93 -3.93 60.02
CA GLU J 180 22.03 -4.38 59.16
C GLU J 180 21.52 -5.46 58.23
N MET J 181 21.59 -5.22 56.92
CA MET J 181 21.08 -6.16 55.94
C MET J 181 22.13 -6.91 55.13
N TYR J 182 21.89 -8.19 54.89
CA TYR J 182 22.79 -9.03 54.10
C TYR J 182 22.00 -9.64 52.95
N PHE J 183 22.52 -9.50 51.73
CA PHE J 183 21.85 -10.01 50.56
C PHE J 183 22.60 -11.14 49.88
N VAL J 184 22.37 -12.37 50.34
CA VAL J 184 23.00 -13.56 49.79
C VAL J 184 22.23 -14.03 48.57
N SER J 185 22.90 -14.07 47.41
CA SER J 185 22.21 -14.46 46.19
C SER J 185 23.15 -14.75 45.03
N PRO J 186 22.63 -15.43 43.98
CA PRO J 186 23.45 -15.74 42.81
C PRO J 186 23.80 -14.40 42.18
N LYS J 187 24.92 -14.37 41.48
CA LYS J 187 25.39 -13.15 40.81
C LYS J 187 24.31 -12.58 39.89
N GLU J 188 23.44 -13.46 39.40
CA GLU J 188 22.38 -13.09 38.48
C GLU J 188 21.15 -12.45 39.14
N LEU J 189 20.78 -12.96 40.32
CA LEU J 189 19.59 -12.46 41.03
C LEU J 189 19.89 -11.51 42.18
N ARG J 190 20.77 -10.55 41.95
CA ARG J 190 21.14 -9.58 42.97
C ARG J 190 20.03 -8.58 43.21
N LEU J 191 20.03 -7.95 44.39
CA LEU J 191 19.00 -6.96 44.73
C LEU J 191 19.03 -5.80 43.73
N PRO J 192 17.85 -5.40 43.21
CA PRO J 192 17.71 -4.31 42.24
C PRO J 192 18.58 -3.09 42.54
N LYS J 193 19.19 -2.53 41.50
CA LYS J 193 20.06 -1.37 41.64
C LYS J 193 19.37 -0.21 42.32
N ASP J 194 18.20 0.18 41.82
CA ASP J 194 17.47 1.28 42.41
C ASP J 194 17.15 1.06 43.88
N ILE J 195 16.95 -0.20 44.28
CA ILE J 195 16.65 -0.48 45.68
C ILE J 195 17.87 -0.20 46.52
N ILE J 196 19.02 -0.66 46.04
CA ILE J 196 20.28 -0.44 46.75
C ILE J 196 20.50 1.06 46.93
N GLU J 197 20.10 1.83 45.91
CA GLU J 197 20.25 3.28 45.96
C GLU J 197 19.45 3.84 47.14
N ASP J 198 18.22 3.37 47.28
CA ASP J 198 17.34 3.83 48.37
C ASP J 198 17.98 3.49 49.71
N LEU J 199 18.60 2.32 49.80
CA LEU J 199 19.25 1.90 51.04
C LEU J 199 20.41 2.84 51.33
N LYS J 200 21.18 3.18 50.31
CA LYS J 200 22.30 4.10 50.47
C LYS J 200 21.76 5.45 50.93
N ALA J 201 20.72 5.92 50.25
CA ALA J 201 20.10 7.20 50.57
C ALA J 201 19.64 7.25 52.02
N LYS J 202 19.32 6.09 52.60
CA LYS J 202 18.90 6.04 53.99
C LYS J 202 20.03 5.63 54.92
N ASN J 203 21.25 5.69 54.40
CA ASN J 203 22.43 5.33 55.19
C ASN J 203 22.19 4.04 55.95
N ILE J 204 22.07 2.94 55.20
CA ILE J 204 21.82 1.64 55.80
C ILE J 204 22.95 0.68 55.52
N LYS J 205 23.54 0.18 56.60
CA LYS J 205 24.63 -0.78 56.53
C LYS J 205 24.13 -2.05 55.87
N PHE J 206 24.64 -2.37 54.68
CA PHE J 206 24.22 -3.57 53.97
C PHE J 206 25.36 -4.19 53.18
N TYR J 207 25.32 -5.49 53.00
CA TYR J 207 26.37 -6.19 52.26
C TYR J 207 25.75 -7.18 51.32
N GLU J 208 26.33 -7.30 50.13
CA GLU J 208 25.84 -8.24 49.16
C GLU J 208 26.82 -9.40 49.16
N LYS J 209 26.33 -10.59 49.52
CA LYS J 209 27.18 -11.76 49.57
C LYS J 209 26.77 -12.78 48.54
N GLU J 210 27.73 -13.59 48.10
CA GLU J 210 27.46 -14.58 47.09
C GLU J 210 27.32 -15.99 47.66
N SER J 211 27.68 -16.15 48.92
CA SER J 211 27.59 -17.44 49.58
C SER J 211 27.00 -17.35 50.98
N LEU J 212 26.38 -18.43 51.42
CA LEU J 212 25.78 -18.49 52.75
C LEU J 212 26.88 -18.55 53.79
N ASP J 213 28.04 -19.06 53.36
CA ASP J 213 29.19 -19.18 54.23
C ASP J 213 29.66 -17.76 54.56
N ASP J 214 29.54 -16.87 53.57
CA ASP J 214 29.94 -15.49 53.74
C ASP J 214 29.02 -14.77 54.73
N LEU J 215 28.36 -15.57 55.57
CA LEU J 215 27.47 -15.03 56.59
C LEU J 215 28.03 -15.51 57.93
N ASP J 216 27.74 -14.77 59.00
CA ASP J 216 28.26 -15.14 60.30
C ASP J 216 27.19 -15.58 61.30
N ASP J 217 27.45 -15.33 62.58
CA ASP J 217 26.53 -15.74 63.63
C ASP J 217 25.82 -14.62 64.38
N ASP J 218 26.13 -13.36 64.06
CA ASP J 218 25.45 -12.25 64.73
C ASP J 218 24.11 -12.02 64.05
N ILE J 219 23.89 -12.78 62.99
CA ILE J 219 22.67 -12.74 62.19
C ILE J 219 21.46 -13.16 63.02
N ASP J 220 20.52 -12.24 63.22
CA ASP J 220 19.33 -12.53 64.00
C ASP J 220 18.26 -13.24 63.19
N VAL J 221 18.10 -12.80 61.94
CA VAL J 221 17.09 -13.35 61.05
C VAL J 221 17.58 -13.75 59.66
N LEU J 222 17.23 -14.96 59.23
CA LEU J 222 17.59 -15.47 57.92
C LEU J 222 16.29 -15.63 57.13
N TYR J 223 16.00 -14.67 56.27
CA TYR J 223 14.78 -14.69 55.47
C TYR J 223 15.03 -15.41 54.16
N VAL J 224 14.49 -16.61 54.02
CA VAL J 224 14.67 -17.40 52.83
C VAL J 224 13.54 -17.20 51.82
N THR J 225 13.91 -16.87 50.59
CA THR J 225 12.94 -16.65 49.53
C THR J 225 13.18 -17.71 48.46
N ARG J 226 12.14 -18.03 47.69
CA ARG J 226 12.24 -19.04 46.63
C ARG J 226 13.06 -18.60 45.41
N ILE J 227 13.54 -19.57 44.65
CA ILE J 227 14.29 -19.28 43.42
C ILE J 227 13.69 -20.17 42.34
N GLN J 228 12.76 -19.61 41.60
CA GLN J 228 12.06 -20.31 40.54
C GLN J 228 12.99 -20.86 39.47
N LYS J 229 12.46 -21.76 38.65
CA LYS J 229 13.23 -22.38 37.59
C LYS J 229 13.29 -21.48 36.36
N GLU J 230 12.31 -20.60 36.24
CA GLU J 230 12.19 -19.66 35.14
C GLU J 230 13.40 -18.72 35.08
N ARG J 231 14.21 -18.74 36.13
CA ARG J 231 15.40 -17.91 36.19
C ARG J 231 16.60 -18.65 35.60
N PHE J 232 16.54 -19.96 35.63
CA PHE J 232 17.62 -20.80 35.09
C PHE J 232 17.01 -21.91 34.26
N PRO J 233 16.61 -21.59 33.01
CA PRO J 233 16.00 -22.58 32.12
C PRO J 233 16.83 -23.85 32.05
N ASP J 234 18.15 -23.69 32.08
CA ASP J 234 19.06 -24.83 32.02
C ASP J 234 19.02 -25.59 33.34
N PRO J 235 18.51 -26.84 33.32
CA PRO J 235 18.44 -27.64 34.54
C PRO J 235 19.79 -27.68 35.26
N ASN J 236 20.85 -27.95 34.52
CA ASN J 236 22.20 -28.01 35.09
C ASN J 236 22.43 -26.77 35.94
N GLU J 237 22.23 -25.60 35.34
CA GLU J 237 22.38 -24.32 36.02
C GLU J 237 21.55 -24.27 37.30
N TYR J 238 20.25 -24.42 37.13
CA TYR J 238 19.30 -24.41 38.23
C TYR J 238 19.72 -25.34 39.37
N GLU J 239 20.04 -26.58 39.03
CA GLU J 239 20.49 -27.54 40.04
C GLU J 239 21.57 -26.83 40.84
N LYS J 240 22.66 -26.51 40.15
CA LYS J 240 23.81 -25.84 40.74
C LYS J 240 23.39 -24.74 41.72
N VAL J 241 22.44 -23.90 41.31
CA VAL J 241 21.99 -22.82 42.17
C VAL J 241 21.21 -23.30 43.38
N LYS J 242 20.34 -24.30 43.17
CA LYS J 242 19.54 -24.84 44.26
C LYS J 242 20.46 -25.33 45.38
N GLY J 243 21.41 -26.17 45.01
CA GLY J 243 22.33 -26.70 46.00
C GLY J 243 23.12 -25.64 46.74
N SER J 244 23.55 -24.62 46.00
CA SER J 244 24.34 -23.53 46.56
C SER J 244 23.66 -22.68 47.63
N TYR J 245 22.33 -22.53 47.53
CA TYR J 245 21.63 -21.71 48.52
C TYR J 245 20.62 -22.45 49.37
N LYS J 246 20.57 -23.77 49.22
CA LYS J 246 19.64 -24.55 50.01
C LYS J 246 20.08 -24.49 51.47
N ILE J 247 19.14 -24.21 52.37
CA ILE J 247 19.45 -24.16 53.79
C ILE J 247 19.41 -25.59 54.32
N LYS J 248 20.57 -26.13 54.69
CA LYS J 248 20.66 -27.49 55.21
C LYS J 248 20.80 -27.50 56.72
N ARG J 249 20.61 -28.67 57.35
CA ARG J 249 20.69 -28.78 58.80
C ARG J 249 22.03 -28.38 59.41
N GLU J 250 23.10 -29.09 59.06
CA GLU J 250 24.41 -28.80 59.59
C GLU J 250 24.74 -27.31 59.53
N TYR J 251 24.15 -26.62 58.55
CA TYR J 251 24.41 -25.20 58.45
C TYR J 251 23.64 -24.44 59.53
N VAL J 252 22.43 -24.91 59.79
CA VAL J 252 21.57 -24.28 60.77
C VAL J 252 21.98 -24.54 62.21
N GLU J 253 22.31 -25.80 62.49
CA GLU J 253 22.70 -26.23 63.83
C GLU J 253 23.58 -25.25 64.61
N GLY J 254 23.06 -24.81 65.75
CA GLY J 254 23.78 -23.89 66.62
C GLY J 254 23.61 -22.41 66.35
N LYS J 255 23.35 -22.07 65.09
CA LYS J 255 23.20 -20.67 64.70
C LYS J 255 22.20 -19.89 65.54
N LYS J 256 22.54 -18.64 65.81
CA LYS J 256 21.69 -17.77 66.62
C LYS J 256 20.41 -17.35 65.91
N PHE J 257 20.50 -17.17 64.59
CA PHE J 257 19.35 -16.72 63.80
C PHE J 257 18.11 -17.60 63.85
N ILE J 258 17.01 -17.02 63.37
CA ILE J 258 15.74 -17.74 63.26
C ILE J 258 15.55 -17.78 61.75
N ILE J 259 14.91 -18.83 61.26
CA ILE J 259 14.71 -18.94 59.82
C ILE J 259 13.29 -18.58 59.41
N MET J 260 13.15 -17.58 58.54
CA MET J 260 11.83 -17.19 58.08
C MET J 260 11.69 -17.55 56.60
N HIS J 261 10.44 -17.79 56.18
CA HIS J 261 10.14 -18.13 54.80
C HIS J 261 8.65 -17.90 54.60
N PRO J 262 8.30 -16.98 53.71
CA PRO J 262 6.91 -16.65 53.43
C PRO J 262 6.06 -17.82 52.94
N LEU J 263 6.71 -18.90 52.54
CA LEU J 263 6.02 -20.09 52.05
C LEU J 263 5.28 -19.82 50.75
N PRO J 264 5.00 -20.89 49.99
CA PRO J 264 5.35 -22.27 50.30
C PRO J 264 6.81 -22.56 50.03
N ARG J 265 7.41 -23.42 50.84
CA ARG J 265 8.81 -23.76 50.58
C ARG J 265 8.80 -25.06 49.83
N VAL J 266 9.73 -25.20 48.90
CA VAL J 266 9.84 -26.39 48.09
C VAL J 266 11.25 -26.96 48.18
N ASP J 267 12.23 -26.17 47.75
CA ASP J 267 13.63 -26.60 47.77
C ASP J 267 14.48 -25.77 48.72
N GLU J 268 14.10 -24.51 48.90
CA GLU J 268 14.83 -23.56 49.73
C GLU J 268 15.32 -24.05 51.10
N ILE J 269 14.55 -24.91 51.76
CA ILE J 269 14.91 -25.39 53.08
C ILE J 269 14.67 -26.89 53.25
N ASP J 270 15.69 -27.62 53.67
CA ASP J 270 15.56 -29.06 53.88
C ASP J 270 14.52 -29.36 54.94
N TYR J 271 13.90 -30.54 54.84
CA TYR J 271 12.87 -30.92 55.80
C TYR J 271 13.45 -31.24 57.17
N ASP J 272 14.71 -31.67 57.22
CA ASP J 272 15.34 -32.00 58.49
C ASP J 272 15.65 -30.74 59.30
N VAL J 273 15.43 -29.57 58.69
CA VAL J 273 15.66 -28.30 59.36
C VAL J 273 14.42 -27.90 60.14
N ASP J 274 13.29 -28.47 59.74
CA ASP J 274 12.02 -28.15 60.36
C ASP J 274 11.99 -28.22 61.88
N ASP J 275 12.43 -29.35 62.42
CA ASP J 275 12.41 -29.57 63.86
C ASP J 275 13.52 -28.85 64.65
N LEU J 276 14.36 -28.09 63.97
CA LEU J 276 15.41 -27.36 64.67
C LEU J 276 14.80 -26.11 65.30
N PRO J 277 15.33 -25.69 66.45
CA PRO J 277 14.87 -24.50 67.18
C PRO J 277 14.75 -23.20 66.38
N GLN J 278 15.72 -22.94 65.51
CA GLN J 278 15.68 -21.71 64.73
C GLN J 278 14.67 -21.69 63.59
N ALA J 279 14.07 -22.82 63.28
CA ALA J 279 13.06 -22.87 62.23
C ALA J 279 11.82 -22.17 62.76
N LYS J 280 11.43 -21.07 62.11
CA LYS J 280 10.28 -20.30 62.54
C LYS J 280 9.29 -19.97 61.42
N TYR J 281 9.50 -20.52 60.22
CA TYR J 281 8.62 -20.22 59.11
C TYR J 281 7.17 -20.64 59.27
N PHE J 282 6.90 -21.71 60.01
CA PHE J 282 5.53 -22.14 60.20
C PHE J 282 4.87 -21.28 61.27
N LYS J 283 5.67 -20.79 62.21
CA LYS J 283 5.18 -19.92 63.27
C LYS J 283 4.83 -18.61 62.59
N GLN J 284 5.70 -18.22 61.68
CA GLN J 284 5.53 -17.00 60.90
C GLN J 284 4.20 -17.13 60.15
N SER J 285 3.93 -18.33 59.65
CA SER J 285 2.70 -18.61 58.92
C SER J 285 1.51 -18.29 59.78
N PHE J 286 1.56 -18.79 61.01
CA PHE J 286 0.50 -18.56 61.97
C PHE J 286 0.30 -17.07 62.26
N TYR J 287 1.40 -16.35 62.49
CA TYR J 287 1.33 -14.93 62.79
C TYR J 287 0.51 -14.14 61.78
N GLY J 288 0.37 -14.69 60.59
CA GLY J 288 -0.43 -14.01 59.59
C GLY J 288 -1.86 -13.82 60.05
N ILE J 289 -2.37 -14.78 60.81
CA ILE J 289 -3.74 -14.71 61.30
C ILE J 289 -3.98 -13.53 62.24
N PRO J 290 -3.16 -13.40 63.30
CA PRO J 290 -3.31 -12.30 64.24
C PRO J 290 -3.15 -10.91 63.62
N VAL J 291 -2.13 -10.76 62.79
CA VAL J 291 -1.90 -9.46 62.17
C VAL J 291 -3.01 -9.15 61.16
N ARG J 292 -3.54 -10.17 60.50
CA ARG J 292 -4.61 -9.93 59.56
C ARG J 292 -5.89 -9.59 60.31
N MET J 293 -6.03 -10.16 61.50
CA MET J 293 -7.19 -9.87 62.34
C MET J 293 -7.04 -8.43 62.74
N ALA J 294 -5.79 -8.08 63.06
CA ALA J 294 -5.46 -6.73 63.48
C ALA J 294 -5.84 -5.73 62.39
N ILE J 295 -5.42 -6.02 61.17
CA ILE J 295 -5.69 -5.16 60.02
C ILE J 295 -7.18 -5.02 59.69
N LEU J 296 -7.88 -6.16 59.66
CA LEU J 296 -9.30 -6.16 59.37
C LEU J 296 -10.04 -5.33 60.40
N LYS J 297 -9.73 -5.59 61.67
CA LYS J 297 -10.35 -4.87 62.77
C LYS J 297 -10.12 -3.37 62.63
N LYS J 298 -8.84 -2.99 62.56
CA LYS J 298 -8.48 -1.57 62.44
C LYS J 298 -9.20 -0.90 61.28
N LEU J 299 -8.99 -1.41 60.06
CA LEU J 299 -9.63 -0.83 58.87
C LEU J 299 -11.13 -0.61 59.00
N ILE J 300 -11.81 -1.55 59.67
CA ILE J 300 -13.25 -1.42 59.85
C ILE J 300 -13.59 -0.36 60.88
N GLU J 301 -12.85 -0.35 61.99
CA GLU J 301 -13.09 0.63 63.04
C GLU J 301 -12.71 2.02 62.55
N ASP J 302 -11.51 2.15 62.00
CA ASP J 302 -11.05 3.44 61.50
C ASP J 302 -12.09 4.16 60.64
N ASN J 303 -13.09 3.45 60.12
CA ASN J 303 -14.10 4.09 59.30
C ASN J 303 -15.49 3.80 59.86
N GLU J 304 -15.97 4.62 60.78
CA GLU J 304 -17.29 4.40 61.37
C GLU J 304 -18.18 5.64 61.35
N GLY J 305 -17.58 6.82 61.46
CA GLY J 305 -18.36 8.05 61.46
C GLY J 305 -18.15 9.00 60.30
N MET K 1 -9.96 -39.94 72.10
CA MET K 1 -9.73 -40.02 70.62
C MET K 1 -9.21 -38.68 70.11
N LYS K 2 -8.05 -38.71 69.50
CA LYS K 2 -7.41 -37.52 68.97
C LYS K 2 -7.56 -37.33 67.45
N HIS K 3 -7.90 -38.42 66.76
CA HIS K 3 -8.08 -38.42 65.31
C HIS K 3 -9.06 -39.50 64.93
N LEU K 4 -9.56 -39.45 63.70
CA LEU K 4 -10.47 -40.47 63.21
C LEU K 4 -9.95 -40.85 61.84
N ILE K 5 -8.97 -41.75 61.85
CA ILE K 5 -8.37 -42.18 60.60
C ILE K 5 -8.97 -43.44 60.00
N SER K 6 -9.16 -44.45 60.83
CA SER K 6 -9.71 -45.72 60.34
C SER K 6 -10.69 -46.38 61.30
N MET K 7 -11.67 -47.09 60.77
CA MET K 7 -12.65 -47.78 61.60
C MET K 7 -11.95 -48.86 62.41
N LYS K 8 -10.81 -49.32 61.90
CA LYS K 8 -10.03 -50.35 62.57
C LYS K 8 -9.31 -49.85 63.81
N ASP K 9 -9.51 -48.57 64.14
CA ASP K 9 -8.89 -48.00 65.33
C ASP K 9 -9.97 -47.81 66.39
N ILE K 10 -11.20 -48.14 66.02
CA ILE K 10 -12.32 -48.00 66.93
C ILE K 10 -12.92 -49.35 67.31
N GLY K 11 -13.39 -49.46 68.54
CA GLY K 11 -14.00 -50.69 69.01
C GLY K 11 -15.51 -50.53 69.15
N LYS K 12 -16.22 -51.64 69.28
CA LYS K 12 -17.67 -51.61 69.42
C LYS K 12 -18.10 -50.62 70.50
N GLU K 13 -17.34 -50.53 71.58
CA GLU K 13 -17.68 -49.62 72.66
C GLU K 13 -17.73 -48.18 72.18
N GLU K 14 -16.59 -47.69 71.68
CA GLU K 14 -16.48 -46.33 71.16
C GLU K 14 -17.51 -46.06 70.09
N ILE K 15 -17.76 -47.06 69.25
CA ILE K 15 -18.72 -46.92 68.17
C ILE K 15 -20.07 -46.56 68.76
N LEU K 16 -20.49 -47.33 69.75
CA LEU K 16 -21.78 -47.07 70.38
C LEU K 16 -21.80 -45.70 71.05
N GLU K 17 -20.69 -45.33 71.70
CA GLU K 17 -20.60 -44.03 72.34
C GLU K 17 -20.90 -42.95 71.31
N ILE K 18 -20.30 -43.10 70.14
CA ILE K 18 -20.47 -42.16 69.03
C ILE K 18 -21.91 -42.17 68.53
N LEU K 19 -22.46 -43.37 68.37
CA LEU K 19 -23.83 -43.48 67.91
C LEU K 19 -24.76 -42.79 68.87
N ASP K 20 -24.43 -42.83 70.18
CA ASP K 20 -25.25 -42.18 71.18
C ASP K 20 -25.19 -40.68 71.01
N GLU K 21 -23.96 -40.16 70.97
CA GLU K 21 -23.74 -38.74 70.79
C GLU K 21 -24.50 -38.27 69.54
N ALA K 22 -24.49 -39.13 68.53
CA ALA K 22 -25.18 -38.86 67.28
C ALA K 22 -26.66 -38.64 67.54
N ARG K 23 -27.25 -39.55 68.30
CA ARG K 23 -28.67 -39.44 68.61
C ARG K 23 -28.97 -38.10 69.29
N LYS K 24 -28.08 -37.70 70.20
CA LYS K 24 -28.25 -36.43 70.91
C LYS K 24 -28.27 -35.31 69.89
N MET K 25 -27.26 -35.31 69.03
CA MET K 25 -27.15 -34.31 67.98
C MET K 25 -28.43 -34.28 67.15
N GLU K 26 -28.93 -35.45 66.75
CA GLU K 26 -30.14 -35.51 65.94
C GLU K 26 -31.30 -34.79 66.65
N GLU K 27 -31.42 -35.07 67.95
CA GLU K 27 -32.47 -34.48 68.78
C GLU K 27 -32.32 -32.97 68.75
N LEU K 28 -31.09 -32.53 68.97
CA LEU K 28 -30.76 -31.11 69.00
C LEU K 28 -31.18 -30.42 67.73
N LEU K 29 -31.08 -31.15 66.63
CA LEU K 29 -31.47 -30.58 65.35
C LEU K 29 -32.97 -30.38 65.36
N ASN K 30 -33.68 -31.39 65.81
CA ASN K 30 -35.14 -31.33 65.83
C ASN K 30 -35.60 -30.11 66.63
N THR K 31 -34.67 -29.54 67.40
CA THR K 31 -34.97 -28.38 68.22
C THR K 31 -35.26 -27.15 67.37
N LYS K 32 -34.59 -27.04 66.24
CA LYS K 32 -34.78 -25.90 65.37
C LYS K 32 -34.42 -24.62 66.14
N ARG K 33 -33.40 -24.74 67.00
CA ARG K 33 -32.92 -23.62 67.79
C ARG K 33 -31.43 -23.58 67.62
N PRO K 34 -30.88 -22.40 67.27
CA PRO K 34 -29.45 -22.18 67.06
C PRO K 34 -28.57 -22.89 68.07
N LEU K 35 -27.75 -23.81 67.61
CA LEU K 35 -26.86 -24.50 68.51
C LEU K 35 -25.52 -23.74 68.49
N LYS K 36 -24.78 -23.75 69.59
CA LYS K 36 -23.50 -23.05 69.62
C LYS K 36 -22.42 -23.87 70.28
N LEU K 37 -22.62 -25.19 70.30
CA LEU K 37 -21.66 -26.10 70.90
C LEU K 37 -20.23 -25.87 70.43
N LEU K 38 -20.06 -25.63 69.13
CA LEU K 38 -18.73 -25.40 68.58
C LEU K 38 -18.57 -23.96 68.10
N GLU K 39 -19.23 -23.04 68.79
CA GLU K 39 -19.21 -21.63 68.43
C GLU K 39 -17.89 -21.05 67.93
N GLY K 40 -16.91 -20.91 68.80
CA GLY K 40 -15.65 -20.33 68.35
C GLY K 40 -14.73 -21.19 67.50
N LYS K 41 -15.21 -22.34 67.05
CA LYS K 41 -14.37 -23.25 66.27
C LYS K 41 -14.41 -23.11 64.75
N ILE K 42 -13.32 -23.53 64.13
CA ILE K 42 -13.17 -23.47 62.67
C ILE K 42 -12.78 -24.85 62.12
N LEU K 43 -13.57 -25.35 61.17
CA LEU K 43 -13.26 -26.62 60.53
C LEU K 43 -12.61 -26.35 59.19
N ALA K 44 -11.55 -27.09 58.89
CA ALA K 44 -10.88 -26.91 57.62
C ALA K 44 -11.13 -28.13 56.73
N THR K 45 -11.66 -27.86 55.54
CA THR K 45 -11.94 -28.89 54.57
C THR K 45 -10.78 -28.94 53.59
N VAL K 46 -9.88 -29.89 53.75
CA VAL K 46 -8.72 -30.01 52.85
C VAL K 46 -8.90 -31.20 51.91
N PHE K 47 -9.42 -30.94 50.72
CA PHE K 47 -9.66 -31.99 49.74
C PHE K 47 -8.71 -31.91 48.55
N TYR K 48 -7.96 -32.98 48.31
CA TYR K 48 -7.06 -32.99 47.16
C TYR K 48 -7.89 -33.52 45.99
N GLU K 49 -8.60 -34.62 46.22
CA GLU K 49 -9.48 -35.18 45.20
C GLU K 49 -10.87 -34.71 45.65
N PRO K 50 -11.45 -33.76 44.91
CA PRO K 50 -12.77 -33.20 45.21
C PRO K 50 -13.91 -34.17 45.49
N SER K 51 -14.84 -33.71 46.32
CA SER K 51 -16.04 -34.46 46.69
C SER K 51 -17.04 -33.47 47.28
N THR K 52 -17.83 -32.86 46.41
CA THR K 52 -18.81 -31.89 46.87
C THR K 52 -19.75 -32.48 47.92
N ARG K 53 -20.07 -33.77 47.78
CA ARG K 53 -20.96 -34.43 48.73
C ARG K 53 -20.41 -34.46 50.14
N THR K 54 -19.22 -35.03 50.29
CA THR K 54 -18.60 -35.13 51.60
C THR K 54 -18.35 -33.76 52.21
N ARG K 55 -17.89 -32.82 51.41
CA ARG K 55 -17.63 -31.48 51.91
C ARG K 55 -18.90 -30.83 52.46
N LEU K 56 -19.97 -30.82 51.67
CA LEU K 56 -21.23 -30.23 52.10
C LEU K 56 -21.77 -30.88 53.37
N SER K 57 -21.60 -32.19 53.48
CA SER K 57 -22.07 -32.92 54.65
C SER K 57 -21.38 -32.36 55.89
N PHE K 58 -20.05 -32.44 55.91
CA PHE K 58 -19.25 -31.95 57.02
C PHE K 58 -19.43 -30.45 57.25
N GLU K 59 -19.59 -29.71 56.17
CA GLU K 59 -19.76 -28.27 56.27
C GLU K 59 -21.06 -27.97 57.00
N THR K 60 -22.11 -28.68 56.61
CA THR K 60 -23.42 -28.49 57.23
C THR K 60 -23.34 -28.83 58.71
N ALA K 61 -22.80 -30.02 58.99
CA ALA K 61 -22.66 -30.48 60.36
C ALA K 61 -21.95 -29.44 61.24
N MET K 62 -20.78 -28.97 60.79
CA MET K 62 -20.01 -27.98 61.53
C MET K 62 -20.80 -26.70 61.79
N LYS K 63 -21.51 -26.22 60.76
CA LYS K 63 -22.30 -25.01 60.90
C LYS K 63 -23.53 -25.21 61.79
N ARG K 64 -24.06 -26.43 61.81
CA ARG K 64 -25.21 -26.72 62.66
C ARG K 64 -24.81 -26.63 64.13
N LEU K 65 -23.55 -26.89 64.42
CA LEU K 65 -23.04 -26.82 65.78
C LEU K 65 -22.57 -25.41 66.07
N GLY K 66 -22.87 -24.50 65.15
CA GLY K 66 -22.48 -23.11 65.32
C GLY K 66 -21.02 -22.81 65.03
N GLY K 67 -20.35 -23.72 64.33
CA GLY K 67 -18.95 -23.49 64.00
C GLY K 67 -18.76 -22.84 62.64
N GLU K 68 -17.51 -22.46 62.35
CA GLU K 68 -17.20 -21.84 61.07
C GLU K 68 -16.39 -22.82 60.23
N VAL K 69 -16.35 -22.59 58.93
CA VAL K 69 -15.62 -23.48 58.04
C VAL K 69 -14.82 -22.75 56.98
N ILE K 70 -13.60 -23.22 56.75
CA ILE K 70 -12.76 -22.66 55.69
C ILE K 70 -12.50 -23.85 54.76
N THR K 71 -12.70 -23.65 53.46
CA THR K 71 -12.50 -24.74 52.53
C THR K 71 -11.32 -24.50 51.60
N MET K 72 -10.68 -25.61 51.24
CA MET K 72 -9.53 -25.62 50.36
C MET K 72 -9.59 -26.94 49.59
N THR K 73 -10.19 -26.90 48.40
CA THR K 73 -10.33 -28.10 47.60
C THR K 73 -9.48 -28.05 46.33
N ASP K 74 -9.51 -29.14 45.56
CA ASP K 74 -8.76 -29.28 44.31
C ASP K 74 -7.31 -28.85 44.38
N LEU K 75 -6.60 -29.38 45.37
CA LEU K 75 -5.18 -29.08 45.52
C LEU K 75 -4.40 -30.12 44.73
N LYS K 76 -5.11 -30.99 44.02
CA LYS K 76 -4.46 -32.02 43.22
C LYS K 76 -3.79 -31.39 42.01
N SER K 77 -4.10 -30.12 41.79
CA SER K 77 -3.52 -29.33 40.70
C SER K 77 -2.80 -28.19 41.42
N SER K 78 -1.52 -28.01 41.12
CA SER K 78 -0.72 -26.97 41.77
C SER K 78 -1.32 -25.57 41.75
N SER K 79 -2.59 -25.47 41.32
CA SER K 79 -3.29 -24.20 41.29
C SER K 79 -3.86 -23.98 42.69
N VAL K 80 -3.71 -25.00 43.53
CA VAL K 80 -4.18 -24.98 44.90
C VAL K 80 -3.16 -25.72 45.77
N ALA K 81 -2.09 -26.21 45.13
CA ALA K 81 -1.02 -26.94 45.82
C ALA K 81 0.31 -26.20 45.70
N LYS K 82 0.67 -25.81 44.49
CA LYS K 82 1.92 -25.11 44.23
C LYS K 82 3.17 -25.86 44.69
N GLY K 83 3.28 -27.11 44.28
CA GLY K 83 4.44 -27.92 44.63
C GLY K 83 4.69 -28.11 46.12
N GLU K 84 3.76 -27.61 46.94
CA GLU K 84 3.88 -27.71 48.39
C GLU K 84 3.41 -29.09 48.83
N SER K 85 4.14 -29.71 49.75
CA SER K 85 3.78 -31.05 50.23
C SER K 85 2.61 -31.07 51.20
N LEU K 86 1.94 -32.21 51.24
CA LEU K 86 0.80 -32.42 52.13
C LEU K 86 1.20 -32.00 53.53
N ILE K 87 2.39 -32.45 53.92
CA ILE K 87 2.93 -32.16 55.24
C ILE K 87 3.03 -30.67 55.55
N ASP K 88 3.47 -29.87 54.58
CA ASP K 88 3.57 -28.43 54.80
C ASP K 88 2.17 -27.84 54.90
N THR K 89 1.28 -28.27 54.00
CA THR K 89 -0.08 -27.76 54.01
C THR K 89 -0.77 -28.07 55.34
N ILE K 90 -0.71 -29.34 55.75
CA ILE K 90 -1.34 -29.72 57.00
C ILE K 90 -0.84 -28.86 58.15
N ARG K 91 0.46 -28.59 58.17
CA ARG K 91 1.01 -27.77 59.24
C ARG K 91 0.49 -26.34 59.19
N VAL K 92 0.33 -25.79 57.99
CA VAL K 92 -0.17 -24.42 57.89
C VAL K 92 -1.63 -24.34 58.28
N ILE K 93 -2.44 -25.24 57.72
CA ILE K 93 -3.87 -25.27 58.00
C ILE K 93 -4.08 -25.62 59.47
N SER K 94 -3.25 -26.54 59.96
CA SER K 94 -3.32 -26.98 61.35
C SER K 94 -3.22 -25.76 62.28
N GLY K 95 -2.46 -24.77 61.83
CA GLY K 95 -2.27 -23.57 62.61
C GLY K 95 -3.42 -22.61 62.49
N TYR K 96 -4.16 -22.71 61.39
CA TYR K 96 -5.30 -21.82 61.15
C TYR K 96 -6.57 -22.28 61.85
N ALA K 97 -6.96 -23.51 61.57
CA ALA K 97 -8.18 -24.09 62.11
C ALA K 97 -8.04 -24.86 63.41
N ASP K 98 -9.16 -25.40 63.86
CA ASP K 98 -9.24 -26.16 65.10
C ASP K 98 -9.41 -27.65 64.81
N ILE K 99 -9.86 -27.97 63.60
CA ILE K 99 -10.05 -29.36 63.22
C ILE K 99 -10.05 -29.48 61.69
N ILE K 100 -9.47 -30.57 61.17
CA ILE K 100 -9.36 -30.77 59.74
C ILE K 100 -9.96 -32.06 59.19
N VAL K 101 -10.69 -31.95 58.08
CA VAL K 101 -11.25 -33.12 57.41
C VAL K 101 -10.41 -33.25 56.14
N LEU K 102 -9.59 -34.28 56.08
CA LEU K 102 -8.71 -34.49 54.94
C LEU K 102 -9.16 -35.56 53.95
N ARG K 103 -8.84 -35.32 52.68
CA ARG K 103 -9.20 -36.19 51.59
C ARG K 103 -7.98 -36.23 50.68
N HIS K 104 -7.20 -37.29 50.77
CA HIS K 104 -6.00 -37.39 49.94
C HIS K 104 -5.88 -38.75 49.25
N PRO K 105 -5.27 -38.78 48.06
CA PRO K 105 -5.08 -40.00 47.26
C PRO K 105 -4.10 -41.02 47.86
N SER K 106 -2.88 -40.57 48.15
CA SER K 106 -1.84 -41.45 48.71
C SER K 106 -2.35 -42.25 49.90
N GLU K 107 -1.77 -43.43 50.11
CA GLU K 107 -2.19 -44.29 51.21
C GLU K 107 -1.94 -43.75 52.62
N GLY K 108 -0.69 -43.48 52.96
CA GLY K 108 -0.40 -42.96 54.29
C GLY K 108 -1.25 -41.74 54.60
N ALA K 109 -1.28 -40.82 53.64
CA ALA K 109 -2.04 -39.57 53.72
C ALA K 109 -2.59 -39.21 55.09
N ALA K 110 -3.85 -39.58 55.31
CA ALA K 110 -4.54 -39.29 56.56
C ALA K 110 -3.65 -39.52 57.76
N ARG K 111 -3.24 -40.76 57.95
CA ARG K 111 -2.39 -41.14 59.07
C ARG K 111 -1.20 -40.20 59.17
N LEU K 112 -0.46 -40.06 58.07
CA LEU K 112 0.70 -39.19 58.05
C LEU K 112 0.33 -37.76 58.46
N ALA K 113 -0.71 -37.22 57.85
CA ALA K 113 -1.18 -35.89 58.14
C ALA K 113 -1.42 -35.72 59.63
N SER K 114 -2.09 -36.69 60.25
CA SER K 114 -2.38 -36.63 61.68
C SER K 114 -1.08 -36.47 62.48
N GLU K 115 0.00 -37.07 61.98
CA GLU K 115 1.28 -37.00 62.65
C GLU K 115 1.86 -35.57 62.67
N TYR K 116 1.57 -34.79 61.63
CA TYR K 116 2.08 -33.42 61.57
C TYR K 116 1.04 -32.38 61.95
N SER K 117 -0.20 -32.82 62.17
CA SER K 117 -1.25 -31.90 62.53
C SER K 117 -1.29 -31.65 64.03
N GLN K 118 -1.39 -30.39 64.43
CA GLN K 118 -1.49 -30.01 65.84
C GLN K 118 -2.99 -29.90 66.10
N VAL K 119 -3.76 -30.57 65.26
CA VAL K 119 -5.21 -30.55 65.33
C VAL K 119 -5.79 -31.90 64.89
N PRO K 120 -6.99 -32.26 65.38
CA PRO K 120 -7.63 -33.53 65.01
C PRO K 120 -7.83 -33.67 63.51
N ILE K 121 -7.60 -34.86 62.99
CA ILE K 121 -7.77 -35.11 61.57
C ILE K 121 -8.87 -36.15 61.33
N ILE K 122 -9.89 -35.77 60.57
CA ILE K 122 -10.96 -36.69 60.25
C ILE K 122 -10.69 -37.15 58.83
N ASN K 123 -10.51 -38.45 58.66
CA ASN K 123 -10.24 -38.99 57.35
C ASN K 123 -11.48 -39.19 56.51
N ALA K 124 -11.55 -38.49 55.39
CA ALA K 124 -12.69 -38.62 54.48
C ALA K 124 -12.25 -39.62 53.43
N GLY K 125 -11.49 -40.63 53.88
CA GLY K 125 -11.02 -41.66 53.00
C GLY K 125 -9.65 -41.37 52.40
N ASP K 126 -8.78 -42.39 52.37
CA ASP K 126 -7.44 -42.27 51.79
C ASP K 126 -7.67 -42.29 50.28
N GLY K 127 -8.47 -41.36 49.80
CA GLY K 127 -8.81 -41.33 48.39
C GLY K 127 -10.03 -42.23 48.34
N SER K 128 -9.99 -43.22 49.22
CA SER K 128 -11.02 -44.23 49.42
C SER K 128 -10.46 -45.31 50.35
N ASN K 129 -10.96 -46.54 50.19
CA ASN K 129 -10.53 -47.66 51.03
C ASN K 129 -11.09 -47.56 52.45
N GLN K 130 -10.70 -46.52 53.18
CA GLN K 130 -11.17 -46.34 54.54
C GLN K 130 -11.81 -44.97 54.81
N HIS K 131 -13.13 -44.98 54.97
CA HIS K 131 -13.93 -43.77 55.21
C HIS K 131 -14.77 -44.05 56.45
N PRO K 132 -14.21 -43.83 57.63
CA PRO K 132 -14.85 -44.03 58.93
C PRO K 132 -16.19 -43.36 59.04
N THR K 133 -16.18 -42.05 58.94
CA THR K 133 -17.37 -41.25 59.04
C THR K 133 -18.55 -41.82 58.26
N GLN K 134 -18.30 -42.43 57.11
CA GLN K 134 -19.40 -43.02 56.32
C GLN K 134 -19.96 -44.28 56.99
N THR K 135 -19.06 -45.18 57.36
CA THR K 135 -19.45 -46.43 58.02
C THR K 135 -20.21 -46.12 59.32
N LEU K 136 -19.72 -45.14 60.06
CA LEU K 136 -20.37 -44.75 61.31
C LEU K 136 -21.79 -44.31 61.08
N LEU K 137 -22.01 -43.48 60.07
CA LEU K 137 -23.37 -43.02 59.78
C LEU K 137 -24.23 -44.18 59.25
N ASP K 138 -23.59 -45.18 58.63
CA ASP K 138 -24.33 -46.34 58.14
C ASP K 138 -24.84 -47.09 59.36
N LEU K 139 -23.94 -47.35 60.30
CA LEU K 139 -24.27 -48.04 61.54
C LEU K 139 -25.39 -47.29 62.25
N TYR K 140 -25.27 -45.97 62.30
CA TYR K 140 -26.28 -45.16 62.95
C TYR K 140 -27.63 -45.35 62.28
N THR K 141 -27.64 -45.48 60.96
CA THR K 141 -28.90 -45.66 60.23
C THR K 141 -29.58 -46.98 60.63
N ILE K 142 -28.79 -48.05 60.67
CA ILE K 142 -29.32 -49.35 61.05
C ILE K 142 -29.83 -49.27 62.49
N MET K 143 -28.98 -48.75 63.38
CA MET K 143 -29.30 -48.60 64.79
C MET K 143 -30.58 -47.79 64.98
N ARG K 144 -30.70 -46.73 64.21
CA ARG K 144 -31.84 -45.85 64.28
C ARG K 144 -33.11 -46.44 63.64
N GLU K 145 -32.98 -46.96 62.43
CA GLU K 145 -34.15 -47.51 61.71
C GLU K 145 -34.55 -48.92 62.11
N ILE K 146 -33.58 -49.78 62.41
CA ILE K 146 -33.87 -51.15 62.79
C ILE K 146 -34.05 -51.31 64.30
N GLY K 147 -33.52 -50.36 65.07
CA GLY K 147 -33.66 -50.43 66.53
C GLY K 147 -32.52 -51.12 67.26
N ARG K 148 -31.64 -51.76 66.50
CA ARG K 148 -30.52 -52.46 67.09
C ARG K 148 -29.57 -52.87 65.98
N ILE K 149 -28.32 -53.16 66.35
CA ILE K 149 -27.34 -53.59 65.37
C ILE K 149 -27.09 -55.07 65.60
N ASP K 150 -26.96 -55.45 66.86
CA ASP K 150 -26.72 -56.84 67.22
C ASP K 150 -27.81 -57.74 66.66
N GLY K 151 -27.40 -58.92 66.21
CA GLY K 151 -28.35 -59.89 65.70
C GLY K 151 -29.34 -59.40 64.67
N ILE K 152 -28.83 -58.99 63.52
CA ILE K 152 -29.67 -58.52 62.44
C ILE K 152 -29.20 -59.27 61.21
N LYS K 153 -30.05 -59.34 60.21
CA LYS K 153 -29.69 -60.01 58.97
C LYS K 153 -29.60 -58.94 57.90
N ILE K 154 -28.37 -58.71 57.45
CA ILE K 154 -28.08 -57.69 56.45
C ILE K 154 -27.57 -58.28 55.15
N ALA K 155 -28.08 -57.77 54.03
CA ALA K 155 -27.69 -58.25 52.72
C ALA K 155 -27.09 -57.14 51.88
N PHE K 156 -25.89 -57.39 51.35
CA PHE K 156 -25.21 -56.42 50.49
C PHE K 156 -25.37 -56.81 49.01
N VAL K 157 -25.77 -55.85 48.17
CA VAL K 157 -25.96 -56.12 46.75
C VAL K 157 -25.10 -55.19 45.91
N GLY K 158 -24.39 -55.75 44.93
CA GLY K 158 -23.55 -54.94 44.06
C GLY K 158 -22.09 -55.34 44.07
N ASP K 159 -21.23 -54.46 43.57
CA ASP K 159 -19.79 -54.70 43.52
C ASP K 159 -19.27 -54.86 44.94
N LEU K 160 -19.08 -56.10 45.36
CA LEU K 160 -18.61 -56.38 46.71
C LEU K 160 -17.12 -56.60 46.75
N LYS K 161 -16.51 -56.72 45.58
CA LYS K 161 -15.08 -56.96 45.46
C LYS K 161 -14.32 -55.65 45.63
N TYR K 162 -14.91 -54.56 45.14
CA TYR K 162 -14.29 -53.25 45.20
C TYR K 162 -15.06 -52.23 46.06
N GLY K 163 -16.21 -52.62 46.57
CA GLY K 163 -17.01 -51.73 47.39
C GLY K 163 -16.35 -51.41 48.73
N ARG K 164 -15.55 -50.35 48.76
CA ARG K 164 -14.85 -49.94 49.97
C ARG K 164 -15.77 -49.67 51.16
N THR K 165 -16.82 -48.90 50.95
CA THR K 165 -17.75 -48.59 52.03
C THR K 165 -18.38 -49.87 52.53
N VAL K 166 -18.57 -50.84 51.63
CA VAL K 166 -19.14 -52.13 52.00
C VAL K 166 -18.17 -52.89 52.90
N HIS K 167 -16.91 -52.94 52.49
CA HIS K 167 -15.87 -53.60 53.26
C HIS K 167 -15.79 -53.01 54.67
N SER K 168 -15.73 -51.68 54.73
CA SER K 168 -15.63 -50.97 55.99
C SER K 168 -16.82 -51.30 56.90
N LEU K 169 -18.02 -51.32 56.33
CA LEU K 169 -19.21 -51.62 57.11
C LEU K 169 -19.23 -53.08 57.55
N VAL K 170 -18.82 -53.97 56.66
CA VAL K 170 -18.77 -55.39 56.99
C VAL K 170 -17.85 -55.62 58.17
N TYR K 171 -16.76 -54.87 58.22
CA TYR K 171 -15.80 -55.00 59.31
C TYR K 171 -16.44 -54.51 60.61
N ALA K 172 -16.98 -53.31 60.58
CA ALA K 172 -17.59 -52.74 61.76
C ALA K 172 -18.66 -53.68 62.30
N LEU K 173 -19.54 -54.16 61.42
CA LEU K 173 -20.61 -55.07 61.83
C LEU K 173 -20.07 -56.35 62.43
N SER K 174 -18.91 -56.78 61.99
CA SER K 174 -18.31 -58.01 62.50
C SER K 174 -17.92 -57.85 63.96
N LEU K 175 -18.03 -56.64 64.50
CA LEU K 175 -17.67 -56.40 65.89
C LEU K 175 -18.89 -56.56 66.78
N PHE K 176 -20.06 -56.68 66.16
CA PHE K 176 -21.27 -56.86 66.91
C PHE K 176 -21.67 -58.33 67.00
N GLU K 177 -22.52 -58.65 67.98
CA GLU K 177 -22.98 -60.01 68.21
C GLU K 177 -24.02 -60.53 67.22
N ASN K 178 -23.77 -61.75 66.76
CA ASN K 178 -24.66 -62.45 65.85
C ASN K 178 -25.25 -61.68 64.67
N VAL K 179 -24.39 -61.10 63.84
CA VAL K 179 -24.89 -60.39 62.67
C VAL K 179 -24.82 -61.36 61.50
N GLU K 180 -25.96 -61.63 60.87
CA GLU K 180 -25.98 -62.55 59.74
C GLU K 180 -25.83 -61.75 58.46
N MET K 181 -24.78 -62.05 57.70
CA MET K 181 -24.50 -61.33 56.45
C MET K 181 -24.73 -62.10 55.16
N TYR K 182 -25.30 -61.41 54.18
CA TYR K 182 -25.56 -61.99 52.87
C TYR K 182 -24.86 -61.14 51.82
N PHE K 183 -24.11 -61.80 50.96
CA PHE K 183 -23.38 -61.10 49.91
C PHE K 183 -23.87 -61.44 48.50
N VAL K 184 -24.87 -60.70 48.05
CA VAL K 184 -25.46 -60.88 46.72
C VAL K 184 -24.63 -60.11 45.70
N SER K 185 -24.04 -60.82 44.73
CA SER K 185 -23.21 -60.16 43.72
C SER K 185 -22.88 -61.04 42.53
N PRO K 186 -22.40 -60.42 41.44
CA PRO K 186 -22.03 -61.16 40.24
C PRO K 186 -20.84 -62.00 40.60
N LYS K 187 -20.63 -63.07 39.85
CA LYS K 187 -19.49 -63.93 40.11
C LYS K 187 -18.27 -63.01 40.12
N GLU K 188 -18.22 -62.15 39.10
CA GLU K 188 -17.14 -61.20 38.88
C GLU K 188 -16.74 -60.30 40.05
N LEU K 189 -17.70 -59.98 40.91
CA LEU K 189 -17.45 -59.05 42.00
C LEU K 189 -17.75 -59.57 43.41
N ARG K 190 -17.29 -60.77 43.71
CA ARG K 190 -17.51 -61.36 45.03
C ARG K 190 -16.68 -60.68 46.11
N LEU K 191 -17.12 -60.81 47.35
CA LEU K 191 -16.41 -60.21 48.47
C LEU K 191 -14.98 -60.78 48.53
N PRO K 192 -13.97 -59.90 48.70
CA PRO K 192 -12.57 -60.29 48.78
C PRO K 192 -12.32 -61.52 49.65
N LYS K 193 -11.43 -62.41 49.18
CA LYS K 193 -11.09 -63.64 49.89
C LYS K 193 -10.62 -63.38 51.31
N ASP K 194 -9.63 -62.49 51.46
CA ASP K 194 -9.09 -62.17 52.78
C ASP K 194 -10.16 -61.63 53.73
N ILE K 195 -11.17 -60.95 53.20
CA ILE K 195 -12.24 -60.42 54.05
C ILE K 195 -13.07 -61.58 54.58
N ILE K 196 -13.39 -62.51 53.69
CA ILE K 196 -14.17 -63.68 54.08
C ILE K 196 -13.44 -64.43 55.18
N GLU K 197 -12.12 -64.48 55.08
CA GLU K 197 -11.34 -65.17 56.10
C GLU K 197 -11.52 -64.49 57.45
N ASP K 198 -11.50 -63.16 57.47
CA ASP K 198 -11.69 -62.41 58.71
C ASP K 198 -13.05 -62.76 59.30
N LEU K 199 -14.04 -62.86 58.43
CA LEU K 199 -15.39 -63.19 58.88
C LEU K 199 -15.40 -64.57 59.50
N LYS K 200 -14.73 -65.51 58.86
CA LYS K 200 -14.64 -66.89 59.37
C LYS K 200 -13.94 -66.85 60.72
N ALA K 201 -12.81 -66.16 60.76
CA ALA K 201 -12.04 -66.04 61.98
C ALA K 201 -12.88 -65.50 63.13
N LYS K 202 -13.92 -64.71 62.82
CA LYS K 202 -14.77 -64.16 63.86
C LYS K 202 -16.05 -64.96 64.00
N ASN K 203 -16.06 -66.16 63.42
CA ASN K 203 -17.23 -67.03 63.48
C ASN K 203 -18.48 -66.22 63.19
N ILE K 204 -18.61 -65.79 61.94
CA ILE K 204 -19.76 -65.00 61.51
C ILE K 204 -20.55 -65.71 60.44
N LYS K 205 -21.83 -65.97 60.72
CA LYS K 205 -22.70 -66.65 59.78
C LYS K 205 -22.91 -65.75 58.58
N PHE K 206 -22.42 -66.17 57.42
CA PHE K 206 -22.56 -65.39 56.20
C PHE K 206 -22.77 -66.28 55.01
N TYR K 207 -23.42 -65.75 53.99
CA TYR K 207 -23.68 -66.53 52.78
C TYR K 207 -23.42 -65.68 51.55
N GLU K 208 -22.84 -66.29 50.52
CA GLU K 208 -22.58 -65.59 49.28
C GLU K 208 -23.66 -66.03 48.31
N LYS K 209 -24.50 -65.10 47.87
CA LYS K 209 -25.56 -65.44 46.93
C LYS K 209 -25.32 -64.78 45.59
N GLU K 210 -25.86 -65.40 44.54
CA GLU K 210 -25.67 -64.86 43.20
C GLU K 210 -26.90 -64.15 42.68
N SER K 211 -28.02 -64.30 43.37
CA SER K 211 -29.25 -63.65 42.97
C SER K 211 -29.99 -62.99 44.14
N LEU K 212 -30.76 -61.96 43.83
CA LEU K 212 -31.52 -61.28 44.88
C LEU K 212 -32.63 -62.18 45.36
N ASP K 213 -32.92 -63.21 44.56
CA ASP K 213 -33.95 -64.16 44.89
C ASP K 213 -33.43 -65.26 45.78
N ASP K 214 -32.14 -65.21 46.09
CA ASP K 214 -31.52 -66.21 46.97
C ASP K 214 -31.67 -65.77 48.42
N LEU K 215 -32.48 -64.74 48.64
CA LEU K 215 -32.72 -64.20 49.97
C LEU K 215 -34.13 -64.53 50.44
N ASP K 216 -34.29 -64.62 51.74
CA ASP K 216 -35.59 -64.90 52.33
C ASP K 216 -36.04 -63.53 52.81
N ASP K 217 -37.16 -63.46 53.54
CA ASP K 217 -37.61 -62.17 54.04
C ASP K 217 -37.12 -61.90 55.46
N ASP K 218 -36.15 -62.70 55.86
CA ASP K 218 -35.57 -62.62 57.20
C ASP K 218 -34.57 -61.48 57.32
N ILE K 219 -34.29 -60.81 56.21
CA ILE K 219 -33.33 -59.72 56.19
C ILE K 219 -33.93 -58.41 56.65
N ASP K 220 -33.20 -57.78 57.57
CA ASP K 220 -33.59 -56.51 58.15
C ASP K 220 -33.10 -55.32 57.32
N VAL K 221 -31.90 -55.46 56.78
CA VAL K 221 -31.28 -54.40 55.99
C VAL K 221 -30.71 -54.87 54.64
N LEU K 222 -31.05 -54.12 53.59
CA LEU K 222 -30.56 -54.39 52.24
C LEU K 222 -29.68 -53.23 51.86
N TYR K 223 -28.36 -53.41 51.96
CA TYR K 223 -27.40 -52.36 51.64
C TYR K 223 -27.01 -52.46 50.16
N VAL K 224 -27.48 -51.52 49.37
CA VAL K 224 -27.20 -51.48 47.93
C VAL K 224 -25.98 -50.61 47.60
N THR K 225 -25.03 -51.21 46.90
CA THR K 225 -23.83 -50.52 46.51
C THR K 225 -23.81 -50.43 44.97
N ARG K 226 -23.14 -49.41 44.43
CA ARG K 226 -23.08 -49.21 42.98
C ARG K 226 -22.22 -50.25 42.27
N ILE K 227 -22.44 -50.40 40.96
CA ILE K 227 -21.65 -51.30 40.14
C ILE K 227 -21.28 -50.47 38.91
N GLN K 228 -20.14 -49.78 38.98
CA GLN K 228 -19.67 -48.95 37.88
C GLN K 228 -19.45 -49.74 36.60
N LYS K 229 -19.29 -49.03 35.49
CA LYS K 229 -19.10 -49.63 34.19
C LYS K 229 -17.72 -50.25 33.99
N GLU K 230 -16.72 -49.64 34.62
CA GLU K 230 -15.33 -50.07 34.53
C GLU K 230 -15.12 -51.54 34.84
N ARG K 231 -16.12 -52.18 35.42
CA ARG K 231 -16.02 -53.59 35.77
C ARG K 231 -16.48 -54.47 34.61
N PHE K 232 -17.30 -53.91 33.73
CA PHE K 232 -17.80 -54.63 32.57
C PHE K 232 -17.69 -53.73 31.35
N PRO K 233 -16.49 -53.61 30.77
CA PRO K 233 -16.27 -52.77 29.59
C PRO K 233 -17.29 -53.05 28.48
N ASP K 234 -17.66 -54.32 28.34
CA ASP K 234 -18.62 -54.71 27.34
C ASP K 234 -20.02 -54.26 27.75
N PRO K 235 -20.61 -53.32 27.00
CA PRO K 235 -21.96 -52.83 27.32
C PRO K 235 -22.94 -53.98 27.53
N ASN K 236 -22.95 -54.93 26.60
CA ASN K 236 -23.83 -56.08 26.69
C ASN K 236 -23.74 -56.69 28.09
N GLU K 237 -22.52 -57.01 28.50
CA GLU K 237 -22.25 -57.57 29.82
C GLU K 237 -22.85 -56.70 30.92
N TYR K 238 -22.39 -55.46 30.97
CA TYR K 238 -22.84 -54.49 31.96
C TYR K 238 -24.37 -54.37 32.03
N GLU K 239 -25.00 -54.08 30.89
CA GLU K 239 -26.44 -53.96 30.80
C GLU K 239 -27.08 -55.19 31.44
N LYS K 240 -26.47 -56.36 31.23
CA LYS K 240 -26.98 -57.62 31.79
C LYS K 240 -26.92 -57.62 33.30
N VAL K 241 -25.76 -57.25 33.83
CA VAL K 241 -25.52 -57.18 35.28
C VAL K 241 -26.43 -56.15 35.97
N LYS K 242 -26.60 -55.00 35.33
CA LYS K 242 -27.45 -53.96 35.89
C LYS K 242 -28.85 -54.52 36.13
N GLY K 243 -29.44 -55.11 35.09
CA GLY K 243 -30.78 -55.66 35.22
C GLY K 243 -30.89 -56.72 36.29
N SER K 244 -29.86 -57.56 36.39
CA SER K 244 -29.84 -58.65 37.37
C SER K 244 -29.85 -58.24 38.85
N TYR K 245 -29.23 -57.10 39.16
CA TYR K 245 -29.18 -56.68 40.56
C TYR K 245 -29.93 -55.39 40.84
N LYS K 246 -30.63 -54.87 39.85
CA LYS K 246 -31.36 -53.64 40.07
C LYS K 246 -32.50 -53.92 41.05
N ILE K 247 -32.64 -53.06 42.06
CA ILE K 247 -33.71 -53.22 43.02
C ILE K 247 -34.97 -52.59 42.42
N LYS K 248 -35.94 -53.42 42.06
CA LYS K 248 -37.15 -52.91 41.47
C LYS K 248 -38.24 -52.84 42.52
N ARG K 249 -39.23 -52.00 42.28
CA ARG K 249 -40.31 -51.84 43.25
C ARG K 249 -41.10 -53.10 43.59
N GLU K 250 -41.46 -53.89 42.59
CA GLU K 250 -42.21 -55.09 42.87
C GLU K 250 -41.48 -56.00 43.86
N TYR K 251 -40.16 -56.09 43.69
CA TYR K 251 -39.33 -56.92 44.56
C TYR K 251 -39.34 -56.41 45.97
N VAL K 252 -39.41 -55.08 46.10
CA VAL K 252 -39.41 -54.45 47.41
C VAL K 252 -40.75 -54.64 48.14
N GLU K 253 -41.86 -54.56 47.40
CA GLU K 253 -43.19 -54.70 48.00
C GLU K 253 -43.36 -55.84 49.00
N GLY K 254 -43.85 -55.49 50.19
CA GLY K 254 -44.07 -56.47 51.22
C GLY K 254 -42.85 -56.94 51.96
N LYS K 255 -41.67 -56.46 51.58
CA LYS K 255 -40.48 -56.93 52.25
C LYS K 255 -40.25 -56.23 53.61
N LYS K 256 -39.74 -57.00 54.56
CA LYS K 256 -39.46 -56.51 55.91
C LYS K 256 -38.31 -55.52 55.96
N PHE K 257 -37.27 -55.80 55.18
CA PHE K 257 -36.08 -54.98 55.15
C PHE K 257 -36.25 -53.48 54.87
N ILE K 258 -35.18 -52.74 55.13
CA ILE K 258 -35.11 -51.32 54.84
C ILE K 258 -34.00 -51.27 53.79
N ILE K 259 -34.10 -50.35 52.84
CA ILE K 259 -33.09 -50.25 51.79
C ILE K 259 -32.12 -49.11 52.05
N MET K 260 -30.84 -49.45 52.12
CA MET K 260 -29.83 -48.44 52.35
C MET K 260 -28.97 -48.29 51.11
N HIS K 261 -28.41 -47.11 50.91
CA HIS K 261 -27.55 -46.85 49.78
C HIS K 261 -26.76 -45.59 50.08
N PRO K 262 -25.44 -45.72 50.17
CA PRO K 262 -24.57 -44.58 50.47
C PRO K 262 -24.67 -43.40 49.52
N LEU K 263 -25.30 -43.61 48.37
CA LEU K 263 -25.45 -42.56 47.37
C LEU K 263 -24.11 -42.13 46.77
N PRO K 264 -24.14 -41.57 45.56
CA PRO K 264 -25.35 -41.31 44.77
C PRO K 264 -25.84 -42.58 44.08
N ARG K 265 -27.15 -42.71 43.93
CA ARG K 265 -27.63 -43.88 43.25
C ARG K 265 -27.91 -43.44 41.83
N VAL K 266 -27.64 -44.34 40.91
CA VAL K 266 -27.86 -44.07 39.50
C VAL K 266 -28.75 -45.15 38.89
N ASP K 267 -28.27 -46.40 38.92
CA ASP K 267 -29.04 -47.49 38.35
C ASP K 267 -29.47 -48.50 39.41
N GLU K 268 -28.67 -48.63 40.45
CA GLU K 268 -28.92 -49.58 41.53
C GLU K 268 -30.36 -49.72 42.06
N ILE K 269 -31.12 -48.63 42.09
CA ILE K 269 -32.47 -48.65 42.62
C ILE K 269 -33.45 -47.84 41.78
N ASP K 270 -34.53 -48.46 41.34
CA ASP K 270 -35.52 -47.74 40.56
C ASP K 270 -36.11 -46.54 41.29
N TYR K 271 -36.59 -45.55 40.54
CA TYR K 271 -37.16 -44.39 41.17
C TYR K 271 -38.52 -44.67 41.80
N ASP K 272 -39.23 -45.67 41.29
CA ASP K 272 -40.55 -46.00 41.84
C ASP K 272 -40.44 -46.69 43.20
N VAL K 273 -39.21 -47.00 43.62
CA VAL K 273 -38.95 -47.63 44.90
C VAL K 273 -38.83 -46.57 45.97
N ASP K 274 -38.50 -45.34 45.55
CA ASP K 274 -38.33 -44.23 46.47
C ASP K 274 -39.45 -44.01 47.47
N ASP K 275 -40.69 -43.95 46.98
CA ASP K 275 -41.87 -43.72 47.84
C ASP K 275 -42.32 -44.89 48.67
N LEU K 276 -41.64 -46.03 48.55
CA LEU K 276 -42.02 -47.20 49.31
C LEU K 276 -41.48 -47.07 50.73
N PRO K 277 -42.20 -47.62 51.71
CA PRO K 277 -41.83 -47.57 53.12
C PRO K 277 -40.42 -48.01 53.45
N GLN K 278 -39.96 -49.07 52.79
CA GLN K 278 -38.65 -49.60 53.10
C GLN K 278 -37.47 -48.79 52.56
N ALA K 279 -37.77 -47.83 51.71
CA ALA K 279 -36.72 -46.99 51.15
C ALA K 279 -36.24 -46.07 52.27
N LYS K 280 -34.96 -46.18 52.62
CA LYS K 280 -34.40 -45.39 53.69
C LYS K 280 -33.08 -44.69 53.31
N TYR K 281 -32.65 -44.76 52.05
CA TYR K 281 -31.38 -44.16 51.65
C TYR K 281 -31.26 -42.65 51.77
N PHE K 282 -32.37 -41.93 51.62
CA PHE K 282 -32.32 -40.49 51.75
C PHE K 282 -32.32 -40.10 53.23
N LYS K 283 -32.93 -40.96 54.05
CA LYS K 283 -32.98 -40.72 55.49
C LYS K 283 -31.55 -40.97 55.96
N GLN K 284 -30.97 -42.00 55.40
CA GLN K 284 -29.59 -42.37 55.71
C GLN K 284 -28.70 -41.16 55.38
N SER K 285 -29.00 -40.51 54.27
CA SER K 285 -28.24 -39.35 53.82
C SER K 285 -28.26 -38.30 54.92
N PHE K 286 -29.46 -38.04 55.44
CA PHE K 286 -29.64 -37.06 56.50
C PHE K 286 -28.86 -37.40 57.77
N TYR K 287 -28.93 -38.66 58.18
CA TYR K 287 -28.23 -39.12 59.37
C TYR K 287 -26.75 -38.77 59.37
N GLY K 288 -26.19 -38.52 58.18
CA GLY K 288 -24.79 -38.16 58.09
C GLY K 288 -24.53 -36.87 58.86
N ILE K 289 -25.49 -35.95 58.83
CA ILE K 289 -25.33 -34.69 59.51
C ILE K 289 -25.17 -34.83 61.03
N PRO K 290 -26.12 -35.53 61.68
CA PRO K 290 -26.05 -35.73 63.13
C PRO K 290 -24.80 -36.45 63.59
N VAL K 291 -24.44 -37.53 62.89
CA VAL K 291 -23.26 -38.29 63.28
C VAL K 291 -21.98 -37.51 63.02
N ARG K 292 -22.00 -36.66 62.00
CA ARG K 292 -20.81 -35.88 61.71
C ARG K 292 -20.72 -34.76 62.75
N MET K 293 -21.88 -34.28 63.21
CA MET K 293 -21.91 -33.25 64.25
C MET K 293 -21.34 -33.91 65.49
N ALA K 294 -21.78 -35.14 65.72
CA ALA K 294 -21.31 -35.93 66.85
C ALA K 294 -19.79 -36.08 66.81
N ILE K 295 -19.26 -36.48 65.67
CA ILE K 295 -17.82 -36.67 65.51
C ILE K 295 -17.01 -35.38 65.67
N LEU K 296 -17.46 -34.31 65.03
CA LEU K 296 -16.77 -33.03 65.12
C LEU K 296 -16.73 -32.58 66.57
N LYS K 297 -17.89 -32.64 67.22
CA LYS K 297 -18.00 -32.24 68.62
C LYS K 297 -17.04 -33.05 69.48
N LYS K 298 -17.19 -34.38 69.44
CA LYS K 298 -16.33 -35.24 70.22
C LYS K 298 -14.85 -34.96 70.01
N LEU K 299 -14.39 -35.06 68.77
CA LEU K 299 -12.97 -34.80 68.45
C LEU K 299 -12.43 -33.49 69.01
N ILE K 300 -13.24 -32.45 68.99
CA ILE K 300 -12.80 -31.16 69.50
C ILE K 300 -12.76 -31.17 71.03
N GLU K 301 -13.79 -31.72 71.66
CA GLU K 301 -13.84 -31.79 73.11
C GLU K 301 -12.74 -32.70 73.63
N ASP K 302 -12.67 -33.91 73.09
CA ASP K 302 -11.66 -34.87 73.50
C ASP K 302 -10.27 -34.25 73.53
N ASN K 303 -10.09 -33.17 72.77
CA ASN K 303 -8.80 -32.47 72.70
C ASN K 303 -8.89 -31.00 73.08
N GLU K 304 -9.99 -30.61 73.71
CA GLU K 304 -10.19 -29.23 74.12
C GLU K 304 -9.42 -28.94 75.40
N GLY K 305 -8.10 -28.82 75.28
CA GLY K 305 -7.25 -28.56 76.43
C GLY K 305 -7.35 -27.13 76.90
N MET L 1 -46.77 -18.41 51.24
CA MET L 1 -45.88 -18.74 50.10
C MET L 1 -44.83 -19.75 50.54
N LYS L 2 -44.80 -20.90 49.87
CA LYS L 2 -43.83 -21.95 50.21
C LYS L 2 -42.64 -22.04 49.27
N HIS L 3 -42.73 -21.39 48.12
CA HIS L 3 -41.66 -21.37 47.12
C HIS L 3 -41.74 -20.08 46.32
N LEU L 4 -40.64 -19.75 45.63
CA LEU L 4 -40.64 -18.58 44.77
C LEU L 4 -40.10 -19.07 43.42
N ILE L 5 -40.99 -19.61 42.60
CA ILE L 5 -40.61 -20.15 41.31
C ILE L 5 -40.77 -19.17 40.16
N SER L 6 -41.94 -18.55 40.06
CA SER L 6 -42.23 -17.62 38.97
C SER L 6 -43.01 -16.37 39.40
N MET L 7 -42.73 -15.25 38.75
CA MET L 7 -43.43 -14.00 39.05
C MET L 7 -44.89 -14.18 38.77
N LYS L 8 -45.20 -15.12 37.86
CA LYS L 8 -46.58 -15.37 37.48
C LYS L 8 -47.38 -16.10 38.53
N ASP L 9 -46.76 -16.36 39.67
CA ASP L 9 -47.44 -17.04 40.77
C ASP L 9 -47.72 -16.01 41.85
N ILE L 10 -47.26 -14.78 41.63
CA ILE L 10 -47.44 -13.71 42.59
C ILE L 10 -48.35 -12.61 42.05
N GLY L 11 -49.14 -12.01 42.95
CA GLY L 11 -50.03 -10.95 42.56
C GLY L 11 -49.54 -9.61 43.06
N LYS L 12 -50.11 -8.53 42.55
CA LYS L 12 -49.71 -7.19 42.96
C LYS L 12 -49.69 -7.05 44.48
N GLU L 13 -50.66 -7.70 45.14
CA GLU L 13 -50.74 -7.64 46.59
C GLU L 13 -49.48 -8.16 47.25
N GLU L 14 -49.19 -9.43 47.01
CA GLU L 14 -48.01 -10.08 47.57
C GLU L 14 -46.74 -9.34 47.20
N ILE L 15 -46.71 -8.82 45.97
CA ILE L 15 -45.55 -8.08 45.50
C ILE L 15 -45.28 -6.92 46.44
N LEU L 16 -46.32 -6.15 46.70
CA LEU L 16 -46.19 -5.01 47.58
C LEU L 16 -45.79 -5.43 48.98
N GLU L 17 -46.37 -6.53 49.46
CA GLU L 17 -46.04 -7.04 50.79
C GLU L 17 -44.53 -7.26 50.86
N ILE L 18 -44.00 -7.87 49.81
CA ILE L 18 -42.57 -8.16 49.72
C ILE L 18 -41.76 -6.88 49.65
N LEU L 19 -42.21 -5.94 48.83
CA LEU L 19 -41.50 -4.69 48.70
C LEU L 19 -41.45 -3.98 50.06
N ASP L 20 -42.49 -4.16 50.86
CA ASP L 20 -42.53 -3.54 52.19
C ASP L 20 -41.49 -4.18 53.09
N GLU L 21 -41.54 -5.50 53.17
CA GLU L 21 -40.60 -6.24 53.98
C GLU L 21 -39.18 -5.85 53.55
N ALA L 22 -39.00 -5.64 52.25
CA ALA L 22 -37.71 -5.25 51.71
C ALA L 22 -37.25 -3.94 52.31
N ARG L 23 -38.17 -2.99 52.36
CA ARG L 23 -37.90 -1.67 52.93
C ARG L 23 -37.41 -1.81 54.37
N LYS L 24 -38.08 -2.67 55.14
CA LYS L 24 -37.73 -2.90 56.54
C LYS L 24 -36.30 -3.43 56.60
N MET L 25 -36.01 -4.41 55.75
CA MET L 25 -34.69 -5.01 55.70
C MET L 25 -33.66 -3.93 55.36
N GLU L 26 -33.98 -3.08 54.41
CA GLU L 26 -33.03 -2.02 54.03
C GLU L 26 -32.69 -1.15 55.22
N GLU L 27 -33.73 -0.76 55.97
CA GLU L 27 -33.53 0.07 57.14
C GLU L 27 -32.70 -0.69 58.16
N LEU L 28 -33.01 -1.97 58.36
CA LEU L 28 -32.26 -2.78 59.30
C LEU L 28 -30.77 -2.76 58.97
N LEU L 29 -30.46 -2.72 57.68
CA LEU L 29 -29.07 -2.71 57.25
C LEU L 29 -28.45 -1.39 57.63
N ASN L 30 -29.17 -0.34 57.26
CA ASN L 30 -28.82 1.05 57.50
C ASN L 30 -28.21 1.20 58.89
N THR L 31 -28.90 0.60 59.87
CA THR L 31 -28.51 0.59 61.28
C THR L 31 -27.08 0.07 61.46
N LYS L 32 -26.79 -1.06 60.83
CA LYS L 32 -25.48 -1.68 60.87
C LYS L 32 -25.12 -2.37 62.16
N ARG L 33 -26.12 -2.97 62.79
CA ARG L 33 -25.93 -3.72 64.02
C ARG L 33 -26.29 -5.15 63.63
N PRO L 34 -25.47 -6.13 64.04
CA PRO L 34 -25.67 -7.54 63.74
C PRO L 34 -27.14 -7.96 63.80
N LEU L 35 -27.65 -8.49 62.70
CA LEU L 35 -29.04 -8.95 62.67
C LEU L 35 -28.97 -10.45 62.90
N LYS L 36 -29.99 -11.00 63.54
CA LYS L 36 -30.00 -12.44 63.80
C LYS L 36 -31.33 -13.08 63.47
N LEU L 37 -32.12 -12.40 62.65
CA LEU L 37 -33.43 -12.89 62.24
C LEU L 37 -33.40 -14.33 61.76
N LEU L 38 -32.38 -14.71 60.99
CA LEU L 38 -32.29 -16.08 60.49
C LEU L 38 -31.10 -16.80 61.09
N GLU L 39 -30.80 -16.48 62.35
CA GLU L 39 -29.65 -17.05 63.04
C GLU L 39 -29.36 -18.55 62.82
N GLY L 40 -30.21 -19.43 63.32
CA GLY L 40 -29.93 -20.85 63.14
C GLY L 40 -30.18 -21.45 61.77
N LYS L 41 -30.45 -20.63 60.78
CA LYS L 41 -30.75 -21.13 59.45
C LYS L 41 -29.57 -21.29 58.48
N ILE L 42 -29.74 -22.22 57.53
CA ILE L 42 -28.72 -22.49 56.52
C ILE L 42 -29.35 -22.42 55.13
N LEU L 43 -28.72 -21.61 54.26
CA LEU L 43 -29.15 -21.45 52.88
C LEU L 43 -28.24 -22.30 51.99
N ALA L 44 -28.83 -23.02 51.05
CA ALA L 44 -28.07 -23.83 50.14
C ALA L 44 -28.14 -23.21 48.74
N THR L 45 -26.96 -22.95 48.19
CA THR L 45 -26.83 -22.38 46.85
C THR L 45 -26.54 -23.53 45.89
N VAL L 46 -27.56 -23.99 45.19
CA VAL L 46 -27.39 -25.09 44.24
C VAL L 46 -27.44 -24.58 42.81
N PHE L 47 -26.25 -24.33 42.25
CA PHE L 47 -26.12 -23.81 40.91
C PHE L 47 -25.53 -24.83 39.94
N TYR L 48 -26.27 -25.16 38.89
CA TYR L 48 -25.76 -26.09 37.88
C TYR L 48 -25.00 -25.25 36.87
N GLU L 49 -25.62 -24.16 36.43
CA GLU L 49 -24.97 -23.22 35.52
C GLU L 49 -24.54 -22.07 36.43
N PRO L 50 -23.23 -21.96 36.69
CA PRO L 50 -22.65 -20.93 37.55
C PRO L 50 -23.09 -19.49 37.31
N SER L 51 -23.07 -18.71 38.39
CA SER L 51 -23.40 -17.29 38.37
C SER L 51 -22.88 -16.68 39.64
N THR L 52 -21.62 -16.28 39.63
CA THR L 52 -21.01 -15.69 40.81
C THR L 52 -21.82 -14.50 41.32
N ARG L 53 -22.41 -13.73 40.42
CA ARG L 53 -23.20 -12.58 40.83
C ARG L 53 -24.43 -12.93 41.66
N THR L 54 -25.27 -13.81 41.15
CA THR L 54 -26.47 -14.21 41.88
C THR L 54 -26.12 -14.89 43.20
N ARG L 55 -25.11 -15.76 43.19
CA ARG L 55 -24.69 -16.45 44.40
C ARG L 55 -24.28 -15.46 45.47
N LEU L 56 -23.33 -14.58 45.15
CA LEU L 56 -22.88 -13.59 46.14
C LEU L 56 -24.03 -12.73 46.67
N SER L 57 -24.97 -12.37 45.80
CA SER L 57 -26.09 -11.55 46.23
C SER L 57 -26.82 -12.27 47.33
N PHE L 58 -27.32 -13.46 47.03
CA PHE L 58 -28.06 -14.27 47.99
C PHE L 58 -27.23 -14.65 49.20
N GLU L 59 -25.94 -14.86 49.00
CA GLU L 59 -25.06 -15.23 50.08
C GLU L 59 -24.95 -14.09 51.06
N THR L 60 -24.77 -12.88 50.53
CA THR L 60 -24.66 -11.69 51.36
C THR L 60 -25.97 -11.50 52.14
N ALA L 61 -27.09 -11.53 51.43
CA ALA L 61 -28.41 -11.37 52.05
C ALA L 61 -28.60 -12.34 53.22
N MET L 62 -28.32 -13.61 52.98
CA MET L 62 -28.49 -14.62 54.01
C MET L 62 -27.62 -14.33 55.24
N LYS L 63 -26.37 -13.98 54.99
CA LYS L 63 -25.47 -13.69 56.08
C LYS L 63 -25.83 -12.41 56.82
N ARG L 64 -26.43 -11.45 56.12
CA ARG L 64 -26.85 -10.19 56.74
C ARG L 64 -27.96 -10.46 57.76
N LEU L 65 -28.74 -11.50 57.52
CA LEU L 65 -29.82 -11.87 58.42
C LEU L 65 -29.28 -12.81 59.50
N GLY L 66 -27.95 -12.96 59.55
CA GLY L 66 -27.34 -13.82 60.53
C GLY L 66 -27.42 -15.31 60.22
N GLY L 67 -27.70 -15.66 58.96
CA GLY L 67 -27.79 -17.06 58.60
C GLY L 67 -26.49 -17.61 58.06
N GLU L 68 -26.45 -18.92 57.86
CA GLU L 68 -25.26 -19.57 57.32
C GLU L 68 -25.54 -20.00 55.89
N VAL L 69 -24.49 -20.28 55.14
CA VAL L 69 -24.68 -20.69 53.74
C VAL L 69 -23.73 -21.80 53.33
N ILE L 70 -24.25 -22.79 52.62
CA ILE L 70 -23.43 -23.88 52.08
C ILE L 70 -23.62 -23.76 50.57
N THR L 71 -22.52 -23.76 49.83
CA THR L 71 -22.61 -23.63 48.38
C THR L 71 -22.20 -24.89 47.64
N MET L 72 -22.85 -25.10 46.51
CA MET L 72 -22.61 -26.23 45.65
C MET L 72 -22.88 -25.74 44.24
N THR L 73 -21.82 -25.34 43.54
CA THR L 73 -21.97 -24.83 42.18
C THR L 73 -21.33 -25.75 41.15
N ASP L 74 -21.48 -25.38 39.89
CA ASP L 74 -20.94 -26.15 38.79
C ASP L 74 -21.30 -27.61 38.98
N LEU L 75 -22.60 -27.88 38.98
CA LEU L 75 -23.10 -29.22 39.14
C LEU L 75 -23.00 -30.00 37.83
N LYS L 76 -22.35 -29.39 36.85
CA LYS L 76 -22.16 -30.02 35.55
C LYS L 76 -20.76 -30.64 35.43
N SER L 77 -20.60 -31.84 35.97
CA SER L 77 -19.32 -32.56 35.92
C SER L 77 -19.48 -33.96 36.53
N SER L 78 -18.41 -34.45 37.16
CA SER L 78 -18.42 -35.77 37.78
C SER L 78 -18.38 -35.70 39.31
N SER L 79 -17.52 -34.86 39.86
CA SER L 79 -17.43 -34.72 41.32
C SER L 79 -18.61 -33.92 41.83
N VAL L 80 -19.12 -33.04 40.96
CA VAL L 80 -20.26 -32.20 41.28
C VAL L 80 -21.48 -32.69 40.52
N ALA L 81 -21.67 -34.02 40.49
CA ALA L 81 -22.81 -34.64 39.81
C ALA L 81 -22.75 -36.17 39.83
N LYS L 82 -21.65 -36.72 39.32
CA LYS L 82 -21.45 -38.17 39.25
C LYS L 82 -22.64 -38.89 38.59
N GLY L 83 -23.45 -38.15 37.84
CA GLY L 83 -24.60 -38.79 37.20
C GLY L 83 -25.84 -38.84 38.09
N GLU L 84 -25.81 -38.11 39.19
CA GLU L 84 -26.92 -38.06 40.13
C GLU L 84 -27.94 -37.06 39.61
N SER L 85 -29.21 -37.42 39.68
CA SER L 85 -30.26 -36.53 39.16
C SER L 85 -30.58 -35.33 40.06
N LEU L 86 -31.15 -34.29 39.45
CA LEU L 86 -31.53 -33.09 40.17
C LEU L 86 -32.37 -33.47 41.36
N ILE L 87 -33.34 -34.32 41.08
CA ILE L 87 -34.26 -34.83 42.09
C ILE L 87 -33.56 -35.44 43.29
N ASP L 88 -32.54 -36.25 43.08
CA ASP L 88 -31.81 -36.84 44.19
C ASP L 88 -31.04 -35.75 44.94
N THR L 89 -30.38 -34.88 44.20
CA THR L 89 -29.61 -33.81 44.82
C THR L 89 -30.51 -32.92 45.67
N ILE L 90 -31.64 -32.49 45.10
CA ILE L 90 -32.57 -31.63 45.84
C ILE L 90 -32.99 -32.31 47.13
N ARG L 91 -33.23 -33.61 47.08
CA ARG L 91 -33.65 -34.34 48.28
C ARG L 91 -32.56 -34.41 49.33
N VAL L 92 -31.32 -34.62 48.90
CA VAL L 92 -30.23 -34.65 49.86
C VAL L 92 -29.96 -33.29 50.49
N ILE L 93 -29.89 -32.25 49.66
CA ILE L 93 -29.65 -30.87 50.12
C ILE L 93 -30.84 -30.38 50.94
N SER L 94 -32.02 -30.79 50.52
CA SER L 94 -33.26 -30.40 51.19
C SER L 94 -33.18 -30.87 52.66
N GLY L 95 -32.52 -32.01 52.87
CA GLY L 95 -32.38 -32.54 54.21
C GLY L 95 -31.29 -31.85 55.01
N TYR L 96 -30.33 -31.24 54.32
CA TYR L 96 -29.22 -30.54 54.97
C TYR L 96 -29.60 -29.13 55.40
N ALA L 97 -30.05 -28.34 54.43
CA ALA L 97 -30.39 -26.94 54.66
C ALA L 97 -31.82 -26.65 55.00
N ASP L 98 -32.11 -25.37 55.18
CA ASP L 98 -33.44 -24.90 55.55
C ASP L 98 -34.10 -24.21 54.39
N ILE L 99 -33.30 -23.79 53.41
CA ILE L 99 -33.83 -23.12 52.22
C ILE L 99 -32.83 -23.23 51.08
N ILE L 100 -33.34 -23.39 49.86
CA ILE L 100 -32.49 -23.55 48.68
C ILE L 100 -32.74 -22.56 47.54
N VAL L 101 -31.65 -22.06 46.97
CA VAL L 101 -31.74 -21.17 45.82
C VAL L 101 -31.20 -22.01 44.68
N LEU L 102 -32.08 -22.39 43.76
CA LEU L 102 -31.69 -23.24 42.63
C LEU L 102 -31.49 -22.53 41.31
N ARG L 103 -30.54 -23.04 40.55
CA ARG L 103 -30.20 -22.49 39.24
C ARG L 103 -29.98 -23.68 38.32
N HIS L 104 -30.97 -24.00 37.49
CA HIS L 104 -30.84 -25.14 36.61
C HIS L 104 -31.26 -24.80 35.18
N PRO L 105 -30.64 -25.47 34.18
CA PRO L 105 -30.91 -25.28 32.75
C PRO L 105 -32.29 -25.74 32.27
N SER L 106 -32.62 -27.01 32.53
CA SER L 106 -33.90 -27.59 32.12
C SER L 106 -35.08 -26.71 32.50
N GLU L 107 -36.16 -26.79 31.74
CA GLU L 107 -37.32 -25.97 32.03
C GLU L 107 -38.05 -26.28 33.32
N GLY L 108 -38.54 -27.50 33.48
CA GLY L 108 -39.24 -27.81 34.72
C GLY L 108 -38.43 -27.46 35.94
N ALA L 109 -37.15 -27.85 35.90
CA ALA L 109 -36.18 -27.61 36.97
C ALA L 109 -36.74 -27.11 38.30
N ALA L 110 -36.72 -25.80 38.46
CA ALA L 110 -37.19 -25.14 39.68
C ALA L 110 -38.48 -25.78 40.18
N ARG L 111 -39.54 -25.63 39.38
CA ARG L 111 -40.85 -26.19 39.73
C ARG L 111 -40.72 -27.63 40.19
N LEU L 112 -40.10 -28.46 39.36
CA LEU L 112 -39.90 -29.85 39.70
C LEU L 112 -39.17 -29.98 41.04
N ALA L 113 -38.06 -29.28 41.18
CA ALA L 113 -37.28 -29.35 42.41
C ALA L 113 -38.15 -29.06 43.62
N SER L 114 -38.99 -28.03 43.52
CA SER L 114 -39.86 -27.65 44.62
C SER L 114 -40.74 -28.82 45.02
N GLU L 115 -41.12 -29.64 44.04
CA GLU L 115 -41.96 -30.80 44.32
C GLU L 115 -41.27 -31.86 45.18
N TYR L 116 -39.95 -31.97 45.06
CA TYR L 116 -39.21 -32.95 45.83
C TYR L 116 -38.48 -32.36 47.02
N SER L 117 -38.52 -31.03 47.14
CA SER L 117 -37.85 -30.37 48.25
C SER L 117 -38.75 -30.26 49.45
N GLN L 118 -38.20 -30.60 50.63
CA GLN L 118 -38.92 -30.53 51.89
C GLN L 118 -38.56 -29.16 52.45
N VAL L 119 -38.13 -28.27 51.56
CA VAL L 119 -37.68 -26.94 51.92
C VAL L 119 -38.05 -25.92 50.82
N PRO L 120 -38.20 -24.64 51.17
CA PRO L 120 -38.54 -23.63 50.16
C PRO L 120 -37.47 -23.57 49.07
N ILE L 121 -37.91 -23.36 47.84
CA ILE L 121 -37.00 -23.25 46.70
C ILE L 121 -37.13 -21.88 46.06
N ILE L 122 -36.03 -21.15 45.99
CA ILE L 122 -36.03 -19.84 45.35
C ILE L 122 -35.42 -20.05 43.98
N ASN L 123 -36.17 -19.73 42.94
CA ASN L 123 -35.69 -19.91 41.58
C ASN L 123 -34.81 -18.76 41.11
N ALA L 124 -33.55 -19.07 40.84
CA ALA L 124 -32.63 -18.06 40.36
C ALA L 124 -32.68 -18.05 38.83
N GLY L 125 -33.90 -18.06 38.30
CA GLY L 125 -34.09 -18.05 36.86
C GLY L 125 -33.47 -19.28 36.23
N ASP L 126 -34.29 -20.11 35.59
CA ASP L 126 -33.80 -21.32 34.93
C ASP L 126 -32.90 -20.88 33.78
N GLY L 127 -31.92 -20.03 34.12
CA GLY L 127 -31.01 -19.48 33.12
C GLY L 127 -31.73 -18.27 32.57
N SER L 128 -32.98 -18.50 32.19
CA SER L 128 -33.89 -17.49 31.65
C SER L 128 -35.32 -17.86 32.06
N ASN L 129 -36.26 -17.62 31.15
CA ASN L 129 -37.69 -17.88 31.32
C ASN L 129 -38.34 -17.52 32.66
N GLN L 130 -37.55 -17.16 33.68
CA GLN L 130 -38.12 -16.79 34.98
C GLN L 130 -37.15 -16.57 36.16
N HIS L 131 -36.86 -15.31 36.47
CA HIS L 131 -35.98 -14.95 37.59
C HIS L 131 -36.74 -13.95 38.45
N PRO L 132 -37.60 -14.44 39.35
CA PRO L 132 -38.45 -13.68 40.29
C PRO L 132 -37.69 -12.65 41.09
N THR L 133 -36.76 -13.15 41.91
CA THR L 133 -35.95 -12.32 42.76
C THR L 133 -35.39 -11.08 42.04
N GLN L 134 -35.08 -11.20 40.76
CA GLN L 134 -34.56 -10.04 40.03
C GLN L 134 -35.66 -9.03 39.74
N THR L 135 -36.80 -9.52 39.25
CA THR L 135 -37.93 -8.65 38.93
C THR L 135 -38.40 -7.93 40.19
N LEU L 136 -38.44 -8.67 41.30
CA LEU L 136 -38.84 -8.12 42.58
C LEU L 136 -37.95 -6.95 42.98
N LEU L 137 -36.64 -7.13 42.89
CA LEU L 137 -35.73 -6.06 43.24
C LEU L 137 -35.84 -4.90 42.25
N ASP L 138 -36.23 -5.19 41.01
CA ASP L 138 -36.42 -4.12 40.02
C ASP L 138 -37.59 -3.27 40.46
N LEU L 139 -38.71 -3.94 40.78
CA LEU L 139 -39.92 -3.26 41.26
C LEU L 139 -39.61 -2.42 42.50
N TYR L 140 -38.77 -2.98 43.38
CA TYR L 140 -38.38 -2.29 44.61
C TYR L 140 -37.61 -1.03 44.27
N THR L 141 -36.76 -1.11 43.25
CA THR L 141 -35.98 0.06 42.85
C THR L 141 -36.91 1.18 42.37
N ILE L 142 -37.87 0.84 41.53
CA ILE L 142 -38.82 1.83 41.02
C ILE L 142 -39.62 2.40 42.19
N MET L 143 -40.15 1.50 43.00
CA MET L 143 -40.94 1.87 44.17
C MET L 143 -40.15 2.82 45.08
N ARG L 144 -38.89 2.47 45.29
CA ARG L 144 -38.00 3.24 46.14
C ARG L 144 -37.56 4.56 45.56
N GLU L 145 -37.09 4.53 44.33
CA GLU L 145 -36.60 5.75 43.68
C GLU L 145 -37.66 6.64 43.09
N ILE L 146 -38.70 6.06 42.50
CA ILE L 146 -39.75 6.87 41.89
C ILE L 146 -40.83 7.23 42.90
N GLY L 147 -40.80 6.56 44.04
CA GLY L 147 -41.78 6.85 45.07
C GLY L 147 -43.10 6.16 44.85
N ARG L 148 -43.25 5.49 43.71
CA ARG L 148 -44.48 4.78 43.41
C ARG L 148 -44.26 3.94 42.18
N ILE L 149 -45.14 2.97 41.97
CA ILE L 149 -45.04 2.11 40.80
C ILE L 149 -46.21 2.46 39.90
N ASP L 150 -47.38 2.62 40.50
CA ASP L 150 -48.59 2.96 39.75
C ASP L 150 -48.39 4.25 38.99
N GLY L 151 -48.98 4.30 37.79
CA GLY L 151 -48.89 5.49 36.96
C GLY L 151 -47.52 6.10 36.74
N ILE L 152 -46.64 5.33 36.12
CA ILE L 152 -45.29 5.82 35.84
C ILE L 152 -45.06 5.54 34.37
N LYS L 153 -44.10 6.23 33.79
CA LYS L 153 -43.77 6.05 32.40
C LYS L 153 -42.39 5.44 32.37
N ILE L 154 -42.32 4.18 31.94
CA ILE L 154 -41.07 3.45 31.89
C ILE L 154 -40.71 3.09 30.45
N ALA L 155 -39.44 3.20 30.13
CA ALA L 155 -38.96 2.88 28.79
C ALA L 155 -37.85 1.82 28.86
N PHE L 156 -38.02 0.77 28.04
CA PHE L 156 -37.04 -0.31 27.98
C PHE L 156 -36.21 -0.15 26.71
N VAL L 157 -34.89 -0.23 26.85
CA VAL L 157 -33.99 -0.09 25.71
C VAL L 157 -33.10 -1.33 25.58
N GLY L 158 -33.01 -1.88 24.36
CA GLY L 158 -32.18 -3.05 24.14
C GLY L 158 -32.91 -4.25 23.58
N ASP L 159 -32.27 -5.42 23.67
CA ASP L 159 -32.87 -6.64 23.17
C ASP L 159 -34.14 -6.92 23.95
N LEU L 160 -35.28 -6.57 23.37
CA LEU L 160 -36.56 -6.76 24.02
C LEU L 160 -37.24 -8.05 23.58
N LYS L 161 -36.68 -8.68 22.56
CA LYS L 161 -37.23 -9.93 22.04
C LYS L 161 -36.77 -11.11 22.89
N TYR L 162 -35.55 -11.01 23.41
CA TYR L 162 -34.98 -12.08 24.22
C TYR L 162 -34.68 -11.67 25.67
N GLY L 163 -34.91 -10.40 25.99
CA GLY L 163 -34.67 -9.92 27.35
C GLY L 163 -35.63 -10.50 28.36
N ARG L 164 -35.25 -11.63 28.96
CA ARG L 164 -36.07 -12.31 29.95
C ARG L 164 -36.45 -11.45 31.15
N THR L 165 -35.46 -10.80 31.74
CA THR L 165 -35.71 -9.95 32.90
C THR L 165 -36.67 -8.83 32.50
N VAL L 166 -36.58 -8.39 31.25
CA VAL L 166 -37.45 -7.34 30.75
C VAL L 166 -38.89 -7.85 30.66
N HIS L 167 -39.05 -9.04 30.09
CA HIS L 167 -40.36 -9.67 29.96
C HIS L 167 -40.99 -9.81 31.34
N SER L 168 -40.23 -10.37 32.28
CA SER L 168 -40.69 -10.60 33.64
C SER L 168 -41.15 -9.30 34.29
N LEU L 169 -40.36 -8.25 34.12
CA LEU L 169 -40.68 -6.95 34.68
C LEU L 169 -41.91 -6.34 34.00
N VAL L 170 -42.00 -6.50 32.69
CA VAL L 170 -43.13 -5.96 31.94
C VAL L 170 -44.42 -6.61 32.42
N TYR L 171 -44.34 -7.90 32.75
CA TYR L 171 -45.51 -8.61 33.23
C TYR L 171 -45.91 -8.08 34.61
N ALA L 172 -44.95 -8.04 35.53
CA ALA L 172 -45.22 -7.56 36.88
C ALA L 172 -45.84 -6.16 36.83
N LEU L 173 -45.23 -5.25 36.07
CA LEU L 173 -45.72 -3.89 35.95
C LEU L 173 -47.14 -3.82 35.40
N SER L 174 -47.48 -4.79 34.55
CA SER L 174 -48.81 -4.81 33.95
C SER L 174 -49.86 -5.09 35.01
N LEU L 175 -49.43 -5.39 36.23
CA LEU L 175 -50.38 -5.67 37.31
C LEU L 175 -50.71 -4.40 38.07
N PHE L 176 -49.97 -3.34 37.78
CA PHE L 176 -50.19 -2.07 38.44
C PHE L 176 -51.05 -1.14 37.57
N GLU L 177 -51.64 -0.14 38.21
CA GLU L 177 -52.50 0.79 37.52
C GLU L 177 -51.80 1.86 36.69
N ASN L 178 -52.32 2.03 35.47
CA ASN L 178 -51.83 3.02 34.54
C ASN L 178 -50.32 3.16 34.36
N VAL L 179 -49.65 2.06 34.01
CA VAL L 179 -48.21 2.13 33.78
C VAL L 179 -48.03 2.31 32.27
N GLU L 180 -47.37 3.38 31.88
CA GLU L 180 -47.13 3.65 30.47
C GLU L 180 -45.77 3.08 30.07
N MET L 181 -45.78 2.16 29.11
CA MET L 181 -44.56 1.50 28.68
C MET L 181 -44.08 1.87 27.28
N TYR L 182 -42.76 2.05 27.16
CA TYR L 182 -42.12 2.39 25.90
C TYR L 182 -41.08 1.32 25.61
N PHE L 183 -41.12 0.77 24.41
CA PHE L 183 -40.20 -0.28 24.01
C PHE L 183 -39.25 0.14 22.90
N VAL L 184 -38.14 0.76 23.29
CA VAL L 184 -37.12 1.22 22.34
C VAL L 184 -36.21 0.05 21.97
N SER L 185 -36.15 -0.29 20.68
CA SER L 185 -35.34 -1.41 20.26
C SER L 185 -35.15 -1.52 18.74
N PRO L 186 -34.15 -2.31 18.31
CA PRO L 186 -33.90 -2.50 16.88
C PRO L 186 -35.12 -3.23 16.35
N LYS L 187 -35.44 -3.07 15.08
CA LYS L 187 -36.62 -3.75 14.53
C LYS L 187 -36.54 -5.26 14.68
N GLU L 188 -35.34 -5.80 14.78
CA GLU L 188 -35.14 -7.25 14.91
C GLU L 188 -35.35 -7.77 16.32
N LEU L 189 -35.18 -6.92 17.31
CA LEU L 189 -35.32 -7.33 18.70
C LEU L 189 -36.52 -6.70 19.38
N ARG L 190 -37.64 -6.65 18.67
CA ARG L 190 -38.85 -6.06 19.21
C ARG L 190 -39.48 -6.98 20.27
N LEU L 191 -40.29 -6.40 21.17
CA LEU L 191 -40.96 -7.17 22.21
C LEU L 191 -41.84 -8.26 21.59
N PRO L 192 -41.72 -9.51 22.06
CA PRO L 192 -42.49 -10.66 21.58
C PRO L 192 -43.95 -10.34 21.31
N LYS L 193 -44.48 -10.89 20.21
CA LYS L 193 -45.85 -10.66 19.80
C LYS L 193 -46.86 -11.06 20.89
N ASP L 194 -46.73 -12.27 21.41
CA ASP L 194 -47.64 -12.74 22.43
C ASP L 194 -47.63 -11.85 23.68
N ILE L 195 -46.49 -11.25 24.01
CA ILE L 195 -46.42 -10.37 25.18
C ILE L 195 -47.24 -9.11 24.91
N ILE L 196 -47.09 -8.55 23.72
CA ILE L 196 -47.83 -7.34 23.36
C ILE L 196 -49.31 -7.63 23.45
N GLU L 197 -49.71 -8.85 23.09
CA GLU L 197 -51.11 -9.23 23.16
C GLU L 197 -51.60 -9.16 24.60
N ASP L 198 -50.79 -9.68 25.53
CA ASP L 198 -51.16 -9.66 26.93
C ASP L 198 -51.31 -8.21 27.40
N LEU L 199 -50.43 -7.34 26.92
CA LEU L 199 -50.49 -5.93 27.29
C LEU L 199 -51.80 -5.33 26.78
N LYS L 200 -52.15 -5.67 25.55
CA LYS L 200 -53.39 -5.18 24.96
C LYS L 200 -54.55 -5.69 25.79
N ALA L 201 -54.52 -6.99 26.08
CA ALA L 201 -55.56 -7.63 26.86
C ALA L 201 -55.76 -6.93 28.20
N LYS L 202 -54.70 -6.33 28.72
CA LYS L 202 -54.81 -5.64 30.01
C LYS L 202 -54.99 -4.13 29.82
N ASN L 203 -55.31 -3.72 28.60
CA ASN L 203 -55.51 -2.31 28.29
C ASN L 203 -54.38 -1.48 28.86
N ILE L 204 -53.19 -1.68 28.32
CA ILE L 204 -52.02 -0.96 28.79
C ILE L 204 -51.45 -0.07 27.70
N LYS L 205 -51.37 1.22 27.99
CA LYS L 205 -50.83 2.19 27.04
C LYS L 205 -49.34 1.93 26.85
N PHE L 206 -48.97 1.51 25.65
CA PHE L 206 -47.57 1.23 25.36
C PHE L 206 -47.22 1.63 23.93
N TYR L 207 -45.95 1.93 23.71
CA TYR L 207 -45.51 2.34 22.40
C TYR L 207 -44.20 1.66 22.07
N GLU L 208 -44.04 1.24 20.82
CA GLU L 208 -42.80 0.62 20.41
C GLU L 208 -42.05 1.67 19.60
N LYS L 209 -40.87 2.05 20.08
CA LYS L 209 -40.07 3.06 19.40
C LYS L 209 -38.78 2.46 18.86
N GLU L 210 -38.27 3.05 17.79
CA GLU L 210 -37.06 2.56 17.16
C GLU L 210 -35.83 3.36 17.55
N SER L 211 -36.06 4.53 18.15
CA SER L 211 -34.96 5.40 18.56
C SER L 211 -35.13 5.94 19.98
N LEU L 212 -34.01 6.23 20.63
CA LEU L 212 -34.06 6.77 21.97
C LEU L 212 -34.59 8.20 21.93
N ASP L 213 -34.55 8.79 20.73
CA ASP L 213 -35.00 10.17 20.50
C ASP L 213 -36.52 10.33 20.40
N ASP L 214 -37.25 9.27 20.72
CA ASP L 214 -38.70 9.31 20.67
C ASP L 214 -39.27 9.47 22.07
N LEU L 215 -38.42 9.26 23.07
CA LEU L 215 -38.83 9.39 24.46
C LEU L 215 -38.89 10.85 24.87
N ASP L 216 -39.99 11.24 25.51
CA ASP L 216 -40.14 12.61 25.98
C ASP L 216 -39.54 12.67 27.37
N ASP L 217 -39.10 13.86 27.80
CA ASP L 217 -38.53 14.00 29.13
C ASP L 217 -39.68 14.01 30.12
N ASP L 218 -40.52 12.97 30.02
CA ASP L 218 -41.67 12.80 30.90
C ASP L 218 -41.70 11.33 31.35
N ILE L 219 -40.63 10.62 31.02
CA ILE L 219 -40.50 9.21 31.40
C ILE L 219 -39.70 9.14 32.69
N ASP L 220 -40.24 8.38 33.65
CA ASP L 220 -39.68 8.24 34.99
C ASP L 220 -38.52 7.27 35.10
N VAL L 221 -38.64 6.15 34.38
CA VAL L 221 -37.63 5.11 34.42
C VAL L 221 -37.17 4.62 33.05
N LEU L 222 -35.85 4.56 32.88
CA LEU L 222 -35.22 4.07 31.66
C LEU L 222 -34.51 2.76 32.02
N TYR L 223 -35.15 1.63 31.71
CA TYR L 223 -34.59 0.31 32.00
C TYR L 223 -33.73 -0.17 30.82
N VAL L 224 -32.41 -0.17 31.01
CA VAL L 224 -31.49 -0.59 29.97
C VAL L 224 -31.11 -2.06 30.08
N THR L 225 -31.31 -2.78 28.99
CA THR L 225 -31.00 -4.20 28.93
C THR L 225 -29.88 -4.40 27.91
N ARG L 226 -29.09 -5.46 28.07
CA ARG L 226 -27.97 -5.75 27.17
C ARG L 226 -28.40 -6.22 25.79
N ILE L 227 -27.50 -6.11 24.81
CA ILE L 227 -27.77 -6.57 23.45
C ILE L 227 -26.57 -7.37 23.03
N GLN L 228 -26.73 -8.69 23.10
CA GLN L 228 -25.68 -9.65 22.77
C GLN L 228 -25.23 -9.72 21.31
N LYS L 229 -23.95 -10.05 21.14
CA LYS L 229 -23.32 -10.15 19.83
C LYS L 229 -23.87 -11.32 19.01
N GLU L 230 -24.51 -12.26 19.71
CA GLU L 230 -25.11 -13.44 19.08
C GLU L 230 -26.35 -13.06 18.27
N ARG L 231 -26.79 -11.81 18.42
CA ARG L 231 -27.96 -11.33 17.71
C ARG L 231 -27.57 -10.70 16.39
N PHE L 232 -26.32 -10.25 16.31
CA PHE L 232 -25.80 -9.64 15.10
C PHE L 232 -24.40 -10.19 14.85
N PRO L 233 -24.32 -11.39 14.28
CA PRO L 233 -23.03 -12.01 14.00
C PRO L 233 -22.10 -11.08 13.24
N ASP L 234 -22.67 -10.29 12.34
CA ASP L 234 -21.88 -9.35 11.56
C ASP L 234 -21.43 -8.20 12.43
N PRO L 235 -20.11 -8.09 12.67
CA PRO L 235 -19.60 -7.00 13.50
C PRO L 235 -20.13 -5.63 13.05
N ASN L 236 -20.08 -5.37 11.75
CA ASN L 236 -20.56 -4.11 11.20
C ASN L 236 -21.95 -3.83 11.76
N GLU L 237 -22.85 -4.80 11.59
CA GLU L 237 -24.22 -4.72 12.08
C GLU L 237 -24.25 -4.38 13.56
N TYR L 238 -23.67 -5.27 14.36
CA TYR L 238 -23.61 -5.13 15.81
C TYR L 238 -23.09 -3.75 16.19
N GLU L 239 -21.95 -3.36 15.61
CA GLU L 239 -21.38 -2.05 15.87
C GLU L 239 -22.43 -0.97 15.63
N LYS L 240 -23.23 -1.10 14.56
CA LYS L 240 -24.25 -0.09 14.25
C LYS L 240 -25.34 -0.05 15.29
N VAL L 241 -25.69 -1.21 15.81
CA VAL L 241 -26.74 -1.30 16.83
C VAL L 241 -26.26 -0.75 18.17
N LYS L 242 -25.03 -1.11 18.56
CA LYS L 242 -24.46 -0.65 19.83
C LYS L 242 -24.53 0.86 19.91
N GLY L 243 -23.96 1.53 18.93
CA GLY L 243 -23.97 2.97 18.92
C GLY L 243 -25.36 3.57 18.95
N SER L 244 -26.29 2.93 18.24
CA SER L 244 -27.66 3.42 18.16
C SER L 244 -28.44 3.42 19.48
N TYR L 245 -28.16 2.46 20.34
CA TYR L 245 -28.88 2.41 21.61
C TYR L 245 -28.03 2.64 22.84
N LYS L 246 -26.77 2.99 22.66
CA LYS L 246 -25.92 3.24 23.81
C LYS L 246 -26.39 4.49 24.52
N ILE L 247 -26.52 4.40 25.84
CA ILE L 247 -26.94 5.54 26.63
C ILE L 247 -25.69 6.39 26.89
N LYS L 248 -25.66 7.58 26.29
CA LYS L 248 -24.51 8.48 26.46
C LYS L 248 -24.86 9.59 27.43
N ARG L 249 -23.85 10.24 28.01
CA ARG L 249 -24.08 11.33 28.95
C ARG L 249 -24.96 12.42 28.32
N GLU L 250 -24.43 13.03 27.27
CA GLU L 250 -25.10 14.10 26.55
C GLU L 250 -26.59 13.85 26.25
N TYR L 251 -27.07 12.63 26.51
CA TYR L 251 -28.48 12.26 26.30
C TYR L 251 -29.16 12.24 27.67
N VAL L 252 -28.39 11.83 28.67
CA VAL L 252 -28.88 11.71 30.04
C VAL L 252 -29.07 13.04 30.79
N GLU L 253 -28.03 13.85 30.86
CA GLU L 253 -28.14 15.12 31.58
C GLU L 253 -29.49 15.81 31.42
N GLY L 254 -29.99 16.36 32.51
CA GLY L 254 -31.25 17.08 32.48
C GLY L 254 -32.52 16.25 32.34
N LYS L 255 -32.36 14.96 32.08
CA LYS L 255 -33.53 14.11 31.95
C LYS L 255 -34.09 13.78 33.32
N LYS L 256 -35.42 13.71 33.39
CA LYS L 256 -36.15 13.43 34.62
C LYS L 256 -35.97 12.00 35.11
N PHE L 257 -35.92 11.06 34.16
CA PHE L 257 -35.80 9.65 34.44
C PHE L 257 -34.59 9.20 35.27
N ILE L 258 -34.67 7.97 35.76
CA ILE L 258 -33.59 7.34 36.49
C ILE L 258 -33.20 6.20 35.56
N ILE L 259 -31.92 5.84 35.56
CA ILE L 259 -31.45 4.76 34.69
C ILE L 259 -31.25 3.47 35.46
N MET L 260 -31.94 2.42 35.02
CA MET L 260 -31.81 1.12 35.65
C MET L 260 -31.15 0.14 34.69
N HIS L 261 -30.43 -0.83 35.24
CA HIS L 261 -29.74 -1.83 34.45
C HIS L 261 -29.43 -3.00 35.37
N PRO L 262 -30.02 -4.17 35.10
CA PRO L 262 -29.81 -5.36 35.92
C PRO L 262 -28.36 -5.79 36.07
N LEU L 263 -27.48 -5.26 35.24
CA LEU L 263 -26.06 -5.61 35.29
C LEU L 263 -25.81 -7.07 34.90
N PRO L 264 -24.59 -7.39 34.45
CA PRO L 264 -23.48 -6.43 34.31
C PRO L 264 -23.64 -5.58 33.06
N ARG L 265 -23.20 -4.34 33.12
CA ARG L 265 -23.28 -3.51 31.94
C ARG L 265 -21.91 -3.56 31.29
N VAL L 266 -21.89 -3.55 29.96
CA VAL L 266 -20.66 -3.60 29.21
C VAL L 266 -20.63 -2.47 28.20
N ASP L 267 -21.60 -2.43 27.29
CA ASP L 267 -21.63 -1.37 26.28
C ASP L 267 -22.85 -0.46 26.43
N GLU L 268 -23.94 -1.04 26.91
CA GLU L 268 -25.22 -0.35 27.08
C GLU L 268 -25.20 1.06 27.65
N ILE L 269 -24.27 1.34 28.56
CA ILE L 269 -24.22 2.65 29.21
C ILE L 269 -22.79 3.15 29.37
N ASP L 270 -22.51 4.36 28.86
CA ASP L 270 -21.16 4.94 28.97
C ASP L 270 -20.75 5.12 30.42
N TYR L 271 -19.44 5.08 30.67
CA TYR L 271 -18.96 5.24 32.03
C TYR L 271 -19.09 6.67 32.55
N ASP L 272 -19.15 7.64 31.65
CA ASP L 272 -19.31 9.03 32.08
C ASP L 272 -20.73 9.31 32.54
N VAL L 273 -21.62 8.35 32.36
CA VAL L 273 -23.01 8.48 32.80
C VAL L 273 -23.12 8.08 34.27
N ASP L 274 -22.17 7.28 34.74
CA ASP L 274 -22.19 6.80 36.10
C ASP L 274 -22.39 7.84 37.18
N ASP L 275 -21.58 8.91 37.15
CA ASP L 275 -21.66 9.97 38.14
C ASP L 275 -22.84 10.93 38.00
N LEU L 276 -23.68 10.72 36.99
CA LEU L 276 -24.85 11.59 36.82
C LEU L 276 -25.93 11.19 37.82
N PRO L 277 -26.73 12.15 38.27
CA PRO L 277 -27.80 11.94 39.23
C PRO L 277 -28.80 10.85 38.88
N GLN L 278 -29.20 10.78 37.61
CA GLN L 278 -30.17 9.77 37.21
C GLN L 278 -29.65 8.34 37.12
N ALA L 279 -28.34 8.16 37.23
CA ALA L 279 -27.76 6.82 37.19
C ALA L 279 -28.13 6.14 38.50
N LYS L 280 -28.88 5.05 38.42
CA LYS L 280 -29.31 4.35 39.63
C LYS L 280 -29.05 2.86 39.58
N TYR L 281 -28.33 2.39 38.57
CA TYR L 281 -28.08 0.96 38.44
C TYR L 281 -27.25 0.31 39.54
N PHE L 282 -26.34 1.06 40.16
CA PHE L 282 -25.53 0.49 41.24
C PHE L 282 -26.34 0.48 42.54
N LYS L 283 -27.27 1.42 42.65
CA LYS L 283 -28.11 1.51 43.83
C LYS L 283 -29.05 0.32 43.70
N GLN L 284 -29.54 0.12 42.49
CA GLN L 284 -30.42 -0.99 42.18
C GLN L 284 -29.72 -2.29 42.57
N SER L 285 -28.41 -2.35 42.30
CA SER L 285 -27.60 -3.51 42.62
C SER L 285 -27.69 -3.80 44.10
N PHE L 286 -27.53 -2.74 44.89
CA PHE L 286 -27.58 -2.85 46.34
C PHE L 286 -28.94 -3.35 46.81
N TYR L 287 -30.00 -2.76 46.27
CA TYR L 287 -31.35 -3.13 46.65
C TYR L 287 -31.59 -4.63 46.59
N GLY L 288 -30.78 -5.32 45.81
CA GLY L 288 -30.93 -6.76 45.70
C GLY L 288 -30.76 -7.42 47.05
N ILE L 289 -29.85 -6.88 47.87
CA ILE L 289 -29.59 -7.44 49.19
C ILE L 289 -30.81 -7.39 50.13
N PRO L 290 -31.41 -6.20 50.30
CA PRO L 290 -32.58 -6.06 51.17
C PRO L 290 -33.77 -6.91 50.72
N VAL L 291 -34.06 -6.90 49.43
CA VAL L 291 -35.20 -7.66 48.95
C VAL L 291 -34.93 -9.15 49.03
N ARG L 292 -33.67 -9.56 48.88
CA ARG L 292 -33.36 -10.97 48.98
C ARG L 292 -33.42 -11.38 50.45
N MET L 293 -33.07 -10.45 51.33
CA MET L 293 -33.14 -10.71 52.77
C MET L 293 -34.61 -10.87 53.08
N ALA L 294 -35.41 -10.00 52.47
CA ALA L 294 -36.85 -10.03 52.65
C ALA L 294 -37.41 -11.38 52.23
N ILE L 295 -37.01 -11.86 51.04
CA ILE L 295 -37.49 -13.13 50.51
C ILE L 295 -37.05 -14.34 51.32
N LEU L 296 -35.78 -14.39 51.69
CA LEU L 296 -35.25 -15.48 52.50
C LEU L 296 -36.01 -15.55 53.81
N LYS L 297 -36.14 -14.41 54.48
CA LYS L 297 -36.85 -14.33 55.76
C LYS L 297 -38.27 -14.82 55.60
N LYS L 298 -39.02 -14.19 54.71
CA LYS L 298 -40.40 -14.60 54.47
C LYS L 298 -40.55 -16.09 54.20
N LEU L 299 -39.87 -16.59 53.16
CA LEU L 299 -39.94 -18.01 52.83
C LEU L 299 -39.69 -18.95 54.00
N ILE L 300 -38.75 -18.59 54.87
CA ILE L 300 -38.45 -19.43 56.02
C ILE L 300 -39.54 -19.32 57.08
N GLU L 301 -40.02 -18.11 57.35
CA GLU L 301 -41.06 -17.92 58.34
C GLU L 301 -42.35 -18.56 57.86
N ASP L 302 -42.75 -18.22 56.64
CA ASP L 302 -43.98 -18.75 56.06
C ASP L 302 -44.08 -20.27 56.18
N ASN L 303 -42.95 -20.98 56.22
CA ASN L 303 -43.02 -22.44 56.29
C ASN L 303 -42.29 -23.05 57.49
N GLU L 304 -43.07 -23.62 58.41
CA GLU L 304 -42.55 -24.27 59.61
C GLU L 304 -43.61 -24.31 60.70
S SO4 M . -11.84 30.52 -40.99
O1 SO4 M . -10.56 30.33 -40.32
O2 SO4 M . -11.93 31.90 -41.48
O3 SO4 M . -11.96 29.60 -42.12
O4 SO4 M . -12.93 30.26 -40.03
S SO4 N . 32.62 22.60 -23.79
O1 SO4 N . 31.32 23.00 -24.33
O2 SO4 N . 32.53 22.40 -22.34
O3 SO4 N . 33.04 21.34 -24.44
O4 SO4 N . 33.60 23.67 -24.07
S SO4 O . -2.22 -33.59 11.14
O1 SO4 O . -2.54 -33.07 12.49
O2 SO4 O . -1.68 -34.96 11.26
O3 SO4 O . -3.44 -33.58 10.29
O4 SO4 O . -1.18 -32.71 10.55
S SO4 P . -18.45 -19.67 54.07
O1 SO4 P . -17.86 -20.26 52.85
O2 SO4 P . -17.58 -18.58 54.59
O3 SO4 P . -19.81 -19.16 53.79
O4 SO4 P . -18.55 -20.74 55.09
#